data_7UKM
#
_entry.id   7UKM
#
loop_
_entity.id
_entity.type
_entity.pdbx_description
1 polymer 'Spike glycoprotein'
2 polymer '12-19 Fab Heavy Chain'
3 polymer '12-19 Fab Light Chain'
4 non-polymer 2-acetamido-2-deoxy-beta-D-glucopyranose
#
loop_
_entity_poly.entity_id
_entity_poly.type
_entity_poly.pdbx_seq_one_letter_code
_entity_poly.pdbx_strand_id
1 'polypeptide(L)'
;MFVFLVLLPLVSSQCVNLTTRTQLPPAYTNSFTRGVYYPDKVFRSSVLHSTQDLFLPFFSNVTWFHAIHVSGTNGTKRFD
NPVLPFNDGVYFASTEKSNIIRGWIFGTTLDSKTQSLLIVNNATNVVIKVCEFQFCNDPFLGVYYHKNNKSWMESEFRVY
SSANNCTFEYVSQPFLMDLEGKQGNFKNLREFVFKNIDGYFKIYSKHTPINLVRDLPQGFSALEPLVDLPIGINITRFQT
LLALHRSYLTPGDSSSGWTAGAAAYYVGYLQPRTFLLKYNENGTITDAVDCALDPLSETKCTLKSFTVEKGIYQTSNFRV
QPTESIVRFPNITNLCPFGEVFNATRFASVYAWNRKRISNCVADYSVLYNSASFSTFKCYGVSPTKLNDLCFTNVYADSF
VIRGDEVRQIAPGQTGKIADYNYKLPDDFTGCVIAWNSNNLDSKVGGNYNYLYRLFRKSNLKPFERDISTEIYQAGSTPC
NGVEGFNCYFPLQSYGFQPTNGVGYQPYRVVVLSFELLHAPATVCGPKKSTNLVKNKCVNFNFNGLTGTGVLTESNKKFL
PFQQFGRDIADTTDAVRDPQTLEILDITPCSFGGVSVITPGTNTSNQVAVLYQGVNCTEVPVAIHADQLTPTWRVYSTGS
NVFQTRAGCLIGAEHVNNSYECDIPIGAGICASYQTQTNSPRRARSVASQSIIAYTMSLGAENSVAYSNNSIAIPTNFTI
SVTTEILPVSMTKTSVDCTMYICGDSTECSNLLLQYGSFCTQLNRALTGIAVEQDKNTQEVFAQVKQIYKTPPIKDFGGF
NFSQILPDPSKPSKRSFIEDLLFNKVTLADAGFIKQYGDCLGDIAARDLICAQKFNGLTVLPPLLTDEMIAQYTSALLAG
TITSGWTFGAGAALQIPFAMQMAYRFNGIGVTQNVLYENQKLIANQFNSAIGKIQDSLSSTASALGKLQDVVNQNAQALN
TLVKQLSSNFGAISSVLNDILSRLDPPEAEVQIDRLITGRLQSLQTYVTQQLIRAAEIRASANLAATKMSECVLGQSKRV
DFCGKGYHLMSFPQSAPHGVVFLHVTYVPAQEKNFTTAPAICHDGKAHFPREGVFVSNGTHWFVTQRNFYEPQIITTDNT
FVSGNCDVVIGIVNNTVYDPLQPELDSFKEELDKYFKNHTSPDVDLGDISGINASVVNIQKEIDRLNEVAKNLNESLIDL
QELGKYEQYIKWPWYIWLGFIAGLIAIVMVTIMLCCMTSCCSCLKGCCSCGSCCKFDEDDSEPVLKGVKLHYT
;
B,A,C
2 'polypeptide(L)'
;QVQLVESGGGVVQPGRSLRLSCEASGFTFNTYDMHWARQAPGKGLEWVAVIWYDGSNKFYADSVKGRFTISRDNSKNTLY
LQMNSLRAEDTAVYYCARDRTPVYDILTGYYWPPPRVDGMDVWGQGTTVTVSS
;
X,H,M
3 'polypeptide(L)'
;DNVMTQTPFSLSVTPGQPASISCKSSQSLLHSDGKTYLYWYLQKPGQSPQLLIYEVSNRFSGVPERFSGSGSGTDFTLKI
SRVEAEDVGVYYCMQSIQLPFTFGQGTKLEIK
;
Y,L,N
#
loop_
_chem_comp.id
_chem_comp.type
_chem_comp.name
_chem_comp.formula
NAG D-saccharide, beta linking 2-acetamido-2-deoxy-beta-D-glucopyranose 'C8 H15 N O6'
#
# COMPACT_ATOMS: atom_id res chain seq x y z
N ALA A 27 58.09 10.28 -8.31
CA ALA A 27 57.82 9.65 -6.98
C ALA A 27 56.33 9.67 -6.67
N TYR A 28 55.92 8.87 -5.69
CA TYR A 28 54.53 8.80 -5.26
C TYR A 28 54.48 8.57 -3.76
N THR A 29 53.38 9.02 -3.14
CA THR A 29 53.14 8.80 -1.73
C THR A 29 51.65 8.55 -1.52
N ASN A 30 51.28 8.21 -0.29
CA ASN A 30 49.94 7.78 0.06
C ASN A 30 49.24 8.89 0.83
N SER A 31 48.02 9.24 0.39
CA SER A 31 47.22 10.27 1.05
C SER A 31 46.35 9.60 2.12
N PHE A 32 46.78 9.76 3.37
CA PHE A 32 46.12 9.11 4.50
C PHE A 32 44.91 9.95 4.91
N THR A 33 43.82 9.80 4.16
CA THR A 33 42.54 10.44 4.43
C THR A 33 42.60 11.96 4.34
N ARG A 34 43.58 12.51 3.63
CA ARG A 34 43.67 13.96 3.46
C ARG A 34 42.77 14.40 2.30
N GLY A 35 42.51 15.71 2.26
CA GLY A 35 41.88 16.31 1.11
C GLY A 35 40.37 16.38 1.14
N VAL A 36 39.73 16.02 2.24
CA VAL A 36 38.28 16.15 2.35
C VAL A 36 37.94 17.60 2.68
N TYR A 37 36.79 18.05 2.20
CA TYR A 37 36.40 19.45 2.30
C TYR A 37 34.90 19.54 2.52
N TYR A 38 34.45 20.73 2.87
CA TYR A 38 33.03 20.99 3.08
C TYR A 38 32.33 21.00 1.73
N PRO A 39 31.44 20.03 1.41
CA PRO A 39 30.89 20.01 0.05
C PRO A 39 30.06 21.23 -0.30
N ASP A 40 29.39 21.84 0.66
CA ASP A 40 28.52 22.97 0.40
C ASP A 40 28.59 23.94 1.57
N LYS A 41 28.19 25.18 1.31
CA LYS A 41 28.23 26.24 2.31
C LYS A 41 26.91 26.32 3.06
N VAL A 42 26.57 25.22 3.72
CA VAL A 42 25.37 25.10 4.55
C VAL A 42 25.79 24.55 5.90
N PHE A 43 25.30 25.17 6.97
CA PHE A 43 25.69 24.77 8.31
C PHE A 43 25.01 23.46 8.69
N ARG A 44 25.79 22.53 9.23
CA ARG A 44 25.28 21.27 9.77
C ARG A 44 26.06 20.94 11.02
N SER A 45 25.36 20.58 12.09
CA SER A 45 25.97 20.36 13.40
C SER A 45 25.40 19.11 14.03
N SER A 46 26.29 18.28 14.58
CA SER A 46 25.91 17.06 15.29
C SER A 46 25.06 16.16 14.41
N VAL A 47 25.58 15.84 13.22
CA VAL A 47 24.86 15.01 12.26
C VAL A 47 25.88 14.32 11.38
N LEU A 48 25.58 13.07 11.02
CA LEU A 48 26.34 12.31 10.04
C LEU A 48 25.65 12.46 8.68
N HIS A 49 26.32 13.13 7.76
CA HIS A 49 25.74 13.48 6.46
C HIS A 49 26.43 12.68 5.37
N SER A 50 25.65 11.97 4.57
CA SER A 50 26.13 11.24 3.41
C SER A 50 25.97 12.11 2.18
N THR A 51 27.05 12.30 1.43
CA THR A 51 27.08 13.22 0.31
C THR A 51 27.82 12.59 -0.86
N GLN A 52 27.46 13.03 -2.06
CA GLN A 52 28.10 12.61 -3.31
C GLN A 52 28.74 13.83 -3.95
N ASP A 53 30.07 13.83 -4.05
CA ASP A 53 30.78 14.94 -4.64
C ASP A 53 32.18 14.46 -5.04
N LEU A 54 32.91 15.33 -5.72
CA LEU A 54 34.24 15.00 -6.23
C LEU A 54 35.25 15.13 -5.08
N PHE A 55 35.46 14.02 -4.39
CA PHE A 55 36.43 13.94 -3.30
C PHE A 55 37.69 13.22 -3.76
N LEU A 56 38.77 13.46 -3.02
CA LEU A 56 39.99 12.68 -3.20
C LEU A 56 39.79 11.32 -2.54
N PRO A 57 39.95 10.19 -3.25
CA PRO A 57 39.80 8.90 -2.58
C PRO A 57 40.81 8.71 -1.46
N PHE A 58 40.37 8.05 -0.39
CA PHE A 58 41.25 7.77 0.73
C PHE A 58 42.35 6.80 0.31
N PHE A 59 43.56 7.02 0.83
CA PHE A 59 44.70 6.15 0.57
C PHE A 59 44.99 6.04 -0.92
N SER A 60 44.84 7.15 -1.64
CA SER A 60 45.13 7.18 -3.07
C SER A 60 46.59 7.56 -3.30
N ASN A 61 47.04 7.34 -4.53
CA ASN A 61 48.40 7.68 -4.93
C ASN A 61 48.45 9.16 -5.30
N VAL A 62 49.19 9.94 -4.52
CA VAL A 62 49.40 11.35 -4.82
C VAL A 62 50.81 11.52 -5.38
N THR A 63 50.90 12.17 -6.54
CA THR A 63 52.20 12.40 -7.14
C THR A 63 52.97 13.44 -6.35
N TRP A 64 54.21 13.10 -5.98
CA TRP A 64 55.09 13.99 -5.22
C TRP A 64 56.13 14.54 -6.19
N PHE A 65 56.14 15.87 -6.34
CA PHE A 65 57.03 16.54 -7.28
C PHE A 65 58.16 17.22 -6.51
N HIS A 66 59.39 16.81 -6.80
CA HIS A 66 60.59 17.41 -6.21
C HIS A 66 61.07 18.55 -7.12
N ALA A 67 60.26 19.61 -7.16
CA ALA A 67 60.47 20.72 -8.09
C ALA A 67 61.80 21.45 -7.87
N ILE A 68 62.34 21.41 -6.65
CA ILE A 68 63.61 22.06 -6.33
C ILE A 68 64.65 20.97 -6.16
N HIS A 69 65.78 21.10 -6.86
CA HIS A 69 66.82 20.08 -6.83
C HIS A 69 67.42 19.94 -5.45
N ASP A 80 61.52 20.74 -11.43
CA ASP A 80 60.86 21.89 -12.02
C ASP A 80 59.34 21.75 -11.91
N ASN A 81 58.61 22.71 -12.48
CA ASN A 81 57.15 22.77 -12.36
C ASN A 81 56.48 22.40 -13.68
N PRO A 82 56.21 21.12 -13.93
CA PRO A 82 55.55 20.76 -15.19
C PRO A 82 54.07 21.18 -15.20
N VAL A 83 53.55 21.35 -16.42
CA VAL A 83 52.13 21.58 -16.59
C VAL A 83 51.40 20.26 -16.41
N LEU A 84 50.41 20.24 -15.53
CA LEU A 84 49.72 19.03 -15.12
C LEU A 84 48.27 19.05 -15.60
N PRO A 85 47.65 17.90 -15.89
CA PRO A 85 46.24 17.91 -16.27
C PRO A 85 45.35 18.30 -15.10
N PHE A 86 44.16 18.77 -15.43
CA PHE A 86 43.12 19.13 -14.46
C PHE A 86 41.96 18.15 -14.62
N ASN A 87 42.07 17.00 -13.96
CA ASN A 87 41.08 15.93 -14.11
C ASN A 87 39.90 16.14 -13.17
N ASP A 88 38.99 17.03 -13.56
CA ASP A 88 37.74 17.30 -12.84
C ASP A 88 37.95 17.94 -11.47
N GLY A 89 39.18 18.23 -11.09
CA GLY A 89 39.47 18.72 -9.76
C GLY A 89 40.83 18.20 -9.32
N VAL A 90 41.50 19.02 -8.52
CA VAL A 90 42.86 18.77 -8.08
C VAL A 90 42.95 18.98 -6.58
N TYR A 91 43.67 18.08 -5.91
CA TYR A 91 44.09 18.30 -4.52
C TYR A 91 45.57 18.65 -4.53
N PHE A 92 45.89 19.83 -4.00
CA PHE A 92 47.24 20.35 -3.98
C PHE A 92 47.67 20.56 -2.54
N ALA A 93 48.87 20.07 -2.21
CA ALA A 93 49.42 20.20 -0.87
C ALA A 93 50.91 20.50 -0.98
N SER A 94 51.44 21.18 0.03
CA SER A 94 52.84 21.54 0.06
C SER A 94 53.24 21.92 1.47
N THR A 95 54.55 21.81 1.75
CA THR A 95 55.11 22.20 3.04
C THR A 95 56.56 22.60 2.84
N GLU A 96 56.85 23.89 3.06
CA GLU A 96 58.20 24.41 3.00
C GLU A 96 58.39 25.40 4.13
N LYS A 97 59.65 25.59 4.54
CA LYS A 97 59.96 26.57 5.56
C LYS A 97 60.01 27.99 5.00
N SER A 98 60.14 28.16 3.68
CA SER A 98 60.40 29.46 3.07
C SER A 98 59.31 29.88 2.08
N ASN A 99 58.16 29.20 2.07
CA ASN A 99 57.00 29.50 1.22
C ASN A 99 57.39 29.85 -0.21
N ILE A 100 58.06 28.89 -0.87
CA ILE A 100 58.51 29.11 -2.24
C ILE A 100 57.31 29.24 -3.17
N ILE A 101 56.29 28.41 -2.97
CA ILE A 101 55.09 28.48 -3.81
C ILE A 101 54.33 29.76 -3.47
N ARG A 102 53.78 30.40 -4.51
CA ARG A 102 53.05 31.66 -4.34
C ARG A 102 51.74 31.73 -5.11
N GLY A 103 51.46 30.80 -6.02
CA GLY A 103 50.26 30.93 -6.83
C GLY A 103 50.11 29.75 -7.77
N TRP A 104 49.11 29.88 -8.65
CA TRP A 104 48.78 28.83 -9.61
C TRP A 104 48.33 29.49 -10.91
N ILE A 105 48.34 28.69 -11.97
CA ILE A 105 47.92 29.10 -13.30
C ILE A 105 46.97 28.03 -13.83
N PHE A 106 45.88 28.47 -14.47
CA PHE A 106 44.86 27.56 -14.97
C PHE A 106 44.45 27.98 -16.37
N GLY A 107 43.97 27.00 -17.15
CA GLY A 107 43.54 27.26 -18.51
C GLY A 107 43.58 25.99 -19.35
N THR A 108 43.52 26.14 -20.67
CA THR A 108 43.62 25.01 -21.59
C THR A 108 44.91 25.09 -22.39
N THR A 109 45.15 26.19 -23.12
CA THR A 109 46.37 26.36 -23.89
C THR A 109 47.43 27.14 -23.13
N LEU A 110 47.03 27.96 -22.15
CA LEU A 110 47.96 28.80 -21.41
C LEU A 110 48.72 29.75 -22.33
N ASP A 111 48.03 30.26 -23.35
CA ASP A 111 48.59 31.25 -24.27
C ASP A 111 47.48 32.25 -24.61
N SER A 112 47.80 33.17 -25.52
CA SER A 112 46.85 34.22 -25.89
C SER A 112 45.62 33.69 -26.58
N LYS A 113 45.65 32.46 -27.10
CA LYS A 113 44.52 31.94 -27.87
C LYS A 113 43.29 31.69 -27.01
N THR A 114 43.46 31.35 -25.73
CA THR A 114 42.34 30.97 -24.87
C THR A 114 42.43 31.71 -23.54
N GLN A 115 41.27 31.90 -22.92
CA GLN A 115 41.22 32.55 -21.62
C GLN A 115 41.92 31.69 -20.57
N SER A 116 42.64 32.35 -19.66
CA SER A 116 43.38 31.68 -18.60
C SER A 116 43.20 32.44 -17.30
N LEU A 117 43.24 31.72 -16.19
CA LEU A 117 43.06 32.27 -14.86
C LEU A 117 44.41 32.30 -14.15
N LEU A 118 44.69 33.38 -13.43
CA LEU A 118 45.92 33.56 -12.69
C LEU A 118 45.59 33.86 -11.24
N ILE A 119 46.26 33.17 -10.32
CA ILE A 119 46.24 33.47 -8.90
C ILE A 119 47.68 33.52 -8.41
N VAL A 120 48.03 34.57 -7.68
CA VAL A 120 49.39 34.73 -7.17
C VAL A 120 49.37 35.70 -6.01
N ASN A 121 50.20 35.41 -5.02
CA ASN A 121 50.32 36.21 -3.80
C ASN A 121 51.74 36.74 -3.70
N ASN A 122 51.88 38.06 -3.72
CA ASN A 122 53.16 38.69 -3.42
C ASN A 122 53.22 39.04 -1.94
N ALA A 123 54.22 39.81 -1.55
CA ALA A 123 54.49 40.05 -0.14
C ALA A 123 53.36 40.78 0.59
N THR A 124 52.43 41.43 -0.14
CA THR A 124 51.42 42.27 0.46
C THR A 124 49.99 41.98 0.03
N ASN A 125 49.78 41.39 -1.15
CA ASN A 125 48.43 41.22 -1.67
C ASN A 125 48.35 39.98 -2.54
N VAL A 126 47.13 39.45 -2.68
CA VAL A 126 46.82 38.48 -3.72
C VAL A 126 46.25 39.24 -4.91
N VAL A 127 46.42 38.66 -6.10
CA VAL A 127 45.79 39.18 -7.30
C VAL A 127 45.19 38.00 -8.07
N ILE A 128 43.89 38.10 -8.34
CA ILE A 128 43.16 37.11 -9.11
C ILE A 128 42.62 37.82 -10.35
N LYS A 129 42.96 37.30 -11.52
CA LYS A 129 42.46 37.85 -12.77
C LYS A 129 42.40 36.74 -13.80
N VAL A 130 41.56 36.95 -14.81
CA VAL A 130 41.23 35.94 -15.80
C VAL A 130 41.48 36.58 -17.17
N CYS A 131 42.66 36.33 -17.73
CA CYS A 131 43.07 37.01 -18.95
C CYS A 131 43.76 36.03 -19.90
N GLU A 132 43.81 36.43 -21.17
CA GLU A 132 44.49 35.67 -22.21
C GLU A 132 46.00 35.82 -22.06
N PHE A 133 46.51 35.22 -20.99
CA PHE A 133 47.92 35.36 -20.65
C PHE A 133 48.79 34.66 -21.69
N GLN A 134 49.89 35.32 -22.06
CA GLN A 134 50.93 34.71 -22.86
C GLN A 134 52.04 34.21 -21.94
N PHE A 135 51.74 33.10 -21.28
CA PHE A 135 52.66 32.54 -20.31
C PHE A 135 53.94 32.08 -20.99
N CYS A 136 55.06 32.31 -20.31
CA CYS A 136 56.36 31.87 -20.81
C CYS A 136 56.59 30.41 -20.43
N ASN A 137 57.75 29.88 -20.80
CA ASN A 137 58.07 28.49 -20.50
C ASN A 137 58.18 28.26 -19.00
N ASP A 138 58.76 29.22 -18.27
CA ASP A 138 59.00 29.11 -16.83
C ASP A 138 58.36 30.30 -16.13
N PRO A 139 57.09 30.21 -15.74
CA PRO A 139 56.50 31.27 -14.93
C PRO A 139 57.06 31.27 -13.52
N PHE A 140 57.36 32.46 -13.00
CA PHE A 140 57.81 32.63 -11.63
C PHE A 140 57.80 34.12 -11.31
N LEU A 141 58.19 34.44 -10.08
CA LEU A 141 58.29 35.80 -9.59
C LEU A 141 59.71 36.09 -9.13
N GLY A 142 60.19 37.29 -9.45
CA GLY A 142 61.53 37.70 -9.06
C GLY A 142 61.60 38.22 -7.65
N VAL A 143 62.67 38.95 -7.32
CA VAL A 143 62.83 39.53 -6.00
C VAL A 143 61.72 40.54 -5.73
N VAL A 159 55.85 41.28 -9.82
CA VAL A 159 57.19 41.19 -10.39
C VAL A 159 57.16 40.55 -11.78
N TYR A 160 56.09 39.80 -12.07
CA TYR A 160 55.95 39.14 -13.36
C TYR A 160 54.47 39.08 -13.72
N SER A 161 54.18 39.29 -15.00
CA SER A 161 52.82 39.19 -15.52
C SER A 161 52.88 39.11 -17.03
N SER A 162 51.81 38.57 -17.62
CA SER A 162 51.68 38.46 -19.07
C SER A 162 50.25 38.75 -19.53
N ALA A 163 49.54 39.60 -18.80
CA ALA A 163 48.12 39.81 -19.04
C ALA A 163 47.88 40.58 -20.34
N ASN A 164 46.69 40.38 -20.90
CA ASN A 164 46.29 41.10 -22.09
C ASN A 164 44.81 40.86 -22.38
N ASN A 165 44.09 41.94 -22.69
CA ASN A 165 42.81 41.87 -23.38
C ASN A 165 41.77 41.04 -22.64
N CYS A 166 41.32 41.50 -21.46
CA CYS A 166 40.56 40.63 -20.58
C CYS A 166 39.54 41.42 -19.77
N THR A 167 38.87 40.71 -18.85
CA THR A 167 37.61 41.13 -18.26
C THR A 167 37.61 41.20 -16.73
N PHE A 168 38.26 40.25 -16.04
CA PHE A 168 38.09 40.10 -14.60
C PHE A 168 39.41 40.36 -13.88
N GLU A 169 39.30 40.98 -12.71
CA GLU A 169 40.46 41.22 -11.86
C GLU A 169 39.98 41.41 -10.44
N TYR A 170 40.85 41.10 -9.47
CA TYR A 170 40.50 41.21 -8.06
C TYR A 170 41.77 41.23 -7.23
N VAL A 171 41.72 41.95 -6.10
CA VAL A 171 42.86 42.11 -5.21
C VAL A 171 42.38 42.08 -3.77
N SER A 172 43.19 41.50 -2.89
CA SER A 172 42.90 41.43 -1.46
C SER A 172 44.17 40.96 -0.76
N GLN A 173 44.06 40.67 0.54
CA GLN A 173 45.20 40.22 1.33
C GLN A 173 45.66 38.85 0.84
N PRO A 174 46.92 38.48 1.05
CA PRO A 174 47.39 37.17 0.57
C PRO A 174 47.01 36.05 1.54
N PHE A 175 46.59 34.92 0.98
CA PHE A 175 46.33 33.74 1.79
C PHE A 175 47.56 32.89 2.02
N LEU A 176 48.64 33.15 1.28
CA LEU A 176 49.96 32.60 1.60
C LEU A 176 50.78 33.64 2.33
N MET A 177 51.52 33.17 3.34
CA MET A 177 52.22 34.05 4.27
C MET A 177 53.72 33.82 4.15
N ASP A 178 54.48 34.69 4.82
CA ASP A 178 55.93 34.58 4.83
C ASP A 178 56.38 33.48 5.78
N LYS A 187 57.45 22.73 8.81
CA LYS A 187 56.77 23.18 10.02
C LYS A 187 55.26 23.10 9.84
N ASN A 188 54.77 23.73 8.78
CA ASN A 188 53.34 23.88 8.54
C ASN A 188 53.01 23.33 7.16
N LEU A 189 51.86 22.66 7.07
CA LEU A 189 51.37 22.06 5.84
C LEU A 189 50.24 22.91 5.29
N ARG A 190 50.35 23.30 4.02
CA ARG A 190 49.31 24.05 3.33
C ARG A 190 48.65 23.13 2.30
N GLU A 191 47.34 22.92 2.45
CA GLU A 191 46.57 22.06 1.57
C GLU A 191 45.56 22.89 0.80
N PHE A 192 45.29 22.47 -0.43
CA PHE A 192 44.33 23.15 -1.29
C PHE A 192 43.60 22.12 -2.13
N VAL A 193 42.35 22.43 -2.47
CA VAL A 193 41.54 21.63 -3.37
C VAL A 193 40.89 22.56 -4.37
N PHE A 194 41.04 22.26 -5.65
CA PHE A 194 40.53 23.09 -6.74
C PHE A 194 39.40 22.35 -7.45
N LYS A 195 38.33 23.07 -7.77
CA LYS A 195 37.22 22.54 -8.55
C LYS A 195 36.76 23.57 -9.56
N ASN A 196 36.16 23.09 -10.65
CA ASN A 196 35.60 23.94 -11.69
C ASN A 196 34.40 23.20 -12.27
N ILE A 197 33.21 23.51 -11.75
CA ILE A 197 31.98 22.84 -12.15
C ILE A 197 30.83 23.83 -12.08
N ASP A 198 29.87 23.66 -12.99
CA ASP A 198 28.65 24.48 -13.04
C ASP A 198 28.99 25.97 -13.18
N GLY A 199 30.07 26.28 -13.88
CA GLY A 199 30.48 27.65 -14.10
C GLY A 199 31.16 28.31 -12.92
N TYR A 200 31.38 27.60 -11.82
CA TYR A 200 31.99 28.14 -10.62
C TYR A 200 33.37 27.54 -10.43
N PHE A 201 34.37 28.41 -10.24
CA PHE A 201 35.71 28.00 -9.87
C PHE A 201 35.89 28.19 -8.37
N LYS A 202 36.28 27.12 -7.69
CA LYS A 202 36.29 27.07 -6.23
C LYS A 202 37.64 26.61 -5.73
N ILE A 203 38.09 27.19 -4.62
CA ILE A 203 39.28 26.76 -3.90
C ILE A 203 38.91 26.59 -2.44
N TYR A 204 39.31 25.47 -1.87
CA TYR A 204 39.24 25.21 -0.44
C TYR A 204 40.66 25.15 0.11
N SER A 205 40.81 25.39 1.41
CA SER A 205 42.15 25.45 1.99
C SER A 205 42.10 25.14 3.48
N LYS A 206 43.25 24.73 4.00
CA LYS A 206 43.43 24.50 5.42
C LYS A 206 44.93 24.45 5.70
N HIS A 207 45.32 25.09 6.81
CA HIS A 207 46.71 25.15 7.24
C HIS A 207 46.83 24.46 8.59
N THR A 208 47.82 23.58 8.72
CA THR A 208 48.02 22.77 9.92
C THR A 208 49.51 22.64 10.22
N PRO A 209 49.93 22.82 11.48
CA PRO A 209 51.32 22.45 11.82
C PRO A 209 51.54 20.95 11.71
N ILE A 210 52.78 20.56 11.39
CA ILE A 210 53.16 19.16 11.30
C ILE A 210 54.56 18.98 11.84
N ASN A 211 54.96 17.72 12.03
CA ASN A 211 56.33 17.37 12.35
C ASN A 211 56.88 16.23 11.49
N LEU A 212 56.02 15.47 10.81
CA LEU A 212 56.49 14.45 9.88
C LEU A 212 57.25 15.12 8.73
N VAL A 213 58.38 14.53 8.36
CA VAL A 213 59.33 15.26 7.51
C VAL A 213 58.91 15.19 6.04
N ARG A 214 58.87 13.99 5.47
CA ARG A 214 58.80 13.79 4.02
C ARG A 214 57.58 12.97 3.61
N ASP A 215 56.46 13.16 4.30
CA ASP A 215 55.22 12.51 3.89
C ASP A 215 54.05 13.25 4.54
N LEU A 216 52.87 13.03 3.99
CA LEU A 216 51.69 13.70 4.51
C LEU A 216 51.31 13.10 5.87
N PRO A 217 50.68 13.87 6.76
CA PRO A 217 50.41 13.35 8.10
C PRO A 217 49.25 12.37 8.11
N GLN A 218 49.22 11.55 9.16
CA GLN A 218 48.13 10.60 9.35
C GLN A 218 46.87 11.25 9.89
N GLY A 219 46.94 12.50 10.35
CA GLY A 219 45.81 13.14 10.99
C GLY A 219 44.65 13.39 10.04
N PHE A 220 43.69 14.16 10.53
CA PHE A 220 42.48 14.50 9.79
C PHE A 220 42.18 15.97 9.98
N SER A 221 41.80 16.63 8.88
CA SER A 221 41.42 18.04 8.93
C SER A 221 40.69 18.37 7.64
N ALA A 222 39.49 18.93 7.74
CA ALA A 222 38.70 19.24 6.57
C ALA A 222 39.09 20.61 6.00
N LEU A 223 39.07 20.70 4.67
CA LEU A 223 39.40 21.96 4.00
C LEU A 223 38.14 22.80 3.82
N GLU A 224 38.24 24.07 4.21
CA GLU A 224 37.11 24.99 4.16
C GLU A 224 37.26 25.94 2.96
N PRO A 225 36.17 26.52 2.48
CA PRO A 225 36.25 27.35 1.26
C PRO A 225 37.19 28.55 1.44
N LEU A 226 37.87 28.89 0.35
CA LEU A 226 38.76 30.04 0.27
C LEU A 226 38.43 30.94 -0.90
N VAL A 227 38.01 30.37 -2.03
CA VAL A 227 37.61 31.12 -3.21
C VAL A 227 36.35 30.48 -3.77
N ASP A 228 35.42 31.32 -4.22
CA ASP A 228 34.22 30.83 -4.91
C ASP A 228 33.80 31.92 -5.89
N LEU A 229 34.26 31.77 -7.14
CA LEU A 229 34.05 32.75 -8.19
C LEU A 229 33.25 32.14 -9.33
N PRO A 230 32.30 32.88 -9.98
CA PRO A 230 31.62 32.35 -11.17
C PRO A 230 32.36 32.67 -12.47
N ILE A 231 33.62 32.23 -12.55
CA ILE A 231 34.45 32.56 -13.70
C ILE A 231 33.91 31.89 -14.96
N GLY A 232 33.63 30.59 -14.89
CA GLY A 232 33.00 29.90 -16.00
C GLY A 232 33.86 29.65 -17.20
N ILE A 233 35.19 29.60 -17.04
CA ILE A 233 36.09 29.30 -18.15
C ILE A 233 36.36 27.80 -18.23
N ASN A 234 36.78 27.37 -19.41
CA ASN A 234 37.17 25.98 -19.62
C ASN A 234 38.58 25.76 -19.09
N ILE A 235 38.76 24.76 -18.22
CA ILE A 235 40.04 24.44 -17.61
C ILE A 235 40.31 22.95 -17.83
N THR A 236 41.49 22.64 -18.35
CA THR A 236 41.96 21.27 -18.48
C THR A 236 43.39 21.06 -18.01
N ARG A 237 44.20 22.11 -17.89
CA ARG A 237 45.58 22.02 -17.47
C ARG A 237 45.86 23.13 -16.48
N PHE A 238 46.87 22.94 -15.64
CA PHE A 238 47.26 23.96 -14.68
C PHE A 238 48.75 23.85 -14.44
N GLN A 239 49.29 24.85 -13.74
CA GLN A 239 50.71 24.88 -13.42
C GLN A 239 50.95 25.81 -12.26
N THR A 240 51.70 25.35 -11.26
CA THR A 240 52.08 26.20 -10.15
C THR A 240 53.23 27.11 -10.56
N LEU A 241 53.38 28.21 -9.80
CA LEU A 241 54.44 29.17 -10.02
C LEU A 241 55.13 29.47 -8.69
N LEU A 242 56.41 29.82 -8.77
CA LEU A 242 57.28 29.94 -7.60
C LEU A 242 57.90 31.33 -7.55
N ALA A 243 58.41 31.68 -6.36
CA ALA A 243 59.17 32.90 -6.17
C ALA A 243 60.66 32.54 -6.10
N LEU A 244 61.47 33.28 -6.85
CA LEU A 244 62.89 33.02 -6.98
C LEU A 244 63.67 34.31 -6.82
N HIS A 245 64.91 34.18 -6.36
CA HIS A 245 65.85 35.30 -6.28
C HIS A 245 66.68 35.46 -7.54
N ARG A 246 66.17 35.00 -8.68
CA ARG A 246 66.89 35.04 -9.94
C ARG A 246 65.87 35.05 -11.07
N SER A 247 66.34 35.44 -12.25
CA SER A 247 65.48 35.59 -13.43
C SER A 247 66.04 34.83 -14.63
N TYR A 248 66.43 33.56 -14.42
CA TYR A 248 67.03 32.75 -15.48
C TYR A 248 65.94 32.03 -16.28
N LEU A 249 65.16 32.82 -17.01
CA LEU A 249 64.15 32.25 -17.90
C LEU A 249 64.82 31.46 -19.01
N THR A 250 64.33 30.25 -19.26
CA THR A 250 64.89 29.39 -20.30
C THR A 250 64.23 29.68 -21.64
N ALA A 264 58.54 18.95 -3.43
CA ALA A 264 58.20 20.26 -2.90
C ALA A 264 56.70 20.37 -2.65
N TYR A 265 55.91 19.71 -3.50
CA TYR A 265 54.46 19.74 -3.35
C TYR A 265 53.88 18.44 -3.88
N TYR A 266 52.67 18.13 -3.42
CA TYR A 266 51.97 16.90 -3.75
C TYR A 266 50.74 17.25 -4.58
N VAL A 267 50.36 16.33 -5.47
CA VAL A 267 49.20 16.52 -6.35
C VAL A 267 48.39 15.24 -6.37
N GLY A 268 47.07 15.39 -6.30
CA GLY A 268 46.15 14.26 -6.40
C GLY A 268 44.84 14.69 -7.01
N TYR A 269 44.29 13.86 -7.89
CA TYR A 269 43.10 14.24 -8.66
C TYR A 269 41.84 13.70 -8.02
N LEU A 270 40.82 14.56 -7.95
CA LEU A 270 39.56 14.18 -7.34
C LEU A 270 38.79 13.23 -8.25
N GLN A 271 37.89 12.47 -7.65
CA GLN A 271 37.03 11.53 -8.35
C GLN A 271 35.65 11.57 -7.73
N PRO A 272 34.60 11.22 -8.48
CA PRO A 272 33.26 11.17 -7.87
C PRO A 272 33.14 10.03 -6.88
N ARG A 273 32.94 10.35 -5.61
CA ARG A 273 32.88 9.36 -4.53
C ARG A 273 31.80 9.74 -3.55
N THR A 274 31.23 8.72 -2.91
CA THR A 274 30.21 8.91 -1.87
C THR A 274 30.91 8.90 -0.51
N PHE A 275 30.78 10.00 0.23
CA PHE A 275 31.42 10.16 1.52
C PHE A 275 30.35 10.33 2.60
N LEU A 276 30.68 9.86 3.80
CA LEU A 276 29.87 10.09 4.99
C LEU A 276 30.63 11.02 5.92
N LEU A 277 30.07 12.19 6.20
CA LEU A 277 30.75 13.27 6.92
C LEU A 277 30.16 13.42 8.31
N LYS A 278 31.04 13.40 9.32
CA LYS A 278 30.64 13.62 10.71
C LYS A 278 30.80 15.10 11.02
N TYR A 279 29.69 15.78 11.29
CA TYR A 279 29.69 17.18 11.71
C TYR A 279 29.54 17.21 13.23
N ASN A 280 30.48 17.84 13.91
CA ASN A 280 30.43 17.95 15.36
C ASN A 280 29.50 19.08 15.78
N GLU A 281 29.47 19.37 17.08
CA GLU A 281 28.53 20.38 17.59
C GLU A 281 28.87 21.78 17.06
N ASN A 282 30.15 22.06 16.81
CA ASN A 282 30.56 23.36 16.32
C ASN A 282 30.43 23.52 14.81
N GLY A 283 29.92 22.50 14.11
CA GLY A 283 29.73 22.60 12.69
C GLY A 283 30.92 22.20 11.84
N THR A 284 32.03 21.81 12.47
CA THR A 284 33.23 21.41 11.74
C THR A 284 33.23 19.91 11.48
N ILE A 285 33.77 19.53 10.34
CA ILE A 285 33.89 18.11 9.98
C ILE A 285 35.08 17.54 10.72
N THR A 286 34.84 16.54 11.56
CA THR A 286 35.87 15.93 12.40
C THR A 286 36.31 14.56 11.92
N ASP A 287 35.52 13.88 11.09
CA ASP A 287 35.89 12.58 10.58
C ASP A 287 35.04 12.29 9.35
N ALA A 288 35.50 11.32 8.55
CA ALA A 288 34.80 10.97 7.31
C ALA A 288 35.10 9.52 6.95
N VAL A 289 34.24 8.97 6.10
CA VAL A 289 34.36 7.61 5.61
C VAL A 289 34.23 7.64 4.08
N ASP A 290 35.17 6.98 3.40
CA ASP A 290 35.10 6.80 1.95
C ASP A 290 34.38 5.50 1.67
N CYS A 291 33.13 5.60 1.20
CA CYS A 291 32.26 4.42 1.15
C CYS A 291 32.79 3.35 0.20
N ALA A 292 33.47 3.75 -0.88
CA ALA A 292 33.96 2.80 -1.87
C ALA A 292 35.35 2.27 -1.56
N LEU A 293 35.95 2.64 -0.42
CA LEU A 293 37.33 2.25 -0.15
C LEU A 293 37.44 0.74 0.06
N ASP A 294 36.60 0.18 0.92
CA ASP A 294 36.72 -1.21 1.31
C ASP A 294 35.37 -1.67 1.84
N PRO A 295 35.17 -2.99 2.00
CA PRO A 295 33.87 -3.46 2.53
C PRO A 295 33.52 -2.91 3.90
N LEU A 296 34.50 -2.67 4.76
CA LEU A 296 34.20 -2.10 6.08
C LEU A 296 33.60 -0.71 5.94
N SER A 297 34.16 0.11 5.05
CA SER A 297 33.59 1.44 4.83
C SER A 297 32.21 1.35 4.19
N GLU A 298 31.99 0.35 3.33
CA GLU A 298 30.66 0.13 2.78
C GLU A 298 29.66 -0.20 3.90
N THR A 299 30.07 -1.03 4.85
CA THR A 299 29.20 -1.36 5.98
C THR A 299 28.91 -0.11 6.81
N LYS A 300 29.95 0.70 7.07
CA LYS A 300 29.75 1.90 7.88
C LYS A 300 28.82 2.88 7.18
N CYS A 301 28.95 3.03 5.87
CA CYS A 301 28.05 3.92 5.13
C CYS A 301 26.64 3.37 5.08
N THR A 302 26.49 2.05 4.94
CA THR A 302 25.16 1.46 4.92
C THR A 302 24.45 1.66 6.25
N LEU A 303 25.15 1.46 7.36
CA LEU A 303 24.56 1.69 8.68
C LEU A 303 24.59 3.17 9.07
N LYS A 304 25.32 4.01 8.36
CA LYS A 304 25.45 5.43 8.67
C LYS A 304 25.94 5.63 10.10
N SER A 305 27.03 4.94 10.42
CA SER A 305 27.68 5.07 11.71
C SER A 305 29.16 4.79 11.54
N PHE A 306 29.97 5.46 12.36
CA PHE A 306 31.42 5.28 12.31
C PHE A 306 31.90 4.06 13.09
N THR A 307 31.01 3.40 13.84
CA THR A 307 31.31 2.15 14.50
C THR A 307 30.17 1.17 14.25
N VAL A 308 30.54 -0.09 14.01
CA VAL A 308 29.58 -1.15 13.72
C VAL A 308 29.86 -2.31 14.66
N GLU A 309 28.80 -2.83 15.28
CA GLU A 309 28.94 -3.92 16.23
C GLU A 309 29.28 -5.22 15.49
N LYS A 310 29.63 -6.24 16.28
CA LYS A 310 29.89 -7.55 15.72
C LYS A 310 28.64 -8.09 15.05
N GLY A 311 28.80 -8.64 13.86
CA GLY A 311 27.69 -9.21 13.14
C GLY A 311 28.01 -9.32 11.65
N ILE A 312 26.97 -9.67 10.90
CA ILE A 312 27.03 -9.80 9.45
C ILE A 312 25.99 -8.85 8.86
N TYR A 313 26.42 -7.99 7.94
CA TYR A 313 25.59 -6.95 7.37
C TYR A 313 25.60 -7.05 5.85
N GLN A 314 24.42 -6.99 5.24
CA GLN A 314 24.32 -6.94 3.79
C GLN A 314 24.52 -5.50 3.34
N THR A 315 25.64 -5.25 2.64
CA THR A 315 26.03 -3.90 2.25
C THR A 315 25.65 -3.55 0.82
N SER A 316 25.70 -4.51 -0.09
CA SER A 316 25.40 -4.23 -1.49
C SER A 316 25.11 -5.56 -2.19
N ASN A 317 24.79 -5.47 -3.47
CA ASN A 317 24.49 -6.62 -4.31
C ASN A 317 25.54 -6.74 -5.40
N PHE A 318 25.85 -7.99 -5.76
CA PHE A 318 26.88 -8.30 -6.73
C PHE A 318 26.24 -8.80 -8.02
N ARG A 319 26.75 -8.32 -9.15
CA ARG A 319 26.30 -8.76 -10.47
C ARG A 319 27.50 -8.85 -11.38
N VAL A 320 27.77 -10.05 -11.90
CA VAL A 320 28.86 -10.20 -12.86
C VAL A 320 28.48 -9.43 -14.12
N GLN A 321 29.39 -8.56 -14.57
CA GLN A 321 29.04 -7.58 -15.58
C GLN A 321 29.13 -8.19 -16.98
N PRO A 322 28.41 -7.63 -17.96
CA PRO A 322 28.51 -8.16 -19.32
C PRO A 322 29.86 -7.86 -19.93
N THR A 323 30.55 -8.92 -20.37
CA THR A 323 31.88 -8.75 -20.93
C THR A 323 31.84 -8.18 -22.34
N GLU A 324 30.75 -8.34 -23.08
CA GLU A 324 30.70 -7.94 -24.47
C GLU A 324 29.26 -7.66 -24.86
N SER A 325 29.09 -6.89 -25.93
CA SER A 325 27.79 -6.57 -26.50
C SER A 325 27.64 -7.31 -27.83
N ILE A 326 26.50 -7.96 -28.01
CA ILE A 326 26.24 -8.82 -29.17
C ILE A 326 24.99 -8.31 -29.87
N VAL A 327 25.05 -8.25 -31.20
CA VAL A 327 23.91 -7.89 -32.04
C VAL A 327 23.79 -8.96 -33.11
N ARG A 328 22.59 -9.51 -33.27
CA ARG A 328 22.30 -10.56 -34.24
C ARG A 328 21.02 -10.20 -34.97
N PHE A 329 21.16 -9.70 -36.19
CA PHE A 329 20.06 -9.31 -37.06
C PHE A 329 19.98 -10.26 -38.25
N PRO A 330 18.86 -10.28 -38.97
CA PRO A 330 18.74 -11.20 -40.11
C PRO A 330 19.70 -10.84 -41.23
N ASN A 331 19.96 -11.83 -42.08
CA ASN A 331 20.96 -11.75 -43.14
C ASN A 331 20.49 -10.95 -44.35
N ILE A 332 19.22 -10.54 -44.39
CA ILE A 332 18.66 -9.80 -45.53
C ILE A 332 19.47 -8.52 -45.77
N THR A 333 19.54 -8.10 -47.04
CA THR A 333 20.36 -6.96 -47.45
C THR A 333 19.64 -5.97 -48.36
N ASN A 334 18.55 -6.35 -49.00
CA ASN A 334 17.90 -5.47 -49.97
C ASN A 334 17.32 -4.25 -49.27
N LEU A 335 17.69 -3.07 -49.74
CA LEU A 335 17.15 -1.83 -49.19
C LEU A 335 15.65 -1.76 -49.47
N CYS A 336 14.92 -1.11 -48.57
CA CYS A 336 13.48 -1.28 -48.55
C CYS A 336 12.84 -0.30 -49.53
N PRO A 337 11.81 -0.73 -50.31
CA PRO A 337 11.31 0.20 -51.34
C PRO A 337 10.35 1.25 -50.77
N PHE A 338 10.92 2.24 -50.08
CA PHE A 338 10.15 3.42 -49.68
C PHE A 338 10.00 4.41 -50.82
N GLY A 339 10.86 4.33 -51.85
CA GLY A 339 10.77 5.28 -52.94
C GLY A 339 9.47 5.17 -53.72
N GLU A 340 8.96 3.95 -53.87
CA GLU A 340 7.71 3.74 -54.59
C GLU A 340 6.48 4.07 -53.75
N VAL A 341 6.63 4.59 -52.53
CA VAL A 341 5.52 5.04 -51.69
C VAL A 341 5.53 6.55 -51.52
N PHE A 342 6.66 7.11 -51.10
CA PHE A 342 6.73 8.54 -50.86
C PHE A 342 6.77 9.34 -52.16
N ASN A 343 7.49 8.84 -53.17
CA ASN A 343 7.60 9.48 -54.47
C ASN A 343 6.67 8.86 -55.50
N ALA A 344 5.52 8.35 -55.07
CA ALA A 344 4.56 7.80 -56.01
C ALA A 344 3.99 8.91 -56.90
N THR A 345 3.48 8.51 -58.06
CA THR A 345 2.96 9.48 -59.01
C THR A 345 1.76 10.24 -58.43
N ARG A 346 0.80 9.51 -57.89
CA ARG A 346 -0.41 10.12 -57.33
C ARG A 346 -0.86 9.31 -56.13
N PHE A 347 -1.36 10.01 -55.11
CA PHE A 347 -1.85 9.39 -53.89
C PHE A 347 -3.35 9.17 -53.97
N ALA A 348 -3.82 8.09 -53.36
CA ALA A 348 -5.24 7.77 -53.39
C ALA A 348 -6.03 8.76 -52.54
N SER A 349 -7.32 8.84 -52.80
CA SER A 349 -8.19 9.72 -52.05
C SER A 349 -8.27 9.27 -50.60
N VAL A 350 -8.50 10.22 -49.70
CA VAL A 350 -8.52 9.92 -48.27
C VAL A 350 -9.64 8.95 -47.92
N TYR A 351 -10.79 9.05 -48.59
CA TYR A 351 -11.86 8.09 -48.35
C TYR A 351 -11.51 6.68 -48.83
N ALA A 352 -10.56 6.57 -49.76
CA ALA A 352 -10.12 5.28 -50.30
C ALA A 352 -8.61 5.15 -50.17
N TRP A 353 -8.10 5.42 -48.97
CA TRP A 353 -6.68 5.32 -48.70
C TRP A 353 -6.15 3.93 -49.03
N ASN A 354 -4.99 3.90 -49.67
CA ASN A 354 -4.39 2.67 -50.17
C ASN A 354 -3.36 2.14 -49.17
N ARG A 355 -3.45 0.85 -48.87
CA ARG A 355 -2.57 0.20 -47.91
C ARG A 355 -1.54 -0.64 -48.66
N LYS A 356 -0.25 -0.44 -48.35
CA LYS A 356 0.87 -1.11 -49.07
C LYS A 356 1.71 -1.91 -48.07
N ARG A 357 1.52 -3.23 -48.03
CA ARG A 357 2.23 -4.11 -47.06
C ARG A 357 3.73 -4.05 -47.35
N ILE A 358 4.58 -4.07 -46.30
CA ILE A 358 6.07 -3.99 -46.44
C ILE A 358 6.68 -5.13 -45.63
N SER A 359 7.56 -5.95 -46.22
CA SER A 359 8.21 -7.07 -45.56
C SER A 359 9.51 -7.38 -46.28
N ASN A 360 10.40 -8.09 -45.58
CA ASN A 360 11.73 -8.42 -46.08
C ASN A 360 12.49 -7.17 -46.49
N CYS A 361 12.70 -6.31 -45.50
CA CYS A 361 13.33 -5.01 -45.68
C CYS A 361 14.49 -4.82 -44.72
N VAL A 362 15.53 -4.14 -45.20
CA VAL A 362 16.47 -3.41 -44.35
C VAL A 362 16.01 -1.96 -44.40
N ALA A 363 15.11 -1.59 -43.50
CA ALA A 363 14.41 -0.32 -43.57
C ALA A 363 15.27 0.77 -42.94
N ASP A 364 15.82 1.64 -43.78
CA ASP A 364 16.60 2.78 -43.31
C ASP A 364 15.66 3.97 -43.11
N TYR A 365 15.33 4.25 -41.85
CA TYR A 365 14.48 5.39 -41.52
C TYR A 365 15.24 6.69 -41.33
N SER A 366 16.58 6.64 -41.28
CA SER A 366 17.36 7.86 -41.12
C SER A 366 17.18 8.78 -42.32
N VAL A 367 17.19 8.22 -43.53
CA VAL A 367 17.05 9.04 -44.72
C VAL A 367 15.67 9.69 -44.77
N LEU A 368 14.62 8.97 -44.36
CA LEU A 368 13.29 9.55 -44.31
C LEU A 368 13.22 10.66 -43.27
N TYR A 369 13.75 10.41 -42.07
CA TYR A 369 13.61 11.37 -40.99
C TYR A 369 14.42 12.63 -41.27
N ASN A 370 15.61 12.49 -41.83
CA ASN A 370 16.48 13.64 -42.07
C ASN A 370 16.03 14.50 -43.25
N SER A 371 15.18 13.97 -44.12
CA SER A 371 14.72 14.75 -45.27
C SER A 371 13.90 15.95 -44.79
N ALA A 372 14.18 17.11 -45.38
CA ALA A 372 13.47 18.33 -44.99
C ALA A 372 12.13 18.47 -45.68
N SER A 373 11.80 17.59 -46.62
CA SER A 373 10.54 17.73 -47.36
C SER A 373 9.33 17.55 -46.46
N PHE A 374 9.46 16.81 -45.37
CA PHE A 374 8.32 16.46 -44.54
C PHE A 374 8.03 17.56 -43.54
N SER A 375 6.95 18.31 -43.77
CA SER A 375 6.53 19.33 -42.82
C SER A 375 6.11 18.72 -41.49
N THR A 376 5.38 17.62 -41.53
CA THR A 376 4.91 16.92 -40.34
C THR A 376 5.59 15.57 -40.26
N PHE A 377 6.22 15.29 -39.12
CA PHE A 377 6.85 13.99 -38.90
C PHE A 377 6.86 13.77 -37.38
N LYS A 378 5.96 12.89 -36.92
CA LYS A 378 5.79 12.66 -35.49
C LYS A 378 5.35 11.23 -35.28
N CYS A 379 5.91 10.59 -34.25
CA CYS A 379 5.73 9.17 -33.99
C CYS A 379 5.25 8.98 -32.56
N TYR A 380 4.34 8.01 -32.39
CA TYR A 380 3.62 7.85 -31.13
C TYR A 380 4.18 6.72 -30.26
N GLY A 381 4.16 5.49 -30.76
CA GLY A 381 4.62 4.35 -29.99
C GLY A 381 6.13 4.13 -30.05
N VAL A 382 6.84 5.02 -30.74
CA VAL A 382 8.27 4.88 -30.98
C VAL A 382 8.80 6.25 -31.32
N SER A 383 10.11 6.46 -31.11
CA SER A 383 10.75 7.73 -31.45
C SER A 383 11.48 7.60 -32.78
N PRO A 384 11.59 8.67 -33.59
CA PRO A 384 12.29 8.54 -34.87
C PRO A 384 13.74 8.10 -34.75
N THR A 385 14.45 8.57 -33.72
CA THR A 385 15.87 8.27 -33.60
C THR A 385 16.12 6.79 -33.40
N LYS A 386 15.19 6.07 -32.78
CA LYS A 386 15.38 4.66 -32.48
C LYS A 386 15.03 3.75 -33.65
N LEU A 387 14.30 4.24 -34.67
CA LEU A 387 13.78 3.37 -35.71
C LEU A 387 14.88 2.65 -36.48
N ASN A 388 16.09 3.21 -36.50
CA ASN A 388 17.20 2.58 -37.21
C ASN A 388 17.82 1.41 -36.46
N ASP A 389 17.24 0.98 -35.32
CA ASP A 389 17.75 -0.17 -34.58
C ASP A 389 16.64 -1.08 -34.05
N LEU A 390 15.38 -0.79 -34.34
CA LEU A 390 14.29 -1.70 -34.02
C LEU A 390 14.09 -2.71 -35.14
N CYS A 391 13.37 -3.78 -34.80
CA CYS A 391 12.96 -4.79 -35.77
C CYS A 391 11.45 -4.93 -35.73
N PHE A 392 10.84 -4.86 -36.92
CA PHE A 392 9.40 -4.78 -37.07
C PHE A 392 8.90 -6.06 -37.71
N THR A 393 7.60 -6.27 -37.64
CA THR A 393 6.94 -7.40 -38.28
C THR A 393 5.78 -6.90 -39.13
N ASN A 394 5.89 -7.08 -40.45
CA ASN A 394 4.81 -6.78 -41.38
C ASN A 394 4.39 -5.31 -41.28
N VAL A 395 5.32 -4.43 -41.65
CA VAL A 395 5.04 -3.00 -41.63
C VAL A 395 4.01 -2.68 -42.70
N TYR A 396 3.03 -1.85 -42.34
CA TYR A 396 2.00 -1.36 -43.26
C TYR A 396 2.22 0.11 -43.51
N ALA A 397 2.12 0.52 -44.77
CA ALA A 397 2.24 1.91 -45.17
C ALA A 397 0.95 2.33 -45.87
N ASP A 398 0.14 3.14 -45.19
CA ASP A 398 -1.11 3.66 -45.73
C ASP A 398 -0.88 5.09 -46.20
N SER A 399 -1.20 5.35 -47.47
CA SER A 399 -0.91 6.62 -48.12
C SER A 399 -2.19 7.22 -48.67
N PHE A 400 -2.30 8.55 -48.57
CA PHE A 400 -3.45 9.26 -49.10
C PHE A 400 -3.10 10.75 -49.14
N VAL A 401 -3.99 11.51 -49.79
CA VAL A 401 -3.84 12.96 -49.95
C VAL A 401 -4.98 13.64 -49.20
N ILE A 402 -4.65 14.67 -48.42
CA ILE A 402 -5.59 15.34 -47.54
C ILE A 402 -5.41 16.84 -47.65
N ARG A 403 -6.48 17.57 -47.37
CA ARG A 403 -6.41 19.02 -47.26
C ARG A 403 -5.53 19.41 -46.07
N GLY A 404 -4.88 20.56 -46.18
CA GLY A 404 -3.80 20.93 -45.30
C GLY A 404 -4.10 20.99 -43.82
N ASP A 405 -4.92 21.96 -43.39
CA ASP A 405 -5.07 22.22 -41.95
C ASP A 405 -5.75 21.08 -41.21
N GLU A 406 -6.46 20.18 -41.91
CA GLU A 406 -7.12 19.06 -41.26
C GLU A 406 -6.20 17.85 -41.11
N VAL A 407 -4.92 17.98 -41.40
CA VAL A 407 -3.98 16.88 -41.19
C VAL A 407 -3.85 16.54 -39.71
N ARG A 408 -4.13 17.50 -38.81
CA ARG A 408 -4.09 17.23 -37.38
C ARG A 408 -5.05 16.13 -36.96
N GLN A 409 -6.10 15.87 -37.74
CA GLN A 409 -7.03 14.80 -37.41
C GLN A 409 -6.39 13.43 -37.47
N ILE A 410 -5.26 13.28 -38.16
CA ILE A 410 -4.59 11.99 -38.28
C ILE A 410 -3.71 11.78 -37.04
N ALA A 411 -4.31 11.22 -36.00
CA ALA A 411 -3.60 10.92 -34.76
C ALA A 411 -4.49 10.05 -33.90
N PRO A 412 -3.94 9.40 -32.87
CA PRO A 412 -4.78 8.58 -32.00
C PRO A 412 -5.79 9.42 -31.22
N GLY A 413 -7.03 8.96 -31.20
CA GLY A 413 -8.06 9.57 -30.39
C GLY A 413 -8.59 10.89 -30.89
N GLN A 414 -8.10 11.39 -32.03
CA GLN A 414 -8.61 12.64 -32.57
C GLN A 414 -9.95 12.42 -33.26
N THR A 415 -10.67 13.52 -33.47
CA THR A 415 -11.99 13.49 -34.07
C THR A 415 -12.05 14.54 -35.18
N GLY A 416 -13.16 14.52 -35.90
CA GLY A 416 -13.35 15.32 -37.09
C GLY A 416 -13.91 14.49 -38.23
N LYS A 417 -14.24 15.20 -39.32
CA LYS A 417 -14.86 14.54 -40.45
C LYS A 417 -13.95 13.48 -41.06
N ILE A 418 -12.67 13.81 -41.24
CA ILE A 418 -11.73 12.83 -41.79
C ILE A 418 -11.50 11.70 -40.81
N ALA A 419 -11.28 12.03 -39.55
CA ALA A 419 -11.03 11.00 -38.55
C ALA A 419 -12.26 10.12 -38.35
N ASP A 420 -13.45 10.71 -38.31
CA ASP A 420 -14.65 9.93 -38.04
C ASP A 420 -15.06 9.09 -39.23
N TYR A 421 -15.02 9.67 -40.44
CA TYR A 421 -15.70 9.10 -41.60
C TYR A 421 -14.76 8.57 -42.68
N ASN A 422 -13.48 8.93 -42.65
CA ASN A 422 -12.57 8.59 -43.75
C ASN A 422 -11.44 7.67 -43.30
N TYR A 423 -10.72 8.03 -42.24
CA TYR A 423 -9.55 7.26 -41.82
C TYR A 423 -9.33 7.49 -40.33
N LYS A 424 -9.53 6.44 -39.53
CA LYS A 424 -9.39 6.50 -38.08
C LYS A 424 -8.23 5.62 -37.67
N LEU A 425 -7.28 6.20 -36.92
CA LEU A 425 -6.22 5.40 -36.33
C LEU A 425 -6.69 4.82 -35.00
N PRO A 426 -6.12 3.69 -34.56
CA PRO A 426 -6.46 3.18 -33.23
C PRO A 426 -5.87 4.05 -32.13
N ASP A 427 -6.51 4.02 -30.96
CA ASP A 427 -6.04 4.80 -29.83
C ASP A 427 -4.65 4.38 -29.36
N ASP A 428 -4.26 3.12 -29.58
CA ASP A 428 -2.94 2.61 -29.24
C ASP A 428 -2.07 2.44 -30.47
N PHE A 429 -2.19 3.36 -31.43
CA PHE A 429 -1.45 3.27 -32.68
C PHE A 429 0.04 3.39 -32.44
N THR A 430 0.78 2.36 -32.84
CA THR A 430 2.24 2.35 -32.80
C THR A 430 2.77 2.59 -34.20
N GLY A 431 3.36 3.75 -34.43
CA GLY A 431 3.85 4.08 -35.75
C GLY A 431 4.16 5.55 -35.86
N CYS A 432 4.31 5.99 -37.11
CA CYS A 432 4.69 7.36 -37.45
C CYS A 432 3.71 7.93 -38.47
N VAL A 433 3.47 9.24 -38.37
CA VAL A 433 2.63 9.97 -39.30
C VAL A 433 3.51 10.99 -40.02
N ILE A 434 3.45 10.97 -41.35
CA ILE A 434 4.31 11.78 -42.21
C ILE A 434 3.44 12.50 -43.22
N ALA A 435 3.67 13.81 -43.37
CA ALA A 435 2.90 14.61 -44.30
C ALA A 435 3.75 15.74 -44.85
N TRP A 436 3.39 16.20 -46.05
CA TRP A 436 4.05 17.33 -46.68
C TRP A 436 3.11 17.95 -47.69
N ASN A 437 3.28 19.26 -47.91
CA ASN A 437 2.50 19.93 -48.94
C ASN A 437 2.83 19.37 -50.32
N SER A 438 1.80 19.26 -51.17
CA SER A 438 1.95 18.60 -52.46
C SER A 438 1.19 19.30 -53.59
N ASN A 439 0.98 20.61 -53.50
CA ASN A 439 0.23 21.30 -54.55
C ASN A 439 0.98 21.30 -55.87
N ASN A 440 2.32 21.24 -55.82
CA ASN A 440 3.10 21.22 -57.05
C ASN A 440 2.84 19.98 -57.88
N LEU A 441 2.50 18.86 -57.24
CA LEU A 441 2.23 17.59 -57.92
C LEU A 441 0.75 17.31 -58.06
N ASP A 442 -0.07 17.74 -57.10
CA ASP A 442 -1.49 17.42 -57.09
C ASP A 442 -2.32 18.35 -57.96
N SER A 443 -1.77 19.49 -58.39
CA SER A 443 -2.53 20.43 -59.21
C SER A 443 -1.59 21.36 -59.97
N GLY A 447 -7.35 23.74 -61.51
CA GLY A 447 -7.08 22.94 -60.34
C GLY A 447 -7.26 21.46 -60.59
N ASN A 448 -7.32 20.67 -59.51
CA ASN A 448 -7.52 19.24 -59.57
C ASN A 448 -8.61 18.84 -58.59
N TYR A 449 -9.71 18.30 -59.13
CA TYR A 449 -10.86 17.89 -58.33
C TYR A 449 -11.06 16.38 -58.34
N ASN A 450 -10.06 15.61 -58.78
CA ASN A 450 -10.21 14.16 -58.79
C ASN A 450 -10.30 13.59 -57.37
N TYR A 451 -9.53 14.15 -56.44
CA TYR A 451 -9.52 13.66 -55.07
C TYR A 451 -10.86 13.90 -54.41
N LEU A 452 -11.21 13.01 -53.48
CA LEU A 452 -12.50 13.06 -52.79
C LEU A 452 -12.30 12.73 -51.32
N TYR A 453 -13.28 13.12 -50.52
CA TYR A 453 -13.35 12.73 -49.12
C TYR A 453 -14.80 12.57 -48.72
N ARG A 454 -15.06 11.62 -47.82
CA ARG A 454 -16.42 11.27 -47.44
C ARG A 454 -16.94 12.27 -46.42
N LEU A 455 -18.03 12.96 -46.76
CA LEU A 455 -18.67 13.90 -45.85
C LEU A 455 -19.76 13.23 -45.01
N PHE A 456 -20.43 12.22 -45.56
CA PHE A 456 -21.60 11.60 -44.95
C PHE A 456 -21.32 10.13 -44.69
N ARG A 457 -21.76 9.64 -43.54
CA ARG A 457 -21.45 8.29 -43.10
C ARG A 457 -22.36 7.97 -41.91
N LYS A 458 -22.83 6.73 -41.86
CA LYS A 458 -23.80 6.34 -40.84
C LYS A 458 -23.21 6.41 -39.44
N SER A 459 -21.98 5.91 -39.26
CA SER A 459 -21.36 5.87 -37.94
C SER A 459 -19.85 5.96 -38.10
N ASN A 460 -19.18 6.41 -37.04
CA ASN A 460 -17.75 6.64 -37.09
C ASN A 460 -17.01 5.34 -37.38
N LEU A 461 -15.98 5.45 -38.22
CA LEU A 461 -15.28 4.26 -38.70
C LEU A 461 -14.50 3.60 -37.57
N LYS A 462 -14.47 2.28 -37.59
CA LYS A 462 -13.58 1.51 -36.74
C LYS A 462 -12.14 1.80 -37.16
N PRO A 463 -11.16 1.60 -36.27
CA PRO A 463 -9.76 1.78 -36.71
C PRO A 463 -9.39 0.88 -37.88
N PHE A 464 -8.77 1.49 -38.89
CA PHE A 464 -8.22 0.82 -40.07
C PHE A 464 -9.28 0.14 -40.94
N GLU A 465 -10.54 0.57 -40.87
CA GLU A 465 -11.52 0.22 -41.90
C GLU A 465 -11.76 1.41 -42.81
N ARG A 466 -12.21 1.12 -44.03
CA ARG A 466 -12.49 2.15 -45.03
C ARG A 466 -13.79 1.84 -45.72
N ASP A 467 -14.49 2.90 -46.12
CA ASP A 467 -15.80 2.82 -46.77
C ASP A 467 -15.64 3.22 -48.23
N ILE A 468 -16.04 2.31 -49.13
CA ILE A 468 -16.00 2.55 -50.57
C ILE A 468 -17.39 2.68 -51.17
N SER A 469 -18.44 2.37 -50.41
CA SER A 469 -19.80 2.43 -50.94
C SER A 469 -20.17 3.85 -51.34
N THR A 470 -20.80 3.98 -52.50
CA THR A 470 -21.26 5.25 -53.03
C THR A 470 -22.77 5.45 -52.90
N GLU A 471 -23.44 4.62 -52.10
CA GLU A 471 -24.89 4.71 -51.98
C GLU A 471 -25.29 6.05 -51.36
N ILE A 472 -26.43 6.58 -51.79
CA ILE A 472 -26.88 7.88 -51.31
C ILE A 472 -27.22 7.79 -49.84
N TYR A 473 -26.71 8.74 -49.07
CA TYR A 473 -27.00 8.85 -47.64
C TYR A 473 -28.12 9.85 -47.46
N GLN A 474 -29.15 9.46 -46.71
CA GLN A 474 -30.28 10.34 -46.42
C GLN A 474 -30.02 11.03 -45.08
N ALA A 475 -29.85 12.36 -45.12
CA ALA A 475 -29.86 13.15 -43.90
C ALA A 475 -31.29 13.36 -43.40
N GLY A 476 -32.26 13.40 -44.31
CA GLY A 476 -33.65 13.48 -43.95
C GLY A 476 -34.21 12.13 -43.54
N SER A 477 -35.53 12.07 -43.48
CA SER A 477 -36.24 10.88 -43.01
C SER A 477 -36.59 9.90 -44.13
N THR A 478 -36.90 10.40 -45.32
CA THR A 478 -37.42 9.52 -46.35
C THR A 478 -36.31 8.64 -46.94
N PRO A 479 -36.65 7.45 -47.45
CA PRO A 479 -35.65 6.68 -48.21
C PRO A 479 -35.24 7.42 -49.47
N CYS A 480 -33.96 7.25 -49.84
CA CYS A 480 -33.39 7.95 -50.99
C CYS A 480 -32.47 7.02 -51.80
N ASN A 481 -32.91 5.79 -52.04
CA ASN A 481 -32.10 4.84 -52.78
C ASN A 481 -31.95 5.28 -54.23
N GLY A 482 -30.72 5.51 -54.66
CA GLY A 482 -30.42 5.81 -56.04
C GLY A 482 -30.96 7.15 -56.51
N VAL A 483 -31.17 8.08 -55.59
CA VAL A 483 -31.70 9.41 -55.90
C VAL A 483 -31.37 10.34 -54.75
N GLU A 484 -31.05 11.60 -55.07
CA GLU A 484 -30.80 12.62 -54.06
C GLU A 484 -32.11 13.34 -53.74
N GLY A 485 -32.95 12.65 -52.95
CA GLY A 485 -34.23 13.18 -52.56
C GLY A 485 -34.13 14.26 -51.49
N PHE A 486 -35.13 14.33 -50.61
CA PHE A 486 -35.16 15.35 -49.57
C PHE A 486 -34.00 15.19 -48.60
N ASN A 487 -33.06 16.14 -48.64
CA ASN A 487 -31.89 16.15 -47.76
C ASN A 487 -31.11 14.83 -47.86
N CYS A 488 -30.93 14.37 -49.09
CA CYS A 488 -30.18 13.14 -49.39
C CYS A 488 -29.06 13.50 -50.35
N TYR A 489 -27.83 13.10 -50.01
CA TYR A 489 -26.63 13.60 -50.65
C TYR A 489 -25.72 12.45 -51.06
N PHE A 490 -24.99 12.66 -52.15
CA PHE A 490 -23.95 11.72 -52.55
C PHE A 490 -22.83 11.77 -51.50
N PRO A 491 -22.34 10.62 -51.00
CA PRO A 491 -21.47 10.67 -49.82
C PRO A 491 -20.13 11.35 -50.03
N LEU A 492 -19.68 11.54 -51.28
CA LEU A 492 -18.35 12.04 -51.59
C LEU A 492 -18.43 13.40 -52.26
N GLN A 493 -17.48 14.28 -51.91
CA GLN A 493 -17.37 15.60 -52.52
C GLN A 493 -15.90 15.99 -52.55
N SER A 494 -15.52 16.72 -53.60
CA SER A 494 -14.12 16.97 -53.90
C SER A 494 -13.59 18.21 -53.19
N TYR A 495 -12.29 18.22 -52.95
CA TYR A 495 -11.61 19.37 -52.37
C TYR A 495 -11.43 20.47 -53.41
N GLY A 496 -11.18 21.68 -52.91
CA GLY A 496 -10.91 22.81 -53.77
C GLY A 496 -9.43 23.05 -53.99
N PHE A 497 -8.74 22.04 -54.56
CA PHE A 497 -7.30 22.12 -54.78
C PHE A 497 -7.01 22.92 -56.05
N GLN A 498 -7.10 24.23 -55.90
CA GLN A 498 -6.63 25.15 -56.93
C GLN A 498 -5.12 25.31 -56.81
N PRO A 499 -4.44 25.70 -57.89
CA PRO A 499 -2.97 25.79 -57.83
C PRO A 499 -2.43 26.83 -56.84
N THR A 500 -3.26 27.79 -56.41
CA THR A 500 -2.82 28.84 -55.49
C THR A 500 -3.84 29.07 -54.39
N ASN A 501 -4.43 27.98 -53.89
CA ASN A 501 -5.38 28.11 -52.79
C ASN A 501 -4.65 28.54 -51.52
N GLY A 502 -5.43 29.06 -50.57
CA GLY A 502 -4.86 29.60 -49.36
C GLY A 502 -4.19 28.56 -48.49
N VAL A 503 -3.41 29.05 -47.52
CA VAL A 503 -2.69 28.16 -46.61
C VAL A 503 -3.68 27.37 -45.77
N GLY A 504 -3.42 26.08 -45.60
CA GLY A 504 -4.31 25.18 -44.90
C GLY A 504 -5.36 24.54 -45.77
N TYR A 505 -5.51 24.98 -47.01
CA TYR A 505 -6.45 24.39 -47.97
C TYR A 505 -5.75 23.74 -49.15
N GLN A 506 -4.47 24.03 -49.38
CA GLN A 506 -3.73 23.37 -50.44
C GLN A 506 -3.56 21.89 -50.10
N PRO A 507 -3.44 21.02 -51.11
CA PRO A 507 -3.38 19.58 -50.83
C PRO A 507 -2.11 19.19 -50.09
N TYR A 508 -2.25 18.18 -49.24
CA TYR A 508 -1.14 17.58 -48.50
C TYR A 508 -1.16 16.07 -48.71
N ARG A 509 -0.02 15.52 -49.11
CA ARG A 509 0.14 14.08 -49.22
C ARG A 509 0.57 13.53 -47.87
N VAL A 510 -0.13 12.48 -47.43
CA VAL A 510 0.06 11.88 -46.12
C VAL A 510 0.35 10.40 -46.29
N VAL A 511 1.38 9.92 -45.60
CA VAL A 511 1.66 8.49 -45.47
C VAL A 511 1.97 8.19 -44.02
N VAL A 512 1.39 7.12 -43.50
CA VAL A 512 1.55 6.69 -42.11
C VAL A 512 2.06 5.26 -42.11
N LEU A 513 3.09 5.01 -41.30
CA LEU A 513 3.69 3.69 -41.19
C LEU A 513 3.22 3.04 -39.89
N SER A 514 2.74 1.80 -39.99
CA SER A 514 2.23 1.04 -38.85
C SER A 514 3.15 -0.14 -38.58
N PHE A 515 3.46 -0.36 -37.30
CA PHE A 515 4.39 -1.39 -36.87
C PHE A 515 3.69 -2.37 -35.94
N GLU A 516 3.91 -3.67 -36.19
CA GLU A 516 3.44 -4.72 -35.28
C GLU A 516 4.59 -5.21 -34.41
N LEU A 517 4.94 -4.43 -33.38
CA LEU A 517 6.09 -4.77 -32.55
C LEU A 517 5.84 -6.04 -31.75
N LEU A 518 4.59 -6.30 -31.35
CA LEU A 518 4.29 -7.41 -30.46
C LEU A 518 4.26 -8.76 -31.17
N HIS A 519 4.52 -8.81 -32.47
CA HIS A 519 4.55 -10.06 -33.23
C HIS A 519 5.97 -10.57 -33.31
N ALA A 520 6.13 -11.89 -33.22
CA ALA A 520 7.48 -12.46 -33.08
C ALA A 520 8.28 -12.45 -34.38
N PRO A 521 7.82 -13.05 -35.49
CA PRO A 521 8.74 -13.24 -36.64
C PRO A 521 9.04 -11.94 -37.38
N ALA A 522 10.02 -11.20 -36.87
CA ALA A 522 10.39 -9.92 -37.46
C ALA A 522 10.87 -10.09 -38.89
N THR A 523 10.24 -9.37 -39.81
CA THR A 523 10.58 -9.39 -41.23
C THR A 523 11.29 -8.13 -41.70
N VAL A 524 11.14 -7.02 -40.98
CA VAL A 524 11.76 -5.74 -41.32
C VAL A 524 12.63 -5.31 -40.16
N CYS A 525 13.85 -4.87 -40.47
CA CYS A 525 14.82 -4.48 -39.45
C CYS A 525 15.63 -3.30 -39.95
N GLY A 526 16.28 -2.61 -39.02
CA GLY A 526 17.11 -1.48 -39.35
C GLY A 526 18.41 -1.91 -39.98
N PRO A 527 19.27 -0.95 -40.32
CA PRO A 527 20.53 -1.27 -41.00
C PRO A 527 21.64 -1.71 -40.06
N LYS A 528 21.32 -2.05 -38.80
CA LYS A 528 22.33 -2.49 -37.86
C LYS A 528 22.98 -3.79 -38.34
N LYS A 529 24.30 -3.88 -38.14
CA LYS A 529 25.09 -5.01 -38.60
C LYS A 529 25.34 -5.97 -37.43
N SER A 530 25.42 -7.25 -37.73
CA SER A 530 25.49 -8.27 -36.69
C SER A 530 26.92 -8.44 -36.20
N THR A 531 27.04 -8.73 -34.90
CA THR A 531 28.31 -9.06 -34.28
C THR A 531 28.47 -10.57 -34.16
N ASN A 532 29.71 -11.02 -34.03
CA ASN A 532 29.99 -12.44 -33.89
C ASN A 532 29.31 -12.98 -32.63
N LEU A 533 28.68 -14.15 -32.78
CA LEU A 533 28.02 -14.78 -31.65
C LEU A 533 29.04 -15.34 -30.68
N VAL A 534 28.77 -15.19 -29.38
CA VAL A 534 29.60 -15.73 -28.31
C VAL A 534 28.71 -16.48 -27.34
N LYS A 535 29.31 -17.45 -26.65
CA LYS A 535 28.57 -18.36 -25.78
C LYS A 535 29.32 -18.54 -24.48
N ASN A 536 28.58 -18.94 -23.45
CA ASN A 536 29.14 -19.36 -22.17
C ASN A 536 29.80 -18.22 -21.41
N LYS A 537 29.36 -16.97 -21.62
CA LYS A 537 29.84 -15.85 -20.83
C LYS A 537 28.80 -14.75 -20.85
N CYS A 538 28.71 -14.01 -19.74
CA CYS A 538 27.71 -12.97 -19.60
C CYS A 538 27.96 -11.86 -20.61
N VAL A 539 26.94 -11.55 -21.42
CA VAL A 539 27.05 -10.58 -22.49
C VAL A 539 25.69 -9.93 -22.71
N ASN A 540 25.73 -8.68 -23.19
CA ASN A 540 24.54 -8.03 -23.70
C ASN A 540 24.24 -8.54 -25.10
N PHE A 541 22.98 -8.84 -25.37
CA PHE A 541 22.56 -9.44 -26.63
C PHE A 541 21.40 -8.65 -27.21
N ASN A 542 21.23 -8.77 -28.53
CA ASN A 542 20.15 -8.10 -29.24
C ASN A 542 19.78 -9.01 -30.41
N PHE A 543 18.77 -9.85 -30.21
CA PHE A 543 18.28 -10.77 -31.22
C PHE A 543 17.01 -10.20 -31.84
N ASN A 544 17.13 -9.59 -33.01
CA ASN A 544 16.00 -9.01 -33.73
C ASN A 544 15.27 -7.98 -32.85
N GLY A 545 16.03 -7.12 -32.20
CA GLY A 545 15.47 -6.10 -31.33
C GLY A 545 15.16 -6.56 -29.93
N LEU A 546 15.34 -7.83 -29.61
CA LEU A 546 15.07 -8.36 -28.27
C LEU A 546 16.30 -8.12 -27.40
N THR A 547 16.44 -6.89 -26.92
CA THR A 547 17.57 -6.53 -26.09
C THR A 547 17.51 -7.24 -24.75
N GLY A 548 18.67 -7.57 -24.20
CA GLY A 548 18.72 -8.23 -22.91
C GLY A 548 20.15 -8.48 -22.51
N THR A 549 20.30 -9.10 -21.33
CA THR A 549 21.61 -9.44 -20.78
C THR A 549 21.53 -10.82 -20.15
N GLY A 550 22.50 -11.67 -20.48
CA GLY A 550 22.49 -13.02 -19.96
C GLY A 550 23.62 -13.83 -20.55
N VAL A 551 23.63 -15.12 -20.22
CA VAL A 551 24.62 -16.07 -20.69
C VAL A 551 23.98 -16.93 -21.76
N LEU A 552 24.59 -16.97 -22.94
CA LEU A 552 24.07 -17.72 -24.08
C LEU A 552 24.71 -19.10 -24.11
N THR A 553 23.88 -20.15 -24.13
CA THR A 553 24.33 -21.53 -24.12
C THR A 553 23.53 -22.32 -25.15
N GLU A 554 24.19 -23.27 -25.80
CA GLU A 554 23.51 -24.14 -26.75
C GLU A 554 22.46 -24.96 -26.01
N SER A 555 21.21 -24.85 -26.44
CA SER A 555 20.09 -25.44 -25.72
C SER A 555 19.78 -26.83 -26.24
N ASN A 556 19.13 -27.62 -25.38
CA ASN A 556 18.67 -28.95 -25.71
C ASN A 556 17.22 -28.97 -26.18
N LYS A 557 16.59 -27.80 -26.35
CA LYS A 557 15.17 -27.74 -26.67
C LYS A 557 14.92 -28.22 -28.10
N LYS A 558 13.63 -28.38 -28.42
CA LYS A 558 13.18 -28.97 -29.67
C LYS A 558 12.31 -28.00 -30.46
N PHE A 559 12.81 -26.77 -30.65
CA PHE A 559 12.08 -25.77 -31.42
C PHE A 559 11.69 -26.31 -32.80
N LEU A 560 10.45 -26.03 -33.19
CA LEU A 560 10.03 -26.30 -34.56
C LEU A 560 10.60 -25.20 -35.47
N PRO A 561 10.67 -25.45 -36.79
CA PRO A 561 11.34 -24.49 -37.67
C PRO A 561 10.72 -23.10 -37.66
N PHE A 562 9.40 -23.00 -37.49
CA PHE A 562 8.74 -21.70 -37.51
C PHE A 562 8.87 -20.94 -36.20
N GLN A 563 9.33 -21.57 -35.13
CA GLN A 563 9.45 -20.94 -33.82
C GLN A 563 10.75 -20.16 -33.74
N GLN A 564 10.69 -18.96 -33.17
CA GLN A 564 11.84 -18.07 -33.03
C GLN A 564 12.26 -17.84 -31.59
N PHE A 565 11.33 -17.93 -30.64
CA PHE A 565 11.58 -17.62 -29.25
C PHE A 565 11.01 -18.72 -28.36
N GLY A 566 11.53 -18.79 -27.15
CA GLY A 566 10.98 -19.64 -26.12
C GLY A 566 10.75 -18.84 -24.85
N ARG A 567 9.78 -19.30 -24.05
CA ARG A 567 9.33 -18.58 -22.87
C ARG A 567 9.43 -19.46 -21.64
N ASP A 568 9.73 -18.83 -20.51
CA ASP A 568 9.85 -19.52 -19.23
C ASP A 568 8.46 -19.70 -18.61
N ILE A 569 8.43 -20.39 -17.46
CA ILE A 569 7.19 -20.54 -16.72
C ILE A 569 6.65 -19.18 -16.29
N ALA A 570 7.55 -18.22 -16.04
CA ALA A 570 7.12 -16.85 -15.72
C ALA A 570 6.70 -16.06 -16.94
N ASP A 571 6.69 -16.67 -18.14
CA ASP A 571 6.29 -15.99 -19.38
C ASP A 571 7.25 -14.86 -19.71
N THR A 572 8.55 -15.15 -19.59
CA THR A 572 9.62 -14.27 -20.04
C THR A 572 10.55 -15.06 -20.94
N THR A 573 11.18 -14.37 -21.87
CA THR A 573 12.01 -15.06 -22.85
C THR A 573 13.21 -15.71 -22.19
N ASP A 574 13.43 -16.98 -22.51
CA ASP A 574 14.58 -17.73 -22.01
C ASP A 574 15.25 -18.60 -23.05
N ALA A 575 14.81 -18.54 -24.30
CA ALA A 575 15.48 -19.23 -25.40
C ALA A 575 15.22 -18.44 -26.66
N VAL A 576 16.11 -18.61 -27.65
CA VAL A 576 16.03 -17.84 -28.88
C VAL A 576 16.75 -18.59 -29.97
N ARG A 577 16.24 -18.47 -31.20
CA ARG A 577 16.90 -18.99 -32.39
C ARG A 577 17.72 -17.87 -33.01
N ASP A 578 18.99 -18.13 -33.26
CA ASP A 578 19.86 -17.12 -33.84
C ASP A 578 19.39 -16.83 -35.26
N PRO A 579 19.15 -15.56 -35.64
CA PRO A 579 18.54 -15.30 -36.95
C PRO A 579 19.40 -15.69 -38.14
N GLN A 580 20.70 -15.87 -37.96
CA GLN A 580 21.62 -16.24 -39.04
C GLN A 580 22.12 -17.67 -38.92
N THR A 581 22.65 -18.05 -37.77
CA THR A 581 23.07 -19.43 -37.54
C THR A 581 21.89 -20.40 -37.53
N LEU A 582 20.70 -19.91 -37.17
CA LEU A 582 19.48 -20.71 -37.04
C LEU A 582 19.57 -21.75 -35.92
N GLU A 583 20.60 -21.68 -35.08
CA GLU A 583 20.67 -22.56 -33.92
C GLU A 583 19.93 -21.94 -32.75
N ILE A 584 19.56 -22.80 -31.80
CA ILE A 584 18.78 -22.41 -30.63
C ILE A 584 19.69 -22.29 -29.42
N LEU A 585 19.52 -21.20 -28.68
CA LEU A 585 20.39 -20.81 -27.57
C LEU A 585 19.55 -20.58 -26.33
N ASP A 586 19.97 -21.17 -25.21
CA ASP A 586 19.37 -20.84 -23.93
C ASP A 586 19.84 -19.45 -23.48
N ILE A 587 18.97 -18.76 -22.77
CA ILE A 587 19.31 -17.49 -22.11
C ILE A 587 19.07 -17.69 -20.62
N THR A 588 20.12 -17.45 -19.83
CA THR A 588 20.05 -17.51 -18.38
C THR A 588 20.59 -16.22 -17.79
N PRO A 589 20.11 -15.78 -16.64
CA PRO A 589 20.59 -14.50 -16.09
C PRO A 589 22.05 -14.60 -15.70
N CYS A 590 22.75 -13.48 -15.82
CA CYS A 590 24.11 -13.40 -15.33
C CYS A 590 24.10 -13.55 -13.81
N SER A 591 25.10 -14.26 -13.29
CA SER A 591 25.09 -14.64 -11.87
C SER A 591 25.09 -13.41 -10.98
N PHE A 592 24.28 -13.47 -9.92
CA PHE A 592 24.13 -12.35 -9.00
C PHE A 592 23.87 -12.89 -7.61
N GLY A 593 24.12 -12.05 -6.61
CA GLY A 593 23.87 -12.42 -5.23
C GLY A 593 24.24 -11.28 -4.31
N GLY A 594 23.65 -11.31 -3.12
CA GLY A 594 23.92 -10.28 -2.14
C GLY A 594 25.33 -10.40 -1.60
N VAL A 595 25.90 -9.25 -1.22
CA VAL A 595 27.23 -9.17 -0.62
C VAL A 595 27.07 -8.84 0.84
N SER A 596 27.57 -9.71 1.72
CA SER A 596 27.47 -9.55 3.15
C SER A 596 28.86 -9.37 3.73
N VAL A 597 29.02 -8.33 4.55
CA VAL A 597 30.29 -8.02 5.20
C VAL A 597 30.28 -8.61 6.60
N ILE A 598 31.26 -9.47 6.87
CA ILE A 598 31.39 -10.16 8.14
C ILE A 598 32.50 -9.46 8.92
N THR A 599 32.13 -8.86 10.05
CA THR A 599 33.05 -8.05 10.84
C THR A 599 32.88 -8.33 12.32
N PRO A 600 33.95 -8.30 13.10
CA PRO A 600 33.79 -8.06 14.54
C PRO A 600 33.51 -6.58 14.77
N GLY A 601 33.39 -6.21 16.05
CA GLY A 601 33.22 -4.81 16.38
C GLY A 601 34.44 -4.00 15.97
N THR A 602 34.19 -2.77 15.48
CA THR A 602 35.30 -1.89 15.16
C THR A 602 36.11 -1.53 16.39
N ASN A 603 35.49 -1.56 17.57
CA ASN A 603 36.25 -1.42 18.81
C ASN A 603 37.24 -2.56 18.97
N THR A 604 36.92 -3.74 18.44
CA THR A 604 37.80 -4.90 18.53
C THR A 604 38.84 -4.92 17.42
N SER A 605 38.40 -4.90 16.15
CA SER A 605 39.33 -4.98 15.04
C SER A 605 38.67 -4.40 13.80
N ASN A 606 39.50 -4.09 12.80
CA ASN A 606 39.05 -3.57 11.52
C ASN A 606 39.06 -4.60 10.40
N GLN A 607 39.51 -5.82 10.67
CA GLN A 607 39.46 -6.86 9.66
C GLN A 607 38.02 -7.26 9.37
N VAL A 608 37.76 -7.62 8.11
CA VAL A 608 36.44 -8.04 7.69
C VAL A 608 36.58 -9.13 6.63
N ALA A 609 35.61 -10.04 6.63
CA ALA A 609 35.45 -11.06 5.60
C ALA A 609 34.15 -10.81 4.85
N VAL A 610 34.18 -11.07 3.55
CA VAL A 610 33.07 -10.76 2.65
C VAL A 610 32.47 -12.06 2.15
N LEU A 611 31.15 -12.20 2.28
CA LEU A 611 30.41 -13.34 1.77
C LEU A 611 29.61 -12.90 0.56
N TYR A 612 29.88 -13.52 -0.58
CA TYR A 612 29.07 -13.32 -1.79
C TYR A 612 28.04 -14.45 -1.82
N GLN A 613 26.80 -14.12 -1.46
CA GLN A 613 25.80 -15.14 -1.26
C GLN A 613 25.44 -15.83 -2.57
N GLY A 614 25.43 -17.17 -2.53
CA GLY A 614 24.87 -18.06 -3.56
C GLY A 614 25.75 -18.14 -4.80
N VAL A 615 26.77 -17.28 -4.94
CA VAL A 615 27.57 -17.30 -6.15
C VAL A 615 28.72 -18.29 -6.02
N ASN A 616 29.30 -18.65 -7.15
CA ASN A 616 30.42 -19.57 -7.24
C ASN A 616 31.71 -18.76 -7.23
N CYS A 617 32.73 -19.28 -6.54
CA CYS A 617 33.97 -18.53 -6.36
C CYS A 617 34.71 -18.30 -7.67
N THR A 618 34.43 -19.10 -8.71
CA THR A 618 35.12 -18.92 -9.97
C THR A 618 34.69 -17.66 -10.73
N GLU A 619 33.61 -17.00 -10.30
CA GLU A 619 33.04 -15.86 -11.01
C GLU A 619 32.94 -14.59 -10.18
N VAL A 620 33.45 -14.58 -8.95
CA VAL A 620 33.42 -13.37 -8.13
C VAL A 620 34.43 -12.33 -8.61
N PRO A 621 35.66 -12.68 -9.07
CA PRO A 621 36.52 -11.52 -9.37
C PRO A 621 36.13 -10.79 -10.65
N ASN A 641 42.37 -15.10 1.33
CA ASN A 641 41.76 -16.42 1.38
C ASN A 641 40.45 -16.44 0.60
N VAL A 642 40.18 -17.57 -0.06
CA VAL A 642 38.93 -17.81 -0.74
C VAL A 642 38.44 -19.20 -0.36
N PHE A 643 37.16 -19.30 -0.02
CA PHE A 643 36.62 -20.53 0.55
C PHE A 643 35.18 -20.66 0.11
N GLN A 644 34.86 -21.73 -0.60
CA GLN A 644 33.52 -21.96 -1.16
C GLN A 644 32.68 -22.66 -0.12
N THR A 645 31.77 -21.91 0.51
CA THR A 645 30.79 -22.48 1.42
C THR A 645 29.50 -22.76 0.67
N ARG A 646 28.62 -23.53 1.32
CA ARG A 646 27.31 -23.78 0.71
C ARG A 646 26.46 -22.52 0.69
N ALA A 647 26.71 -21.58 1.62
CA ALA A 647 25.98 -20.32 1.61
C ALA A 647 26.44 -19.39 0.52
N GLY A 648 27.68 -19.55 0.04
CA GLY A 648 28.22 -18.68 -0.99
C GLY A 648 29.74 -18.59 -0.88
N CYS A 649 30.35 -17.79 -1.74
CA CYS A 649 31.81 -17.65 -1.71
C CYS A 649 32.20 -16.73 -0.57
N LEU A 650 33.05 -17.22 0.32
CA LEU A 650 33.51 -16.49 1.50
C LEU A 650 34.96 -16.10 1.29
N ILE A 651 35.24 -14.81 1.37
CA ILE A 651 36.57 -14.25 1.09
C ILE A 651 37.07 -13.58 2.36
N GLY A 652 38.34 -13.80 2.67
CA GLY A 652 38.98 -13.19 3.82
C GLY A 652 38.82 -13.94 5.12
N ALA A 653 38.21 -15.12 5.10
CA ALA A 653 38.03 -15.93 6.30
C ALA A 653 38.89 -17.18 6.20
N GLU A 654 39.59 -17.49 7.30
CA GLU A 654 40.48 -18.64 7.35
C GLU A 654 39.67 -19.87 7.78
N HIS A 655 39.45 -20.79 6.84
CA HIS A 655 38.73 -22.01 7.18
C HIS A 655 39.57 -22.86 8.13
N VAL A 656 38.92 -23.40 9.16
CA VAL A 656 39.56 -24.25 10.15
C VAL A 656 38.71 -25.49 10.36
N ASN A 657 39.38 -26.60 10.64
CA ASN A 657 38.71 -27.89 10.82
C ASN A 657 38.13 -28.06 12.22
N ASN A 658 38.50 -27.20 13.17
CA ASN A 658 37.90 -27.26 14.49
C ASN A 658 36.44 -26.83 14.42
N SER A 659 35.75 -26.94 15.56
CA SER A 659 34.36 -26.54 15.69
C SER A 659 34.17 -25.81 17.02
N TYR A 660 33.45 -24.70 16.97
CA TYR A 660 33.20 -23.87 18.14
C TYR A 660 31.74 -23.43 18.15
N GLU A 661 31.36 -22.74 19.21
CA GLU A 661 30.01 -22.19 19.29
C GLU A 661 29.85 -21.08 18.26
N CYS A 662 28.65 -20.99 17.68
CA CYS A 662 28.39 -19.97 16.68
C CYS A 662 28.20 -18.61 17.33
N ASP A 663 28.83 -17.58 16.75
CA ASP A 663 28.64 -16.20 17.18
C ASP A 663 28.38 -15.23 16.04
N ILE A 664 28.83 -15.50 14.81
CA ILE A 664 28.43 -14.76 13.62
C ILE A 664 27.94 -15.78 12.60
N PRO A 665 26.63 -16.00 12.45
CA PRO A 665 26.17 -17.10 11.59
C PRO A 665 26.33 -16.77 10.11
N ILE A 666 27.02 -17.64 9.39
CA ILE A 666 27.14 -17.49 7.94
C ILE A 666 25.93 -18.11 7.24
N GLY A 667 25.62 -19.35 7.57
CA GLY A 667 24.53 -20.09 6.95
C GLY A 667 24.95 -21.49 6.55
N ALA A 668 23.97 -22.39 6.44
CA ALA A 668 24.23 -23.79 6.08
C ALA A 668 25.20 -24.44 7.06
N GLY A 669 25.07 -24.09 8.34
CA GLY A 669 25.88 -24.67 9.39
C GLY A 669 27.22 -24.01 9.59
N ILE A 670 27.64 -23.13 8.69
CA ILE A 670 28.94 -22.46 8.81
C ILE A 670 28.78 -21.22 9.68
N CYS A 671 29.79 -20.93 10.49
CA CYS A 671 29.84 -19.73 11.30
C CYS A 671 31.25 -19.18 11.28
N ALA A 672 31.37 -17.88 11.54
CA ALA A 672 32.64 -17.18 11.53
C ALA A 672 32.87 -16.52 12.88
N SER A 673 34.13 -16.32 13.22
CA SER A 673 34.48 -15.75 14.52
C SER A 673 35.87 -15.14 14.43
N TYR A 674 36.19 -14.31 15.42
CA TYR A 674 37.49 -13.68 15.56
C TYR A 674 38.29 -14.48 16.56
N GLN A 675 39.44 -15.00 16.12
CA GLN A 675 40.23 -15.92 16.94
C GLN A 675 41.70 -15.74 16.62
N THR A 676 42.55 -16.04 17.59
CA THR A 676 43.99 -15.93 17.43
C THR A 676 44.50 -16.86 16.33
N SER A 689 48.51 -11.82 14.65
CA SER A 689 48.17 -13.21 14.90
C SER A 689 46.66 -13.43 14.81
N GLN A 690 45.89 -12.43 15.24
CA GLN A 690 44.44 -12.53 15.19
C GLN A 690 43.95 -12.57 13.75
N SER A 691 42.90 -13.34 13.51
CA SER A 691 42.32 -13.47 12.19
C SER A 691 40.87 -13.90 12.32
N ILE A 692 40.12 -13.73 11.24
CA ILE A 692 38.71 -14.12 11.19
C ILE A 692 38.66 -15.55 10.66
N ILE A 693 38.21 -16.48 11.52
CA ILE A 693 38.13 -17.89 11.16
C ILE A 693 36.70 -18.20 10.71
N ALA A 694 36.55 -19.30 9.98
CA ALA A 694 35.26 -19.83 9.58
C ALA A 694 35.26 -21.32 9.82
N TYR A 695 34.15 -21.84 10.33
CA TYR A 695 34.11 -23.22 10.79
C TYR A 695 32.67 -23.71 10.80
N THR A 696 32.52 -25.03 10.91
CA THR A 696 31.21 -25.63 11.12
C THR A 696 30.90 -25.60 12.61
N MET A 697 29.78 -24.97 12.97
CA MET A 697 29.45 -24.76 14.36
C MET A 697 29.19 -26.09 15.07
N SER A 698 29.61 -26.15 16.33
CA SER A 698 29.33 -27.29 17.19
C SER A 698 27.98 -27.11 17.87
N LEU A 699 27.34 -28.24 18.17
CA LEU A 699 26.04 -28.26 18.83
C LEU A 699 26.15 -28.62 20.31
N GLY A 700 27.20 -28.13 20.97
CA GLY A 700 27.44 -28.42 22.36
C GLY A 700 28.38 -29.59 22.56
N ALA A 701 28.86 -29.72 23.79
CA ALA A 701 29.83 -30.77 24.11
C ALA A 701 29.18 -32.14 23.99
N GLU A 702 29.92 -33.07 23.42
CA GLU A 702 29.44 -34.45 23.30
C GLU A 702 29.32 -35.08 24.67
N ASN A 703 28.30 -35.91 24.84
CA ASN A 703 28.04 -36.59 26.11
C ASN A 703 27.44 -37.96 25.81
N SER A 704 27.75 -38.91 26.69
CA SER A 704 27.17 -40.25 26.64
C SER A 704 26.73 -40.62 28.05
N VAL A 705 25.41 -40.65 28.27
CA VAL A 705 24.88 -40.92 29.60
C VAL A 705 25.22 -42.36 29.97
N ALA A 706 25.62 -42.56 31.23
CA ALA A 706 26.01 -43.89 31.70
C ALA A 706 24.78 -44.72 32.01
N TYR A 707 23.96 -44.99 30.99
CA TYR A 707 22.72 -45.71 31.21
C TYR A 707 22.99 -47.18 31.50
N SER A 708 22.22 -47.74 32.42
CA SER A 708 22.24 -49.17 32.68
C SER A 708 20.89 -49.54 33.27
N ASN A 709 20.53 -50.82 33.18
CA ASN A 709 19.20 -51.23 33.61
C ASN A 709 19.04 -51.21 35.13
N ASN A 710 20.13 -51.04 35.90
CA ASN A 710 20.03 -51.00 37.35
C ASN A 710 20.95 -49.94 37.97
N SER A 711 21.18 -48.82 37.29
CA SER A 711 22.02 -47.74 37.78
C SER A 711 21.24 -46.44 37.76
N ILE A 712 21.31 -45.70 38.86
CA ILE A 712 20.67 -44.39 38.99
C ILE A 712 21.64 -43.43 39.64
N ALA A 713 21.60 -42.18 39.22
CA ALA A 713 22.42 -41.11 39.78
C ALA A 713 21.52 -40.17 40.57
N ILE A 714 21.80 -40.04 41.86
CA ILE A 714 21.04 -39.18 42.76
C ILE A 714 21.93 -37.98 43.09
N PRO A 715 21.42 -36.74 43.05
CA PRO A 715 22.26 -35.61 43.43
C PRO A 715 22.41 -35.51 44.94
N THR A 716 23.66 -35.33 45.39
CA THR A 716 23.96 -35.20 46.81
C THR A 716 24.01 -33.75 47.27
N ASN A 717 23.82 -32.79 46.39
CA ASN A 717 23.93 -31.38 46.73
C ASN A 717 23.17 -30.58 45.69
N PHE A 718 23.13 -29.26 45.87
CA PHE A 718 22.37 -28.39 45.00
C PHE A 718 23.00 -27.02 44.96
N THR A 719 22.60 -26.24 43.96
CA THR A 719 22.90 -24.81 43.89
C THR A 719 21.63 -24.08 43.49
N ILE A 720 21.44 -22.91 44.08
CA ILE A 720 20.29 -22.07 43.75
C ILE A 720 20.75 -20.98 42.78
N SER A 721 20.24 -21.04 41.56
CA SER A 721 20.64 -20.14 40.49
C SER A 721 19.52 -19.16 40.20
N VAL A 722 19.84 -17.87 40.26
CA VAL A 722 18.92 -16.80 39.86
C VAL A 722 19.34 -16.36 38.46
N THR A 723 18.37 -16.37 37.54
CA THR A 723 18.62 -16.03 36.15
C THR A 723 17.67 -14.91 35.73
N THR A 724 18.12 -14.10 34.78
CA THR A 724 17.41 -12.89 34.38
C THR A 724 16.73 -13.14 33.04
N GLU A 725 15.44 -12.81 32.97
CA GLU A 725 14.66 -12.88 31.74
C GLU A 725 14.08 -11.52 31.45
N ILE A 726 14.32 -11.01 30.23
CA ILE A 726 13.89 -9.68 29.81
C ILE A 726 12.82 -9.86 28.74
N LEU A 727 11.70 -9.16 28.89
CA LEU A 727 10.57 -9.25 27.99
C LEU A 727 10.05 -7.85 27.68
N PRO A 728 9.93 -7.45 26.40
CA PRO A 728 9.23 -6.20 26.12
C PRO A 728 7.77 -6.28 26.52
N VAL A 729 7.24 -5.14 26.96
CA VAL A 729 5.85 -5.04 27.41
C VAL A 729 5.10 -3.97 26.63
N SER A 730 5.81 -2.96 26.13
CA SER A 730 5.16 -1.86 25.45
C SER A 730 6.18 -1.15 24.56
N MET A 731 5.66 -0.24 23.74
CA MET A 731 6.47 0.56 22.84
C MET A 731 5.94 1.99 22.85
N THR A 732 6.69 2.89 22.21
CA THR A 732 6.36 4.31 22.28
C THR A 732 5.03 4.58 21.60
N LYS A 733 4.21 5.43 22.24
CA LYS A 733 2.89 5.76 21.73
C LYS A 733 3.00 6.92 20.75
N THR A 734 3.46 6.61 19.54
CA THR A 734 3.58 7.65 18.52
C THR A 734 2.20 8.01 17.97
N SER A 735 2.09 9.24 17.49
CA SER A 735 0.90 9.72 16.82
C SER A 735 1.31 10.76 15.78
N VAL A 736 0.58 10.78 14.67
CA VAL A 736 0.91 11.63 13.53
C VAL A 736 -0.33 12.43 13.14
N ASP A 737 -0.12 13.73 12.90
CA ASP A 737 -1.14 14.55 12.27
C ASP A 737 -1.04 14.33 10.77
N CYS A 738 -1.96 13.53 10.22
CA CYS A 738 -1.84 13.10 8.83
C CYS A 738 -1.88 14.28 7.87
N THR A 739 -2.77 15.24 8.12
CA THR A 739 -2.84 16.41 7.26
C THR A 739 -1.55 17.21 7.30
N MET A 740 -0.98 17.37 8.49
CA MET A 740 0.24 18.18 8.61
C MET A 740 1.45 17.47 8.04
N TYR A 741 1.57 16.16 8.27
CA TYR A 741 2.72 15.43 7.76
C TYR A 741 2.75 15.43 6.24
N ILE A 742 1.61 15.10 5.61
CA ILE A 742 1.55 15.08 4.16
C ILE A 742 1.78 16.48 3.60
N CYS A 743 1.14 17.49 4.18
CA CYS A 743 1.35 18.87 3.75
C CYS A 743 0.94 19.81 4.91
N GLY A 744 1.93 20.44 5.56
CA GLY A 744 1.66 21.36 6.69
C GLY A 744 1.53 22.79 6.22
N ASP A 745 0.65 23.58 6.85
CA ASP A 745 0.51 25.04 6.58
C ASP A 745 0.38 25.31 5.08
N SER A 746 -0.48 24.57 4.36
CA SER A 746 -0.72 24.77 2.91
C SER A 746 -2.14 24.32 2.57
N THR A 747 -3.15 25.18 2.64
CA THR A 747 -4.55 24.86 2.33
C THR A 747 -4.71 24.37 0.90
N GLU A 748 -3.80 24.76 0.00
CA GLU A 748 -3.89 24.31 -1.38
C GLU A 748 -3.77 22.80 -1.47
N CYS A 749 -2.84 22.22 -0.72
CA CYS A 749 -2.75 20.76 -0.65
C CYS A 749 -3.90 20.18 0.15
N SER A 750 -4.29 20.83 1.24
CA SER A 750 -5.34 20.29 2.10
C SER A 750 -6.63 20.11 1.34
N ASN A 751 -6.95 21.04 0.44
CA ASN A 751 -8.09 20.85 -0.44
C ASN A 751 -7.89 19.66 -1.36
N LEU A 752 -6.67 19.48 -1.89
CA LEU A 752 -6.40 18.34 -2.74
C LEU A 752 -6.43 17.04 -1.96
N LEU A 753 -5.95 17.05 -0.71
CA LEU A 753 -5.88 15.82 0.07
C LEU A 753 -7.27 15.30 0.41
N LEU A 754 -8.29 16.16 0.40
CA LEU A 754 -9.65 15.71 0.71
C LEU A 754 -10.17 14.73 -0.33
N GLN A 755 -9.67 14.82 -1.58
CA GLN A 755 -10.19 13.96 -2.63
C GLN A 755 -9.84 12.50 -2.41
N TYR A 756 -8.83 12.20 -1.60
CA TYR A 756 -8.49 10.82 -1.26
C TYR A 756 -9.40 10.24 -0.18
N GLY A 757 -10.30 11.04 0.39
CA GLY A 757 -11.30 10.48 1.28
C GLY A 757 -10.84 10.44 2.72
N SER A 758 -10.99 9.27 3.34
CA SER A 758 -10.82 9.11 4.78
C SER A 758 -9.54 8.38 5.16
N PHE A 759 -8.51 8.39 4.31
CA PHE A 759 -7.28 7.68 4.64
C PHE A 759 -6.65 8.22 5.91
N CYS A 760 -6.64 9.54 6.07
CA CYS A 760 -6.06 10.14 7.27
C CYS A 760 -6.80 9.70 8.52
N THR A 761 -8.13 9.62 8.45
CA THR A 761 -8.89 9.15 9.60
C THR A 761 -8.55 7.70 9.94
N GLN A 762 -8.38 6.85 8.93
CA GLN A 762 -7.99 5.47 9.18
C GLN A 762 -6.63 5.40 9.85
N LEU A 763 -5.66 6.17 9.35
CA LEU A 763 -4.32 6.13 9.93
C LEU A 763 -4.33 6.62 11.37
N ASN A 764 -5.05 7.71 11.64
CA ASN A 764 -5.14 8.21 13.01
C ASN A 764 -5.82 7.19 13.92
N ARG A 765 -6.88 6.54 13.43
CA ARG A 765 -7.58 5.55 14.23
C ARG A 765 -6.66 4.38 14.56
N ALA A 766 -5.90 3.91 13.57
CA ALA A 766 -5.00 2.78 13.81
C ALA A 766 -3.92 3.13 14.81
N LEU A 767 -3.33 4.32 14.68
CA LEU A 767 -2.28 4.72 15.62
C LEU A 767 -2.86 4.93 17.02
N THR A 768 -4.08 5.44 17.12
CA THR A 768 -4.72 5.57 18.43
C THR A 768 -4.98 4.21 19.05
N GLY A 769 -5.39 3.23 18.22
CA GLY A 769 -5.57 1.89 18.73
C GLY A 769 -4.27 1.30 19.27
N ILE A 770 -3.18 1.50 18.54
CA ILE A 770 -1.88 1.03 19.01
C ILE A 770 -1.51 1.72 20.32
N ALA A 771 -1.75 3.03 20.41
CA ALA A 771 -1.41 3.78 21.61
C ALA A 771 -2.20 3.26 22.81
N VAL A 772 -3.48 3.00 22.63
CA VAL A 772 -4.28 2.45 23.72
C VAL A 772 -3.80 1.05 24.07
N GLU A 773 -3.37 0.28 23.07
CA GLU A 773 -2.86 -1.07 23.33
C GLU A 773 -1.64 -1.04 24.22
N GLN A 774 -0.77 -0.03 24.07
CA GLN A 774 0.41 0.02 24.92
C GLN A 774 0.03 0.19 26.40
N ASP A 775 -0.89 1.11 26.69
CA ASP A 775 -1.34 1.28 28.07
C ASP A 775 -2.04 0.02 28.57
N LYS A 776 -2.81 -0.64 27.71
CA LYS A 776 -3.44 -1.89 28.10
C LYS A 776 -2.40 -2.94 28.44
N ASN A 777 -1.33 -3.03 27.66
CA ASN A 777 -0.28 -4.00 27.92
C ASN A 777 0.38 -3.73 29.26
N THR A 778 0.74 -2.48 29.53
CA THR A 778 1.39 -2.16 30.79
C THR A 778 0.47 -2.46 31.97
N GLN A 779 -0.80 -2.08 31.85
CA GLN A 779 -1.76 -2.36 32.93
C GLN A 779 -1.90 -3.86 33.15
N GLU A 780 -1.99 -4.63 32.06
CA GLU A 780 -2.17 -6.06 32.19
C GLU A 780 -0.97 -6.73 32.82
N VAL A 781 0.24 -6.28 32.48
CA VAL A 781 1.43 -6.91 33.04
C VAL A 781 1.61 -6.53 34.50
N PHE A 782 1.49 -5.24 34.84
CA PHE A 782 1.93 -4.75 36.14
C PHE A 782 0.81 -4.57 37.15
N ALA A 783 -0.43 -4.40 36.71
CA ALA A 783 -1.51 -4.02 37.63
C ALA A 783 -2.23 -5.23 38.19
N GLN A 784 -1.53 -6.35 38.35
CA GLN A 784 -2.16 -7.56 38.86
C GLN A 784 -2.39 -7.53 40.37
N VAL A 785 -1.73 -6.62 41.10
CA VAL A 785 -1.93 -6.52 42.53
C VAL A 785 -3.18 -5.69 42.80
N LYS A 786 -4.03 -6.20 43.69
CA LYS A 786 -5.21 -5.46 44.12
C LYS A 786 -4.91 -4.45 45.22
N GLN A 787 -3.74 -4.54 45.87
CA GLN A 787 -3.34 -3.61 46.91
C GLN A 787 -1.84 -3.40 46.83
N ILE A 788 -1.39 -2.25 47.36
CA ILE A 788 0.03 -1.88 47.33
C ILE A 788 0.63 -2.36 48.64
N TYR A 789 1.23 -3.55 48.59
CA TYR A 789 1.82 -4.14 49.78
C TYR A 789 3.16 -3.47 50.09
N LYS A 790 3.37 -3.15 51.37
CA LYS A 790 4.60 -2.54 51.84
C LYS A 790 5.48 -3.57 52.50
N THR A 791 6.77 -3.55 52.17
CA THR A 791 7.73 -4.40 52.86
C THR A 791 7.84 -3.94 54.32
N PRO A 792 8.03 -4.86 55.27
CA PRO A 792 8.09 -4.45 56.67
C PRO A 792 9.37 -3.67 56.96
N PRO A 793 9.40 -2.86 58.02
CA PRO A 793 10.63 -2.12 58.32
C PRO A 793 11.80 -3.00 58.72
N ILE A 794 11.54 -4.19 59.28
CA ILE A 794 12.58 -5.10 59.76
C ILE A 794 12.75 -6.20 58.73
N LYS A 795 13.98 -6.37 58.24
CA LYS A 795 14.29 -7.32 57.18
C LYS A 795 14.78 -8.65 57.76
N ASP A 796 13.93 -9.30 58.57
CA ASP A 796 14.27 -10.59 59.19
C ASP A 796 13.72 -11.73 58.35
N PHE A 797 14.28 -11.89 57.14
CA PHE A 797 13.85 -12.90 56.19
C PHE A 797 14.69 -14.18 56.26
N GLY A 798 15.21 -14.51 57.44
CA GLY A 798 15.96 -15.75 57.59
C GLY A 798 17.25 -15.80 56.81
N GLY A 799 17.98 -14.69 56.74
CA GLY A 799 19.26 -14.64 56.06
C GLY A 799 19.19 -14.17 54.61
N PHE A 800 18.02 -14.23 53.98
CA PHE A 800 17.89 -13.74 52.62
C PHE A 800 17.98 -12.22 52.61
N ASN A 801 18.69 -11.69 51.61
CA ASN A 801 18.97 -10.26 51.49
C ASN A 801 18.37 -9.78 50.18
N PHE A 802 17.26 -9.05 50.27
CA PHE A 802 16.60 -8.46 49.12
C PHE A 802 16.88 -6.97 48.95
N SER A 803 18.01 -6.49 49.47
CA SER A 803 18.29 -5.05 49.40
C SER A 803 18.43 -4.57 47.96
N GLN A 804 19.01 -5.40 47.09
CA GLN A 804 19.20 -4.98 45.71
C GLN A 804 17.88 -4.85 44.96
N ILE A 805 16.92 -5.73 45.24
CA ILE A 805 15.68 -5.79 44.45
C ILE A 805 14.59 -4.94 45.10
N LEU A 806 14.67 -4.73 46.41
CA LEU A 806 13.67 -3.92 47.09
C LEU A 806 13.89 -2.45 46.78
N PRO A 807 12.89 -1.60 47.01
CA PRO A 807 13.04 -0.17 46.70
C PRO A 807 14.15 0.48 47.50
N ASP A 808 14.80 1.45 46.87
CA ASP A 808 15.83 2.26 47.52
C ASP A 808 15.16 3.49 48.13
N PRO A 809 15.07 3.63 49.46
CA PRO A 809 14.36 4.79 50.03
C PRO A 809 14.98 6.13 49.67
N SER A 810 16.30 6.21 49.52
CA SER A 810 16.96 7.50 49.37
C SER A 810 16.74 8.13 48.00
N LYS A 811 16.36 7.37 46.99
CA LYS A 811 16.26 7.91 45.65
C LYS A 811 15.06 8.84 45.53
N PRO A 812 15.07 9.76 44.56
CA PRO A 812 13.84 10.54 44.32
C PRO A 812 12.72 9.71 43.75
N SER A 813 13.01 8.91 42.72
CA SER A 813 12.11 7.88 42.22
C SER A 813 12.47 6.59 42.94
N LYS A 814 11.48 5.95 43.55
CA LYS A 814 11.72 4.81 44.43
C LYS A 814 11.98 3.51 43.68
N ARG A 815 12.97 3.50 42.79
CA ARG A 815 13.37 2.27 42.12
C ARG A 815 14.37 1.51 42.97
N SER A 816 14.48 0.22 42.71
CA SER A 816 15.46 -0.62 43.39
C SER A 816 16.84 -0.36 42.76
N PHE A 817 17.87 -0.97 43.36
CA PHE A 817 19.21 -0.85 42.80
C PHE A 817 19.29 -1.48 41.41
N ILE A 818 18.79 -2.72 41.28
CA ILE A 818 18.83 -3.40 40.00
C ILE A 818 17.92 -2.69 39.00
N GLU A 819 16.79 -2.16 39.47
CA GLU A 819 15.95 -1.37 38.59
C GLU A 819 16.67 -0.13 38.08
N ASP A 820 17.44 0.52 38.96
CA ASP A 820 18.25 1.65 38.53
C ASP A 820 19.29 1.25 37.50
N LEU A 821 19.93 0.10 37.69
CA LEU A 821 20.87 -0.38 36.69
C LEU A 821 20.18 -0.63 35.35
N LEU A 822 18.98 -1.22 35.40
CA LEU A 822 18.24 -1.49 34.17
C LEU A 822 17.89 -0.19 33.46
N PHE A 823 17.44 0.82 34.20
CA PHE A 823 16.97 2.04 33.56
C PHE A 823 18.12 2.82 32.93
N ASN A 824 19.34 2.70 33.46
CA ASN A 824 20.47 3.45 32.92
C ASN A 824 20.99 2.85 31.63
N LYS A 825 20.85 1.53 31.44
CA LYS A 825 21.53 0.85 30.34
C LYS A 825 20.74 0.84 29.04
N VAL A 826 19.46 1.21 29.06
CA VAL A 826 18.67 1.23 27.84
C VAL A 826 18.87 2.58 27.14
N ASN A 856 7.37 19.05 12.74
CA ASN A 856 7.55 17.64 12.46
C ASN A 856 6.28 17.04 11.88
N GLY A 857 5.15 17.36 12.49
CA GLY A 857 3.87 16.77 12.16
C GLY A 857 3.52 15.52 12.94
N LEU A 858 4.41 15.06 13.82
CA LEU A 858 4.19 13.83 14.58
C LEU A 858 4.59 14.08 16.04
N THR A 859 3.92 13.37 16.94
CA THR A 859 4.08 13.57 18.37
C THR A 859 4.17 12.21 19.06
N VAL A 860 4.71 12.23 20.27
CA VAL A 860 4.86 11.04 21.11
C VAL A 860 4.07 11.28 22.38
N LEU A 861 3.02 10.49 22.58
CA LEU A 861 2.20 10.64 23.77
C LEU A 861 2.88 9.98 24.96
N PRO A 862 2.65 10.46 26.19
CA PRO A 862 3.31 9.86 27.34
C PRO A 862 2.58 8.60 27.79
N PRO A 863 3.27 7.68 28.47
CA PRO A 863 2.56 6.51 28.99
C PRO A 863 1.54 6.90 30.06
N LEU A 864 0.48 6.11 30.15
CA LEU A 864 -0.51 6.34 31.20
C LEU A 864 0.10 6.15 32.58
N LEU A 865 0.90 5.11 32.76
CA LEU A 865 1.56 4.83 34.03
C LEU A 865 3.00 5.33 33.96
N THR A 866 3.33 6.27 34.84
CA THR A 866 4.70 6.76 34.90
C THR A 866 5.61 5.68 35.44
N ASP A 867 6.92 5.89 35.27
CA ASP A 867 7.89 4.92 35.79
C ASP A 867 7.81 4.81 37.30
N GLU A 868 7.42 5.88 37.99
CA GLU A 868 7.22 5.81 39.44
C GLU A 868 6.09 4.85 39.77
N MET A 869 5.01 4.90 39.00
CA MET A 869 3.87 4.02 39.29
C MET A 869 4.19 2.57 38.98
N ILE A 870 4.93 2.31 37.90
CA ILE A 870 5.34 0.94 37.59
C ILE A 870 6.29 0.44 38.67
N ALA A 871 7.18 1.30 39.16
CA ALA A 871 8.06 0.92 40.27
C ALA A 871 7.24 0.61 41.52
N GLN A 872 6.20 1.38 41.77
CA GLN A 872 5.33 1.10 42.91
C GLN A 872 4.65 -0.26 42.77
N TYR A 873 4.17 -0.57 41.57
CA TYR A 873 3.55 -1.87 41.34
C TYR A 873 4.55 -3.00 41.55
N THR A 874 5.77 -2.83 41.03
CA THR A 874 6.80 -3.84 41.21
C THR A 874 7.15 -4.02 42.69
N SER A 875 7.24 -2.92 43.43
CA SER A 875 7.52 -3.01 44.86
C SER A 875 6.39 -3.71 45.59
N ALA A 876 5.14 -3.45 45.20
CA ALA A 876 4.02 -4.13 45.81
C ALA A 876 4.08 -5.63 45.55
N LEU A 877 4.40 -6.02 44.31
CA LEU A 877 4.54 -7.44 44.00
C LEU A 877 5.66 -8.07 44.80
N LEU A 878 6.79 -7.37 44.92
CA LEU A 878 7.92 -7.91 45.69
C LEU A 878 7.54 -8.08 47.16
N ALA A 879 6.88 -7.08 47.74
CA ALA A 879 6.48 -7.18 49.14
C ALA A 879 5.49 -8.31 49.37
N GLY A 880 4.52 -8.45 48.46
CA GLY A 880 3.56 -9.53 48.59
C GLY A 880 4.22 -10.90 48.48
N THR A 881 5.15 -11.04 47.53
CA THR A 881 5.84 -12.32 47.37
C THR A 881 6.71 -12.63 48.58
N ILE A 882 7.42 -11.63 49.09
CA ILE A 882 8.36 -11.88 50.18
C ILE A 882 7.62 -12.18 51.47
N THR A 883 6.60 -11.39 51.80
CA THR A 883 5.91 -11.50 53.08
C THR A 883 4.82 -12.56 53.08
N SER A 884 4.17 -12.80 51.94
CA SER A 884 3.02 -13.70 51.87
C SER A 884 3.13 -14.71 50.75
N GLY A 885 4.06 -14.55 49.82
CA GLY A 885 4.24 -15.55 48.78
C GLY A 885 3.08 -15.63 47.82
N TRP A 886 2.67 -16.87 47.54
CA TRP A 886 1.66 -17.21 46.54
C TRP A 886 0.26 -16.73 46.93
N THR A 887 0.06 -16.36 48.20
CA THR A 887 -1.29 -16.21 48.74
C THR A 887 -1.96 -14.93 48.26
N PHE A 888 -1.24 -13.81 48.19
CA PHE A 888 -1.87 -12.57 47.79
C PHE A 888 -2.39 -12.61 46.36
N GLY A 889 -1.87 -13.51 45.52
CA GLY A 889 -2.45 -13.72 44.21
C GLY A 889 -3.81 -14.39 44.31
N ALA A 890 -3.95 -15.34 45.23
CA ALA A 890 -5.21 -16.05 45.36
C ALA A 890 -6.26 -15.22 46.08
N GLY A 891 -5.85 -14.41 47.05
CA GLY A 891 -6.80 -13.61 47.80
C GLY A 891 -6.10 -12.62 48.71
N ALA A 892 -6.58 -12.48 49.94
CA ALA A 892 -5.93 -11.61 50.90
C ALA A 892 -4.56 -12.16 51.25
N ALA A 893 -3.57 -11.27 51.34
CA ALA A 893 -2.21 -11.68 51.63
C ALA A 893 -2.13 -12.25 53.04
N LEU A 894 -1.63 -13.47 53.15
CA LEU A 894 -1.45 -14.14 54.43
C LEU A 894 0.04 -14.20 54.74
N GLN A 895 0.45 -13.55 55.82
CA GLN A 895 1.86 -13.51 56.17
C GLN A 895 2.36 -14.90 56.55
N ILE A 896 3.64 -15.13 56.33
CA ILE A 896 4.29 -16.38 56.67
C ILE A 896 5.78 -16.10 56.77
N PRO A 897 6.54 -16.73 57.66
CA PRO A 897 7.99 -16.52 57.65
C PRO A 897 8.60 -16.98 56.34
N PHE A 898 9.59 -16.23 55.86
CA PHE A 898 10.15 -16.52 54.55
C PHE A 898 10.83 -17.89 54.52
N ALA A 899 11.40 -18.32 55.65
CA ALA A 899 11.99 -19.63 55.71
C ALA A 899 10.96 -20.72 55.44
N MET A 900 9.78 -20.60 56.05
CA MET A 900 8.74 -21.59 55.82
C MET A 900 8.19 -21.51 54.40
N GLN A 901 8.11 -20.31 53.84
CA GLN A 901 7.67 -20.18 52.45
C GLN A 901 8.62 -20.89 51.50
N MET A 902 9.91 -20.61 51.62
CA MET A 902 10.87 -21.28 50.76
C MET A 902 10.93 -22.77 51.07
N ALA A 903 10.62 -23.15 52.31
CA ALA A 903 10.53 -24.57 52.64
C ALA A 903 9.43 -25.26 51.87
N TYR A 904 8.24 -24.64 51.78
CA TYR A 904 7.19 -25.31 51.03
C TYR A 904 7.54 -25.33 49.56
N ARG A 905 8.12 -24.23 49.07
CA ARG A 905 8.53 -24.18 47.66
C ARG A 905 9.55 -25.27 47.34
N PHE A 906 10.41 -25.59 48.30
CA PHE A 906 11.21 -26.81 48.19
C PHE A 906 10.32 -28.03 48.17
N ASN A 907 9.30 -28.07 49.03
CA ASN A 907 8.36 -29.19 49.03
C ASN A 907 7.55 -29.24 47.74
N GLY A 908 7.40 -28.10 47.06
CA GLY A 908 6.71 -28.10 45.79
C GLY A 908 7.47 -28.77 44.66
N ILE A 909 8.80 -28.82 44.76
CA ILE A 909 9.64 -29.41 43.73
C ILE A 909 10.10 -30.83 44.12
N GLY A 910 9.42 -31.46 45.07
CA GLY A 910 9.77 -32.81 45.45
C GLY A 910 10.95 -32.95 46.38
N VAL A 911 11.34 -31.87 47.06
CA VAL A 911 12.44 -31.86 48.01
C VAL A 911 11.85 -31.52 49.38
N THR A 912 12.06 -32.40 50.35
CA THR A 912 11.39 -32.26 51.64
C THR A 912 11.85 -31.01 52.37
N GLN A 913 11.05 -30.61 53.37
CA GLN A 913 11.32 -29.37 54.10
C GLN A 913 12.63 -29.45 54.87
N ASN A 914 12.92 -30.61 55.45
CA ASN A 914 14.13 -30.76 56.25
C ASN A 914 15.38 -30.56 55.42
N VAL A 915 15.31 -30.79 54.11
CA VAL A 915 16.45 -30.50 53.24
C VAL A 915 16.77 -29.02 53.26
N LEU A 916 15.77 -28.15 53.39
CA LEU A 916 16.02 -26.72 53.49
C LEU A 916 16.40 -26.31 54.91
N TYR A 917 15.60 -26.74 55.89
CA TYR A 917 15.82 -26.26 57.26
C TYR A 917 17.19 -26.69 57.79
N GLU A 918 17.64 -27.89 57.42
CA GLU A 918 18.92 -28.37 57.90
C GLU A 918 20.10 -27.61 57.31
N ASN A 919 19.93 -26.95 56.16
CA ASN A 919 20.99 -26.16 55.55
C ASN A 919 20.45 -24.83 55.05
N GLN A 920 19.70 -24.13 55.91
CA GLN A 920 19.13 -22.84 55.52
C GLN A 920 20.21 -21.82 55.23
N LYS A 921 21.29 -21.81 56.02
CA LYS A 921 22.33 -20.80 55.86
C LYS A 921 23.00 -20.91 54.50
N LEU A 922 23.29 -22.13 54.06
CA LEU A 922 23.91 -22.32 52.75
C LEU A 922 22.99 -21.83 51.64
N ILE A 923 21.68 -22.11 51.77
CA ILE A 923 20.72 -21.67 50.77
C ILE A 923 20.67 -20.15 50.71
N ALA A 924 20.64 -19.49 51.87
CA ALA A 924 20.62 -18.04 51.91
C ALA A 924 21.88 -17.45 51.30
N ASN A 925 23.04 -18.03 51.63
CA ASN A 925 24.29 -17.55 51.06
C ASN A 925 24.32 -17.71 49.55
N GLN A 926 23.83 -18.84 49.05
CA GLN A 926 23.80 -19.06 47.61
C GLN A 926 22.89 -18.05 46.92
N PHE A 927 21.72 -17.79 47.51
CA PHE A 927 20.81 -16.81 46.92
C PHE A 927 21.44 -15.42 46.90
N ASN A 928 22.07 -15.03 48.01
CA ASN A 928 22.70 -13.72 48.07
C ASN A 928 23.83 -13.60 47.05
N SER A 929 24.63 -14.66 46.92
CA SER A 929 25.71 -14.64 45.95
C SER A 929 25.17 -14.55 44.52
N ALA A 930 24.08 -15.26 44.24
CA ALA A 930 23.49 -15.19 42.91
C ALA A 930 22.96 -13.79 42.60
N ILE A 931 22.31 -13.16 43.59
CA ILE A 931 21.81 -11.80 43.38
C ILE A 931 22.98 -10.84 43.16
N GLY A 932 24.04 -11.01 43.93
CA GLY A 932 25.22 -10.17 43.72
C GLY A 932 25.85 -10.38 42.36
N LYS A 933 25.85 -11.63 41.88
CA LYS A 933 26.37 -11.91 40.55
C LYS A 933 25.52 -11.26 39.48
N ILE A 934 24.20 -11.28 39.65
CA ILE A 934 23.33 -10.59 38.71
C ILE A 934 23.65 -9.10 38.70
N GLN A 935 23.81 -8.51 39.90
CA GLN A 935 24.10 -7.09 39.99
C GLN A 935 25.41 -6.76 39.28
N ASP A 936 26.45 -7.57 39.52
CA ASP A 936 27.75 -7.31 38.92
C ASP A 936 27.71 -7.48 37.40
N SER A 937 27.06 -8.55 36.93
CA SER A 937 26.98 -8.78 35.49
C SER A 937 26.20 -7.67 34.80
N LEU A 938 25.11 -7.22 35.42
CA LEU A 938 24.30 -6.19 34.82
C LEU A 938 25.02 -4.84 34.82
N SER A 939 25.73 -4.52 35.91
CA SER A 939 26.48 -3.28 35.97
C SER A 939 27.65 -3.24 35.00
N SER A 940 28.08 -4.39 34.49
CA SER A 940 29.23 -4.44 33.60
C SER A 940 28.82 -3.98 32.21
N THR A 941 29.74 -4.17 31.26
CA THR A 941 29.52 -3.75 29.87
C THR A 941 28.64 -4.74 29.09
N ALA A 942 28.14 -5.79 29.73
CA ALA A 942 27.34 -6.79 29.04
C ALA A 942 26.07 -6.16 28.46
N SER A 943 25.67 -6.67 27.29
CA SER A 943 24.51 -6.17 26.55
C SER A 943 23.27 -7.02 26.76
N ALA A 944 23.03 -7.52 27.98
CA ALA A 944 21.93 -8.43 28.23
C ALA A 944 20.57 -7.80 27.93
N LEU A 945 20.47 -6.47 27.94
CA LEU A 945 19.21 -5.77 27.71
C LEU A 945 18.95 -5.50 26.23
N GLY A 946 19.52 -6.32 25.33
CA GLY A 946 19.37 -6.07 23.92
C GLY A 946 17.94 -6.17 23.43
N LYS A 947 17.10 -6.91 24.15
CA LYS A 947 15.73 -7.11 23.68
C LYS A 947 14.91 -5.83 23.75
N LEU A 948 15.07 -5.05 24.82
CA LEU A 948 14.36 -3.77 24.92
C LEU A 948 15.01 -2.71 24.04
N GLN A 949 16.33 -2.74 23.95
CA GLN A 949 17.03 -1.82 23.06
C GLN A 949 16.64 -2.06 21.61
N ASP A 950 16.29 -3.30 21.25
CA ASP A 950 15.79 -3.56 19.91
C ASP A 950 14.47 -2.87 19.67
N VAL A 951 13.57 -2.87 20.66
CA VAL A 951 12.31 -2.17 20.51
C VAL A 951 12.54 -0.68 20.34
N VAL A 952 13.41 -0.11 21.18
CA VAL A 952 13.70 1.32 21.09
C VAL A 952 14.31 1.67 19.74
N ASN A 953 15.27 0.85 19.29
CA ASN A 953 15.93 1.10 18.03
C ASN A 953 14.96 0.97 16.85
N GLN A 954 14.06 -0.03 16.90
CA GLN A 954 13.10 -0.18 15.82
C GLN A 954 12.15 1.00 15.75
N ASN A 955 11.67 1.48 16.89
CA ASN A 955 10.80 2.65 16.89
C ASN A 955 11.53 3.86 16.34
N ALA A 956 12.77 4.09 16.78
CA ALA A 956 13.53 5.23 16.30
C ALA A 956 13.80 5.13 14.81
N GLN A 957 14.14 3.92 14.34
CA GLN A 957 14.41 3.73 12.91
C GLN A 957 13.17 3.98 12.09
N ALA A 958 12.01 3.49 12.54
CA ALA A 958 10.78 3.71 11.81
C ALA A 958 10.45 5.20 11.73
N LEU A 959 10.59 5.91 12.85
CA LEU A 959 10.29 7.34 12.84
C LEU A 959 11.26 8.10 11.95
N ASN A 960 12.55 7.74 11.99
CA ASN A 960 13.53 8.42 11.15
C ASN A 960 13.26 8.16 9.67
N THR A 961 12.91 6.92 9.32
CA THR A 961 12.59 6.62 7.93
C THR A 961 11.34 7.37 7.49
N LEU A 962 10.35 7.48 8.38
CA LEU A 962 9.16 8.26 8.04
C LEU A 962 9.51 9.72 7.79
N VAL A 963 10.38 10.28 8.63
CA VAL A 963 10.74 11.69 8.47
C VAL A 963 11.59 11.89 7.22
N LYS A 964 12.51 10.95 6.94
CA LYS A 964 13.38 11.10 5.77
C LYS A 964 12.60 11.06 4.47
N GLN A 965 11.44 10.39 4.45
CA GLN A 965 10.65 10.32 3.23
C GLN A 965 10.11 11.68 2.79
N LEU A 966 10.05 12.66 3.70
CA LEU A 966 9.64 14.00 3.30
C LEU A 966 10.64 14.63 2.34
N SER A 967 11.91 14.26 2.43
CA SER A 967 12.93 14.79 1.53
C SER A 967 12.81 14.23 0.12
N SER A 968 12.17 13.08 -0.06
CA SER A 968 12.01 12.51 -1.38
C SER A 968 10.97 13.28 -2.16
N ASN A 969 11.29 13.61 -3.42
CA ASN A 969 10.40 14.39 -4.26
C ASN A 969 9.37 13.54 -5.00
N PHE A 970 9.59 12.23 -5.13
CA PHE A 970 8.64 11.33 -5.77
C PHE A 970 8.31 11.75 -7.20
N GLY A 971 9.29 12.29 -7.92
CA GLY A 971 9.07 12.76 -9.26
C GLY A 971 8.62 14.20 -9.38
N ALA A 972 8.31 14.85 -8.27
CA ALA A 972 7.95 16.26 -8.32
C ALA A 972 9.19 17.11 -8.59
N ILE A 973 8.95 18.36 -9.01
CA ILE A 973 10.06 19.25 -9.30
C ILE A 973 10.90 19.54 -8.06
N SER A 974 10.29 19.51 -6.88
CA SER A 974 11.00 19.77 -5.64
C SER A 974 10.29 19.05 -4.51
N SER A 975 11.06 18.68 -3.48
CA SER A 975 10.50 18.00 -2.32
C SER A 975 9.86 18.94 -1.31
N VAL A 976 9.95 20.25 -1.51
CA VAL A 976 9.42 21.24 -0.59
C VAL A 976 8.13 21.81 -1.20
N LEU A 977 7.04 21.74 -0.43
CA LEU A 977 5.77 22.23 -0.92
C LEU A 977 5.79 23.73 -1.12
N ASN A 978 6.51 24.46 -0.25
CA ASN A 978 6.58 25.90 -0.40
C ASN A 978 7.22 26.30 -1.72
N ASP A 979 8.24 25.55 -2.15
CA ASP A 979 8.85 25.84 -3.45
C ASP A 979 7.85 25.68 -4.58
N ILE A 980 7.08 24.60 -4.57
CA ILE A 980 6.09 24.38 -5.62
C ILE A 980 5.03 25.47 -5.60
N LEU A 981 4.53 25.81 -4.40
CA LEU A 981 3.48 26.80 -4.30
C LEU A 981 3.97 28.21 -4.62
N SER A 982 5.26 28.48 -4.47
CA SER A 982 5.80 29.79 -4.79
C SER A 982 6.17 29.90 -6.26
N ARG A 983 6.61 28.80 -6.88
CA ARG A 983 7.13 28.86 -8.23
C ARG A 983 6.04 28.73 -9.29
N LEU A 984 5.00 27.94 -9.03
CA LEU A 984 4.05 27.52 -10.05
C LEU A 984 2.65 28.04 -9.74
N ASP A 985 1.88 28.25 -10.81
CA ASP A 985 0.48 28.62 -10.67
C ASP A 985 -0.32 27.42 -10.19
N PRO A 986 -1.55 27.61 -9.71
CA PRO A 986 -2.35 26.50 -9.17
C PRO A 986 -2.51 25.35 -10.16
N PRO A 987 -2.94 25.58 -11.41
CA PRO A 987 -3.10 24.43 -12.31
C PRO A 987 -1.80 23.69 -12.61
N GLU A 988 -0.68 24.42 -12.71
CA GLU A 988 0.60 23.76 -12.90
C GLU A 988 1.13 23.16 -11.61
N ALA A 989 0.83 23.80 -10.47
CA ALA A 989 1.33 23.31 -9.19
C ALA A 989 0.63 22.02 -8.79
N GLU A 990 -0.63 21.86 -9.20
CA GLU A 990 -1.45 20.76 -8.69
C GLU A 990 -0.86 19.40 -9.03
N VAL A 991 -0.37 19.23 -10.26
CA VAL A 991 0.15 17.93 -10.68
C VAL A 991 1.37 17.53 -9.87
N GLN A 992 2.20 18.50 -9.44
CA GLN A 992 3.33 18.17 -8.58
C GLN A 992 2.86 17.86 -7.17
N ILE A 993 1.89 18.64 -6.68
CA ILE A 993 1.36 18.42 -5.34
C ILE A 993 0.69 17.06 -5.25
N ASP A 994 0.04 16.62 -6.34
CA ASP A 994 -0.56 15.29 -6.33
C ASP A 994 0.50 14.20 -6.21
N ARG A 995 1.62 14.33 -6.92
CA ARG A 995 2.69 13.35 -6.80
C ARG A 995 3.24 13.33 -5.38
N LEU A 996 3.46 14.50 -4.79
CA LEU A 996 3.96 14.53 -3.41
C LEU A 996 2.95 13.94 -2.45
N ILE A 997 1.65 14.20 -2.66
CA ILE A 997 0.62 13.65 -1.79
C ILE A 997 0.62 12.13 -1.87
N THR A 998 0.69 11.59 -3.09
CA THR A 998 0.68 10.14 -3.24
C THR A 998 1.90 9.52 -2.56
N GLY A 999 3.08 10.11 -2.77
CA GLY A 999 4.28 9.56 -2.16
C GLY A 999 4.24 9.61 -0.64
N ARG A 1000 3.85 10.75 -0.07
CA ARG A 1000 3.84 10.87 1.38
C ARG A 1000 2.74 10.01 2.00
N LEU A 1001 1.59 9.90 1.33
CA LEU A 1001 0.54 9.03 1.82
C LEU A 1001 0.97 7.58 1.80
N GLN A 1002 1.66 7.16 0.74
CA GLN A 1002 2.16 5.79 0.69
C GLN A 1002 3.18 5.54 1.81
N SER A 1003 4.06 6.51 2.04
CA SER A 1003 5.04 6.37 3.12
C SER A 1003 4.35 6.25 4.47
N LEU A 1004 3.34 7.08 4.71
CA LEU A 1004 2.65 7.05 6.00
C LEU A 1004 1.86 5.76 6.17
N GLN A 1005 1.23 5.27 5.11
CA GLN A 1005 0.53 3.98 5.19
C GLN A 1005 1.51 2.85 5.48
N THR A 1006 2.67 2.87 4.84
CA THR A 1006 3.68 1.85 5.12
C THR A 1006 4.12 1.91 6.57
N TYR A 1007 4.33 3.12 7.09
CA TYR A 1007 4.72 3.27 8.48
C TYR A 1007 3.65 2.72 9.41
N VAL A 1008 2.39 3.04 9.14
CA VAL A 1008 1.31 2.59 10.02
C VAL A 1008 1.18 1.07 9.98
N THR A 1009 1.35 0.48 8.80
CA THR A 1009 1.29 -0.98 8.71
C THR A 1009 2.42 -1.63 9.49
N GLN A 1010 3.64 -1.08 9.37
CA GLN A 1010 4.76 -1.60 10.15
C GLN A 1010 4.49 -1.46 11.64
N GLN A 1011 3.93 -0.33 12.06
CA GLN A 1011 3.62 -0.15 13.47
C GLN A 1011 2.55 -1.13 13.92
N LEU A 1012 1.59 -1.46 13.06
CA LEU A 1012 0.59 -2.45 13.44
C LEU A 1012 1.22 -3.82 13.64
N ILE A 1013 2.12 -4.22 12.74
CA ILE A 1013 2.80 -5.51 12.90
C ILE A 1013 3.64 -5.51 14.17
N ARG A 1014 4.39 -4.44 14.42
CA ARG A 1014 5.20 -4.35 15.63
C ARG A 1014 4.32 -4.35 16.87
N ALA A 1015 3.16 -3.71 16.81
CA ALA A 1015 2.24 -3.70 17.94
C ALA A 1015 1.70 -5.09 18.22
N ALA A 1016 1.43 -5.86 17.16
CA ALA A 1016 1.01 -7.24 17.37
C ALA A 1016 2.11 -8.06 18.03
N GLU A 1017 3.35 -7.88 17.58
CA GLU A 1017 4.47 -8.59 18.20
C GLU A 1017 4.63 -8.20 19.67
N ILE A 1018 4.54 -6.90 19.96
CA ILE A 1018 4.68 -6.43 21.34
C ILE A 1018 3.51 -6.90 22.18
N ARG A 1019 2.33 -7.01 21.59
CA ARG A 1019 1.18 -7.52 22.32
C ARG A 1019 1.39 -8.97 22.71
N ALA A 1020 1.93 -9.76 21.78
CA ALA A 1020 2.25 -11.16 22.11
C ALA A 1020 3.28 -11.21 23.23
N SER A 1021 4.31 -10.38 23.16
CA SER A 1021 5.34 -10.36 24.20
C SER A 1021 4.74 -9.91 25.54
N ALA A 1022 3.82 -8.95 25.51
CA ALA A 1022 3.23 -8.46 26.75
C ALA A 1022 2.29 -9.50 27.36
N ASN A 1023 1.56 -10.24 26.53
CA ASN A 1023 0.75 -11.33 27.05
C ASN A 1023 1.63 -12.40 27.67
N LEU A 1024 2.76 -12.71 27.04
CA LEU A 1024 3.69 -13.67 27.61
C LEU A 1024 4.24 -13.16 28.93
N ALA A 1025 4.56 -11.87 29.01
CA ALA A 1025 5.10 -11.31 30.25
C ALA A 1025 4.05 -11.31 31.35
N ALA A 1026 2.80 -11.02 31.01
CA ALA A 1026 1.73 -11.06 31.99
C ALA A 1026 1.54 -12.48 32.50
N THR A 1027 1.59 -13.46 31.61
CA THR A 1027 1.50 -14.86 32.04
C THR A 1027 2.66 -15.23 32.94
N LYS A 1028 3.87 -14.79 32.59
CA LYS A 1028 5.04 -15.09 33.42
C LYS A 1028 4.90 -14.48 34.80
N MET A 1029 4.46 -13.22 34.88
CA MET A 1029 4.18 -12.62 36.18
C MET A 1029 3.17 -13.45 36.94
N SER A 1030 2.04 -13.74 36.31
CA SER A 1030 0.92 -14.38 36.98
C SER A 1030 1.29 -15.76 37.51
N GLU A 1031 2.12 -16.49 36.78
CA GLU A 1031 2.44 -17.88 37.13
C GLU A 1031 3.72 -18.03 37.92
N CYS A 1032 4.77 -17.27 37.62
CA CYS A 1032 6.04 -17.38 38.33
C CYS A 1032 6.11 -16.49 39.56
N VAL A 1033 5.63 -15.26 39.48
CA VAL A 1033 5.74 -14.34 40.61
C VAL A 1033 4.63 -14.63 41.60
N LEU A 1034 3.39 -14.63 41.12
CA LEU A 1034 2.24 -14.83 42.00
C LEU A 1034 2.07 -16.29 42.43
N GLY A 1035 2.85 -17.21 41.91
CA GLY A 1035 2.75 -18.61 42.29
C GLY A 1035 4.04 -19.35 42.00
N GLN A 1036 3.95 -20.68 41.96
CA GLN A 1036 5.06 -21.54 41.60
C GLN A 1036 4.59 -22.46 40.49
N SER A 1037 5.36 -22.51 39.40
CA SER A 1037 4.95 -23.18 38.18
C SER A 1037 5.72 -24.47 37.98
N LYS A 1038 5.00 -25.55 37.68
CA LYS A 1038 5.62 -26.82 37.32
C LYS A 1038 6.07 -26.86 35.86
N ARG A 1039 5.73 -25.84 35.06
CA ARG A 1039 6.04 -25.83 33.64
C ARG A 1039 7.54 -25.77 33.45
N VAL A 1040 8.11 -26.75 32.75
CA VAL A 1040 9.56 -26.85 32.63
C VAL A 1040 10.08 -25.73 31.75
N ASP A 1041 11.11 -25.04 32.22
CA ASP A 1041 11.79 -23.96 31.52
C ASP A 1041 10.88 -22.77 31.21
N PHE A 1042 9.70 -22.69 31.84
CA PHE A 1042 8.89 -21.50 31.70
C PHE A 1042 9.42 -20.37 32.55
N CYS A 1043 9.55 -20.61 33.86
CA CYS A 1043 10.14 -19.65 34.79
C CYS A 1043 11.61 -19.98 35.03
N GLY A 1044 12.41 -19.93 33.98
CA GLY A 1044 13.84 -20.15 34.09
C GLY A 1044 14.20 -21.63 34.11
N LYS A 1045 15.46 -21.89 33.78
CA LYS A 1045 15.97 -23.27 33.77
C LYS A 1045 16.05 -23.83 35.18
N GLY A 1046 15.91 -25.14 35.29
CA GLY A 1046 15.89 -25.81 36.56
C GLY A 1046 14.49 -25.83 37.18
N TYR A 1047 14.40 -26.44 38.34
CA TYR A 1047 13.14 -26.48 39.08
C TYR A 1047 12.87 -25.11 39.65
N HIS A 1048 11.65 -24.61 39.43
CA HIS A 1048 11.32 -23.25 39.80
C HIS A 1048 10.97 -23.16 41.28
N LEU A 1049 11.59 -22.21 41.98
CA LEU A 1049 11.26 -21.89 43.36
C LEU A 1049 10.38 -20.66 43.45
N MET A 1050 10.86 -19.53 42.92
CA MET A 1050 10.06 -18.30 42.89
C MET A 1050 10.77 -17.31 41.98
N SER A 1051 10.06 -16.23 41.66
CA SER A 1051 10.56 -15.21 40.75
C SER A 1051 10.29 -13.83 41.34
N PHE A 1052 11.12 -12.85 40.94
CA PHE A 1052 11.03 -11.48 41.38
C PHE A 1052 10.91 -10.56 40.18
N PRO A 1053 9.88 -9.72 40.06
CA PRO A 1053 9.82 -8.80 38.91
C PRO A 1053 10.62 -7.55 39.15
N GLN A 1054 11.18 -7.02 38.06
CA GLN A 1054 11.92 -5.77 38.09
C GLN A 1054 11.51 -4.93 36.89
N SER A 1055 11.13 -3.69 37.15
CA SER A 1055 10.74 -2.79 36.08
C SER A 1055 11.94 -2.45 35.20
N ALA A 1056 11.67 -2.19 33.93
CA ALA A 1056 12.68 -1.76 32.99
C ALA A 1056 12.01 -0.87 31.96
N PRO A 1057 12.79 -0.06 31.23
CA PRO A 1057 12.18 0.79 30.19
C PRO A 1057 11.52 -0.03 29.11
N HIS A 1058 10.23 0.22 28.88
CA HIS A 1058 9.44 -0.44 27.85
C HIS A 1058 9.37 -1.95 28.03
N GLY A 1059 9.50 -2.44 29.24
CA GLY A 1059 9.48 -3.86 29.47
C GLY A 1059 9.54 -4.22 30.93
N VAL A 1060 9.71 -5.51 31.19
CA VAL A 1060 9.80 -6.04 32.55
C VAL A 1060 10.91 -7.08 32.58
N VAL A 1061 11.56 -7.19 33.74
CA VAL A 1061 12.66 -8.12 33.95
C VAL A 1061 12.31 -9.02 35.12
N PHE A 1062 12.42 -10.33 34.90
CA PHE A 1062 12.14 -11.34 35.91
C PHE A 1062 13.46 -11.95 36.38
N LEU A 1063 13.59 -12.13 37.69
CA LEU A 1063 14.72 -12.83 38.28
C LEU A 1063 14.22 -14.18 38.77
N HIS A 1064 14.39 -15.22 37.94
CA HIS A 1064 13.86 -16.53 38.24
C HIS A 1064 14.81 -17.28 39.17
N VAL A 1065 14.41 -17.43 40.43
CA VAL A 1065 15.15 -18.25 41.39
C VAL A 1065 14.73 -19.70 41.18
N THR A 1066 15.71 -20.56 40.86
CA THR A 1066 15.45 -21.94 40.51
C THR A 1066 16.42 -22.86 41.24
N TYR A 1067 15.94 -24.06 41.53
CA TYR A 1067 16.73 -25.10 42.16
C TYR A 1067 17.25 -26.06 41.10
N VAL A 1068 18.57 -26.17 41.00
CA VAL A 1068 19.22 -27.09 40.07
C VAL A 1068 20.05 -28.07 40.90
N PRO A 1069 19.88 -29.39 40.72
CA PRO A 1069 20.73 -30.31 41.49
C PRO A 1069 22.17 -30.31 41.00
N ALA A 1070 23.07 -30.78 41.86
CA ALA A 1070 24.48 -30.82 41.55
C ALA A 1070 25.16 -31.89 42.40
N GLN A 1071 26.41 -32.20 42.04
CA GLN A 1071 27.23 -33.18 42.75
C GLN A 1071 26.56 -34.55 42.77
N GLU A 1072 26.46 -35.15 41.59
CA GLU A 1072 25.85 -36.45 41.44
C GLU A 1072 26.76 -37.55 41.97
N LYS A 1073 26.19 -38.74 42.13
CA LYS A 1073 26.98 -39.94 42.36
C LYS A 1073 26.13 -41.15 42.02
N ASN A 1074 26.79 -42.20 41.52
CA ASN A 1074 26.08 -43.37 41.04
C ASN A 1074 25.58 -44.23 42.19
N PHE A 1075 24.48 -44.95 41.94
CA PHE A 1075 23.99 -45.97 42.85
C PHE A 1075 23.37 -47.11 42.06
N THR A 1076 23.48 -48.31 42.60
CA THR A 1076 22.69 -49.42 42.11
C THR A 1076 21.27 -49.32 42.67
N THR A 1077 20.29 -49.64 41.83
CA THR A 1077 18.88 -49.47 42.18
C THR A 1077 18.09 -50.69 41.75
N ALA A 1078 16.93 -50.85 42.36
CA ALA A 1078 15.99 -51.92 42.03
C ALA A 1078 14.59 -51.32 41.98
N PRO A 1079 13.68 -51.86 41.14
CA PRO A 1079 12.30 -51.37 41.18
C PRO A 1079 11.62 -51.57 42.52
N ALA A 1080 11.93 -52.66 43.22
CA ALA A 1080 11.21 -53.03 44.43
C ALA A 1080 12.06 -53.98 45.24
N ILE A 1081 11.56 -54.30 46.44
CA ILE A 1081 12.23 -55.19 47.39
C ILE A 1081 11.31 -56.37 47.65
N CYS A 1082 11.82 -57.59 47.43
CA CYS A 1082 11.07 -58.80 47.73
C CYS A 1082 11.37 -59.20 49.17
N HIS A 1083 10.46 -58.86 50.08
CA HIS A 1083 10.50 -59.36 51.46
C HIS A 1083 9.84 -60.74 51.43
N ASP A 1084 9.45 -61.28 52.59
CA ASP A 1084 9.05 -62.68 52.67
C ASP A 1084 7.73 -62.91 51.91
N GLY A 1085 7.87 -63.02 50.59
CA GLY A 1085 6.78 -63.37 49.71
C GLY A 1085 6.01 -62.21 49.12
N LYS A 1086 6.36 -60.97 49.45
CA LYS A 1086 5.63 -59.79 49.00
C LYS A 1086 6.59 -58.72 48.48
N ALA A 1087 6.20 -58.06 47.39
CA ALA A 1087 7.01 -57.01 46.80
C ALA A 1087 6.72 -55.67 47.47
N HIS A 1088 7.77 -54.92 47.75
CA HIS A 1088 7.68 -53.64 48.44
C HIS A 1088 8.14 -52.53 47.51
N PHE A 1089 7.30 -51.50 47.34
CA PHE A 1089 7.59 -50.35 46.48
C PHE A 1089 7.65 -49.08 47.33
N PRO A 1090 8.43 -48.08 46.93
CA PRO A 1090 8.51 -46.86 47.75
C PRO A 1090 7.22 -46.06 47.68
N ARG A 1091 6.79 -45.53 48.82
CA ARG A 1091 5.71 -44.55 48.81
C ARG A 1091 6.16 -43.29 48.08
N GLU A 1092 7.32 -42.76 48.44
CA GLU A 1092 7.95 -41.65 47.75
C GLU A 1092 9.46 -41.85 47.80
N GLY A 1093 10.11 -41.65 46.67
CA GLY A 1093 11.54 -41.84 46.55
C GLY A 1093 11.90 -43.08 45.77
N VAL A 1094 13.19 -43.39 45.80
CA VAL A 1094 13.77 -44.44 44.98
C VAL A 1094 14.64 -45.32 45.86
N PHE A 1095 14.70 -46.61 45.53
CA PHE A 1095 15.58 -47.53 46.21
C PHE A 1095 17.00 -47.40 45.65
N VAL A 1096 17.98 -47.34 46.56
CA VAL A 1096 19.39 -47.26 46.19
C VAL A 1096 20.21 -48.08 47.16
N SER A 1097 21.42 -48.41 46.75
CA SER A 1097 22.39 -49.11 47.60
C SER A 1097 23.75 -48.48 47.42
N ASN A 1098 24.52 -48.43 48.50
CA ASN A 1098 25.90 -47.97 48.46
C ASN A 1098 26.89 -49.10 48.16
N GLY A 1099 26.42 -50.21 47.59
CA GLY A 1099 27.24 -51.36 47.26
C GLY A 1099 26.85 -52.62 48.01
N THR A 1100 26.50 -52.50 49.29
CA THR A 1100 26.14 -53.64 50.12
C THR A 1100 24.81 -53.45 50.84
N HIS A 1101 24.50 -52.24 51.28
CA HIS A 1101 23.31 -51.95 52.08
C HIS A 1101 22.36 -51.07 51.28
N TRP A 1102 21.10 -51.48 51.22
CA TRP A 1102 20.08 -50.76 50.47
C TRP A 1102 19.46 -49.67 51.31
N PHE A 1103 18.92 -48.65 50.65
CA PHE A 1103 18.25 -47.55 51.30
C PHE A 1103 17.13 -47.05 50.40
N VAL A 1104 16.24 -46.25 50.97
CA VAL A 1104 15.21 -45.53 50.23
C VAL A 1104 15.46 -44.04 50.44
N THR A 1105 15.50 -43.29 49.34
CA THR A 1105 15.84 -41.89 49.36
C THR A 1105 14.93 -41.12 48.42
N GLN A 1106 14.70 -39.85 48.73
CA GLN A 1106 13.97 -38.99 47.82
C GLN A 1106 14.78 -38.80 46.55
N ARG A 1107 14.08 -38.38 45.48
CA ARG A 1107 14.65 -38.49 44.14
C ARG A 1107 15.62 -37.36 43.84
N ASN A 1108 15.29 -36.15 44.28
CA ASN A 1108 16.01 -34.95 43.91
C ASN A 1108 17.10 -34.56 44.90
N PHE A 1109 17.35 -35.38 45.93
CA PHE A 1109 18.38 -35.07 46.90
C PHE A 1109 18.69 -36.35 47.68
N TYR A 1110 19.96 -36.72 47.72
CA TYR A 1110 20.34 -37.98 48.36
C TYR A 1110 20.18 -37.86 49.87
N GLU A 1111 19.26 -38.67 50.42
CA GLU A 1111 19.00 -38.68 51.86
C GLU A 1111 18.57 -40.09 52.23
N PRO A 1112 19.53 -41.02 52.37
CA PRO A 1112 19.18 -42.44 52.52
C PRO A 1112 18.49 -42.71 53.84
N GLN A 1113 17.27 -43.24 53.77
CA GLN A 1113 16.52 -43.70 54.92
C GLN A 1113 16.50 -45.22 54.95
N ILE A 1114 16.38 -45.77 56.16
CA ILE A 1114 16.23 -47.21 56.28
C ILE A 1114 14.92 -47.63 55.67
N ILE A 1115 14.93 -48.73 54.93
CA ILE A 1115 13.72 -49.24 54.29
C ILE A 1115 12.83 -49.83 55.37
N THR A 1116 11.65 -49.24 55.55
CA THR A 1116 10.68 -49.70 56.54
C THR A 1116 9.29 -49.68 55.90
N THR A 1117 8.35 -50.34 56.58
CA THR A 1117 6.97 -50.39 56.09
C THR A 1117 6.31 -49.01 56.08
N ASP A 1118 6.80 -48.06 56.86
CA ASP A 1118 6.18 -46.73 56.89
C ASP A 1118 6.37 -46.03 55.56
N ASN A 1119 7.59 -46.06 55.01
CA ASN A 1119 7.91 -45.36 53.77
C ASN A 1119 7.83 -46.26 52.54
N THR A 1120 7.24 -47.44 52.65
CA THR A 1120 7.25 -48.44 51.59
C THR A 1120 5.97 -49.25 51.64
N PHE A 1121 5.21 -49.23 50.55
CA PHE A 1121 3.95 -49.96 50.46
C PHE A 1121 4.13 -51.26 49.69
N VAL A 1122 3.13 -52.12 49.79
CA VAL A 1122 3.20 -53.51 49.35
C VAL A 1122 2.11 -53.76 48.31
N SER A 1123 2.44 -54.56 47.30
CA SER A 1123 1.47 -54.92 46.28
C SER A 1123 1.87 -56.24 45.64
N GLY A 1124 1.21 -57.32 46.02
CA GLY A 1124 1.33 -58.58 45.33
C GLY A 1124 2.63 -59.32 45.64
N ASN A 1125 2.67 -60.57 45.19
CA ASN A 1125 3.87 -61.39 45.34
C ASN A 1125 5.00 -60.83 44.49
N CYS A 1126 6.23 -61.20 44.82
CA CYS A 1126 7.39 -60.56 44.22
C CYS A 1126 7.92 -61.26 42.98
N ASP A 1127 7.24 -62.29 42.49
CA ASP A 1127 7.71 -62.99 41.28
C ASP A 1127 7.24 -62.34 39.99
N VAL A 1128 6.33 -61.37 40.05
CA VAL A 1128 5.82 -60.76 38.83
C VAL A 1128 6.70 -59.61 38.35
N VAL A 1129 7.36 -58.91 39.27
CA VAL A 1129 8.19 -57.77 38.91
C VAL A 1129 9.53 -58.27 38.40
N ILE A 1130 10.06 -57.58 37.39
CA ILE A 1130 11.37 -57.91 36.81
C ILE A 1130 12.38 -56.89 37.32
N GLY A 1131 13.57 -57.37 37.69
CA GLY A 1131 14.56 -56.55 38.33
C GLY A 1131 14.44 -56.44 39.82
N ILE A 1132 13.45 -57.09 40.43
CA ILE A 1132 13.28 -57.02 41.87
C ILE A 1132 14.45 -57.69 42.56
N VAL A 1133 14.73 -57.27 43.80
CA VAL A 1133 15.88 -57.74 44.57
C VAL A 1133 15.41 -58.18 45.95
N ASN A 1134 16.18 -59.08 46.54
CA ASN A 1134 15.86 -59.64 47.86
C ASN A 1134 16.49 -58.77 48.95
N ASN A 1135 15.69 -58.42 49.95
CA ASN A 1135 16.21 -57.71 51.12
C ASN A 1135 15.15 -57.71 52.21
N THR A 1136 15.62 -57.56 53.45
CA THR A 1136 14.71 -57.41 54.58
C THR A 1136 14.13 -56.00 54.61
N VAL A 1137 12.89 -55.90 55.09
CA VAL A 1137 12.21 -54.63 55.33
C VAL A 1137 11.84 -54.59 56.80
N TYR A 1138 12.28 -53.54 57.49
CA TYR A 1138 12.12 -53.48 58.94
C TYR A 1138 10.74 -52.97 59.31
N ASP A 1139 10.19 -53.54 60.38
CA ASP A 1139 8.89 -53.15 60.90
C ASP A 1139 9.09 -52.23 62.10
N PRO A 1140 8.80 -50.93 62.02
CA PRO A 1140 9.07 -50.06 63.17
C PRO A 1140 8.20 -50.36 64.38
N LEU A 1141 7.10 -51.09 64.22
CA LEU A 1141 6.31 -51.51 65.36
C LEU A 1141 6.95 -52.68 66.11
N GLN A 1142 7.75 -53.50 65.42
CA GLN A 1142 8.29 -54.70 66.02
C GLN A 1142 9.13 -54.46 67.27
N PRO A 1143 10.01 -53.44 67.34
CA PRO A 1143 10.77 -53.23 68.59
C PRO A 1143 9.90 -52.94 69.80
N GLU A 1144 8.66 -52.51 69.61
CA GLU A 1144 7.73 -52.28 70.71
C GLU A 1144 7.03 -53.55 71.19
N LEU A 1145 7.45 -54.72 70.71
CA LEU A 1145 6.76 -55.96 71.11
C LEU A 1145 6.91 -56.23 72.59
N ASP A 1146 8.09 -55.98 73.15
CA ASP A 1146 8.38 -56.33 74.54
C ASP A 1146 9.28 -55.26 75.14
N SER A 1147 9.24 -55.17 76.47
CA SER A 1147 10.05 -54.21 77.20
C SER A 1147 11.53 -54.46 76.99
N GLN B 1 33.06 60.57 8.20
CA GLN B 1 33.91 60.26 9.37
C GLN B 1 33.25 59.23 10.29
N VAL B 2 34.07 58.43 10.96
CA VAL B 2 33.57 57.37 11.82
C VAL B 2 33.00 57.99 13.08
N GLN B 3 31.74 57.69 13.37
CA GLN B 3 31.00 58.28 14.49
C GLN B 3 30.58 57.20 15.46
N LEU B 4 30.90 57.40 16.73
CA LEU B 4 30.42 56.56 17.82
C LEU B 4 29.98 57.46 18.97
N VAL B 5 28.77 57.22 19.48
CA VAL B 5 28.15 58.07 20.48
C VAL B 5 27.60 57.21 21.62
N GLU B 6 28.32 57.15 22.73
CA GLU B 6 27.88 56.38 23.88
C GLU B 6 26.70 57.07 24.56
N SER B 7 25.96 56.29 25.34
CA SER B 7 24.83 56.81 26.11
C SER B 7 24.48 55.80 27.19
N GLY B 8 23.74 56.28 28.19
CA GLY B 8 23.23 55.43 29.25
C GLY B 8 23.97 55.49 30.56
N GLY B 9 24.69 56.58 30.84
CA GLY B 9 25.41 56.73 32.08
C GLY B 9 24.52 57.30 33.18
N GLY B 10 25.17 57.62 34.30
CA GLY B 10 24.54 58.21 35.46
C GLY B 10 25.03 57.58 36.74
N VAL B 11 24.41 57.97 37.85
CA VAL B 11 24.76 57.49 39.17
C VAL B 11 23.75 56.42 39.58
N VAL B 12 24.24 55.36 40.22
CA VAL B 12 23.43 54.22 40.62
C VAL B 12 23.95 53.67 41.93
N GLN B 13 23.16 52.76 42.54
CA GLN B 13 23.55 52.07 43.76
C GLN B 13 24.16 50.71 43.42
N PRO B 14 24.95 50.13 44.32
CA PRO B 14 25.44 48.76 44.07
C PRO B 14 24.29 47.76 44.04
N GLY B 15 24.48 46.73 43.20
CA GLY B 15 23.61 45.57 43.19
C GLY B 15 22.57 45.53 42.08
N ARG B 16 22.19 46.67 41.51
CA ARG B 16 21.20 46.69 40.45
C ARG B 16 21.88 46.55 39.08
N SER B 17 21.06 46.54 38.03
CA SER B 17 21.53 46.42 36.66
C SER B 17 21.33 47.74 35.92
N LEU B 18 22.15 47.94 34.88
CA LEU B 18 22.12 49.15 34.08
C LEU B 18 22.42 48.77 32.63
N ARG B 19 22.05 49.67 31.70
CA ARG B 19 22.27 49.46 30.28
C ARG B 19 23.03 50.67 29.72
N LEU B 20 24.14 50.40 29.04
CA LEU B 20 24.80 51.40 28.21
C LEU B 20 24.43 51.19 26.75
N SER B 21 24.48 52.27 25.98
CA SER B 21 24.15 52.22 24.56
C SER B 21 25.17 53.02 23.77
N CYS B 22 25.41 52.59 22.54
CA CYS B 22 26.33 53.26 21.63
C CYS B 22 25.71 53.34 20.25
N GLU B 23 25.42 54.56 19.80
CA GLU B 23 25.04 54.79 18.42
C GLU B 23 26.26 54.72 17.52
N ALA B 24 26.05 54.34 16.27
CA ALA B 24 27.12 54.23 15.28
C ALA B 24 26.62 54.70 13.93
N SER B 25 27.48 55.42 13.20
CA SER B 25 27.14 55.93 11.89
C SER B 25 28.42 56.29 11.16
N GLY B 26 28.29 56.51 9.85
CA GLY B 26 29.41 56.86 9.01
C GLY B 26 30.18 55.70 8.43
N PHE B 27 29.72 54.47 8.63
CA PHE B 27 30.40 53.30 8.12
C PHE B 27 29.44 52.12 8.15
N THR B 28 29.83 51.04 7.48
CA THR B 28 29.02 49.83 7.45
C THR B 28 29.07 49.14 8.80
N PHE B 29 28.05 49.33 9.64
CA PHE B 29 28.09 48.86 11.01
C PHE B 29 28.12 47.35 11.11
N ASN B 30 27.29 46.67 10.32
CA ASN B 30 27.05 45.25 10.55
C ASN B 30 28.25 44.38 10.22
N THR B 31 29.24 44.89 9.48
CA THR B 31 30.40 44.10 9.07
C THR B 31 31.59 44.26 10.01
N TYR B 32 31.47 45.01 11.10
CA TYR B 32 32.57 45.29 12.00
C TYR B 32 32.29 44.68 13.37
N ASP B 33 33.31 44.04 13.96
CA ASP B 33 33.23 43.66 15.36
C ASP B 33 33.32 44.89 16.24
N MET B 34 32.75 44.78 17.44
CA MET B 34 32.61 45.92 18.35
C MET B 34 33.12 45.56 19.73
N HIS B 35 33.83 46.51 20.32
CA HIS B 35 34.44 46.37 21.64
C HIS B 35 33.78 47.32 22.63
N TRP B 36 33.78 46.92 23.89
CA TRP B 36 33.52 47.80 25.01
C TRP B 36 34.78 47.89 25.86
N ALA B 37 35.16 49.12 26.23
CA ALA B 37 36.32 49.36 27.07
C ALA B 37 35.96 50.44 28.08
N ARG B 38 36.66 50.43 29.20
CA ARG B 38 36.39 51.35 30.29
C ARG B 38 37.70 51.86 30.89
N GLN B 39 37.61 53.02 31.52
CA GLN B 39 38.75 53.64 32.22
C GLN B 39 38.27 54.10 33.58
N ALA B 40 38.63 53.35 34.62
CA ALA B 40 38.30 53.78 35.97
C ALA B 40 39.09 55.05 36.30
N PRO B 41 38.55 55.93 37.15
CA PRO B 41 39.19 57.25 37.32
C PRO B 41 40.56 57.13 37.98
N GLY B 42 41.54 57.82 37.40
CA GLY B 42 42.88 57.81 37.94
C GLY B 42 43.68 56.55 37.68
N LYS B 43 43.16 55.64 36.86
CA LYS B 43 43.81 54.36 36.59
C LYS B 43 43.74 54.08 35.08
N GLY B 44 44.45 53.04 34.66
CA GLY B 44 44.63 52.78 33.25
C GLY B 44 43.41 52.19 32.58
N LEU B 45 43.53 52.03 31.27
CA LEU B 45 42.43 51.50 30.46
C LEU B 45 42.19 50.03 30.80
N GLU B 46 40.99 49.56 30.47
CA GLU B 46 40.60 48.16 30.69
C GLU B 46 39.63 47.75 29.60
N TRP B 47 39.97 46.70 28.87
CA TRP B 47 39.07 46.16 27.86
C TRP B 47 37.96 45.37 28.55
N VAL B 48 36.72 45.77 28.31
CA VAL B 48 35.58 45.15 28.97
C VAL B 48 35.08 43.92 28.23
N ALA B 49 34.65 44.08 26.98
CA ALA B 49 34.07 42.98 26.24
C ALA B 49 34.13 43.29 24.75
N VAL B 50 33.92 42.25 23.95
CA VAL B 50 33.83 42.36 22.49
C VAL B 50 32.69 41.48 22.01
N ILE B 51 32.02 41.95 20.96
CA ILE B 51 30.94 41.21 20.32
C ILE B 51 31.30 40.95 18.87
N TRP B 52 30.93 39.80 18.29
CA TRP B 52 31.23 39.48 16.88
C TRP B 52 30.34 40.32 15.96
N TYR B 53 30.61 40.38 14.66
CA TYR B 53 29.87 41.23 13.70
C TYR B 53 28.42 40.78 13.66
N ASP B 54 28.14 39.49 13.69
CA ASP B 54 26.76 38.91 13.61
C ASP B 54 26.20 38.74 15.02
N GLY B 55 26.99 38.98 16.06
CA GLY B 55 26.59 38.80 17.46
C GLY B 55 26.73 37.35 17.88
N SER B 56 27.26 36.47 17.03
CA SER B 56 27.35 35.02 17.30
C SER B 56 28.31 34.71 18.43
N ASN B 57 29.47 35.35 18.46
CA ASN B 57 30.54 35.04 19.45
C ASN B 57 30.69 36.23 20.39
N LYS B 58 30.71 36.01 21.70
CA LYS B 58 30.85 37.06 22.68
C LYS B 58 31.97 36.69 23.64
N PHE B 59 32.78 37.68 24.03
CA PHE B 59 33.85 37.48 24.99
C PHE B 59 33.91 38.67 25.93
N TYR B 60 34.31 38.41 27.17
CA TYR B 60 34.36 39.42 28.22
C TYR B 60 35.65 39.23 29.00
N ALA B 61 36.04 40.27 29.73
CA ALA B 61 37.27 40.23 30.51
C ALA B 61 37.05 39.45 31.80
N ASP B 62 38.17 39.04 32.41
CA ASP B 62 38.10 38.23 33.63
C ASP B 62 37.37 38.93 34.77
N SER B 63 37.40 40.26 34.81
CA SER B 63 36.77 40.99 35.91
C SER B 63 35.25 41.03 35.81
N VAL B 64 34.68 40.59 34.68
CA VAL B 64 33.26 40.82 34.39
C VAL B 64 32.56 39.53 33.96
N LYS B 65 33.22 38.38 34.13
CA LYS B 65 32.66 37.12 33.64
C LYS B 65 31.40 36.73 34.39
N GLY B 66 30.46 36.12 33.66
CA GLY B 66 29.20 35.70 34.23
C GLY B 66 28.16 36.80 34.30
N ARG B 67 28.62 38.06 34.31
CA ARG B 67 27.77 39.17 34.70
C ARG B 67 27.28 39.96 33.49
N PHE B 68 28.21 40.45 32.68
CA PHE B 68 27.87 41.42 31.66
C PHE B 68 27.45 40.67 30.39
N THR B 69 26.47 41.22 29.69
CA THR B 69 25.97 40.65 28.45
C THR B 69 26.05 41.69 27.35
N ILE B 70 26.94 41.45 26.38
CA ILE B 70 27.15 42.38 25.27
C ILE B 70 26.24 41.95 24.13
N SER B 71 25.55 42.91 23.53
CA SER B 71 24.59 42.63 22.48
C SER B 71 24.54 43.82 21.53
N ARG B 72 24.04 43.57 20.32
CA ARG B 72 23.97 44.57 19.28
C ARG B 72 22.74 44.33 18.44
N ASP B 73 22.31 45.38 17.74
CA ASP B 73 21.18 45.31 16.81
C ASP B 73 21.63 46.02 15.53
N ASN B 74 22.09 45.24 14.56
CA ASN B 74 22.63 45.80 13.33
C ASN B 74 21.61 46.61 12.55
N SER B 75 20.31 46.33 12.73
CA SER B 75 19.29 47.13 12.07
C SER B 75 19.30 48.58 12.51
N LYS B 76 19.44 48.83 13.81
CA LYS B 76 19.44 50.19 14.35
C LYS B 76 20.83 50.79 14.45
N ASN B 77 21.88 50.07 14.09
CA ASN B 77 23.26 50.52 14.23
C ASN B 77 23.56 50.92 15.68
N THR B 78 23.25 50.00 16.60
CA THR B 78 23.40 50.23 18.02
C THR B 78 24.16 49.08 18.65
N LEU B 79 24.84 49.38 19.77
CA LEU B 79 25.58 48.40 20.55
C LEU B 79 25.19 48.58 22.01
N TYR B 80 25.16 47.49 22.76
CA TYR B 80 24.64 47.47 24.12
C TYR B 80 25.59 46.71 25.04
N LEU B 81 25.43 46.96 26.35
CA LEU B 81 26.15 46.25 27.39
C LEU B 81 25.29 46.27 28.64
N GLN B 82 24.81 45.10 29.06
CA GLN B 82 23.91 44.99 30.21
C GLN B 82 24.78 44.83 31.46
N MET B 83 24.62 45.77 32.41
CA MET B 83 25.56 45.93 33.52
C MET B 83 25.00 45.24 34.77
N ASN B 84 24.78 43.93 34.64
CA ASN B 84 24.17 43.21 35.74
C ASN B 84 25.15 43.05 36.91
N SER B 85 24.64 43.26 38.12
CA SER B 85 25.36 42.99 39.36
C SER B 85 26.56 43.91 39.53
N LEU B 86 26.28 45.16 39.88
CA LEU B 86 27.33 46.17 40.02
C LEU B 86 27.98 46.12 41.39
N ARG B 87 29.27 46.45 41.43
CA ARG B 87 29.98 46.79 42.65
C ARG B 87 30.81 48.05 42.41
N ALA B 88 31.43 48.56 43.48
CA ALA B 88 32.02 49.91 43.45
C ALA B 88 33.10 50.04 42.39
N GLU B 89 33.85 48.96 42.15
CA GLU B 89 34.97 49.05 41.22
C GLU B 89 34.52 49.28 39.77
N ASP B 90 33.23 49.11 39.47
CA ASP B 90 32.73 49.42 38.13
C ASP B 90 32.63 50.91 37.87
N THR B 91 32.90 51.77 38.86
CA THR B 91 32.98 53.20 38.63
C THR B 91 34.02 53.51 37.57
N ALA B 92 33.58 53.97 36.41
CA ALA B 92 34.50 54.21 35.31
C ALA B 92 33.77 54.90 34.16
N VAL B 93 34.54 55.58 33.32
CA VAL B 93 34.06 56.03 32.03
C VAL B 93 34.12 54.85 31.07
N TYR B 94 33.13 54.75 30.18
CA TYR B 94 32.99 53.61 29.28
C TYR B 94 32.97 54.07 27.83
N TYR B 95 33.70 53.34 26.99
CA TYR B 95 33.79 53.63 25.56
C TYR B 95 33.38 52.41 24.74
N CYS B 96 32.56 52.65 23.73
CA CYS B 96 32.35 51.71 22.65
C CYS B 96 33.38 51.97 21.58
N ALA B 97 34.02 50.90 21.09
CA ALA B 97 35.13 51.02 20.16
C ALA B 97 34.96 50.04 19.00
N ARG B 98 35.44 50.45 17.83
CA ARG B 98 35.31 49.65 16.62
C ARG B 98 36.50 48.72 16.47
N ASP B 99 36.28 47.59 15.80
CA ASP B 99 37.37 46.68 15.48
C ASP B 99 38.02 47.11 14.17
N ARG B 100 39.35 47.01 14.12
CA ARG B 100 40.07 47.41 12.92
C ARG B 100 39.74 46.52 11.73
N THR B 101 39.43 45.25 11.97
CA THR B 101 39.28 44.27 10.91
C THR B 101 37.81 43.99 10.64
N PRO B 102 37.23 44.48 9.54
CA PRO B 102 35.91 43.99 9.14
C PRO B 102 36.01 42.66 8.43
N VAL B 103 34.88 41.94 8.42
CA VAL B 103 34.86 40.64 7.76
C VAL B 103 34.81 40.83 6.24
N TYR B 104 35.32 39.82 5.55
CA TYR B 104 35.34 39.86 4.09
C TYR B 104 33.92 39.95 3.53
N ASP B 105 33.79 40.69 2.43
CA ASP B 105 32.50 40.83 1.76
C ASP B 105 32.21 39.55 0.98
N ILE B 106 31.21 38.80 1.42
CA ILE B 106 30.93 37.48 0.89
C ILE B 106 30.41 37.54 -0.55
N LEU B 107 29.88 38.70 -0.96
CA LEU B 107 29.47 38.85 -2.35
C LEU B 107 30.64 38.72 -3.30
N THR B 108 31.83 39.12 -2.89
CA THR B 108 33.03 38.72 -3.59
C THR B 108 33.35 37.26 -3.27
N GLY B 109 34.00 36.59 -4.20
CA GLY B 109 34.27 35.18 -4.03
C GLY B 109 35.36 34.83 -3.05
N TYR B 110 36.05 35.82 -2.48
CA TYR B 110 37.27 35.61 -1.71
C TYR B 110 36.92 35.66 -0.22
N TYR B 111 37.35 34.64 0.52
CA TYR B 111 37.00 34.49 1.93
C TYR B 111 38.22 34.47 2.84
N TRP B 112 39.15 35.41 2.63
CA TRP B 112 40.34 35.54 3.44
C TRP B 112 40.55 37.02 3.72
N PRO B 113 41.06 37.40 4.92
CA PRO B 113 41.46 36.66 6.11
C PRO B 113 40.27 36.10 6.89
N PRO B 114 40.48 35.06 7.71
CA PRO B 114 39.37 34.59 8.54
C PRO B 114 38.97 35.68 9.51
N PRO B 115 37.68 35.79 9.83
CA PRO B 115 37.25 36.88 10.73
C PRO B 115 37.84 36.69 12.12
N ARG B 116 38.63 37.67 12.54
CA ARG B 116 39.35 37.60 13.82
C ARG B 116 39.18 38.92 14.54
N VAL B 117 39.15 38.85 15.87
CA VAL B 117 39.06 40.05 16.69
C VAL B 117 40.40 40.74 16.74
N ASP B 118 40.41 42.05 16.52
CA ASP B 118 41.63 42.85 16.54
C ASP B 118 41.37 44.08 17.40
N GLY B 119 42.43 44.87 17.61
CA GLY B 119 42.38 45.98 18.53
C GLY B 119 41.34 47.03 18.15
N MET B 120 41.23 48.02 19.03
CA MET B 120 40.20 49.05 18.94
C MET B 120 40.63 50.10 17.93
N ASP B 121 39.79 50.30 16.91
CA ASP B 121 40.11 51.21 15.82
C ASP B 121 39.76 52.65 16.18
N VAL B 122 38.47 52.92 16.39
CA VAL B 122 37.95 54.26 16.65
C VAL B 122 37.13 54.20 17.93
N TRP B 123 37.33 55.18 18.81
CA TRP B 123 36.71 55.22 20.12
C TRP B 123 35.67 56.32 20.15
N GLY B 124 34.57 56.09 20.86
CA GLY B 124 33.49 57.05 20.93
C GLY B 124 33.71 58.14 21.96
N GLN B 125 32.71 58.99 22.15
CA GLN B 125 32.84 60.12 23.06
C GLN B 125 33.04 59.67 24.51
N GLY B 126 32.28 58.68 24.96
CA GLY B 126 32.41 58.15 26.30
C GLY B 126 31.39 58.73 27.26
N THR B 127 30.95 57.90 28.20
CA THR B 127 30.00 58.27 29.24
C THR B 127 30.46 57.69 30.56
N THR B 128 30.07 58.35 31.65
CA THR B 128 30.51 57.98 32.99
C THR B 128 29.42 57.17 33.68
N VAL B 129 29.82 56.04 34.28
CA VAL B 129 28.95 55.24 35.12
C VAL B 129 29.55 55.24 36.52
N THR B 130 28.79 55.74 37.48
CA THR B 130 29.19 55.78 38.89
C THR B 130 28.24 54.90 39.69
N VAL B 131 28.81 53.94 40.41
CA VAL B 131 28.07 53.07 41.30
C VAL B 131 28.69 53.18 42.69
N SER B 132 27.87 53.58 43.66
CA SER B 132 28.29 53.78 45.04
C SER B 132 27.06 54.14 45.84
N SER B 133 27.12 53.88 47.15
CA SER B 133 26.01 54.18 48.04
C SER B 133 25.70 55.67 48.07
N ASP C 1 47.83 34.55 31.78
CA ASP C 1 47.48 35.88 31.19
C ASP C 1 48.73 36.61 30.69
N ASN C 2 48.56 37.39 29.63
CA ASN C 2 49.66 38.13 29.03
C ASN C 2 49.78 39.48 29.72
N VAL C 3 50.44 39.47 30.88
CA VAL C 3 50.70 40.71 31.60
C VAL C 3 51.74 41.52 30.84
N MET C 4 51.58 42.86 30.88
CA MET C 4 52.39 43.76 30.07
C MET C 4 52.81 44.95 30.93
N THR C 5 53.91 45.59 30.51
CA THR C 5 54.47 46.71 31.26
C THR C 5 55.04 47.74 30.29
N GLN C 6 55.14 48.97 30.78
CA GLN C 6 55.71 50.09 30.04
C GLN C 6 56.60 50.89 30.99
N THR C 7 57.74 51.33 30.47
CA THR C 7 58.67 52.17 31.21
C THR C 7 59.22 53.23 30.28
N PRO C 8 59.57 54.43 30.79
CA PRO C 8 59.32 54.97 32.14
C PRO C 8 57.86 55.37 32.33
N PHE C 9 57.42 55.45 33.59
CA PHE C 9 56.03 55.77 33.86
C PHE C 9 55.66 57.17 33.41
N SER C 10 56.63 58.08 33.36
CA SER C 10 56.41 59.42 32.84
C SER C 10 57.70 59.92 32.21
N LEU C 11 57.60 60.39 30.97
CA LEU C 11 58.73 60.94 30.23
C LEU C 11 58.47 62.40 29.94
N SER C 12 59.39 63.27 30.34
CA SER C 12 59.28 64.70 30.13
C SER C 12 60.19 65.09 28.97
N VAL C 13 59.62 65.74 27.96
CA VAL C 13 60.30 65.97 26.69
C VAL C 13 60.10 67.43 26.29
N THR C 14 61.21 68.10 25.94
CA THR C 14 61.10 69.46 25.42
C THR C 14 60.43 69.44 24.05
N PRO C 15 59.81 70.54 23.61
CA PRO C 15 59.25 70.56 22.26
C PRO C 15 60.33 70.39 21.21
N GLY C 16 60.07 69.51 20.25
CA GLY C 16 60.98 69.25 19.15
C GLY C 16 62.02 68.18 19.42
N GLN C 17 62.23 67.80 20.67
CA GLN C 17 63.18 66.75 20.99
C GLN C 17 62.56 65.38 20.68
N PRO C 18 63.34 64.41 20.19
CA PRO C 18 62.77 63.07 20.00
C PRO C 18 62.47 62.41 21.34
N ALA C 19 61.53 61.46 21.31
CA ALA C 19 61.07 60.79 22.50
C ALA C 19 61.04 59.28 22.25
N SER C 20 61.22 58.53 23.33
CA SER C 20 61.22 57.07 23.28
C SER C 20 60.52 56.53 24.51
N ILE C 21 59.46 55.75 24.28
CA ILE C 21 58.67 55.14 25.34
C ILE C 21 58.44 53.67 24.98
N SER C 22 58.65 52.80 25.96
CA SER C 22 58.77 51.37 25.73
C SER C 22 57.53 50.62 26.20
N CYS C 23 57.36 49.41 25.66
CA CYS C 23 56.35 48.46 26.09
C CYS C 23 56.96 47.07 26.13
N LYS C 24 56.43 46.21 27.00
CA LYS C 24 56.92 44.85 27.15
C LYS C 24 55.75 43.93 27.45
N SER C 25 55.96 42.63 27.23
CA SER C 25 54.94 41.60 27.43
C SER C 25 55.58 40.37 28.06
N SER C 26 54.73 39.57 28.72
CA SER C 26 55.21 38.34 29.34
C SER C 26 55.42 37.23 28.32
N GLN C 27 54.51 37.08 27.37
CA GLN C 27 54.59 36.06 26.33
C GLN C 27 54.72 36.73 24.97
N SER C 28 55.33 36.00 24.03
CA SER C 28 55.57 36.55 22.71
C SER C 28 54.27 36.88 22.00
N LEU C 29 54.24 38.03 21.33
CA LEU C 29 53.07 38.50 20.59
C LEU C 29 53.06 38.04 19.14
N LEU C 30 54.03 37.24 18.72
CA LEU C 30 54.02 36.71 17.36
C LEU C 30 52.99 35.58 17.26
N HIS C 31 52.12 35.68 16.26
CA HIS C 31 51.07 34.71 16.03
C HIS C 31 51.50 33.74 14.92
N SER C 32 50.80 32.60 14.86
CA SER C 32 51.13 31.57 13.89
C SER C 32 51.01 32.04 12.45
N ASP C 33 50.19 33.07 12.18
CA ASP C 33 50.10 33.62 10.83
C ASP C 33 51.33 34.42 10.42
N GLY C 34 52.25 34.69 11.35
CA GLY C 34 53.43 35.47 11.06
C GLY C 34 53.38 36.92 11.52
N LYS C 35 52.20 37.42 11.89
CA LYS C 35 52.06 38.78 12.37
C LYS C 35 52.36 38.86 13.87
N THR C 36 52.87 40.02 14.28
CA THR C 36 53.12 40.32 15.68
C THR C 36 52.11 41.35 16.14
N TYR C 37 51.22 40.95 17.05
CA TYR C 37 50.01 41.71 17.36
C TYR C 37 50.26 42.64 18.55
N LEU C 38 50.48 43.91 18.22
CA LEU C 38 50.62 44.98 19.19
C LEU C 38 49.87 46.21 18.70
N TYR C 39 49.09 46.81 19.60
CA TYR C 39 48.34 48.02 19.32
C TYR C 39 48.69 49.07 20.36
N TRP C 40 48.81 50.32 19.92
CA TRP C 40 49.09 51.45 20.80
C TRP C 40 48.00 52.50 20.64
N TYR C 41 47.68 53.18 21.75
CA TYR C 41 46.65 54.20 21.77
C TYR C 41 47.16 55.43 22.51
N LEU C 42 46.86 56.60 21.97
CA LEU C 42 47.18 57.88 22.57
C LEU C 42 45.88 58.47 23.15
N GLN C 43 45.93 58.85 24.43
CA GLN C 43 44.82 59.52 25.10
C GLN C 43 45.32 60.87 25.60
N LYS C 44 45.10 61.91 24.82
CA LYS C 44 45.46 63.25 25.26
C LYS C 44 44.50 63.67 26.39
N PRO C 45 44.87 64.67 27.18
CA PRO C 45 44.00 65.07 28.30
C PRO C 45 42.64 65.55 27.81
N GLY C 46 41.60 64.82 28.19
CA GLY C 46 40.23 65.30 28.05
C GLY C 46 39.44 64.73 26.90
N GLN C 47 39.77 63.53 26.41
CA GLN C 47 38.90 62.82 25.49
C GLN C 47 39.30 61.35 25.44
N SER C 48 38.63 60.62 24.55
CA SER C 48 38.82 59.19 24.46
C SER C 48 40.16 58.86 23.80
N PRO C 49 40.65 57.62 23.95
CA PRO C 49 41.91 57.25 23.31
C PRO C 49 41.82 57.33 21.79
N GLN C 50 42.99 57.46 21.16
CA GLN C 50 43.13 57.50 19.71
C GLN C 50 44.18 56.47 19.32
N LEU C 51 43.85 55.65 18.32
CA LEU C 51 44.77 54.62 17.85
C LEU C 51 45.89 55.26 17.03
N LEU C 52 47.13 54.90 17.35
CA LEU C 52 48.32 55.41 16.66
C LEU C 52 49.02 54.33 15.86
N ILE C 53 49.40 53.23 16.51
CA ILE C 53 50.14 52.13 15.90
C ILE C 53 49.32 50.87 16.06
N TYR C 54 48.98 50.22 14.94
CA TYR C 54 48.09 49.07 14.94
C TYR C 54 48.80 47.74 14.73
N GLU C 55 49.88 47.71 13.94
CA GLU C 55 50.88 46.66 14.01
C GLU C 55 52.19 47.34 14.37
N VAL C 56 53.12 46.54 14.91
CA VAL C 56 54.29 47.01 15.65
C VAL C 56 55.01 48.18 14.97
N SER C 57 55.01 48.19 13.63
CA SER C 57 55.60 49.28 12.86
C SER C 57 54.60 50.01 11.96
N ASN C 58 53.33 49.61 11.96
CA ASN C 58 52.34 50.19 11.06
C ASN C 58 51.60 51.33 11.76
N ARG C 59 51.73 52.55 11.22
CA ARG C 59 50.98 53.68 11.76
C ARG C 59 49.59 53.74 11.17
N PHE C 60 48.61 54.06 12.02
CA PHE C 60 47.23 54.13 11.59
C PHE C 60 47.02 55.29 10.62
N SER C 61 46.03 55.13 9.75
CA SER C 61 45.68 56.18 8.79
C SER C 61 45.35 57.47 9.50
N GLY C 62 45.88 58.58 8.98
CA GLY C 62 45.71 59.88 9.60
C GLY C 62 46.72 60.22 10.67
N VAL C 63 47.56 59.28 11.06
CA VAL C 63 48.60 59.57 12.06
C VAL C 63 49.71 60.37 11.40
N PRO C 64 50.26 61.41 12.04
CA PRO C 64 51.43 62.09 11.45
C PRO C 64 52.62 61.15 11.35
N GLU C 65 53.43 61.39 10.32
CA GLU C 65 54.56 60.51 10.02
C GLU C 65 55.62 60.48 11.12
N ARG C 66 55.63 61.45 12.04
CA ARG C 66 56.65 61.45 13.09
C ARG C 66 56.55 60.22 13.98
N PHE C 67 55.34 59.69 14.17
CA PHE C 67 55.17 58.49 14.97
C PHE C 67 55.65 57.27 14.22
N SER C 68 56.43 56.44 14.91
CA SER C 68 56.95 55.20 14.34
C SER C 68 57.31 54.28 15.50
N GLY C 69 57.38 52.98 15.19
CA GLY C 69 57.66 51.99 16.21
C GLY C 69 58.28 50.76 15.62
N SER C 70 58.84 49.93 16.49
CA SER C 70 59.46 48.68 16.09
C SER C 70 59.58 47.78 17.31
N GLY C 71 59.93 46.53 17.06
CA GLY C 71 60.11 45.56 18.12
C GLY C 71 59.88 44.16 17.59
N SER C 72 60.08 43.19 18.48
CA SER C 72 59.88 41.79 18.14
C SER C 72 59.81 40.99 19.43
N GLY C 73 59.21 39.81 19.34
CA GLY C 73 59.09 38.95 20.50
C GLY C 73 58.24 39.57 21.59
N THR C 74 58.91 39.98 22.68
CA THR C 74 58.24 40.55 23.84
C THR C 74 58.65 41.98 24.15
N ASP C 75 59.59 42.56 23.40
CA ASP C 75 60.08 43.92 23.62
C ASP C 75 59.66 44.81 22.46
N PHE C 76 58.98 45.91 22.77
CA PHE C 76 58.48 46.83 21.76
C PHE C 76 58.66 48.25 22.25
N THR C 77 58.78 49.18 21.29
CA THR C 77 59.04 50.58 21.61
C THR C 77 58.52 51.43 20.45
N LEU C 78 58.05 52.64 20.80
CA LEU C 78 57.58 53.62 19.84
C LEU C 78 58.53 54.82 19.86
N LYS C 79 58.86 55.31 18.67
CA LYS C 79 59.76 56.45 18.50
C LYS C 79 58.96 57.62 17.95
N ILE C 80 59.23 58.81 18.49
CA ILE C 80 58.70 60.07 17.95
C ILE C 80 59.89 60.88 17.47
N SER C 81 59.87 61.26 16.20
CA SER C 81 60.99 62.00 15.62
C SER C 81 61.19 63.35 16.31
N ARG C 82 60.10 64.05 16.62
CA ARG C 82 60.17 65.35 17.28
C ARG C 82 58.83 65.58 17.96
N VAL C 83 58.87 65.95 19.24
CA VAL C 83 57.65 66.06 20.03
C VAL C 83 57.07 67.47 19.85
N GLU C 84 55.83 67.54 19.37
CA GLU C 84 55.10 68.79 19.30
C GLU C 84 54.16 68.92 20.51
N ALA C 85 53.55 70.09 20.64
CA ALA C 85 52.81 70.43 21.84
C ALA C 85 51.56 69.56 22.03
N GLU C 86 50.91 69.16 20.93
CA GLU C 86 49.69 68.36 21.08
C GLU C 86 49.97 66.90 21.44
N ASP C 87 51.24 66.47 21.40
CA ASP C 87 51.58 65.09 21.73
C ASP C 87 51.46 64.76 23.21
N VAL C 88 51.20 65.76 24.07
CA VAL C 88 50.99 65.50 25.49
C VAL C 88 49.79 64.57 25.66
N GLY C 89 49.95 63.57 26.51
CA GLY C 89 48.93 62.58 26.77
C GLY C 89 49.54 61.33 27.37
N VAL C 90 48.72 60.30 27.52
CA VAL C 90 49.13 59.02 28.07
C VAL C 90 49.15 58.01 26.94
N TYR C 91 50.24 57.25 26.84
CA TYR C 91 50.43 56.24 25.81
C TYR C 91 50.19 54.86 26.41
N TYR C 92 49.22 54.13 25.85
CA TYR C 92 48.87 52.78 26.28
C TYR C 92 49.25 51.81 25.18
N CYS C 93 50.04 50.80 25.53
CA CYS C 93 50.34 49.68 24.64
C CYS C 93 49.44 48.50 24.99
N MET C 94 49.06 47.74 23.95
CA MET C 94 48.08 46.69 24.10
C MET C 94 48.38 45.58 23.11
N GLN C 95 48.26 44.33 23.58
CA GLN C 95 48.35 43.16 22.72
C GLN C 95 46.95 42.75 22.25
N SER C 96 46.88 42.23 21.03
CA SER C 96 45.66 41.65 20.48
C SER C 96 45.85 40.21 20.03
N ILE C 97 46.98 39.58 20.37
CA ILE C 97 47.30 38.19 19.94
C ILE C 97 46.27 37.24 20.56
N GLN C 98 45.86 37.50 21.80
CA GLN C 98 44.93 36.60 22.54
C GLN C 98 43.92 37.46 23.29
N LEU C 99 42.71 36.94 23.54
CA LEU C 99 41.70 37.65 24.35
C LEU C 99 41.81 37.08 25.78
N PRO C 100 41.61 37.84 26.88
CA PRO C 100 41.30 39.29 26.84
C PRO C 100 42.45 40.16 26.35
N PHE C 101 42.10 41.28 25.72
CA PHE C 101 43.10 42.28 25.35
C PHE C 101 43.62 42.95 26.61
N THR C 102 44.94 42.87 26.82
CA THR C 102 45.58 43.40 28.01
C THR C 102 46.37 44.65 27.64
N PHE C 103 46.07 45.75 28.34
CA PHE C 103 46.81 46.99 28.18
C PHE C 103 48.00 47.02 29.13
N GLY C 104 48.99 47.82 28.77
CA GLY C 104 49.96 48.25 29.76
C GLY C 104 49.36 49.25 30.73
N GLN C 105 50.08 49.49 31.83
CA GLN C 105 49.56 50.41 32.83
C GLN C 105 49.48 51.86 32.34
N GLY C 106 50.10 52.18 31.21
CA GLY C 106 50.07 53.53 30.68
C GLY C 106 51.26 54.35 31.13
N THR C 107 51.67 55.28 30.28
CA THR C 107 52.83 56.13 30.54
C THR C 107 52.53 57.54 30.07
N LYS C 108 52.85 58.51 30.91
CA LYS C 108 52.56 59.91 30.60
C LYS C 108 53.69 60.51 29.78
N LEU C 109 53.34 61.41 28.89
CA LEU C 109 54.30 62.24 28.14
C LEU C 109 53.95 63.69 28.40
N GLU C 110 54.94 64.47 28.84
CA GLU C 110 54.72 65.84 29.29
C GLU C 110 55.85 66.74 28.78
N ILE C 111 55.60 68.05 28.88
CA ILE C 111 56.60 69.04 28.52
C ILE C 111 57.45 69.38 29.74
N LYS C 112 58.73 69.63 29.51
CA LYS C 112 59.64 70.01 30.59
C LYS C 112 59.48 71.49 30.93
N ALA D 27 -32.51 45.76 20.13
CA ALA D 27 -32.40 44.63 21.04
C ALA D 27 -31.73 43.45 20.36
N TYR D 28 -31.38 42.42 21.14
CA TYR D 28 -30.74 41.23 20.63
C TYR D 28 -31.35 40.01 21.30
N THR D 29 -31.21 38.86 20.64
CA THR D 29 -31.86 37.64 21.09
C THR D 29 -30.96 36.46 20.73
N ASN D 30 -31.08 35.39 21.50
CA ASN D 30 -30.31 34.17 21.31
C ASN D 30 -31.12 33.19 20.46
N SER D 31 -30.53 32.71 19.37
CA SER D 31 -31.20 31.80 18.43
C SER D 31 -30.91 30.37 18.87
N PHE D 32 -31.88 29.76 19.55
CA PHE D 32 -31.71 28.42 20.13
C PHE D 32 -31.90 27.38 19.05
N THR D 33 -30.85 27.18 18.24
CA THR D 33 -30.79 26.17 17.19
C THR D 33 -31.81 26.41 16.08
N ARG D 34 -32.32 27.62 15.93
CA ARG D 34 -33.23 27.93 14.85
C ARG D 34 -32.46 28.16 13.56
N GLY D 35 -33.18 28.06 12.44
CA GLY D 35 -32.67 28.50 11.16
C GLY D 35 -31.98 27.46 10.31
N VAL D 36 -32.08 26.18 10.67
CA VAL D 36 -31.52 25.12 9.85
C VAL D 36 -32.50 24.77 8.74
N TYR D 37 -31.97 24.33 7.60
CA TYR D 37 -32.79 24.08 6.43
C TYR D 37 -32.21 22.89 5.66
N TYR D 38 -32.98 22.39 4.71
CA TYR D 38 -32.52 21.28 3.89
C TYR D 38 -31.47 21.79 2.91
N PRO D 39 -30.22 21.29 2.93
CA PRO D 39 -29.20 21.85 2.03
C PRO D 39 -29.52 21.68 0.55
N ASP D 40 -30.21 20.60 0.17
CA ASP D 40 -30.40 20.29 -1.24
C ASP D 40 -31.70 19.54 -1.43
N LYS D 41 -32.18 19.54 -2.67
CA LYS D 41 -33.43 18.87 -3.05
C LYS D 41 -33.23 17.38 -3.31
N VAL D 42 -32.69 16.66 -2.33
CA VAL D 42 -32.42 15.22 -2.45
C VAL D 42 -32.99 14.52 -1.23
N PHE D 43 -33.72 13.44 -1.46
CA PHE D 43 -34.37 12.72 -0.37
C PHE D 43 -33.35 11.88 0.39
N ARG D 44 -33.36 11.99 1.71
CA ARG D 44 -32.52 11.19 2.58
C ARG D 44 -33.34 10.85 3.82
N SER D 45 -33.32 9.58 4.22
CA SER D 45 -34.12 9.12 5.34
C SER D 45 -33.34 8.12 6.16
N SER D 46 -33.47 8.22 7.48
CA SER D 46 -32.82 7.31 8.42
C SER D 46 -31.30 7.31 8.21
N VAL D 47 -30.72 8.49 8.19
CA VAL D 47 -29.29 8.65 7.97
C VAL D 47 -28.83 9.95 8.62
N LEU D 48 -27.62 9.91 9.17
CA LEU D 48 -26.95 11.10 9.70
C LEU D 48 -26.01 11.62 8.64
N HIS D 49 -26.33 12.77 8.07
CA HIS D 49 -25.61 13.34 6.93
C HIS D 49 -24.83 14.56 7.38
N SER D 50 -23.55 14.58 7.04
CA SER D 50 -22.67 15.71 7.33
C SER D 50 -22.56 16.58 6.09
N THR D 51 -22.92 17.86 6.24
CA THR D 51 -22.98 18.79 5.13
C THR D 51 -22.27 20.09 5.51
N GLN D 52 -21.65 20.71 4.51
CA GLN D 52 -20.99 22.00 4.66
C GLN D 52 -21.72 23.01 3.78
N ASP D 53 -22.39 23.97 4.42
CA ASP D 53 -23.17 24.96 3.69
C ASP D 53 -23.38 26.16 4.60
N LEU D 54 -23.94 27.22 4.03
CA LEU D 54 -24.22 28.44 4.78
C LEU D 54 -25.39 28.21 5.71
N PHE D 55 -25.11 28.17 7.02
CA PHE D 55 -26.12 27.98 8.05
C PHE D 55 -26.01 29.08 9.09
N LEU D 56 -27.11 29.35 9.76
CA LEU D 56 -27.07 30.22 10.93
C LEU D 56 -26.40 29.46 12.06
N PRO D 57 -25.32 29.96 12.68
CA PRO D 57 -24.69 29.22 13.77
C PRO D 57 -25.65 29.02 14.93
N PHE D 58 -25.53 27.87 15.59
CA PHE D 58 -26.35 27.59 16.76
C PHE D 58 -26.04 28.57 17.87
N PHE D 59 -27.08 28.99 18.59
CA PHE D 59 -26.95 29.96 19.68
C PHE D 59 -26.32 31.25 19.21
N SER D 60 -26.67 31.68 17.99
CA SER D 60 -26.16 32.93 17.46
C SER D 60 -26.86 34.11 18.11
N ASN D 61 -26.23 35.27 17.99
CA ASN D 61 -26.68 36.50 18.62
C ASN D 61 -27.41 37.33 17.56
N VAL D 62 -28.67 36.98 17.32
CA VAL D 62 -29.43 37.60 16.24
C VAL D 62 -30.01 38.92 16.69
N THR D 63 -30.15 39.86 15.76
CA THR D 63 -30.70 41.17 16.06
C THR D 63 -32.22 41.12 16.05
N TRP D 64 -32.83 41.87 16.96
CA TRP D 64 -34.27 42.00 17.06
C TRP D 64 -34.64 43.44 16.75
N PHE D 65 -35.50 43.63 15.75
CA PHE D 65 -35.92 44.96 15.30
C PHE D 65 -37.37 45.19 15.69
N HIS D 66 -37.60 46.21 16.51
CA HIS D 66 -38.95 46.64 16.88
C HIS D 66 -39.41 47.76 15.95
N ALA D 67 -39.69 47.37 14.71
CA ALA D 67 -39.93 48.34 13.65
C ALA D 67 -41.16 49.20 13.91
N ILE D 68 -42.21 48.63 14.51
CA ILE D 68 -43.45 49.35 14.81
C ILE D 68 -43.41 49.74 16.29
N HIS D 69 -43.75 51.00 16.56
CA HIS D 69 -43.70 51.53 17.92
C HIS D 69 -44.77 50.88 18.79
N ASP D 80 -38.75 52.21 12.55
CA ASP D 80 -39.06 52.05 11.13
C ASP D 80 -38.12 51.05 10.48
N ASN D 81 -38.48 50.59 9.29
CA ASN D 81 -37.71 49.54 8.61
C ASN D 81 -36.36 50.08 8.15
N PRO D 82 -35.24 49.52 8.58
CA PRO D 82 -33.95 49.92 8.00
C PRO D 82 -33.56 49.03 6.83
N VAL D 83 -32.71 49.58 5.96
CA VAL D 83 -32.10 48.75 4.92
C VAL D 83 -30.91 48.02 5.52
N LEU D 84 -30.96 46.68 5.47
CA LEU D 84 -29.99 45.83 6.13
C LEU D 84 -29.07 45.17 5.10
N PRO D 85 -27.84 44.80 5.47
CA PRO D 85 -26.98 44.11 4.50
C PRO D 85 -27.48 42.70 4.22
N PHE D 86 -26.87 42.07 3.23
CA PHE D 86 -27.12 40.68 2.84
C PHE D 86 -25.78 39.97 2.83
N ASN D 87 -25.35 39.50 3.99
CA ASN D 87 -24.02 38.91 4.16
C ASN D 87 -24.09 37.43 3.78
N ASP D 88 -24.12 37.19 2.47
CA ASP D 88 -24.10 35.84 1.90
C ASP D 88 -25.33 35.01 2.26
N GLY D 89 -26.34 35.62 2.87
CA GLY D 89 -27.49 34.89 3.35
C GLY D 89 -28.04 35.56 4.58
N VAL D 90 -29.35 35.43 4.75
CA VAL D 90 -30.07 36.05 5.85
C VAL D 90 -31.09 35.06 6.39
N TYR D 91 -31.18 34.96 7.71
CA TYR D 91 -32.24 34.26 8.40
C TYR D 91 -33.23 35.29 8.94
N PHE D 92 -34.47 35.21 8.50
CA PHE D 92 -35.52 36.17 8.85
C PHE D 92 -36.62 35.43 9.58
N ALA D 93 -37.15 36.04 10.64
CA ALA D 93 -38.20 35.42 11.42
C ALA D 93 -39.09 36.49 12.03
N SER D 94 -40.35 36.14 12.21
CA SER D 94 -41.32 37.04 12.81
C SER D 94 -42.45 36.22 13.41
N THR D 95 -43.05 36.75 14.49
CA THR D 95 -44.12 36.09 15.20
C THR D 95 -45.30 37.01 15.49
N GLU D 96 -45.45 38.09 14.72
CA GLU D 96 -46.55 39.02 14.97
C GLU D 96 -47.87 38.42 14.50
N LYS D 97 -48.85 38.39 15.41
CA LYS D 97 -50.17 37.87 15.05
C LYS D 97 -50.88 38.76 14.03
N SER D 98 -50.54 40.04 13.97
CA SER D 98 -51.26 40.98 13.12
C SER D 98 -50.98 40.78 11.63
N ASN D 99 -49.96 40.00 11.26
CA ASN D 99 -49.66 39.71 9.86
C ASN D 99 -49.37 40.98 9.07
N ILE D 100 -48.63 41.91 9.66
CA ILE D 100 -48.34 43.18 9.00
C ILE D 100 -47.25 43.03 7.96
N ILE D 101 -46.29 42.13 8.18
CA ILE D 101 -45.25 41.90 7.19
C ILE D 101 -45.87 41.25 5.95
N ARG D 102 -45.46 41.71 4.77
CA ARG D 102 -46.02 41.26 3.50
C ARG D 102 -44.99 40.94 2.44
N GLY D 103 -43.72 41.24 2.64
CA GLY D 103 -42.73 40.94 1.62
C GLY D 103 -41.38 41.54 1.95
N TRP D 104 -40.48 41.46 0.98
CA TRP D 104 -39.11 41.95 1.13
C TRP D 104 -38.65 42.57 -0.18
N ILE D 105 -37.65 43.43 -0.07
CA ILE D 105 -36.95 44.02 -1.22
C ILE D 105 -35.50 43.58 -1.14
N PHE D 106 -34.93 43.20 -2.29
CA PHE D 106 -33.54 42.80 -2.38
C PHE D 106 -32.87 43.57 -3.51
N GLY D 107 -31.56 43.76 -3.38
CA GLY D 107 -30.80 44.46 -4.41
C GLY D 107 -29.49 44.96 -3.86
N THR D 108 -28.87 45.88 -4.62
CA THR D 108 -27.58 46.45 -4.25
C THR D 108 -27.68 47.96 -4.11
N THR D 109 -28.33 48.68 -5.04
CA THR D 109 -28.57 50.10 -4.90
C THR D 109 -30.03 50.42 -4.56
N LEU D 110 -30.95 49.53 -4.90
CA LEU D 110 -32.38 49.74 -4.63
C LEU D 110 -32.89 51.02 -5.30
N ASP D 111 -32.42 51.27 -6.52
CA ASP D 111 -32.88 52.41 -7.32
C ASP D 111 -32.86 52.00 -8.78
N SER D 112 -33.02 52.98 -9.66
CA SER D 112 -33.08 52.71 -11.10
C SER D 112 -31.73 52.30 -11.68
N LYS D 113 -30.64 52.44 -10.92
CA LYS D 113 -29.33 52.14 -11.48
C LYS D 113 -29.09 50.64 -11.63
N THR D 114 -29.57 49.83 -10.68
CA THR D 114 -29.41 48.38 -10.71
C THR D 114 -30.76 47.70 -10.62
N GLN D 115 -30.92 46.63 -11.40
CA GLN D 115 -32.09 45.76 -11.28
C GLN D 115 -32.19 45.22 -9.86
N SER D 116 -33.41 45.23 -9.32
CA SER D 116 -33.67 44.82 -7.94
C SER D 116 -34.84 43.87 -7.92
N LEU D 117 -34.82 42.94 -6.96
CA LEU D 117 -35.83 41.90 -6.84
C LEU D 117 -36.86 42.32 -5.81
N LEU D 118 -38.13 42.06 -6.12
CA LEU D 118 -39.25 42.37 -5.25
C LEU D 118 -40.08 41.10 -5.02
N ILE D 119 -40.40 40.84 -3.76
CA ILE D 119 -41.35 39.80 -3.38
C ILE D 119 -42.34 40.45 -2.44
N VAL D 120 -43.63 40.32 -2.74
CA VAL D 120 -44.68 40.91 -1.92
C VAL D 120 -45.96 40.14 -2.12
N ASN D 121 -46.70 39.96 -1.02
CA ASN D 121 -47.96 39.23 -0.99
C ASN D 121 -49.07 40.18 -0.58
N ASN D 122 -50.16 40.19 -1.35
CA ASN D 122 -51.38 40.86 -0.97
C ASN D 122 -52.41 39.81 -0.56
N ALA D 123 -53.65 40.25 -0.35
CA ALA D 123 -54.67 39.36 0.19
C ALA D 123 -55.00 38.18 -0.70
N THR D 124 -54.63 38.24 -1.99
CA THR D 124 -55.02 37.21 -2.96
C THR D 124 -53.85 36.55 -3.70
N ASN D 125 -52.72 37.22 -3.87
CA ASN D 125 -51.63 36.67 -4.69
C ASN D 125 -50.28 37.14 -4.17
N VAL D 126 -49.26 36.34 -4.47
CA VAL D 126 -47.87 36.79 -4.40
C VAL D 126 -47.48 37.32 -5.77
N VAL D 127 -46.53 38.25 -5.79
CA VAL D 127 -45.93 38.73 -7.03
C VAL D 127 -44.43 38.79 -6.83
N ILE D 128 -43.69 38.13 -7.71
CA ILE D 128 -42.23 38.09 -7.68
C ILE D 128 -41.76 38.69 -9.00
N LYS D 129 -40.96 39.74 -8.93
CA LYS D 129 -40.52 40.44 -10.12
C LYS D 129 -39.17 41.08 -9.85
N VAL D 130 -38.39 41.24 -10.92
CA VAL D 130 -37.01 41.72 -10.83
C VAL D 130 -36.80 42.79 -11.89
N CYS D 131 -36.89 44.06 -11.50
CA CYS D 131 -36.78 45.17 -12.45
C CYS D 131 -36.09 46.36 -11.80
N GLU D 132 -35.79 47.35 -12.64
CA GLU D 132 -35.11 48.57 -12.22
C GLU D 132 -36.04 49.46 -11.42
N PHE D 133 -36.42 49.00 -10.23
CA PHE D 133 -37.37 49.74 -9.42
C PHE D 133 -36.72 50.95 -8.76
N GLN D 134 -37.45 52.06 -8.73
CA GLN D 134 -37.03 53.27 -8.04
C GLN D 134 -37.74 53.33 -6.69
N PHE D 135 -37.25 52.51 -5.76
CA PHE D 135 -37.89 52.41 -4.45
C PHE D 135 -37.80 53.72 -3.70
N CYS D 136 -38.91 54.09 -3.06
CA CYS D 136 -38.91 55.21 -2.14
C CYS D 136 -38.20 54.82 -0.85
N ASN D 137 -37.84 55.82 -0.05
CA ASN D 137 -37.07 55.57 1.16
C ASN D 137 -37.86 54.80 2.22
N ASP D 138 -39.20 54.82 2.16
CA ASP D 138 -40.06 54.10 3.09
C ASP D 138 -41.11 53.33 2.30
N PRO D 139 -40.76 52.18 1.73
CA PRO D 139 -41.78 51.37 1.03
C PRO D 139 -42.80 50.82 2.00
N PHE D 140 -44.02 50.62 1.50
CA PHE D 140 -45.11 50.04 2.28
C PHE D 140 -46.26 49.72 1.34
N LEU D 141 -47.31 49.13 1.90
CA LEU D 141 -48.53 48.82 1.19
C LEU D 141 -49.70 49.53 1.86
N GLY D 142 -50.55 50.18 1.06
CA GLY D 142 -51.64 50.97 1.58
C GLY D 142 -52.89 50.16 1.81
N VAL D 143 -54.02 50.88 1.88
CA VAL D 143 -55.32 50.26 2.08
C VAL D 143 -55.65 49.33 0.93
N VAL D 159 -45.21 51.98 -4.68
CA VAL D 159 -44.11 52.54 -3.90
C VAL D 159 -42.79 52.37 -4.63
N TYR D 160 -42.69 51.30 -5.43
CA TYR D 160 -41.56 51.14 -6.34
C TYR D 160 -41.50 52.23 -7.39
N SER D 161 -42.65 52.75 -7.83
CA SER D 161 -42.77 54.00 -8.57
C SER D 161 -42.32 53.93 -10.02
N SER D 162 -41.71 52.82 -10.46
CA SER D 162 -41.29 52.69 -11.85
C SER D 162 -40.68 51.31 -12.07
N ALA D 163 -40.63 50.92 -13.33
CA ALA D 163 -39.94 49.71 -13.78
C ALA D 163 -39.51 49.91 -15.23
N ASN D 164 -38.31 49.43 -15.56
CA ASN D 164 -37.75 49.66 -16.87
C ASN D 164 -36.65 48.65 -17.13
N ASN D 165 -36.58 48.20 -18.40
CA ASN D 165 -35.50 47.34 -18.89
C ASN D 165 -35.30 46.11 -18.02
N CYS D 166 -36.29 45.21 -17.95
CA CYS D 166 -36.22 44.11 -17.00
C CYS D 166 -36.76 42.82 -17.61
N THR D 167 -36.63 41.75 -16.82
CA THR D 167 -36.67 40.37 -17.31
C THR D 167 -37.79 39.53 -16.73
N PHE D 168 -37.93 39.48 -15.40
CA PHE D 168 -38.67 38.42 -14.74
C PHE D 168 -39.93 38.97 -14.06
N GLU D 169 -40.99 38.17 -14.07
CA GLU D 169 -42.19 38.44 -13.31
C GLU D 169 -42.91 37.12 -13.09
N TYR D 170 -43.62 37.00 -11.96
CA TYR D 170 -44.29 35.76 -11.61
C TYR D 170 -45.40 36.04 -10.61
N VAL D 171 -46.46 35.24 -10.64
CA VAL D 171 -47.61 35.40 -9.78
C VAL D 171 -48.13 34.02 -9.37
N SER D 172 -48.61 33.92 -8.14
CA SER D 172 -49.18 32.68 -7.61
C SER D 172 -49.87 33.03 -6.29
N GLN D 173 -50.30 31.99 -5.56
CA GLN D 173 -50.97 32.21 -4.28
C GLN D 173 -50.00 32.83 -3.28
N PRO D 174 -50.50 33.51 -2.25
CA PRO D 174 -49.60 34.11 -1.26
C PRO D 174 -49.11 33.08 -0.26
N PHE D 175 -47.82 33.14 0.06
CA PHE D 175 -47.24 32.26 1.07
C PHE D 175 -47.28 32.86 2.45
N LEU D 176 -47.37 34.19 2.56
CA LEU D 176 -47.53 34.85 3.85
C LEU D 176 -49.01 34.87 4.19
N MET D 177 -49.46 33.76 4.77
CA MET D 177 -50.86 33.59 5.12
C MET D 177 -51.27 34.57 6.22
N ASP D 178 -52.55 34.93 6.22
CA ASP D 178 -53.09 35.83 7.22
C ASP D 178 -53.24 35.12 8.56
N LYS D 187 -49.36 34.39 16.89
CA LYS D 187 -49.54 33.00 17.33
C LYS D 187 -48.53 32.09 16.64
N ASN D 188 -48.27 32.35 15.36
CA ASN D 188 -47.43 31.51 14.53
C ASN D 188 -46.11 32.20 14.25
N LEU D 189 -45.01 31.47 14.45
CA LEU D 189 -43.70 31.96 14.06
C LEU D 189 -43.43 31.63 12.60
N ARG D 190 -43.17 32.66 11.79
CA ARG D 190 -42.89 32.51 10.37
C ARG D 190 -41.41 32.78 10.14
N GLU D 191 -40.65 31.71 9.91
CA GLU D 191 -39.21 31.78 9.72
C GLU D 191 -38.89 31.70 8.24
N PHE D 192 -37.83 32.39 7.82
CA PHE D 192 -37.37 32.37 6.44
C PHE D 192 -35.85 32.40 6.42
N VAL D 193 -35.29 31.81 5.37
CA VAL D 193 -33.85 31.83 5.11
C VAL D 193 -33.65 32.15 3.65
N PHE D 194 -32.87 33.19 3.37
CA PHE D 194 -32.59 33.67 2.02
C PHE D 194 -31.15 33.34 1.65
N LYS D 195 -30.95 32.91 0.41
CA LYS D 195 -29.62 32.67 -0.13
C LYS D 195 -29.57 33.16 -1.57
N ASN D 196 -28.37 33.53 -2.01
CA ASN D 196 -28.13 33.98 -3.39
C ASN D 196 -26.72 33.53 -3.75
N ILE D 197 -26.62 32.36 -4.39
CA ILE D 197 -25.34 31.78 -4.76
C ILE D 197 -25.49 31.02 -6.08
N ASP D 198 -24.42 31.04 -6.88
CA ASP D 198 -24.34 30.30 -8.13
C ASP D 198 -25.48 30.66 -9.08
N GLY D 199 -25.89 31.94 -9.06
CA GLY D 199 -26.94 32.41 -9.92
C GLY D 199 -28.35 32.05 -9.50
N TYR D 200 -28.52 31.34 -8.38
CA TYR D 200 -29.81 30.92 -7.89
C TYR D 200 -30.17 31.69 -6.64
N PHE D 201 -31.37 32.27 -6.62
CA PHE D 201 -31.92 32.91 -5.44
C PHE D 201 -32.93 31.97 -4.80
N LYS D 202 -32.71 31.63 -3.54
CA LYS D 202 -33.44 30.58 -2.85
C LYS D 202 -34.05 31.11 -1.56
N ILE D 203 -35.30 30.73 -1.29
CA ILE D 203 -35.97 31.01 -0.03
C ILE D 203 -36.47 29.69 0.54
N TYR D 204 -36.17 29.47 1.81
CA TYR D 204 -36.73 28.39 2.60
C TYR D 204 -37.63 29.00 3.66
N SER D 205 -38.59 28.24 4.15
CA SER D 205 -39.56 28.78 5.10
C SER D 205 -40.16 27.66 5.93
N LYS D 206 -40.80 28.07 7.03
CA LYS D 206 -41.47 27.15 7.94
C LYS D 206 -42.37 27.96 8.85
N HIS D 207 -43.60 27.47 9.06
CA HIS D 207 -44.57 28.08 9.96
C HIS D 207 -44.87 27.11 11.08
N THR D 208 -44.85 27.61 12.32
CA THR D 208 -45.06 26.79 13.50
C THR D 208 -45.77 27.63 14.57
N PRO D 209 -46.81 27.11 15.24
CA PRO D 209 -47.36 27.83 16.38
C PRO D 209 -46.38 27.85 17.56
N ILE D 210 -46.44 28.92 18.34
CA ILE D 210 -45.66 29.04 19.57
C ILE D 210 -46.50 29.76 20.61
N ASN D 211 -46.43 29.28 21.85
CA ASN D 211 -47.06 29.98 22.97
C ASN D 211 -46.16 31.06 23.54
N LEU D 212 -44.84 30.92 23.37
CA LEU D 212 -43.90 31.92 23.86
C LEU D 212 -44.13 33.24 23.15
N VAL D 213 -44.08 34.33 23.91
CA VAL D 213 -44.55 35.62 23.39
C VAL D 213 -43.43 36.36 22.68
N ARG D 214 -42.36 36.72 23.41
CA ARG D 214 -41.38 37.69 22.93
C ARG D 214 -39.98 37.09 22.81
N ASP D 215 -39.86 35.80 22.59
CA ASP D 215 -38.57 35.16 22.38
C ASP D 215 -38.73 33.98 21.44
N LEU D 216 -37.63 33.62 20.77
CA LEU D 216 -37.66 32.49 19.86
C LEU D 216 -37.81 31.20 20.65
N PRO D 217 -38.51 30.19 20.12
CA PRO D 217 -38.72 28.97 20.89
C PRO D 217 -37.45 28.14 21.01
N GLN D 218 -37.41 27.33 22.07
CA GLN D 218 -36.32 26.38 22.26
C GLN D 218 -36.40 25.19 21.31
N GLY D 219 -37.54 24.99 20.66
CA GLY D 219 -37.74 23.80 19.84
C GLY D 219 -36.82 23.75 18.64
N PHE D 220 -37.10 22.78 17.77
CA PHE D 220 -36.31 22.51 16.58
C PHE D 220 -37.25 22.21 15.42
N SER D 221 -36.97 22.80 14.26
CA SER D 221 -37.76 22.55 13.06
C SER D 221 -36.98 23.05 11.86
N ALA D 222 -36.79 22.20 10.86
CA ALA D 222 -36.00 22.56 9.70
C ALA D 222 -36.86 23.26 8.65
N LEU D 223 -36.29 24.28 8.01
CA LEU D 223 -36.98 25.02 6.98
C LEU D 223 -36.83 24.33 5.64
N GLU D 224 -37.93 24.23 4.90
CA GLU D 224 -37.97 23.55 3.61
C GLU D 224 -38.07 24.58 2.49
N PRO D 225 -37.66 24.22 1.26
CA PRO D 225 -37.64 25.22 0.18
C PRO D 225 -39.01 25.79 -0.12
N LEU D 226 -39.03 27.06 -0.50
CA LEU D 226 -40.22 27.80 -0.88
C LEU D 226 -40.08 28.47 -2.23
N VAL D 227 -38.88 28.97 -2.55
CA VAL D 227 -38.60 29.63 -3.83
C VAL D 227 -37.24 29.17 -4.29
N ASP D 228 -37.11 28.94 -5.59
CA ASP D 228 -35.81 28.60 -6.19
C ASP D 228 -35.78 29.07 -7.63
N LEU D 229 -35.22 30.26 -7.86
CA LEU D 229 -35.26 30.93 -9.16
C LEU D 229 -33.84 31.15 -9.66
N PRO D 230 -33.51 30.82 -10.95
CA PRO D 230 -32.16 31.10 -11.47
C PRO D 230 -32.00 32.55 -11.93
N ILE D 231 -32.17 33.48 -10.99
CA ILE D 231 -32.14 34.90 -11.33
C ILE D 231 -30.70 35.41 -11.35
N GLY D 232 -30.01 35.29 -10.21
CA GLY D 232 -28.59 35.59 -10.17
C GLY D 232 -28.21 37.05 -10.23
N ILE D 233 -29.04 37.94 -9.68
CA ILE D 233 -28.65 39.35 -9.62
C ILE D 233 -27.69 39.57 -8.46
N ASN D 234 -27.06 40.74 -8.46
CA ASN D 234 -26.08 41.10 -7.41
C ASN D 234 -26.85 41.68 -6.23
N ILE D 235 -27.12 40.83 -5.24
CA ILE D 235 -27.78 41.23 -4.01
C ILE D 235 -26.73 41.46 -2.94
N THR D 236 -26.80 42.62 -2.28
CA THR D 236 -25.92 42.92 -1.16
C THR D 236 -26.64 43.54 0.04
N ARG D 237 -27.89 43.95 -0.11
CA ARG D 237 -28.66 44.52 1.00
C ARG D 237 -30.13 44.34 0.68
N PHE D 238 -30.95 44.34 1.74
CA PHE D 238 -32.36 44.01 1.61
C PHE D 238 -33.15 44.83 2.62
N GLN D 239 -34.47 44.89 2.41
CA GLN D 239 -35.35 45.67 3.27
C GLN D 239 -36.73 45.05 3.28
N THR D 240 -37.37 45.05 4.44
CA THR D 240 -38.72 44.54 4.57
C THR D 240 -39.73 45.64 4.25
N LEU D 241 -40.92 45.21 3.83
CA LEU D 241 -42.04 46.11 3.57
C LEU D 241 -43.26 45.65 4.34
N LEU D 242 -44.09 46.62 4.73
CA LEU D 242 -45.23 46.39 5.60
C LEU D 242 -46.49 46.97 4.99
N ALA D 243 -47.64 46.42 5.43
CA ALA D 243 -48.94 46.94 5.03
C ALA D 243 -49.43 47.91 6.11
N LEU D 244 -49.78 49.13 5.69
CA LEU D 244 -50.13 50.20 6.61
C LEU D 244 -51.42 50.87 6.15
N HIS D 245 -52.39 50.96 7.06
CA HIS D 245 -53.58 51.77 6.77
C HIS D 245 -53.23 53.25 6.77
N ARG D 246 -52.27 53.65 7.60
CA ARG D 246 -51.79 55.03 7.62
C ARG D 246 -50.88 55.28 6.41
N SER D 247 -51.49 55.30 5.21
CA SER D 247 -50.73 55.35 3.97
C SER D 247 -50.12 56.73 3.73
N TYR D 248 -49.06 57.06 4.46
CA TYR D 248 -48.33 58.30 4.30
C TYR D 248 -46.87 57.98 3.97
N LEU D 249 -46.35 58.64 2.93
CA LEU D 249 -44.97 58.44 2.50
C LEU D 249 -44.06 59.27 3.40
N THR D 250 -43.68 58.67 4.53
CA THR D 250 -42.82 59.34 5.50
C THR D 250 -41.42 59.53 4.94
N ALA D 264 -40.43 43.37 16.14
CA ALA D 264 -41.39 42.92 15.13
C ALA D 264 -40.86 41.70 14.39
N TYR D 265 -39.56 41.69 14.09
CA TYR D 265 -38.95 40.58 13.40
C TYR D 265 -37.49 40.48 13.81
N TYR D 266 -36.93 39.28 13.64
CA TYR D 266 -35.54 38.98 13.98
C TYR D 266 -34.75 38.75 12.70
N VAL D 267 -33.46 39.09 12.74
CA VAL D 267 -32.58 38.95 11.59
C VAL D 267 -31.26 38.33 12.04
N GLY D 268 -30.80 37.34 11.29
CA GLY D 268 -29.49 36.75 11.50
C GLY D 268 -28.86 36.43 10.16
N TYR D 269 -27.53 36.34 10.17
CA TYR D 269 -26.75 36.17 8.95
C TYR D 269 -26.10 34.80 8.93
N LEU D 270 -26.25 34.11 7.80
CA LEU D 270 -25.66 32.78 7.65
C LEU D 270 -24.16 32.90 7.51
N GLN D 271 -23.45 31.84 7.93
CA GLN D 271 -22.01 31.73 7.82
C GLN D 271 -21.66 30.34 7.33
N PRO D 272 -20.50 30.17 6.68
CA PRO D 272 -20.12 28.82 6.24
C PRO D 272 -19.79 27.94 7.43
N ARG D 273 -20.61 26.91 7.63
CA ARG D 273 -20.49 26.02 8.78
C ARG D 273 -20.71 24.58 8.32
N THR D 274 -20.15 23.65 9.08
CA THR D 274 -20.33 22.22 8.86
C THR D 274 -21.34 21.69 9.85
N PHE D 275 -22.43 21.13 9.34
CA PHE D 275 -23.54 20.63 10.15
C PHE D 275 -23.69 19.14 9.94
N LEU D 276 -24.16 18.46 11.00
CA LEU D 276 -24.56 17.06 10.93
C LEU D 276 -26.07 17.01 11.09
N LEU D 277 -26.76 16.43 10.11
CA LEU D 277 -28.21 16.44 10.03
C LEU D 277 -28.77 15.04 10.22
N LYS D 278 -29.71 14.89 11.15
CA LYS D 278 -30.42 13.64 11.36
C LYS D 278 -31.69 13.64 10.52
N TYR D 279 -31.79 12.69 9.59
CA TYR D 279 -32.99 12.49 8.79
C TYR D 279 -33.76 11.31 9.35
N ASN D 280 -35.03 11.51 9.68
CA ASN D 280 -35.86 10.43 10.19
C ASN D 280 -36.34 9.56 9.02
N GLU D 281 -37.17 8.56 9.35
CA GLU D 281 -37.65 7.64 8.32
C GLU D 281 -38.51 8.33 7.27
N ASN D 282 -39.20 9.40 7.63
CA ASN D 282 -40.04 10.14 6.69
C ASN D 282 -39.27 11.15 5.86
N GLY D 283 -37.96 11.27 6.08
CA GLY D 283 -37.15 12.19 5.29
C GLY D 283 -37.10 13.61 5.80
N THR D 284 -37.64 13.88 7.00
CA THR D 284 -37.62 15.20 7.59
C THR D 284 -36.47 15.32 8.57
N ILE D 285 -35.85 16.49 8.61
CA ILE D 285 -34.75 16.71 9.54
C ILE D 285 -35.32 16.96 10.93
N THR D 286 -34.98 16.07 11.87
CA THR D 286 -35.52 16.13 13.23
C THR D 286 -34.52 16.67 14.25
N ASP D 287 -33.23 16.71 13.93
CA ASP D 287 -32.23 17.22 14.85
C ASP D 287 -30.98 17.54 14.06
N ALA D 288 -30.11 18.35 14.66
CA ALA D 288 -28.88 18.76 13.99
C ALA D 288 -27.81 19.11 15.02
N VAL D 289 -26.56 19.08 14.58
CA VAL D 289 -25.41 19.43 15.41
C VAL D 289 -24.57 20.45 14.66
N ASP D 290 -24.26 21.56 15.30
CA ASP D 290 -23.35 22.56 14.74
C ASP D 290 -21.94 22.16 15.16
N CYS D 291 -21.18 21.60 14.22
CA CYS D 291 -19.93 20.93 14.54
C CYS D 291 -18.89 21.87 15.15
N ALA D 292 -18.97 23.17 14.86
CA ALA D 292 -18.00 24.14 15.37
C ALA D 292 -18.47 24.87 16.61
N LEU D 293 -19.62 24.50 17.18
CA LEU D 293 -20.16 25.26 18.31
C LEU D 293 -19.29 25.13 19.54
N ASP D 294 -18.94 23.91 19.93
CA ASP D 294 -18.19 23.67 21.16
C ASP D 294 -17.51 22.31 21.04
N PRO D 295 -16.57 22.00 21.94
CA PRO D 295 -15.89 20.69 21.84
C PRO D 295 -16.82 19.50 21.89
N LEU D 296 -17.92 19.56 22.64
CA LEU D 296 -18.86 18.45 22.64
C LEU D 296 -19.48 18.25 21.27
N SER D 297 -19.84 19.34 20.60
CA SER D 297 -20.37 19.22 19.24
C SER D 297 -19.31 18.72 18.28
N GLU D 298 -18.04 19.11 18.49
CA GLU D 298 -16.97 18.57 17.67
C GLU D 298 -16.85 17.06 17.84
N THR D 299 -16.96 16.58 19.08
CA THR D 299 -16.93 15.14 19.32
C THR D 299 -18.11 14.45 18.67
N LYS D 300 -19.30 15.03 18.78
CA LYS D 300 -20.48 14.46 18.14
C LYS D 300 -20.29 14.39 16.63
N CYS D 301 -19.68 15.44 16.06
CA CYS D 301 -19.51 15.50 14.62
C CYS D 301 -18.46 14.49 14.14
N THR D 302 -17.34 14.38 14.86
CA THR D 302 -16.30 13.46 14.41
C THR D 302 -16.69 12.01 14.67
N LEU D 303 -17.50 11.74 15.68
CA LEU D 303 -18.05 10.40 15.86
C LEU D 303 -19.23 10.11 14.95
N LYS D 304 -19.82 11.13 14.32
CA LYS D 304 -21.02 10.98 13.51
C LYS D 304 -22.13 10.29 14.29
N SER D 305 -22.37 10.80 15.49
CA SER D 305 -23.45 10.30 16.34
C SER D 305 -23.89 11.40 17.28
N PHE D 306 -25.19 11.46 17.53
CA PHE D 306 -25.73 12.49 18.42
C PHE D 306 -25.48 12.17 19.89
N THR D 307 -25.23 10.90 20.22
CA THR D 307 -24.84 10.49 21.55
C THR D 307 -23.36 10.12 21.58
N VAL D 308 -22.74 10.38 22.72
CA VAL D 308 -21.32 10.13 22.94
C VAL D 308 -21.15 9.33 24.21
N GLU D 309 -20.39 8.24 24.14
CA GLU D 309 -20.12 7.43 25.32
C GLU D 309 -19.05 8.09 26.18
N LYS D 310 -18.91 7.60 27.40
CA LYS D 310 -17.86 8.08 28.28
C LYS D 310 -16.50 7.72 27.72
N GLY D 311 -15.58 8.67 27.76
CA GLY D 311 -14.24 8.43 27.28
C GLY D 311 -13.56 9.72 26.88
N ILE D 312 -12.43 9.56 26.19
CA ILE D 312 -11.64 10.67 25.67
C ILE D 312 -11.48 10.46 24.17
N TYR D 313 -11.79 11.50 23.39
CA TYR D 313 -11.82 11.43 21.94
C TYR D 313 -10.97 12.54 21.34
N GLN D 314 -10.11 12.19 20.40
CA GLN D 314 -9.29 13.16 19.68
C GLN D 314 -10.13 13.73 18.54
N THR D 315 -10.56 14.99 18.68
CA THR D 315 -11.48 15.60 17.73
C THR D 315 -10.79 16.39 16.64
N SER D 316 -9.71 17.11 16.95
CA SER D 316 -9.04 17.94 15.97
C SER D 316 -7.61 18.16 16.43
N ASN D 317 -6.85 18.89 15.60
CA ASN D 317 -5.45 19.21 15.87
C ASN D 317 -5.32 20.70 16.10
N PHE D 318 -4.63 21.08 17.17
CA PHE D 318 -4.38 22.48 17.49
C PHE D 318 -3.06 22.92 16.87
N ARG D 319 -3.09 24.10 16.24
CA ARG D 319 -1.89 24.71 15.67
C ARG D 319 -1.98 26.21 15.89
N VAL D 320 -1.04 26.77 16.66
CA VAL D 320 -1.03 28.21 16.88
C VAL D 320 -0.73 28.91 15.57
N GLN D 321 -1.57 29.88 15.21
CA GLN D 321 -1.54 30.46 13.89
C GLN D 321 -0.42 31.51 13.78
N PRO D 322 0.06 31.80 12.58
CA PRO D 322 1.07 32.86 12.43
C PRO D 322 0.47 34.23 12.68
N THR D 323 1.08 34.97 13.60
CA THR D 323 0.56 36.30 13.96
C THR D 323 0.86 37.35 12.90
N GLU D 324 2.00 37.24 12.22
CA GLU D 324 2.44 38.25 11.27
C GLU D 324 3.14 37.59 10.10
N SER D 325 3.26 38.34 9.01
CA SER D 325 4.00 37.93 7.83
C SER D 325 5.28 38.76 7.74
N ILE D 326 6.41 38.09 7.55
CA ILE D 326 7.74 38.71 7.56
C ILE D 326 8.41 38.42 6.23
N VAL D 327 9.01 39.45 5.64
CA VAL D 327 9.82 39.32 4.43
C VAL D 327 11.16 39.97 4.71
N ARG D 328 12.25 39.26 4.42
CA ARG D 328 13.61 39.75 4.61
C ARG D 328 14.41 39.41 3.35
N PHE D 329 14.39 40.32 2.39
CA PHE D 329 15.19 40.23 1.17
C PHE D 329 16.48 41.02 1.32
N PRO D 330 17.50 40.72 0.50
CA PRO D 330 18.75 41.46 0.63
C PRO D 330 18.59 42.91 0.21
N ASN D 331 19.44 43.76 0.76
CA ASN D 331 19.34 45.21 0.55
C ASN D 331 20.05 45.64 -0.73
N ILE D 332 19.68 45.03 -1.85
CA ILE D 332 20.25 45.38 -3.14
C ILE D 332 19.43 46.52 -3.74
N THR D 333 20.12 47.58 -4.16
CA THR D 333 19.46 48.80 -4.66
C THR D 333 19.41 48.84 -6.18
N ASN D 334 20.50 48.47 -6.85
CA ASN D 334 20.62 48.65 -8.28
C ASN D 334 19.63 47.77 -9.04
N LEU D 335 19.05 48.34 -10.09
CA LEU D 335 18.20 47.57 -10.99
C LEU D 335 19.05 46.67 -11.89
N CYS D 336 18.38 45.74 -12.57
CA CYS D 336 19.09 44.68 -13.27
C CYS D 336 19.28 45.06 -14.74
N PRO D 337 20.46 44.80 -15.36
CA PRO D 337 20.64 45.22 -16.75
C PRO D 337 20.00 44.28 -17.76
N PHE D 338 18.66 44.21 -17.77
CA PHE D 338 17.96 43.47 -18.81
C PHE D 338 17.97 44.23 -20.12
N GLY D 339 18.21 45.55 -20.09
CA GLY D 339 18.19 46.33 -21.32
C GLY D 339 19.22 45.88 -22.33
N GLU D 340 20.46 45.69 -21.89
CA GLU D 340 21.52 45.28 -22.78
C GLU D 340 21.39 43.84 -23.24
N VAL D 341 20.48 43.06 -22.65
CA VAL D 341 20.21 41.70 -23.10
C VAL D 341 19.20 41.69 -24.24
N PHE D 342 18.10 42.43 -24.09
CA PHE D 342 17.03 42.43 -25.07
C PHE D 342 17.20 43.50 -26.14
N ASN D 343 17.67 44.69 -25.76
CA ASN D 343 17.88 45.80 -26.69
C ASN D 343 19.33 45.85 -27.17
N ALA D 344 19.98 44.70 -27.28
CA ALA D 344 21.34 44.67 -27.79
C ALA D 344 21.37 45.03 -29.26
N THR D 345 22.50 45.59 -29.69
CA THR D 345 22.64 46.00 -31.09
C THR D 345 22.65 44.81 -32.03
N ARG D 346 23.18 43.66 -31.59
CA ARG D 346 23.34 42.50 -32.45
C ARG D 346 23.31 41.23 -31.61
N PHE D 347 22.57 40.25 -32.10
CA PHE D 347 22.43 38.95 -31.48
C PHE D 347 23.30 37.93 -32.20
N ALA D 348 23.92 37.05 -31.42
CA ALA D 348 24.82 36.05 -31.99
C ALA D 348 24.03 35.00 -32.75
N SER D 349 24.72 34.31 -33.65
CA SER D 349 24.10 33.24 -34.43
C SER D 349 23.69 32.11 -33.50
N VAL D 350 22.66 31.37 -33.92
CA VAL D 350 22.12 30.30 -33.07
C VAL D 350 23.16 29.21 -32.82
N TYR D 351 24.05 28.97 -33.79
CA TYR D 351 25.10 27.96 -33.58
C TYR D 351 26.12 28.41 -32.55
N ALA D 352 26.29 29.72 -32.37
CA ALA D 352 27.26 30.29 -31.44
C ALA D 352 26.55 31.25 -30.49
N TRP D 353 25.45 30.79 -29.91
CA TRP D 353 24.64 31.57 -28.97
C TRP D 353 25.49 32.17 -27.85
N ASN D 354 25.21 33.42 -27.51
CA ASN D 354 25.98 34.18 -26.53
C ASN D 354 25.30 34.08 -25.18
N ARG D 355 26.09 33.80 -24.14
CA ARG D 355 25.62 33.64 -22.77
C ARG D 355 26.09 34.80 -21.92
N LYS D 356 25.16 35.44 -21.22
CA LYS D 356 25.47 36.48 -20.26
C LYS D 356 25.10 36.00 -18.86
N ARG D 357 25.94 36.36 -17.89
CA ARG D 357 25.73 36.01 -16.49
C ARG D 357 25.14 37.20 -15.77
N ILE D 358 24.07 36.96 -15.01
CA ILE D 358 23.31 38.00 -14.34
C ILE D 358 23.35 37.73 -12.84
N SER D 359 23.77 38.73 -12.06
CA SER D 359 23.85 38.61 -10.62
C SER D 359 23.81 40.00 -10.01
N ASN D 360 23.50 40.05 -8.71
CA ASN D 360 23.38 41.29 -7.97
C ASN D 360 22.35 42.21 -8.61
N CYS D 361 21.10 41.72 -8.63
CA CYS D 361 20.00 42.38 -9.32
C CYS D 361 18.79 42.49 -8.41
N VAL D 362 18.04 43.57 -8.60
CA VAL D 362 16.63 43.62 -8.27
C VAL D 362 15.87 43.45 -9.59
N ALA D 363 15.63 42.20 -9.97
CA ALA D 363 15.16 41.85 -11.30
C ALA D 363 13.66 42.01 -11.36
N ASP D 364 13.19 42.97 -12.15
CA ASP D 364 11.76 43.21 -12.36
C ASP D 364 11.34 42.47 -13.61
N TYR D 365 10.68 41.32 -13.43
CA TYR D 365 10.18 40.53 -14.54
C TYR D 365 8.78 40.93 -14.99
N SER D 366 8.10 41.77 -14.21
CA SER D 366 6.75 42.21 -14.62
C SER D 366 6.80 43.04 -15.88
N VAL D 367 7.82 43.91 -16.00
CA VAL D 367 7.92 44.76 -17.19
C VAL D 367 8.19 43.92 -18.43
N LEU D 368 9.05 42.91 -18.32
CA LEU D 368 9.29 42.01 -19.45
C LEU D 368 8.02 41.24 -19.80
N TYR D 369 7.31 40.77 -18.78
CA TYR D 369 6.11 39.97 -19.03
C TYR D 369 5.01 40.80 -19.69
N ASN D 370 4.85 42.04 -19.26
CA ASN D 370 3.79 42.89 -19.78
C ASN D 370 4.16 43.58 -21.10
N SER D 371 5.42 43.51 -21.53
CA SER D 371 5.81 44.12 -22.79
C SER D 371 5.13 43.39 -23.95
N ALA D 372 4.58 44.17 -24.89
CA ALA D 372 3.84 43.59 -26.00
C ALA D 372 4.75 43.05 -27.09
N SER D 373 6.06 43.34 -27.03
CA SER D 373 6.96 42.90 -28.10
C SER D 373 7.07 41.38 -28.15
N PHE D 374 7.02 40.73 -27.00
CA PHE D 374 7.32 39.30 -26.93
C PHE D 374 6.11 38.49 -27.35
N SER D 375 6.20 37.87 -28.52
CA SER D 375 5.16 36.97 -29.00
C SER D 375 5.11 35.67 -28.22
N THR D 376 6.26 35.15 -27.79
CA THR D 376 6.36 33.93 -27.01
C THR D 376 7.00 34.24 -25.68
N PHE D 377 6.26 34.04 -24.59
CA PHE D 377 6.74 34.21 -23.21
C PHE D 377 6.34 32.94 -22.47
N LYS D 378 7.20 31.93 -22.56
CA LYS D 378 6.92 30.58 -22.07
C LYS D 378 7.93 30.24 -20.98
N CYS D 379 7.43 29.89 -19.80
CA CYS D 379 8.26 29.51 -18.66
C CYS D 379 7.87 28.11 -18.21
N TYR D 380 8.87 27.28 -17.95
CA TYR D 380 8.66 25.85 -17.72
C TYR D 380 8.71 25.50 -16.24
N GLY D 381 9.83 25.79 -15.59
CA GLY D 381 10.00 25.45 -14.19
C GLY D 381 9.43 26.48 -13.23
N VAL D 382 8.76 27.50 -13.74
CA VAL D 382 8.28 28.60 -12.93
C VAL D 382 7.20 29.32 -13.73
N SER D 383 6.24 29.93 -13.01
CA SER D 383 5.21 30.71 -13.69
C SER D 383 5.70 32.14 -13.93
N PRO D 384 5.33 32.80 -15.04
CA PRO D 384 5.82 34.18 -15.24
C PRO D 384 5.38 35.15 -14.16
N THR D 385 4.17 34.98 -13.62
CA THR D 385 3.67 35.92 -12.62
C THR D 385 4.48 35.84 -11.33
N LYS D 386 4.96 34.64 -11.00
CA LYS D 386 5.67 34.46 -9.73
C LYS D 386 7.08 35.01 -9.76
N LEU D 387 7.63 35.33 -10.94
CA LEU D 387 9.03 35.70 -11.03
C LEU D 387 9.36 36.96 -10.24
N ASN D 388 8.39 37.84 -10.03
CA ASN D 388 8.63 39.06 -9.28
C ASN D 388 8.74 38.83 -7.77
N ASP D 389 8.53 37.60 -7.28
CA ASP D 389 8.60 37.30 -5.86
C ASP D 389 9.55 36.15 -5.54
N LEU D 390 10.31 35.66 -6.52
CA LEU D 390 11.29 34.61 -6.31
C LEU D 390 12.69 35.20 -6.14
N CYS D 391 13.60 34.36 -5.65
CA CYS D 391 15.02 34.67 -5.57
C CYS D 391 15.80 33.56 -6.27
N PHE D 392 16.81 33.96 -7.03
CA PHE D 392 17.64 33.05 -7.80
C PHE D 392 19.09 33.36 -7.53
N THR D 393 19.95 32.41 -7.89
CA THR D 393 21.40 32.58 -7.84
C THR D 393 21.98 32.36 -9.23
N ASN D 394 22.76 33.33 -9.70
CA ASN D 394 23.53 33.18 -10.92
C ASN D 394 22.62 32.94 -12.13
N VAL D 395 21.75 33.90 -12.40
CA VAL D 395 20.86 33.79 -13.54
C VAL D 395 21.63 33.98 -14.84
N TYR D 396 21.40 33.08 -15.79
CA TYR D 396 21.99 33.15 -17.12
C TYR D 396 20.96 33.67 -18.11
N ALA D 397 21.44 34.33 -19.16
CA ALA D 397 20.60 34.82 -20.25
C ALA D 397 21.29 34.48 -21.56
N ASP D 398 20.73 33.52 -22.29
CA ASP D 398 21.27 33.06 -23.57
C ASP D 398 20.52 33.77 -24.69
N SER D 399 21.21 34.67 -25.38
CA SER D 399 20.63 35.48 -26.44
C SER D 399 21.20 35.05 -27.79
N PHE D 400 20.32 34.86 -28.77
CA PHE D 400 20.74 34.55 -30.12
C PHE D 400 19.58 34.80 -31.05
N VAL D 401 19.89 34.86 -32.35
CA VAL D 401 18.91 35.12 -33.40
C VAL D 401 18.63 33.81 -34.14
N ILE D 402 17.40 33.65 -34.60
CA ILE D 402 16.92 32.38 -35.13
C ILE D 402 15.77 32.64 -36.10
N ARG D 403 15.64 31.73 -37.08
CA ARG D 403 14.52 31.78 -37.99
C ARG D 403 13.22 31.52 -37.24
N GLY D 404 12.12 32.03 -37.79
CA GLY D 404 10.88 32.16 -37.04
C GLY D 404 10.21 30.89 -36.58
N ASP D 405 9.70 30.09 -37.52
CA ASP D 405 8.82 28.97 -37.15
C ASP D 405 9.56 27.88 -36.39
N GLU D 406 10.89 27.85 -36.42
CA GLU D 406 11.66 26.82 -35.72
C GLU D 406 11.96 27.17 -34.27
N VAL D 407 11.43 28.28 -33.75
CA VAL D 407 11.62 28.61 -32.34
C VAL D 407 10.96 27.57 -31.43
N ARG D 408 9.97 26.83 -31.94
CA ARG D 408 9.34 25.79 -31.15
C ARG D 408 10.32 24.70 -30.74
N GLN D 409 11.44 24.56 -31.45
CA GLN D 409 12.47 23.62 -31.04
C GLN D 409 13.16 24.03 -29.75
N ILE D 410 13.04 25.29 -29.33
CA ILE D 410 13.66 25.77 -28.11
C ILE D 410 12.74 25.47 -26.94
N ALA D 411 12.83 24.24 -26.42
CA ALA D 411 12.05 23.82 -25.27
C ALA D 411 12.60 22.48 -24.80
N PRO D 412 12.27 22.04 -23.60
CA PRO D 412 12.78 20.75 -23.11
C PRO D 412 12.32 19.59 -23.98
N GLY D 413 13.24 18.65 -24.20
CA GLY D 413 12.91 17.41 -24.88
C GLY D 413 12.59 17.52 -26.35
N GLN D 414 12.77 18.68 -26.97
CA GLN D 414 12.44 18.83 -28.37
C GLN D 414 13.52 18.21 -29.25
N THR D 415 13.15 17.96 -30.50
CA THR D 415 14.05 17.47 -31.53
C THR D 415 13.87 18.32 -32.78
N GLY D 416 14.85 18.24 -33.67
CA GLY D 416 14.93 19.12 -34.82
C GLY D 416 16.32 19.69 -34.91
N LYS D 417 16.65 20.34 -36.03
CA LYS D 417 18.04 20.71 -36.29
C LYS D 417 18.57 21.67 -35.23
N ILE D 418 17.79 22.67 -34.84
CA ILE D 418 18.26 23.63 -33.84
C ILE D 418 18.37 22.96 -32.49
N ALA D 419 17.34 22.21 -32.08
CA ALA D 419 17.38 21.54 -30.79
C ALA D 419 18.43 20.45 -30.75
N ASP D 420 18.63 19.74 -31.86
CA ASP D 420 19.55 18.61 -31.85
C ASP D 420 21.00 19.07 -31.95
N TYR D 421 21.30 20.02 -32.83
CA TYR D 421 22.67 20.25 -33.29
C TYR D 421 23.20 21.65 -33.02
N ASN D 422 22.36 22.59 -32.57
CA ASN D 422 22.77 23.98 -32.33
C ASN D 422 22.67 24.39 -30.88
N TYR D 423 21.51 24.21 -30.25
CA TYR D 423 21.29 24.67 -28.89
C TYR D 423 20.17 23.86 -28.28
N LYS D 424 20.47 23.13 -27.21
CA LYS D 424 19.55 22.21 -26.57
C LYS D 424 19.37 22.59 -25.11
N LEU D 425 18.12 22.62 -24.64
CA LEU D 425 17.83 22.82 -23.24
C LEU D 425 17.79 21.48 -22.51
N PRO D 426 18.05 21.44 -21.20
CA PRO D 426 17.94 20.17 -20.48
C PRO D 426 16.48 19.78 -20.27
N ASP D 427 16.27 18.48 -20.00
CA ASP D 427 14.92 17.99 -19.77
C ASP D 427 14.30 18.59 -18.51
N ASP D 428 15.10 18.86 -17.48
CA ASP D 428 14.62 19.47 -16.24
C ASP D 428 14.90 20.97 -16.23
N PHE D 429 14.79 21.62 -17.38
CA PHE D 429 15.09 23.03 -17.50
C PHE D 429 14.14 23.86 -16.64
N THR D 430 14.71 24.81 -15.90
CA THR D 430 13.96 25.75 -15.07
C THR D 430 14.28 27.15 -15.56
N GLY D 431 13.34 27.78 -16.25
CA GLY D 431 13.57 29.10 -16.80
C GLY D 431 12.48 29.48 -17.78
N CYS D 432 12.79 30.48 -18.59
CA CYS D 432 11.85 31.04 -19.55
C CYS D 432 12.51 31.20 -20.92
N VAL D 433 11.72 31.04 -21.97
CA VAL D 433 12.13 31.24 -23.35
C VAL D 433 11.35 32.42 -23.89
N ILE D 434 12.06 33.48 -24.29
CA ILE D 434 11.47 34.74 -24.71
C ILE D 434 11.90 35.01 -26.14
N ALA D 435 10.93 35.15 -27.04
CA ALA D 435 11.19 35.36 -28.46
C ALA D 435 10.26 36.41 -29.03
N TRP D 436 10.71 37.08 -30.08
CA TRP D 436 9.91 38.09 -30.76
C TRP D 436 10.43 38.30 -32.17
N ASN D 437 9.58 38.88 -33.01
CA ASN D 437 9.94 39.16 -34.40
C ASN D 437 11.06 40.20 -34.45
N SER D 438 12.01 39.97 -35.37
CA SER D 438 13.12 40.89 -35.59
C SER D 438 13.36 41.14 -37.08
N ASN D 439 12.30 41.13 -37.89
CA ASN D 439 12.46 41.39 -39.31
C ASN D 439 12.99 42.79 -39.58
N ASN D 440 12.52 43.76 -38.81
CA ASN D 440 12.91 45.15 -39.02
C ASN D 440 14.37 45.42 -38.67
N LEU D 441 15.04 44.51 -37.97
CA LEU D 441 16.43 44.67 -37.55
C LEU D 441 17.38 43.65 -38.15
N ASP D 442 16.98 42.38 -38.19
CA ASP D 442 17.86 41.29 -38.60
C ASP D 442 17.75 40.94 -40.08
N SER D 443 16.93 41.66 -40.84
CA SER D 443 16.79 41.41 -42.28
C SER D 443 17.67 42.35 -43.09
N GLY D 447 18.07 42.29 -47.86
CA GLY D 447 18.11 41.16 -46.97
C GLY D 447 19.41 41.09 -46.18
N ASN D 448 19.52 40.10 -45.30
CA ASN D 448 20.71 39.90 -44.48
C ASN D 448 21.07 38.43 -44.48
N TYR D 449 22.37 38.15 -44.57
CA TYR D 449 22.90 36.79 -44.63
C TYR D 449 24.00 36.52 -43.62
N ASN D 450 24.25 37.44 -42.68
CA ASN D 450 25.36 37.28 -41.75
C ASN D 450 25.11 36.16 -40.75
N TYR D 451 23.88 35.95 -40.33
CA TYR D 451 23.56 34.95 -39.31
C TYR D 451 23.53 33.56 -39.93
N LEU D 452 23.99 32.57 -39.17
CA LEU D 452 24.13 31.20 -39.64
C LEU D 452 23.58 30.23 -38.60
N TYR D 453 23.54 28.95 -38.98
CA TYR D 453 23.12 27.89 -38.09
C TYR D 453 23.75 26.59 -38.57
N ARG D 454 24.09 25.73 -37.62
CA ARG D 454 24.84 24.51 -37.91
C ARG D 454 23.88 23.44 -38.43
N LEU D 455 24.15 22.95 -39.65
CA LEU D 455 23.35 21.88 -40.23
C LEU D 455 23.98 20.51 -40.04
N PHE D 456 25.31 20.43 -40.11
CA PHE D 456 26.05 19.19 -40.12
C PHE D 456 26.90 19.07 -38.87
N ARG D 457 26.81 17.93 -38.18
CA ARG D 457 27.41 17.75 -36.87
C ARG D 457 27.32 16.28 -36.50
N LYS D 458 28.36 15.78 -35.84
CA LYS D 458 28.51 14.35 -35.63
C LYS D 458 27.38 13.77 -34.78
N SER D 459 26.98 14.47 -33.72
CA SER D 459 26.03 13.92 -32.76
C SER D 459 25.23 15.04 -32.12
N ASN D 460 24.12 14.64 -31.51
CA ASN D 460 23.25 15.59 -30.81
C ASN D 460 24.00 16.26 -29.67
N LEU D 461 23.80 17.57 -29.52
CA LEU D 461 24.50 18.31 -28.49
C LEU D 461 23.95 17.99 -27.11
N LYS D 462 24.83 18.00 -26.12
CA LYS D 462 24.39 17.96 -24.74
C LYS D 462 23.74 19.29 -24.37
N PRO D 463 22.95 19.35 -23.29
CA PRO D 463 22.33 20.63 -22.93
C PRO D 463 23.37 21.69 -22.58
N PHE D 464 23.12 22.91 -23.07
CA PHE D 464 23.91 24.11 -22.78
C PHE D 464 25.37 23.99 -23.20
N GLU D 465 25.68 23.16 -24.20
CA GLU D 465 26.98 23.22 -24.85
C GLU D 465 26.83 23.89 -26.22
N ARG D 466 27.95 24.42 -26.72
CA ARG D 466 27.98 25.14 -27.99
C ARG D 466 29.16 24.64 -28.82
N ASP D 467 28.92 24.50 -30.12
CA ASP D 467 29.91 24.03 -31.08
C ASP D 467 30.38 25.20 -31.92
N ILE D 468 31.70 25.40 -31.99
CA ILE D 468 32.32 26.45 -32.78
C ILE D 468 33.15 25.89 -33.94
N SER D 469 33.31 24.57 -34.03
CA SER D 469 34.13 23.98 -35.07
C SER D 469 33.55 24.26 -36.45
N THR D 470 34.44 24.42 -37.43
CA THR D 470 34.06 24.77 -38.80
C THR D 470 34.60 23.79 -39.84
N GLU D 471 35.20 22.67 -39.43
CA GLU D 471 35.74 21.74 -40.39
C GLU D 471 34.63 21.10 -41.22
N ILE D 472 34.97 20.73 -42.46
CA ILE D 472 34.01 20.16 -43.39
C ILE D 472 33.51 18.83 -42.85
N TYR D 473 32.22 18.75 -42.52
CA TYR D 473 31.61 17.50 -42.15
C TYR D 473 31.49 16.60 -43.38
N GLN D 474 31.63 15.30 -43.15
CA GLN D 474 31.48 14.29 -44.20
C GLN D 474 30.34 13.35 -43.84
N ALA D 475 29.36 13.24 -44.75
CA ALA D 475 28.37 12.19 -44.68
C ALA D 475 28.80 10.96 -45.47
N GLY D 476 29.63 11.15 -46.50
CA GLY D 476 30.22 10.03 -47.19
C GLY D 476 31.41 9.46 -46.43
N SER D 477 31.97 8.39 -47.00
CA SER D 477 33.05 7.67 -46.31
C SER D 477 34.43 8.24 -46.64
N THR D 478 34.56 9.04 -47.69
CA THR D 478 35.88 9.50 -48.10
C THR D 478 36.42 10.53 -47.10
N PRO D 479 37.76 10.63 -46.93
CA PRO D 479 38.29 11.70 -46.07
C PRO D 479 38.20 13.08 -46.70
N CYS D 480 37.06 13.75 -46.52
CA CYS D 480 36.87 15.10 -47.04
C CYS D 480 37.63 16.12 -46.21
N ASN D 481 38.96 16.13 -46.34
CA ASN D 481 39.80 17.03 -45.57
C ASN D 481 39.87 18.41 -46.21
N GLY D 482 39.18 19.38 -45.64
CA GLY D 482 39.23 20.76 -46.12
C GLY D 482 38.70 20.92 -47.53
N VAL D 483 37.75 20.08 -47.92
CA VAL D 483 37.14 20.14 -49.25
C VAL D 483 35.75 19.52 -49.17
N GLU D 484 34.83 20.06 -49.97
CA GLU D 484 33.45 19.56 -50.02
C GLU D 484 33.37 18.42 -51.03
N GLY D 485 33.92 17.28 -50.63
CA GLY D 485 33.93 16.11 -51.48
C GLY D 485 32.59 15.42 -51.57
N PHE D 486 32.60 14.10 -51.73
CA PHE D 486 31.36 13.35 -51.90
C PHE D 486 30.55 13.37 -50.62
N ASN D 487 29.35 13.97 -50.70
CA ASN D 487 28.42 14.06 -49.58
C ASN D 487 29.08 14.72 -48.37
N CYS D 488 29.83 15.79 -48.64
CA CYS D 488 30.52 16.56 -47.61
C CYS D 488 30.18 18.04 -47.79
N TYR D 489 29.96 18.72 -46.66
CA TYR D 489 29.48 20.09 -46.68
C TYR D 489 30.14 20.89 -45.57
N PHE D 490 30.29 22.19 -45.82
CA PHE D 490 30.73 23.09 -44.76
C PHE D 490 29.60 23.21 -43.73
N PRO D 491 29.87 23.00 -42.43
CA PRO D 491 28.77 22.75 -41.48
C PRO D 491 27.82 23.93 -41.30
N LEU D 492 28.25 25.16 -41.57
CA LEU D 492 27.46 26.35 -41.29
C LEU D 492 27.00 26.97 -42.60
N GLN D 493 25.70 27.24 -42.70
CA GLN D 493 25.12 27.92 -43.86
C GLN D 493 24.18 29.01 -43.37
N SER D 494 24.18 30.13 -44.09
CA SER D 494 23.51 31.34 -43.62
C SER D 494 21.99 31.23 -43.75
N TYR D 495 21.29 32.04 -42.96
CA TYR D 495 19.85 32.18 -43.09
C TYR D 495 19.52 33.18 -44.18
N GLY D 496 18.42 32.93 -44.89
CA GLY D 496 17.94 33.84 -45.93
C GLY D 496 16.93 34.85 -45.40
N PHE D 497 17.39 35.81 -44.60
CA PHE D 497 16.51 36.79 -44.00
C PHE D 497 16.32 37.98 -44.95
N GLN D 498 15.48 37.76 -45.95
CA GLN D 498 15.05 38.85 -46.82
C GLN D 498 14.04 39.73 -46.07
N PRO D 499 13.92 41.00 -46.44
CA PRO D 499 13.03 41.90 -45.66
C PRO D 499 11.56 41.51 -45.72
N THR D 500 11.14 40.70 -46.69
CA THR D 500 9.75 40.26 -46.82
C THR D 500 9.70 38.77 -47.11
N ASN D 501 10.50 37.98 -46.40
CA ASN D 501 10.46 36.53 -46.54
C ASN D 501 9.13 36.00 -46.05
N GLY D 502 8.86 34.73 -46.36
CA GLY D 502 7.58 34.13 -46.01
C GLY D 502 7.36 34.08 -44.51
N VAL D 503 6.10 33.89 -44.13
CA VAL D 503 5.73 33.86 -42.72
C VAL D 503 6.39 32.65 -42.08
N GLY D 504 7.01 32.87 -40.92
CA GLY D 504 7.76 31.84 -40.23
C GLY D 504 9.21 31.74 -40.64
N TYR D 505 9.62 32.43 -41.71
CA TYR D 505 11.00 32.46 -42.17
C TYR D 505 11.70 33.76 -41.82
N GLN D 506 10.95 34.82 -41.52
CA GLN D 506 11.56 36.08 -41.12
C GLN D 506 12.28 35.90 -39.78
N PRO D 507 13.35 36.67 -39.53
CA PRO D 507 14.19 36.39 -38.36
C PRO D 507 13.47 36.66 -37.04
N TYR D 508 13.86 35.90 -36.03
CA TYR D 508 13.40 36.04 -34.67
C TYR D 508 14.58 36.18 -33.73
N ARG D 509 14.52 37.18 -32.86
CA ARG D 509 15.46 37.30 -31.75
C ARG D 509 14.87 36.59 -30.54
N VAL D 510 15.66 35.69 -29.95
CA VAL D 510 15.19 34.85 -28.84
C VAL D 510 16.20 34.93 -27.71
N VAL D 511 15.69 35.14 -26.50
CA VAL D 511 16.47 35.18 -25.27
C VAL D 511 15.92 34.12 -24.33
N VAL D 512 16.81 33.29 -23.78
CA VAL D 512 16.46 32.21 -22.87
C VAL D 512 17.07 32.52 -21.51
N LEU D 513 16.22 32.67 -20.50
CA LEU D 513 16.66 32.90 -19.12
C LEU D 513 16.68 31.56 -18.40
N SER D 514 17.80 31.28 -17.73
CA SER D 514 17.97 30.06 -16.94
C SER D 514 18.25 30.43 -15.50
N PHE D 515 17.58 29.76 -14.58
CA PHE D 515 17.66 30.04 -13.15
C PHE D 515 18.26 28.85 -12.41
N GLU D 516 19.10 29.15 -11.42
CA GLU D 516 19.66 28.16 -10.51
C GLU D 516 19.12 28.44 -9.12
N LEU D 517 18.60 27.39 -8.46
CA LEU D 517 17.94 27.53 -7.17
C LEU D 517 18.64 26.81 -6.03
N LEU D 518 19.51 25.84 -6.32
CA LEU D 518 20.12 25.05 -5.25
C LEU D 518 21.17 25.84 -4.48
N HIS D 519 21.90 26.72 -5.15
CA HIS D 519 23.00 27.42 -4.50
C HIS D 519 22.45 28.36 -3.42
N ALA D 520 23.19 28.46 -2.31
CA ALA D 520 22.65 29.16 -1.13
C ALA D 520 22.49 30.65 -1.35
N PRO D 521 23.55 31.43 -1.60
CA PRO D 521 23.40 32.90 -1.59
C PRO D 521 22.58 33.39 -2.77
N ALA D 522 21.44 34.00 -2.47
CA ALA D 522 20.61 34.59 -3.52
C ALA D 522 21.25 35.88 -4.01
N THR D 523 21.44 35.97 -5.33
CA THR D 523 22.03 37.13 -5.96
C THR D 523 21.06 37.91 -6.84
N VAL D 524 20.04 37.25 -7.40
CA VAL D 524 18.99 37.89 -8.17
C VAL D 524 17.67 37.66 -7.45
N CYS D 525 16.95 38.75 -7.16
CA CYS D 525 15.72 38.67 -6.39
C CYS D 525 14.73 39.69 -6.94
N GLY D 526 13.44 39.42 -6.74
CA GLY D 526 12.40 40.29 -7.21
C GLY D 526 12.30 41.55 -6.38
N PRO D 527 11.49 42.52 -6.81
CA PRO D 527 11.38 43.81 -6.13
C PRO D 527 10.37 43.80 -4.96
N LYS D 528 10.50 42.82 -4.08
CA LYS D 528 9.70 42.83 -2.86
C LYS D 528 10.33 43.75 -1.82
N LYS D 529 9.53 44.11 -0.82
CA LYS D 529 9.92 45.07 0.21
C LYS D 529 10.08 44.34 1.53
N SER D 530 11.25 44.52 2.15
CA SER D 530 11.55 43.80 3.39
C SER D 530 10.75 44.37 4.55
N THR D 531 10.16 43.47 5.33
CA THR D 531 9.41 43.85 6.52
C THR D 531 10.33 43.86 7.74
N ASN D 532 9.95 44.65 8.73
CA ASN D 532 10.71 44.68 9.98
C ASN D 532 10.70 43.31 10.64
N LEU D 533 11.86 42.91 11.15
CA LEU D 533 12.01 41.60 11.76
C LEU D 533 11.32 41.55 13.12
N VAL D 534 10.79 40.37 13.45
CA VAL D 534 10.15 40.12 14.74
C VAL D 534 10.55 38.72 15.20
N LYS D 535 10.68 38.57 16.51
CA LYS D 535 11.21 37.35 17.11
C LYS D 535 10.29 36.86 18.22
N ASN D 536 10.45 35.59 18.56
CA ASN D 536 9.78 34.97 19.70
C ASN D 536 8.27 34.92 19.54
N LYS D 537 7.77 34.83 18.30
CA LYS D 537 6.36 34.62 18.05
C LYS D 537 6.19 33.94 16.70
N CYS D 538 5.13 33.15 16.60
CA CYS D 538 4.87 32.38 15.38
C CYS D 538 4.49 33.33 14.25
N VAL D 539 5.27 33.30 13.17
CA VAL D 539 5.09 34.19 12.03
C VAL D 539 5.41 33.46 10.74
N ASN D 540 4.80 33.92 9.65
CA ASN D 540 5.25 33.52 8.32
C ASN D 540 6.46 34.36 7.93
N PHE D 541 7.53 33.68 7.51
CA PHE D 541 8.79 34.34 7.20
C PHE D 541 9.19 34.02 5.77
N ASN D 542 10.02 34.90 5.20
CA ASN D 542 10.50 34.74 3.83
C ASN D 542 11.90 35.33 3.77
N PHE D 543 12.91 34.48 3.94
CA PHE D 543 14.31 34.88 3.86
C PHE D 543 14.86 34.48 2.50
N ASN D 544 15.08 35.47 1.64
CA ASN D 544 15.67 35.26 0.31
C ASN D 544 14.85 34.25 -0.49
N GLY D 545 13.52 34.38 -0.41
CA GLY D 545 12.63 33.48 -1.10
C GLY D 545 12.35 32.18 -0.38
N LEU D 546 12.96 31.94 0.78
CA LEU D 546 12.72 30.72 1.55
C LEU D 546 11.46 30.93 2.38
N THR D 547 10.32 30.59 1.78
CA THR D 547 9.05 30.72 2.48
C THR D 547 8.95 29.67 3.59
N GLY D 548 8.32 30.04 4.70
CA GLY D 548 8.15 29.11 5.80
C GLY D 548 7.35 29.74 6.91
N THR D 549 7.13 28.96 7.96
CA THR D 549 6.38 29.40 9.12
C THR D 549 7.01 28.79 10.37
N GLY D 550 7.23 29.62 11.38
CA GLY D 550 7.87 29.16 12.59
C GLY D 550 8.11 30.31 13.54
N VAL D 551 8.85 30.00 14.61
CA VAL D 551 9.23 30.97 15.63
C VAL D 551 10.71 31.28 15.44
N LEU D 552 11.03 32.57 15.33
CA LEU D 552 12.40 33.03 15.12
C LEU D 552 13.01 33.40 16.46
N THR D 553 14.21 32.88 16.74
CA THR D 553 14.86 33.05 18.02
C THR D 553 16.34 33.28 17.79
N GLU D 554 16.98 34.00 18.73
CA GLU D 554 18.41 34.21 18.66
C GLU D 554 19.15 32.89 18.69
N SER D 555 20.11 32.73 17.77
CA SER D 555 20.80 31.46 17.59
C SER D 555 22.19 31.48 18.19
N ASN D 556 22.57 30.37 18.81
CA ASN D 556 23.93 30.16 19.29
C ASN D 556 24.80 29.41 18.29
N LYS D 557 24.27 29.03 17.14
CA LYS D 557 25.03 28.26 16.16
C LYS D 557 26.17 29.10 15.60
N LYS D 558 27.34 28.48 15.43
CA LYS D 558 28.54 29.19 14.99
C LYS D 558 28.64 29.18 13.46
N PHE D 559 27.73 29.94 12.84
CA PHE D 559 27.78 30.10 11.39
C PHE D 559 29.06 30.81 10.98
N LEU D 560 29.70 30.32 9.93
CA LEU D 560 30.78 31.04 9.30
C LEU D 560 30.22 32.12 8.39
N PRO D 561 31.02 33.14 8.03
CA PRO D 561 30.45 34.27 7.27
C PRO D 561 29.85 33.88 5.94
N PHE D 562 30.40 32.88 5.26
CA PHE D 562 29.87 32.47 3.96
C PHE D 562 28.62 31.60 4.08
N GLN D 563 28.26 31.17 5.29
CA GLN D 563 27.11 30.30 5.49
C GLN D 563 25.86 31.13 5.69
N GLN D 564 24.80 30.78 4.96
CA GLN D 564 23.52 31.49 5.02
C GLN D 564 22.43 30.68 5.70
N PHE D 565 22.47 29.35 5.61
CA PHE D 565 21.41 28.49 6.11
C PHE D 565 22.01 27.40 7.01
N GLY D 566 21.15 26.84 7.85
CA GLY D 566 21.49 25.68 8.64
C GLY D 566 20.41 24.62 8.46
N ARG D 567 20.84 23.36 8.52
CA ARG D 567 19.97 22.22 8.23
C ARG D 567 19.92 21.29 9.43
N ASP D 568 18.73 20.78 9.71
CA ASP D 568 18.54 19.86 10.83
C ASP D 568 19.02 18.46 10.44
N ILE D 569 18.91 17.53 11.40
CA ILE D 569 19.27 16.14 11.14
C ILE D 569 18.36 15.55 10.07
N ALA D 570 17.12 16.01 10.00
CA ALA D 570 16.19 15.60 8.94
C ALA D 570 16.42 16.31 7.62
N ASP D 571 17.47 17.13 7.51
CA ASP D 571 17.80 17.83 6.27
C ASP D 571 16.69 18.83 5.90
N THR D 572 16.27 19.60 6.88
CA THR D 572 15.32 20.70 6.69
C THR D 572 15.89 21.95 7.34
N THR D 573 15.56 23.10 6.76
CA THR D 573 16.13 24.36 7.23
C THR D 573 15.61 24.68 8.62
N ASP D 574 16.54 24.83 9.57
CA ASP D 574 16.20 25.17 10.95
C ASP D 574 16.93 26.40 11.46
N ALA D 575 17.83 26.99 10.67
CA ALA D 575 18.49 28.24 11.05
C ALA D 575 18.75 29.02 9.77
N VAL D 576 18.82 30.33 9.91
CA VAL D 576 18.99 31.21 8.76
C VAL D 576 19.68 32.49 9.20
N ARG D 577 20.53 33.03 8.33
CA ARG D 577 21.17 34.32 8.55
C ARG D 577 20.30 35.39 7.91
N ASP D 578 19.88 36.37 8.72
CA ASP D 578 19.04 37.44 8.20
C ASP D 578 19.85 38.26 7.20
N PRO D 579 19.38 38.46 5.96
CA PRO D 579 20.24 39.03 4.93
C PRO D 579 20.56 40.51 5.09
N GLN D 580 20.02 41.19 6.10
CA GLN D 580 20.28 42.60 6.34
C GLN D 580 21.06 42.83 7.64
N THR D 581 20.59 42.29 8.76
CA THR D 581 21.34 42.38 10.00
C THR D 581 22.46 41.34 10.08
N LEU D 582 22.44 40.32 9.21
CA LEU D 582 23.45 39.28 9.17
C LEU D 582 23.47 38.39 10.42
N GLU D 583 22.46 38.53 11.29
CA GLU D 583 22.39 37.72 12.50
C GLU D 583 21.71 36.39 12.19
N ILE D 584 22.08 35.38 12.97
CA ILE D 584 21.60 34.01 12.80
C ILE D 584 20.38 33.83 13.67
N LEU D 585 19.28 33.34 13.07
CA LEU D 585 18.02 33.14 13.75
C LEU D 585 17.67 31.66 13.74
N ASP D 586 17.40 31.11 14.91
CA ASP D 586 16.92 29.74 14.99
C ASP D 586 15.45 29.67 14.61
N ILE D 587 15.12 28.74 13.72
CA ILE D 587 13.75 28.49 13.29
C ILE D 587 13.27 27.22 13.98
N THR D 588 12.11 27.31 14.63
CA THR D 588 11.46 26.16 15.25
C THR D 588 10.00 26.15 14.80
N PRO D 589 9.37 24.97 14.71
CA PRO D 589 7.96 24.95 14.29
C PRO D 589 7.07 25.63 15.31
N CYS D 590 6.00 26.24 14.81
CA CYS D 590 5.00 26.78 15.71
C CYS D 590 4.35 25.65 16.49
N SER D 591 4.01 25.93 17.75
CA SER D 591 3.53 24.88 18.64
C SER D 591 2.24 24.27 18.12
N PHE D 592 2.15 22.94 18.21
CA PHE D 592 0.99 22.22 17.73
C PHE D 592 0.81 20.96 18.57
N GLY D 593 -0.40 20.41 18.52
CA GLY D 593 -0.70 19.18 19.24
C GLY D 593 -2.14 18.81 19.04
N GLY D 594 -2.43 17.54 19.28
CA GLY D 594 -3.79 17.06 19.14
C GLY D 594 -4.69 17.62 20.22
N VAL D 595 -5.98 17.74 19.91
CA VAL D 595 -6.99 18.20 20.84
C VAL D 595 -7.87 17.02 21.20
N SER D 596 -7.97 16.73 22.50
CA SER D 596 -8.76 15.63 23.01
C SER D 596 -9.85 16.17 23.93
N VAL D 597 -11.04 15.61 23.81
CA VAL D 597 -12.21 16.04 24.58
C VAL D 597 -12.57 14.94 25.56
N ILE D 598 -12.48 15.25 26.85
CA ILE D 598 -12.90 14.32 27.89
C ILE D 598 -14.39 14.49 28.11
N THR D 599 -15.15 13.41 27.91
CA THR D 599 -16.61 13.44 27.93
C THR D 599 -17.10 12.47 28.99
N PRO D 600 -17.89 12.89 29.98
CA PRO D 600 -18.53 11.91 30.88
C PRO D 600 -19.63 11.09 30.23
N GLY D 601 -20.01 11.39 29.00
CA GLY D 601 -21.12 10.73 28.34
C GLY D 601 -22.32 11.64 28.23
N THR D 602 -22.88 11.79 27.03
CA THR D 602 -24.01 12.68 26.84
C THR D 602 -25.23 12.26 27.66
N ASN D 603 -25.39 10.97 27.93
CA ASN D 603 -26.45 10.54 28.82
C ASN D 603 -26.22 11.04 30.25
N THR D 604 -24.96 11.19 30.64
CA THR D 604 -24.65 11.68 31.98
C THR D 604 -24.75 13.20 32.05
N SER D 605 -23.95 13.90 31.24
CA SER D 605 -23.95 15.36 31.26
C SER D 605 -23.37 15.87 29.95
N ASN D 606 -23.70 17.12 29.64
CA ASN D 606 -23.16 17.80 28.46
C ASN D 606 -21.88 18.56 28.74
N GLN D 607 -21.42 18.60 29.98
CA GLN D 607 -20.16 19.26 30.30
C GLN D 607 -18.99 18.41 29.84
N VAL D 608 -17.94 19.06 29.34
CA VAL D 608 -16.75 18.39 28.84
C VAL D 608 -15.51 19.20 29.21
N ALA D 609 -14.37 18.53 29.15
CA ALA D 609 -13.07 19.15 29.36
C ALA D 609 -12.18 18.82 28.16
N VAL D 610 -11.33 19.78 27.80
CA VAL D 610 -10.52 19.71 26.59
C VAL D 610 -9.06 19.60 26.99
N LEU D 611 -8.37 18.62 26.42
CA LEU D 611 -6.94 18.42 26.63
C LEU D 611 -6.21 18.78 25.34
N TYR D 612 -5.32 19.77 25.41
CA TYR D 612 -4.45 20.12 24.30
C TYR D 612 -3.13 19.41 24.53
N GLN D 613 -2.85 18.40 23.70
CA GLN D 613 -1.75 17.50 23.97
C GLN D 613 -0.41 18.19 23.73
N GLY D 614 0.51 18.02 24.68
CA GLY D 614 1.90 18.42 24.55
C GLY D 614 2.10 19.92 24.34
N VAL D 615 1.12 20.75 24.72
CA VAL D 615 1.30 22.20 24.63
C VAL D 615 1.35 22.82 26.02
N ASN D 616 1.93 24.02 26.07
CA ASN D 616 1.95 24.84 27.27
C ASN D 616 0.75 25.79 27.20
N CYS D 617 0.07 26.00 28.33
CA CYS D 617 -1.14 26.84 28.32
C CYS D 617 -0.86 28.29 27.97
N THR D 618 0.40 28.74 27.97
CA THR D 618 0.68 30.08 27.48
C THR D 618 0.34 30.23 26.00
N GLU D 619 0.23 29.12 25.26
CA GLU D 619 -0.06 29.15 23.83
C GLU D 619 -1.50 28.76 23.49
N VAL D 620 -2.30 28.33 24.46
CA VAL D 620 -3.62 27.76 24.15
C VAL D 620 -4.59 28.80 23.58
N PRO D 621 -4.63 30.07 24.08
CA PRO D 621 -5.72 30.88 23.50
C PRO D 621 -5.47 31.32 22.06
N ASN D 641 -11.41 26.60 34.45
CA ASN D 641 -10.24 26.04 35.09
C ASN D 641 -9.13 25.78 34.08
N VAL D 642 -7.88 25.94 34.53
CA VAL D 642 -6.70 25.67 33.71
C VAL D 642 -5.68 24.96 34.58
N PHE D 643 -5.01 23.96 34.00
CA PHE D 643 -4.14 23.07 34.77
C PHE D 643 -3.08 22.53 33.83
N GLN D 644 -1.82 22.61 34.24
CA GLN D 644 -0.69 22.17 33.42
C GLN D 644 -0.40 20.70 33.71
N THR D 645 -1.16 19.83 33.05
CA THR D 645 -0.90 18.40 33.12
C THR D 645 0.31 18.05 32.25
N ARG D 646 1.06 17.05 32.71
CA ARG D 646 2.31 16.68 32.01
C ARG D 646 2.06 16.19 30.60
N ALA D 647 0.88 15.64 30.32
CA ALA D 647 0.54 15.15 28.99
C ALA D 647 -0.17 16.19 28.13
N GLY D 648 0.13 17.46 28.33
CA GLY D 648 -0.60 18.55 27.69
C GLY D 648 -1.59 19.20 28.64
N CYS D 649 -1.61 20.53 28.62
CA CYS D 649 -2.31 21.23 29.67
C CYS D 649 -3.82 21.22 29.44
N LEU D 650 -4.56 20.96 30.51
CA LEU D 650 -5.96 20.60 30.48
C LEU D 650 -6.80 21.78 30.95
N ILE D 651 -7.90 22.04 30.24
CA ILE D 651 -8.85 23.09 30.58
C ILE D 651 -10.24 22.49 30.70
N GLY D 652 -11.07 23.14 31.52
CA GLY D 652 -12.42 22.68 31.76
C GLY D 652 -12.57 21.66 32.88
N ALA D 653 -11.46 21.20 33.47
CA ALA D 653 -11.48 20.26 34.57
C ALA D 653 -10.66 20.81 35.72
N GLU D 654 -11.19 20.65 36.93
CA GLU D 654 -10.57 21.20 38.13
C GLU D 654 -9.68 20.15 38.79
N HIS D 655 -8.44 20.52 39.08
CA HIS D 655 -7.51 19.61 39.72
C HIS D 655 -7.90 19.42 41.18
N VAL D 656 -7.80 18.17 41.66
CA VAL D 656 -8.10 17.82 43.04
C VAL D 656 -6.94 17.00 43.59
N ASN D 657 -6.59 17.27 44.85
CA ASN D 657 -5.46 16.61 45.49
C ASN D 657 -5.75 15.19 45.92
N ASN D 658 -7.01 14.75 45.89
CA ASN D 658 -7.32 13.37 46.19
C ASN D 658 -6.83 12.46 45.08
N SER D 659 -6.93 11.15 45.31
CA SER D 659 -6.57 10.13 44.34
C SER D 659 -7.66 9.07 44.29
N TYR D 660 -8.05 8.70 43.07
CA TYR D 660 -9.10 7.71 42.86
C TYR D 660 -8.66 6.77 41.75
N GLU D 661 -9.46 5.73 41.53
CA GLU D 661 -9.22 4.82 40.41
C GLU D 661 -9.41 5.57 39.10
N CYS D 662 -8.64 5.18 38.09
CA CYS D 662 -8.66 5.88 36.80
C CYS D 662 -10.00 5.64 36.13
N ASP D 663 -10.79 6.69 35.97
CA ASP D 663 -12.08 6.62 35.27
C ASP D 663 -11.86 6.84 33.77
N ILE D 664 -11.30 7.99 33.41
CA ILE D 664 -11.01 8.36 32.04
C ILE D 664 -9.52 8.68 31.95
N PRO D 665 -8.68 7.87 31.31
CA PRO D 665 -7.25 8.17 31.28
C PRO D 665 -6.92 9.40 30.46
N ILE D 666 -5.83 10.08 30.86
CA ILE D 666 -5.29 11.22 30.14
C ILE D 666 -3.83 11.00 29.79
N GLY D 667 -3.00 10.68 30.78
CA GLY D 667 -1.60 10.40 30.57
C GLY D 667 -0.76 10.85 31.74
N ALA D 668 0.44 10.31 31.82
CA ALA D 668 1.41 10.67 32.86
C ALA D 668 0.85 10.41 34.26
N GLY D 669 0.08 9.34 34.40
CA GLY D 669 -0.46 8.98 35.69
C GLY D 669 -1.59 9.86 36.18
N ILE D 670 -2.25 10.59 35.28
CA ILE D 670 -3.35 11.48 35.64
C ILE D 670 -4.57 11.08 34.85
N CYS D 671 -5.72 11.03 35.52
CA CYS D 671 -6.99 10.67 34.92
C CYS D 671 -8.02 11.71 35.32
N ALA D 672 -9.20 11.62 34.70
CA ALA D 672 -10.30 12.54 34.96
C ALA D 672 -11.59 11.75 35.16
N SER D 673 -12.51 12.37 35.90
CA SER D 673 -13.78 11.72 36.21
C SER D 673 -14.82 12.80 36.49
N TYR D 674 -16.08 12.40 36.41
CA TYR D 674 -17.23 13.27 36.67
C TYR D 674 -17.78 12.93 38.04
N GLN D 675 -17.62 13.85 38.99
CA GLN D 675 -18.02 13.62 40.37
C GLN D 675 -18.47 14.93 41.00
N THR D 676 -19.09 14.81 42.16
CA THR D 676 -19.56 15.96 42.92
C THR D 676 -18.40 16.85 43.34
N SER D 689 -24.57 19.64 41.23
CA SER D 689 -23.38 20.43 41.53
C SER D 689 -22.11 19.65 41.19
N GLN D 690 -22.19 18.82 40.15
CA GLN D 690 -21.07 17.98 39.75
C GLN D 690 -20.23 18.66 38.68
N SER D 691 -18.98 18.21 38.57
CA SER D 691 -18.04 18.77 37.62
C SER D 691 -16.99 17.73 37.30
N ILE D 692 -16.24 17.98 36.22
CA ILE D 692 -15.20 17.05 35.78
C ILE D 692 -13.94 17.38 36.57
N ILE D 693 -13.43 16.39 37.31
CA ILE D 693 -12.23 16.54 38.13
C ILE D 693 -11.06 15.91 37.40
N ALA D 694 -9.85 16.26 37.84
CA ALA D 694 -8.62 15.66 37.36
C ALA D 694 -7.75 15.34 38.56
N TYR D 695 -7.19 14.13 38.58
CA TYR D 695 -6.48 13.63 39.75
C TYR D 695 -5.40 12.66 39.32
N THR D 696 -4.44 12.46 40.23
CA THR D 696 -3.43 11.43 40.03
C THR D 696 -4.00 10.06 40.40
N MET D 697 -3.59 9.04 39.67
CA MET D 697 -4.14 7.71 39.88
C MET D 697 -3.74 7.16 41.25
N SER D 698 -4.69 6.47 41.88
CA SER D 698 -4.41 5.68 43.07
C SER D 698 -4.23 4.23 42.63
N LEU D 699 -3.01 3.73 42.74
CA LEU D 699 -2.74 2.36 42.30
C LEU D 699 -3.47 1.33 43.13
N GLY D 700 -3.79 1.65 44.38
CA GLY D 700 -4.55 0.73 45.21
C GLY D 700 -4.46 1.14 46.66
N ALA D 701 -5.25 0.47 47.48
CA ALA D 701 -5.24 0.73 48.91
C ALA D 701 -3.91 0.32 49.51
N GLU D 702 -3.37 1.17 50.37
CA GLU D 702 -2.11 0.85 51.04
C GLU D 702 -2.33 -0.31 52.01
N ASN D 703 -1.33 -1.16 52.14
CA ASN D 703 -1.43 -2.34 53.00
C ASN D 703 -0.02 -2.69 53.48
N SER D 704 0.14 -2.75 54.81
CA SER D 704 1.39 -3.21 55.41
C SER D 704 1.16 -4.61 55.96
N VAL D 705 1.75 -5.62 55.30
CA VAL D 705 1.57 -6.99 55.75
C VAL D 705 2.28 -7.17 57.08
N ALA D 706 1.59 -7.80 58.03
CA ALA D 706 2.14 -7.97 59.37
C ALA D 706 3.17 -9.10 59.41
N TYR D 707 4.25 -8.95 58.66
CA TYR D 707 5.25 -9.99 58.60
C TYR D 707 6.03 -10.07 59.90
N SER D 708 6.33 -11.29 60.33
CA SER D 708 7.22 -11.52 61.46
C SER D 708 7.84 -12.89 61.27
N ASN D 709 8.98 -13.11 61.93
CA ASN D 709 9.73 -14.34 61.71
C ASN D 709 9.06 -15.56 62.35
N ASN D 710 8.01 -15.37 63.15
CA ASN D 710 7.30 -16.50 63.74
C ASN D 710 5.79 -16.30 63.76
N SER D 711 5.23 -15.60 62.78
CA SER D 711 3.79 -15.34 62.69
C SER D 711 3.28 -15.82 61.34
N ILE D 712 2.15 -16.54 61.38
CA ILE D 712 1.48 -17.03 60.17
C ILE D 712 -0.01 -16.79 60.31
N ALA D 713 -0.66 -16.44 59.20
CA ALA D 713 -2.10 -16.29 59.12
C ALA D 713 -2.66 -17.40 58.26
N ILE D 714 -3.67 -18.10 58.79
CA ILE D 714 -4.28 -19.24 58.11
C ILE D 714 -5.77 -18.92 57.95
N PRO D 715 -6.39 -19.20 56.80
CA PRO D 715 -7.82 -18.91 56.66
C PRO D 715 -8.66 -19.89 57.47
N THR D 716 -9.64 -19.37 58.20
CA THR D 716 -10.60 -20.17 58.93
C THR D 716 -11.89 -20.40 58.16
N ASN D 717 -12.02 -19.86 56.95
CA ASN D 717 -13.25 -19.95 56.17
C ASN D 717 -12.88 -19.70 54.71
N PHE D 718 -13.89 -19.78 53.84
CA PHE D 718 -13.66 -19.62 52.41
C PHE D 718 -14.93 -19.07 51.76
N THR D 719 -14.76 -18.61 50.53
CA THR D 719 -15.87 -18.15 49.69
C THR D 719 -15.67 -18.67 48.28
N ILE D 720 -16.68 -19.34 47.74
CA ILE D 720 -16.62 -19.82 46.37
C ILE D 720 -16.95 -18.66 45.44
N SER D 721 -15.99 -18.30 44.58
CA SER D 721 -16.10 -17.16 43.69
C SER D 721 -16.23 -17.63 42.25
N VAL D 722 -17.29 -17.18 41.58
CA VAL D 722 -17.51 -17.43 40.17
C VAL D 722 -17.28 -16.13 39.43
N THR D 723 -16.26 -16.09 38.58
CA THR D 723 -15.88 -14.90 37.83
C THR D 723 -16.01 -15.18 36.34
N THR D 724 -16.71 -14.31 35.64
CA THR D 724 -16.91 -14.47 34.20
C THR D 724 -15.71 -13.91 33.44
N GLU D 725 -15.35 -14.60 32.36
CA GLU D 725 -14.29 -14.17 31.45
C GLU D 725 -14.78 -14.31 30.02
N ILE D 726 -14.65 -13.22 29.25
CA ILE D 726 -15.13 -13.16 27.87
C ILE D 726 -13.92 -13.14 26.95
N LEU D 727 -13.98 -13.93 25.89
CA LEU D 727 -12.88 -14.07 24.93
C LEU D 727 -13.45 -14.08 23.51
N PRO D 728 -13.01 -13.21 22.60
CA PRO D 728 -13.38 -13.37 21.21
C PRO D 728 -12.81 -14.66 20.64
N VAL D 729 -13.56 -15.26 19.71
CA VAL D 729 -13.17 -16.53 19.09
C VAL D 729 -13.10 -16.35 17.58
N SER D 730 -14.09 -15.68 17.00
CA SER D 730 -14.17 -15.52 15.56
C SER D 730 -14.74 -14.15 15.24
N MET D 731 -14.67 -13.79 13.96
CA MET D 731 -15.28 -12.58 13.44
C MET D 731 -16.01 -12.93 12.15
N THR D 732 -16.80 -11.99 11.66
CA THR D 732 -17.68 -12.27 10.53
C THR D 732 -16.86 -12.57 9.28
N LYS D 733 -17.35 -13.52 8.48
CA LYS D 733 -16.64 -13.98 7.28
C LYS D 733 -17.05 -13.11 6.09
N THR D 734 -16.45 -11.93 6.02
CA THR D 734 -16.68 -11.06 4.88
C THR D 734 -15.90 -11.56 3.66
N SER D 735 -16.44 -11.27 2.48
CA SER D 735 -15.76 -11.53 1.22
C SER D 735 -16.13 -10.43 0.25
N VAL D 736 -15.12 -9.98 -0.50
CA VAL D 736 -15.25 -8.83 -1.40
C VAL D 736 -14.95 -9.28 -2.81
N ASP D 737 -15.90 -9.07 -3.72
CA ASP D 737 -15.67 -9.26 -5.14
C ASP D 737 -14.92 -8.04 -5.64
N CYS D 738 -13.62 -8.23 -5.90
CA CYS D 738 -12.74 -7.11 -6.20
C CYS D 738 -13.18 -6.36 -7.46
N THR D 739 -13.47 -7.10 -8.53
CA THR D 739 -13.89 -6.46 -9.78
C THR D 739 -15.21 -5.72 -9.60
N MET D 740 -16.16 -6.34 -8.90
CA MET D 740 -17.45 -5.68 -8.67
C MET D 740 -17.27 -4.45 -7.79
N TYR D 741 -16.45 -4.55 -6.74
CA TYR D 741 -16.26 -3.42 -5.83
C TYR D 741 -15.62 -2.25 -6.55
N ILE D 742 -14.55 -2.49 -7.30
CA ILE D 742 -13.83 -1.40 -7.92
C ILE D 742 -14.70 -0.74 -8.99
N CYS D 743 -15.05 -1.49 -10.02
CA CYS D 743 -15.81 -0.95 -11.15
C CYS D 743 -16.85 -1.92 -11.69
N GLY D 744 -17.68 -2.48 -10.81
CA GLY D 744 -18.71 -3.42 -11.23
C GLY D 744 -19.62 -2.91 -12.33
N ASP D 745 -20.04 -3.82 -13.20
CA ASP D 745 -21.00 -3.59 -14.28
C ASP D 745 -20.44 -2.72 -15.40
N SER D 746 -19.15 -2.41 -15.37
CA SER D 746 -18.49 -1.65 -16.44
C SER D 746 -17.41 -2.51 -17.07
N THR D 747 -17.56 -2.81 -18.35
CA THR D 747 -16.58 -3.66 -19.03
C THR D 747 -15.30 -2.89 -19.36
N GLU D 748 -15.40 -1.57 -19.55
CA GLU D 748 -14.22 -0.78 -19.90
C GLU D 748 -13.17 -0.83 -18.79
N CYS D 749 -13.60 -0.55 -17.55
CA CYS D 749 -12.69 -0.68 -16.43
C CYS D 749 -12.23 -2.10 -16.22
N SER D 750 -13.15 -3.07 -16.38
CA SER D 750 -12.79 -4.47 -16.20
C SER D 750 -11.68 -4.87 -17.15
N ASN D 751 -11.67 -4.30 -18.35
CA ASN D 751 -10.54 -4.48 -19.27
C ASN D 751 -9.32 -3.72 -18.77
N LEU D 752 -9.51 -2.49 -18.28
CA LEU D 752 -8.38 -1.73 -17.75
C LEU D 752 -7.81 -2.38 -16.50
N LEU D 753 -8.66 -2.99 -15.69
CA LEU D 753 -8.20 -3.53 -14.41
C LEU D 753 -7.27 -4.72 -14.60
N LEU D 754 -7.34 -5.40 -15.75
CA LEU D 754 -6.43 -6.52 -15.99
C LEU D 754 -4.99 -6.05 -16.09
N GLN D 755 -4.76 -4.78 -16.45
CA GLN D 755 -3.40 -4.26 -16.56
C GLN D 755 -2.66 -4.31 -15.24
N TYR D 756 -3.36 -4.25 -14.12
CA TYR D 756 -2.73 -4.32 -12.81
C TYR D 756 -2.42 -5.75 -12.38
N GLY D 757 -2.84 -6.75 -13.14
CA GLY D 757 -2.37 -8.10 -12.91
C GLY D 757 -3.24 -8.86 -11.94
N SER D 758 -2.60 -9.51 -10.97
CA SER D 758 -3.25 -10.47 -10.09
C SER D 758 -3.58 -9.89 -8.72
N PHE D 759 -3.77 -8.58 -8.59
CA PHE D 759 -4.10 -8.02 -7.28
C PHE D 759 -5.47 -8.50 -6.79
N CYS D 760 -6.46 -8.52 -7.67
CA CYS D 760 -7.81 -8.88 -7.25
C CYS D 760 -7.88 -10.33 -6.79
N THR D 761 -7.24 -11.23 -7.54
CA THR D 761 -7.32 -12.65 -7.19
C THR D 761 -6.61 -12.94 -5.87
N GLN D 762 -5.47 -12.30 -5.61
CA GLN D 762 -4.78 -12.55 -4.34
C GLN D 762 -5.50 -11.89 -3.18
N LEU D 763 -6.15 -10.74 -3.40
CA LEU D 763 -6.98 -10.17 -2.35
C LEU D 763 -8.14 -11.10 -2.00
N ASN D 764 -8.80 -11.67 -3.02
CA ASN D 764 -9.85 -12.64 -2.77
C ASN D 764 -9.31 -13.86 -2.05
N ARG D 765 -8.11 -14.30 -2.41
CA ARG D 765 -7.49 -15.45 -1.75
C ARG D 765 -7.24 -15.15 -0.27
N ALA D 766 -6.74 -13.96 0.04
CA ALA D 766 -6.49 -13.60 1.44
C ALA D 766 -7.79 -13.56 2.23
N LEU D 767 -8.83 -12.96 1.65
CA LEU D 767 -10.11 -12.91 2.36
C LEU D 767 -10.70 -14.29 2.56
N THR D 768 -10.57 -15.17 1.56
CA THR D 768 -11.05 -16.53 1.72
C THR D 768 -10.27 -17.27 2.79
N GLY D 769 -8.95 -17.04 2.86
CA GLY D 769 -8.17 -17.65 3.93
C GLY D 769 -8.62 -17.21 5.29
N ILE D 770 -8.91 -15.91 5.45
CA ILE D 770 -9.43 -15.41 6.72
C ILE D 770 -10.77 -16.08 7.04
N ALA D 771 -11.63 -16.19 6.03
CA ALA D 771 -12.95 -16.78 6.24
C ALA D 771 -12.85 -18.22 6.71
N VAL D 772 -11.98 -19.00 6.08
CA VAL D 772 -11.77 -20.38 6.52
C VAL D 772 -11.18 -20.41 7.91
N GLU D 773 -10.31 -19.45 8.23
CA GLU D 773 -9.68 -19.40 9.54
C GLU D 773 -10.70 -19.18 10.64
N GLN D 774 -11.76 -18.40 10.36
CA GLN D 774 -12.78 -18.20 11.39
C GLN D 774 -13.47 -19.51 11.77
N ASP D 775 -13.86 -20.30 10.77
CA ASP D 775 -14.45 -21.60 11.05
C ASP D 775 -13.46 -22.52 11.76
N LYS D 776 -12.18 -22.45 11.37
CA LYS D 776 -11.17 -23.24 12.07
C LYS D 776 -11.09 -22.84 13.53
N ASN D 777 -11.17 -21.54 13.83
CA ASN D 777 -11.12 -21.08 15.21
C ASN D 777 -12.30 -21.60 16.00
N THR D 778 -13.50 -21.49 15.45
CA THR D 778 -14.68 -21.96 16.17
C THR D 778 -14.61 -23.47 16.40
N GLN D 779 -14.20 -24.23 15.39
CA GLN D 779 -14.06 -25.67 15.53
C GLN D 779 -13.03 -26.01 16.60
N GLU D 780 -11.90 -25.30 16.61
CA GLU D 780 -10.84 -25.58 17.56
C GLU D 780 -11.31 -25.30 18.98
N VAL D 781 -12.06 -24.21 19.19
CA VAL D 781 -12.49 -23.86 20.53
C VAL D 781 -13.57 -24.81 21.04
N PHE D 782 -14.61 -25.05 20.23
CA PHE D 782 -15.82 -25.69 20.73
C PHE D 782 -15.89 -27.19 20.48
N ALA D 783 -15.17 -27.70 19.47
CA ALA D 783 -15.34 -29.09 19.05
C ALA D 783 -14.41 -30.05 19.76
N GLN D 784 -14.05 -29.77 21.00
CA GLN D 784 -13.09 -30.58 21.74
C GLN D 784 -13.70 -31.84 22.35
N VAL D 785 -14.98 -32.13 22.10
CA VAL D 785 -15.64 -33.32 22.60
C VAL D 785 -16.10 -34.16 21.40
N LYS D 786 -15.77 -35.45 21.43
CA LYS D 786 -16.14 -36.34 20.35
C LYS D 786 -17.57 -36.84 20.44
N GLN D 787 -18.22 -36.69 21.60
CA GLN D 787 -19.58 -37.16 21.80
C GLN D 787 -20.40 -36.05 22.47
N ILE D 788 -21.70 -36.08 22.21
CA ILE D 788 -22.63 -35.09 22.74
C ILE D 788 -23.22 -35.69 24.01
N TYR D 789 -22.62 -35.35 25.15
CA TYR D 789 -23.11 -35.85 26.43
C TYR D 789 -24.38 -35.14 26.82
N LYS D 790 -25.18 -35.80 27.65
CA LYS D 790 -26.45 -35.26 28.13
C LYS D 790 -26.57 -35.52 29.63
N THR D 791 -27.16 -34.56 30.34
CA THR D 791 -27.41 -34.73 31.76
C THR D 791 -28.64 -35.61 31.98
N PRO D 792 -28.77 -36.25 33.14
CA PRO D 792 -29.93 -37.11 33.37
C PRO D 792 -31.20 -36.28 33.53
N PRO D 793 -32.38 -36.89 33.45
CA PRO D 793 -33.60 -36.13 33.74
C PRO D 793 -33.67 -35.61 35.15
N ILE D 794 -33.10 -36.34 36.12
CA ILE D 794 -33.06 -35.94 37.52
C ILE D 794 -31.68 -35.38 37.81
N LYS D 795 -31.64 -34.26 38.53
CA LYS D 795 -30.43 -33.44 38.64
C LYS D 795 -29.95 -33.32 40.07
N ASP D 796 -29.93 -34.44 40.80
CA ASP D 796 -29.42 -34.46 42.17
C ASP D 796 -27.89 -34.35 42.17
N PHE D 797 -27.42 -33.12 42.01
CA PHE D 797 -25.99 -32.81 42.00
C PHE D 797 -25.49 -32.36 43.37
N GLY D 798 -26.08 -32.88 44.44
CA GLY D 798 -25.62 -32.55 45.77
C GLY D 798 -25.85 -31.11 46.18
N GLY D 799 -26.95 -30.51 45.75
CA GLY D 799 -27.30 -29.16 46.11
C GLY D 799 -26.86 -28.10 45.12
N PHE D 800 -25.96 -28.43 44.20
CA PHE D 800 -25.53 -27.47 43.19
C PHE D 800 -26.61 -27.35 42.12
N ASN D 801 -26.92 -26.11 41.74
CA ASN D 801 -28.04 -25.80 40.85
C ASN D 801 -27.48 -25.18 39.57
N PHE D 802 -27.49 -25.96 38.49
CA PHE D 802 -27.01 -25.51 37.18
C PHE D 802 -28.13 -25.16 36.22
N SER D 803 -29.32 -24.83 36.72
CA SER D 803 -30.42 -24.51 35.83
C SER D 803 -30.13 -23.27 34.99
N GLN D 804 -29.33 -22.34 35.54
CA GLN D 804 -29.02 -21.10 34.83
C GLN D 804 -28.05 -21.31 33.68
N ILE D 805 -27.17 -22.32 33.77
CA ILE D 805 -26.17 -22.56 32.75
C ILE D 805 -26.50 -23.75 31.86
N LEU D 806 -27.29 -24.71 32.33
CA LEU D 806 -27.68 -25.82 31.48
C LEU D 806 -28.79 -25.37 30.52
N PRO D 807 -28.92 -26.03 29.37
CA PRO D 807 -29.99 -25.64 28.44
C PRO D 807 -31.37 -25.99 28.99
N ASP D 808 -32.35 -25.20 28.59
CA ASP D 808 -33.75 -25.46 28.92
C ASP D 808 -34.47 -25.98 27.68
N PRO D 809 -34.99 -27.22 27.67
CA PRO D 809 -35.52 -27.76 26.41
C PRO D 809 -36.76 -27.06 25.91
N SER D 810 -37.47 -26.30 26.75
CA SER D 810 -38.73 -25.71 26.36
C SER D 810 -38.57 -24.69 25.23
N LYS D 811 -37.52 -23.90 25.26
CA LYS D 811 -37.35 -22.83 24.27
C LYS D 811 -37.06 -23.41 22.89
N PRO D 812 -37.35 -22.67 21.82
CA PRO D 812 -36.97 -23.18 20.49
C PRO D 812 -35.47 -23.32 20.33
N SER D 813 -34.72 -22.26 20.59
CA SER D 813 -33.28 -22.39 20.72
C SER D 813 -32.94 -23.14 22.01
N LYS D 814 -31.87 -23.91 21.96
CA LYS D 814 -31.44 -24.73 23.09
C LYS D 814 -30.31 -24.04 23.86
N ARG D 815 -30.33 -22.72 23.90
CA ARG D 815 -29.39 -21.96 24.71
C ARG D 815 -29.85 -21.93 26.16
N SER D 816 -28.89 -21.79 27.06
CA SER D 816 -29.20 -21.67 28.48
C SER D 816 -29.71 -20.26 28.78
N PHE D 817 -30.06 -20.03 30.05
CA PHE D 817 -30.53 -18.72 30.46
C PHE D 817 -29.42 -17.68 30.30
N ILE D 818 -28.23 -17.98 30.84
CA ILE D 818 -27.12 -17.04 30.75
C ILE D 818 -26.69 -16.89 29.30
N GLU D 819 -26.77 -17.96 28.50
CA GLU D 819 -26.46 -17.84 27.09
C GLU D 819 -27.44 -16.90 26.40
N ASP D 820 -28.72 -16.97 26.77
CA ASP D 820 -29.71 -16.04 26.22
C ASP D 820 -29.37 -14.61 26.61
N LEU D 821 -28.96 -14.39 27.86
CA LEU D 821 -28.56 -13.05 28.28
C LEU D 821 -27.36 -12.55 27.48
N LEU D 822 -26.38 -13.43 27.26
CA LEU D 822 -25.19 -13.04 26.50
C LEU D 822 -25.57 -12.69 25.06
N PHE D 823 -26.44 -13.49 24.45
CA PHE D 823 -26.82 -13.23 23.06
C PHE D 823 -27.64 -11.95 22.93
N ASN D 824 -28.51 -11.67 23.90
CA ASN D 824 -29.29 -10.44 23.84
C ASN D 824 -28.45 -9.22 24.17
N LYS D 825 -27.40 -9.39 24.98
CA LYS D 825 -26.58 -8.25 25.38
C LYS D 825 -25.86 -7.63 24.19
N VAL D 826 -25.32 -8.45 23.31
CA VAL D 826 -24.58 -7.96 22.15
C VAL D 826 -25.57 -7.52 21.07
N ASN D 856 -23.01 -3.52 -3.73
CA ASN D 856 -21.75 -3.05 -3.17
C ASN D 856 -20.57 -3.92 -3.62
N GLY D 857 -20.84 -5.19 -3.88
CA GLY D 857 -19.80 -6.18 -4.04
C GLY D 857 -19.29 -6.78 -2.75
N LEU D 858 -19.87 -6.42 -1.61
CA LEU D 858 -19.48 -6.91 -0.30
C LEU D 858 -20.51 -7.94 0.16
N THR D 859 -20.03 -9.12 0.54
CA THR D 859 -20.89 -10.21 0.97
C THR D 859 -20.39 -10.78 2.28
N VAL D 860 -21.34 -11.25 3.10
CA VAL D 860 -21.06 -11.82 4.41
C VAL D 860 -21.44 -13.29 4.35
N LEU D 861 -20.43 -14.16 4.47
CA LEU D 861 -20.71 -15.60 4.44
C LEU D 861 -21.20 -16.06 5.81
N PRO D 862 -22.02 -17.10 5.88
CA PRO D 862 -22.52 -17.54 7.18
C PRO D 862 -21.50 -18.41 7.88
N PRO D 863 -21.52 -18.46 9.21
CA PRO D 863 -20.61 -19.39 9.90
C PRO D 863 -20.93 -20.84 9.56
N LEU D 864 -19.88 -21.68 9.56
CA LEU D 864 -20.09 -23.10 9.32
C LEU D 864 -20.96 -23.73 10.40
N LEU D 865 -20.71 -23.38 11.66
CA LEU D 865 -21.48 -23.87 12.79
C LEU D 865 -22.51 -22.84 13.19
N THR D 866 -23.78 -23.21 13.13
CA THR D 866 -24.84 -22.31 13.55
C THR D 866 -24.78 -22.08 15.06
N ASP D 867 -25.49 -21.04 15.51
CA ASP D 867 -25.49 -20.73 16.93
C ASP D 867 -26.06 -21.87 17.76
N GLU D 868 -27.11 -22.52 17.27
CA GLU D 868 -27.64 -23.69 17.96
C GLU D 868 -26.64 -24.84 17.99
N MET D 869 -25.81 -24.96 16.96
CA MET D 869 -24.79 -26.01 16.94
C MET D 869 -23.74 -25.76 18.01
N ILE D 870 -23.26 -24.51 18.12
CA ILE D 870 -22.31 -24.17 19.18
C ILE D 870 -22.96 -24.34 20.54
N ALA D 871 -24.26 -24.04 20.64
CA ALA D 871 -24.97 -24.26 21.90
C ALA D 871 -25.01 -25.74 22.25
N GLN D 872 -25.19 -26.60 21.25
CA GLN D 872 -25.15 -28.04 21.50
C GLN D 872 -23.78 -28.47 21.98
N TYR D 873 -22.72 -27.94 21.37
CA TYR D 873 -21.37 -28.27 21.81
C TYR D 873 -21.14 -27.81 23.25
N THR D 874 -21.58 -26.60 23.58
CA THR D 874 -21.41 -26.09 24.93
C THR D 874 -22.19 -26.91 25.94
N SER D 875 -23.42 -27.31 25.58
CA SER D 875 -24.20 -28.16 26.47
C SER D 875 -23.54 -29.52 26.66
N ALA D 876 -22.94 -30.07 25.60
CA ALA D 876 -22.21 -31.32 25.74
C ALA D 876 -21.04 -31.17 26.71
N LEU D 877 -20.28 -30.08 26.58
CA LEU D 877 -19.17 -29.85 27.49
C LEU D 877 -19.66 -29.70 28.93
N LEU D 878 -20.75 -28.96 29.12
CA LEU D 878 -21.30 -28.78 30.46
C LEU D 878 -21.74 -30.11 31.06
N ALA D 879 -22.44 -30.92 30.26
CA ALA D 879 -22.92 -32.21 30.76
C ALA D 879 -21.75 -33.12 31.11
N GLY D 880 -20.73 -33.15 30.26
CA GLY D 880 -19.57 -33.97 30.55
C GLY D 880 -18.86 -33.53 31.82
N THR D 881 -18.67 -32.22 31.97
CA THR D 881 -18.01 -31.70 33.16
C THR D 881 -18.81 -32.00 34.42
N ILE D 882 -20.12 -31.82 34.37
CA ILE D 882 -20.95 -32.01 35.55
C ILE D 882 -21.00 -33.48 35.94
N THR D 883 -21.23 -34.36 34.96
CA THR D 883 -21.48 -35.75 35.28
C THR D 883 -20.21 -36.58 35.43
N SER D 884 -19.08 -36.13 34.87
CA SER D 884 -17.88 -36.96 34.85
C SER D 884 -16.59 -36.19 35.11
N GLY D 885 -16.65 -34.91 35.48
CA GLY D 885 -15.42 -34.19 35.76
C GLY D 885 -14.58 -33.99 34.53
N TRP D 886 -13.36 -34.54 34.58
CA TRP D 886 -12.41 -34.47 33.47
C TRP D 886 -12.14 -35.81 32.82
N THR D 887 -12.78 -36.88 33.28
CA THR D 887 -12.54 -38.19 32.69
C THR D 887 -12.97 -38.21 31.22
N PHE D 888 -13.96 -37.39 30.86
CA PHE D 888 -14.37 -37.33 29.46
C PHE D 888 -13.35 -36.62 28.59
N GLY D 889 -12.50 -35.77 29.16
CA GLY D 889 -11.46 -35.12 28.40
C GLY D 889 -10.30 -36.05 28.09
N ALA D 890 -9.98 -36.95 29.03
CA ALA D 890 -8.89 -37.88 28.84
C ALA D 890 -9.30 -39.13 28.07
N GLY D 891 -10.58 -39.49 28.09
CA GLY D 891 -11.05 -40.68 27.40
C GLY D 891 -12.55 -40.83 27.51
N ALA D 892 -13.02 -42.05 27.75
CA ALA D 892 -14.44 -42.27 27.93
C ALA D 892 -14.92 -41.60 29.21
N ALA D 893 -16.09 -40.97 29.14
CA ALA D 893 -16.62 -40.28 30.29
C ALA D 893 -17.00 -41.28 31.37
N LEU D 894 -16.43 -41.08 32.56
CA LEU D 894 -16.67 -41.95 33.72
C LEU D 894 -17.51 -41.17 34.72
N GLN D 895 -18.72 -41.65 34.97
CA GLN D 895 -19.61 -40.95 35.89
C GLN D 895 -19.04 -40.98 37.30
N ILE D 896 -19.37 -39.94 38.08
CA ILE D 896 -18.96 -39.85 39.47
C ILE D 896 -19.96 -38.93 40.16
N PRO D 897 -20.33 -39.16 41.43
CA PRO D 897 -21.20 -38.20 42.10
C PRO D 897 -20.55 -36.83 42.17
N PHE D 898 -21.36 -35.79 41.98
CA PHE D 898 -20.81 -34.45 41.85
C PHE D 898 -20.18 -33.99 43.16
N ALA D 899 -20.76 -34.37 44.29
CA ALA D 899 -20.16 -34.01 45.57
C ALA D 899 -18.75 -34.57 45.69
N MET D 900 -18.55 -35.82 45.26
CA MET D 900 -17.22 -36.40 45.28
C MET D 900 -16.30 -35.74 44.27
N GLN D 901 -16.83 -35.31 43.12
CA GLN D 901 -16.01 -34.61 42.15
C GLN D 901 -15.48 -33.30 42.72
N MET D 902 -16.37 -32.49 43.31
CA MET D 902 -15.93 -31.27 43.95
C MET D 902 -14.99 -31.56 45.12
N ALA D 903 -15.22 -32.66 45.83
CA ALA D 903 -14.36 -32.99 46.95
C ALA D 903 -12.94 -33.30 46.48
N TYR D 904 -12.81 -34.01 45.35
CA TYR D 904 -11.46 -34.27 44.86
C TYR D 904 -10.84 -33.02 44.26
N ARG D 905 -11.66 -32.17 43.64
CA ARG D 905 -11.14 -30.87 43.18
C ARG D 905 -10.64 -30.03 44.34
N PHE D 906 -11.27 -30.15 45.51
CA PHE D 906 -10.73 -29.51 46.71
C PHE D 906 -9.37 -30.09 47.06
N ASN D 907 -9.25 -31.42 46.95
CA ASN D 907 -7.98 -32.07 47.26
C ASN D 907 -6.89 -31.65 46.29
N GLY D 908 -7.26 -31.23 45.07
CA GLY D 908 -6.28 -30.70 44.14
C GLY D 908 -5.74 -29.35 44.53
N ILE D 909 -6.49 -28.59 45.34
CA ILE D 909 -6.04 -27.30 45.85
C ILE D 909 -5.19 -27.44 47.11
N GLY D 910 -5.19 -28.61 47.75
CA GLY D 910 -4.56 -28.81 49.03
C GLY D 910 -5.50 -28.83 50.20
N VAL D 911 -6.76 -28.45 50.01
CA VAL D 911 -7.77 -28.56 51.05
C VAL D 911 -8.28 -29.98 51.07
N THR D 912 -8.27 -30.61 52.24
CA THR D 912 -8.62 -32.01 52.36
C THR D 912 -10.07 -32.24 51.99
N GLN D 913 -10.41 -33.51 51.72
CA GLN D 913 -11.76 -33.85 51.29
C GLN D 913 -12.79 -33.54 52.37
N ASN D 914 -12.45 -33.82 53.63
CA ASN D 914 -13.43 -33.66 54.70
C ASN D 914 -13.86 -32.22 54.89
N VAL D 915 -13.04 -31.25 54.45
CA VAL D 915 -13.42 -29.85 54.53
C VAL D 915 -14.66 -29.55 53.71
N LEU D 916 -14.88 -30.30 52.62
CA LEU D 916 -16.09 -30.12 51.83
C LEU D 916 -17.29 -30.81 52.45
N TYR D 917 -17.18 -32.12 52.69
CA TYR D 917 -18.32 -32.90 53.12
C TYR D 917 -18.89 -32.38 54.43
N GLU D 918 -18.02 -31.91 55.33
CA GLU D 918 -18.48 -31.34 56.58
C GLU D 918 -19.28 -30.06 56.39
N ASN D 919 -19.08 -29.34 55.28
CA ASN D 919 -19.86 -28.14 54.99
C ASN D 919 -20.29 -28.09 53.52
N GLN D 920 -20.83 -29.20 53.00
CA GLN D 920 -21.26 -29.23 51.60
C GLN D 920 -22.38 -28.24 51.33
N LYS D 921 -23.31 -28.09 52.28
CA LYS D 921 -24.44 -27.19 52.08
C LYS D 921 -23.98 -25.75 51.90
N LEU D 922 -23.01 -25.32 52.71
CA LEU D 922 -22.51 -23.95 52.58
C LEU D 922 -21.86 -23.74 51.22
N ILE D 923 -21.08 -24.70 50.74
CA ILE D 923 -20.43 -24.57 49.45
C ILE D 923 -21.47 -24.50 48.34
N ALA D 924 -22.49 -25.36 48.41
CA ALA D 924 -23.53 -25.35 47.38
C ALA D 924 -24.28 -24.02 47.38
N ASN D 925 -24.61 -23.51 48.57
CA ASN D 925 -25.31 -22.22 48.63
C ASN D 925 -24.45 -21.09 48.09
N GLN D 926 -23.15 -21.10 48.42
CA GLN D 926 -22.26 -20.06 47.89
C GLN D 926 -22.17 -20.13 46.37
N PHE D 927 -22.07 -21.33 45.82
CA PHE D 927 -22.00 -21.47 44.37
C PHE D 927 -23.29 -20.98 43.72
N ASN D 928 -24.44 -21.33 44.30
CA ASN D 928 -25.72 -20.90 43.75
C ASN D 928 -25.84 -19.38 43.80
N SER D 929 -25.43 -18.78 44.92
CA SER D 929 -25.49 -17.32 45.03
C SER D 929 -24.56 -16.66 44.03
N ALA D 930 -23.38 -17.23 43.80
CA ALA D 930 -22.46 -16.67 42.82
C ALA D 930 -23.04 -16.75 41.42
N ILE D 931 -23.66 -17.88 41.07
CA ILE D 931 -24.29 -18.00 39.76
C ILE D 931 -25.42 -16.99 39.60
N GLY D 932 -26.22 -16.83 40.65
CA GLY D 932 -27.29 -15.83 40.60
C GLY D 932 -26.74 -14.42 40.44
N LYS D 933 -25.60 -14.14 41.06
CA LYS D 933 -25.01 -12.82 40.92
C LYS D 933 -24.46 -12.59 39.51
N ILE D 934 -23.89 -13.61 38.90
CA ILE D 934 -23.49 -13.48 37.49
C ILE D 934 -24.71 -13.23 36.62
N GLN D 935 -25.80 -13.94 36.90
CA GLN D 935 -27.05 -13.73 36.16
C GLN D 935 -27.53 -12.29 36.30
N ASP D 936 -27.52 -11.76 37.54
CA ASP D 936 -27.96 -10.39 37.75
C ASP D 936 -27.04 -9.39 37.06
N SER D 937 -25.73 -9.63 37.13
CA SER D 937 -24.78 -8.71 36.51
C SER D 937 -24.97 -8.67 35.00
N LEU D 938 -25.18 -9.81 34.38
CA LEU D 938 -25.45 -9.81 32.94
C LEU D 938 -26.82 -9.22 32.62
N SER D 939 -27.78 -9.35 33.54
CA SER D 939 -29.09 -8.74 33.33
C SER D 939 -29.03 -7.22 33.44
N SER D 940 -28.08 -6.69 34.20
CA SER D 940 -28.01 -5.26 34.44
C SER D 940 -27.61 -4.52 33.16
N THR D 941 -27.58 -3.19 33.27
CA THR D 941 -27.24 -2.33 32.15
C THR D 941 -25.73 -2.27 31.89
N ALA D 942 -24.91 -2.85 32.76
CA ALA D 942 -23.46 -2.73 32.62
C ALA D 942 -22.98 -3.39 31.34
N SER D 943 -21.97 -2.77 30.72
CA SER D 943 -21.37 -3.28 29.49
C SER D 943 -20.35 -4.38 29.75
N ALA D 944 -20.80 -5.55 30.17
CA ALA D 944 -19.87 -6.62 30.52
C ALA D 944 -19.20 -7.20 29.29
N LEU D 945 -19.87 -7.17 28.14
CA LEU D 945 -19.41 -7.83 26.92
C LEU D 945 -18.68 -6.89 25.98
N GLY D 946 -17.90 -5.96 26.52
CA GLY D 946 -17.23 -4.98 25.68
C GLY D 946 -16.25 -5.61 24.69
N LYS D 947 -15.67 -6.75 25.05
CA LYS D 947 -14.66 -7.36 24.20
C LYS D 947 -15.26 -7.80 22.86
N LEU D 948 -16.42 -8.45 22.88
CA LEU D 948 -17.04 -8.92 21.65
C LEU D 948 -17.66 -7.77 20.87
N GLN D 949 -18.26 -6.82 21.59
CA GLN D 949 -18.82 -5.64 20.92
C GLN D 949 -17.72 -4.85 20.24
N ASP D 950 -16.50 -4.87 20.79
CA ASP D 950 -15.39 -4.21 20.12
C ASP D 950 -15.08 -4.88 18.78
N VAL D 951 -15.11 -6.21 18.73
CA VAL D 951 -14.88 -6.91 17.47
C VAL D 951 -15.95 -6.53 16.45
N VAL D 952 -17.21 -6.54 16.89
CA VAL D 952 -18.31 -6.22 15.98
C VAL D 952 -18.18 -4.78 15.49
N ASN D 953 -17.87 -3.86 16.40
CA ASN D 953 -17.74 -2.46 16.03
C ASN D 953 -16.58 -2.24 15.08
N GLN D 954 -15.46 -2.92 15.32
CA GLN D 954 -14.30 -2.76 14.45
C GLN D 954 -14.60 -3.27 13.04
N ASN D 955 -15.26 -4.43 12.94
CA ASN D 955 -15.62 -4.94 11.63
C ASN D 955 -16.59 -4.00 10.91
N ALA D 956 -17.59 -3.49 11.63
CA ALA D 956 -18.54 -2.57 11.03
C ALA D 956 -17.86 -1.29 10.58
N GLN D 957 -16.94 -0.78 11.39
CA GLN D 957 -16.20 0.43 11.02
C GLN D 957 -15.37 0.19 9.77
N ALA D 958 -14.70 -0.96 9.68
CA ALA D 958 -13.90 -1.26 8.50
C ALA D 958 -14.77 -1.34 7.26
N LEU D 959 -15.91 -2.03 7.35
CA LEU D 959 -16.78 -2.16 6.19
C LEU D 959 -17.35 -0.81 5.78
N ASN D 960 -17.78 0.00 6.74
CA ASN D 960 -18.32 1.32 6.42
C ASN D 960 -17.27 2.22 5.79
N THR D 961 -16.04 2.18 6.30
CA THR D 961 -14.97 2.97 5.70
C THR D 961 -14.68 2.50 4.28
N LEU D 962 -14.71 1.19 4.05
CA LEU D 962 -14.49 0.68 2.70
C LEU D 962 -15.60 1.14 1.77
N VAL D 963 -16.85 1.13 2.24
CA VAL D 963 -17.97 1.47 1.38
C VAL D 963 -17.92 2.95 1.00
N LYS D 964 -17.70 3.82 1.98
CA LYS D 964 -17.73 5.25 1.70
C LYS D 964 -16.51 5.73 0.93
N GLN D 965 -15.47 4.89 0.79
CA GLN D 965 -14.35 5.25 -0.08
C GLN D 965 -14.76 5.25 -1.54
N LEU D 966 -15.87 4.59 -1.89
CA LEU D 966 -16.35 4.66 -3.27
C LEU D 966 -16.76 6.07 -3.65
N SER D 967 -17.29 6.84 -2.70
CA SER D 967 -17.73 8.20 -2.98
C SER D 967 -16.56 9.15 -3.25
N SER D 968 -15.36 8.80 -2.81
CA SER D 968 -14.20 9.65 -3.09
C SER D 968 -13.80 9.52 -4.56
N ASN D 969 -13.56 10.66 -5.19
CA ASN D 969 -13.22 10.67 -6.62
C ASN D 969 -11.74 10.49 -6.89
N PHE D 970 -10.87 10.67 -5.88
CA PHE D 970 -9.44 10.46 -6.03
C PHE D 970 -8.83 11.32 -7.13
N GLY D 971 -9.33 12.53 -7.30
CA GLY D 971 -8.86 13.41 -8.35
C GLY D 971 -9.57 13.27 -9.68
N ALA D 972 -10.46 12.29 -9.82
CA ALA D 972 -11.24 12.17 -11.04
C ALA D 972 -12.32 13.23 -11.09
N ILE D 973 -12.87 13.44 -12.28
CA ILE D 973 -13.93 14.44 -12.45
C ILE D 973 -15.17 14.06 -11.65
N SER D 974 -15.42 12.77 -11.43
CA SER D 974 -16.57 12.34 -10.67
C SER D 974 -16.27 10.97 -10.07
N SER D 975 -16.90 10.69 -8.93
CA SER D 975 -16.72 9.42 -8.25
C SER D 975 -17.59 8.31 -8.81
N VAL D 976 -18.53 8.62 -9.70
CA VAL D 976 -19.43 7.64 -10.30
C VAL D 976 -18.88 7.26 -11.66
N LEU D 977 -18.62 5.97 -11.86
CA LEU D 977 -18.04 5.53 -13.12
C LEU D 977 -18.99 5.72 -14.29
N ASN D 978 -20.29 5.59 -14.04
CA ASN D 978 -21.26 5.79 -15.11
C ASN D 978 -21.23 7.22 -15.63
N ASP D 979 -21.03 8.19 -14.75
CA ASP D 979 -20.93 9.58 -15.20
C ASP D 979 -19.72 9.77 -16.11
N ILE D 980 -18.58 9.20 -15.74
CA ILE D 980 -17.39 9.31 -16.56
C ILE D 980 -17.60 8.63 -17.91
N LEU D 981 -18.17 7.43 -17.89
CA LEU D 981 -18.35 6.69 -19.13
C LEU D 981 -19.33 7.37 -20.06
N SER D 982 -20.41 7.95 -19.52
CA SER D 982 -21.37 8.64 -20.36
C SER D 982 -20.83 9.98 -20.86
N ARG D 983 -20.10 10.70 -20.01
CA ARG D 983 -19.66 12.05 -20.37
C ARG D 983 -18.49 12.07 -21.34
N LEU D 984 -17.57 11.10 -21.23
CA LEU D 984 -16.30 11.13 -21.94
C LEU D 984 -16.16 9.92 -22.84
N ASP D 985 -15.53 10.16 -24.00
CA ASP D 985 -15.18 9.10 -24.92
C ASP D 985 -13.99 8.30 -24.35
N PRO D 986 -13.74 7.09 -24.86
CA PRO D 986 -12.79 6.18 -24.21
C PRO D 986 -11.40 6.78 -23.99
N PRO D 987 -10.76 7.39 -25.01
CA PRO D 987 -9.37 7.83 -24.77
C PRO D 987 -9.23 8.91 -23.71
N GLU D 988 -10.28 9.70 -23.43
CA GLU D 988 -10.27 10.62 -22.30
C GLU D 988 -10.87 10.01 -21.05
N ALA D 989 -11.83 9.09 -21.21
CA ALA D 989 -12.42 8.45 -20.04
C ALA D 989 -11.43 7.55 -19.33
N GLU D 990 -10.42 7.05 -20.06
CA GLU D 990 -9.47 6.10 -19.47
C GLU D 990 -8.67 6.74 -18.34
N VAL D 991 -8.18 7.96 -18.56
CA VAL D 991 -7.31 8.59 -17.56
C VAL D 991 -8.04 8.86 -16.25
N GLN D 992 -9.35 9.12 -16.30
CA GLN D 992 -10.12 9.28 -15.07
C GLN D 992 -10.38 7.92 -14.43
N ILE D 993 -10.76 6.94 -15.24
CA ILE D 993 -11.03 5.60 -14.74
C ILE D 993 -9.77 4.99 -14.16
N ASP D 994 -8.61 5.32 -14.73
CA ASP D 994 -7.36 4.75 -14.22
C ASP D 994 -7.08 5.22 -12.79
N ARG D 995 -7.25 6.52 -12.53
CA ARG D 995 -7.01 7.00 -11.17
C ARG D 995 -8.10 6.54 -10.21
N LEU D 996 -9.35 6.39 -10.67
CA LEU D 996 -10.35 5.76 -9.82
C LEU D 996 -9.95 4.33 -9.47
N ILE D 997 -9.42 3.59 -10.44
CA ILE D 997 -8.97 2.22 -10.20
C ILE D 997 -7.88 2.22 -9.15
N THR D 998 -6.90 3.12 -9.29
CA THR D 998 -5.79 3.14 -8.33
C THR D 998 -6.30 3.46 -6.93
N GLY D 999 -7.18 4.45 -6.80
CA GLY D 999 -7.69 4.80 -5.48
C GLY D 999 -8.49 3.69 -4.84
N ARG D 1000 -9.41 3.09 -5.59
CA ARG D 1000 -10.23 2.03 -5.02
C ARG D 1000 -9.42 0.78 -4.73
N LEU D 1001 -8.45 0.46 -5.58
CA LEU D 1001 -7.56 -0.66 -5.32
C LEU D 1001 -6.75 -0.44 -4.06
N GLN D 1002 -6.23 0.77 -3.87
CA GLN D 1002 -5.48 1.07 -2.65
C GLN D 1002 -6.37 0.94 -1.42
N SER D 1003 -7.61 1.43 -1.52
CA SER D 1003 -8.54 1.30 -0.40
C SER D 1003 -8.81 -0.17 -0.08
N LEU D 1004 -9.00 -1.00 -1.11
CA LEU D 1004 -9.28 -2.40 -0.87
C LEU D 1004 -8.08 -3.12 -0.28
N GLN D 1005 -6.87 -2.79 -0.76
CA GLN D 1005 -5.67 -3.39 -0.16
C GLN D 1005 -5.52 -2.99 1.29
N THR D 1006 -5.80 -1.72 1.61
CA THR D 1006 -5.74 -1.29 3.01
C THR D 1006 -6.73 -2.07 3.85
N TYR D 1007 -7.95 -2.24 3.35
CA TYR D 1007 -8.96 -3.00 4.08
C TYR D 1007 -8.51 -4.44 4.31
N VAL D 1008 -7.93 -5.07 3.27
CA VAL D 1008 -7.53 -6.47 3.39
C VAL D 1008 -6.37 -6.61 4.36
N THR D 1009 -5.44 -5.65 4.36
CA THR D 1009 -4.32 -5.72 5.30
C THR D 1009 -4.80 -5.55 6.73
N GLN D 1010 -5.69 -4.58 6.98
CA GLN D 1010 -6.25 -4.42 8.31
C GLN D 1010 -7.00 -5.67 8.74
N GLN D 1011 -7.74 -6.29 7.81
CA GLN D 1011 -8.47 -7.50 8.13
C GLN D 1011 -7.54 -8.66 8.43
N LEU D 1012 -6.42 -8.76 7.72
CA LEU D 1012 -5.44 -9.81 8.02
C LEU D 1012 -4.87 -9.63 9.42
N ILE D 1013 -4.53 -8.40 9.79
CA ILE D 1013 -3.98 -8.17 11.12
C ILE D 1013 -5.03 -8.47 12.20
N ARG D 1014 -6.27 -8.03 11.99
CA ARG D 1014 -7.33 -8.34 12.93
C ARG D 1014 -7.57 -9.83 13.01
N ALA D 1015 -7.46 -10.54 11.89
CA ALA D 1015 -7.63 -11.99 11.90
C ALA D 1015 -6.53 -12.65 12.70
N ALA D 1016 -5.30 -12.15 12.60
CA ALA D 1016 -4.22 -12.69 13.42
C ALA D 1016 -4.50 -12.47 14.90
N GLU D 1017 -4.99 -11.27 15.26
CA GLU D 1017 -5.34 -11.00 16.65
C GLU D 1017 -6.43 -11.95 17.14
N ILE D 1018 -7.47 -12.13 16.32
CA ILE D 1018 -8.58 -12.99 16.70
C ILE D 1018 -8.13 -14.44 16.78
N ARG D 1019 -7.19 -14.84 15.92
CA ARG D 1019 -6.67 -16.20 15.99
C ARG D 1019 -5.89 -16.42 17.27
N ALA D 1020 -5.11 -15.41 17.70
CA ALA D 1020 -4.44 -15.52 18.98
C ALA D 1020 -5.44 -15.64 20.12
N SER D 1021 -6.50 -14.84 20.07
CA SER D 1021 -7.53 -14.92 21.10
C SER D 1021 -8.22 -16.28 21.08
N ALA D 1022 -8.47 -16.83 19.90
CA ALA D 1022 -9.13 -18.13 19.78
C ALA D 1022 -8.23 -19.25 20.29
N ASN D 1023 -6.93 -19.18 20.02
CA ASN D 1023 -6.01 -20.16 20.57
C ASN D 1023 -5.98 -20.08 22.09
N LEU D 1024 -6.00 -18.87 22.63
CA LEU D 1024 -6.07 -18.72 24.09
C LEU D 1024 -7.36 -19.32 24.63
N ALA D 1025 -8.48 -19.07 23.95
CA ALA D 1025 -9.77 -19.60 24.40
C ALA D 1025 -9.79 -21.12 24.35
N ALA D 1026 -9.22 -21.70 23.29
CA ALA D 1026 -9.16 -23.16 23.21
C ALA D 1026 -8.29 -23.73 24.32
N THR D 1027 -7.17 -23.07 24.61
CA THR D 1027 -6.31 -23.50 25.70
C THR D 1027 -7.05 -23.44 27.03
N LYS D 1028 -7.79 -22.36 27.27
CA LYS D 1028 -8.54 -22.24 28.51
C LYS D 1028 -9.61 -23.31 28.60
N MET D 1029 -10.31 -23.59 27.49
CA MET D 1029 -11.31 -24.65 27.47
C MET D 1029 -10.68 -25.98 27.85
N SER D 1030 -9.59 -26.34 27.17
CA SER D 1030 -8.96 -27.63 27.40
C SER D 1030 -8.43 -27.74 28.84
N GLU D 1031 -7.84 -26.67 29.35
CA GLU D 1031 -7.12 -26.76 30.62
C GLU D 1031 -7.98 -26.44 31.84
N CYS D 1032 -9.21 -25.93 31.65
CA CYS D 1032 -10.06 -25.58 32.77
C CYS D 1032 -11.45 -26.19 32.70
N VAL D 1033 -12.07 -26.29 31.52
CA VAL D 1033 -13.34 -27.00 31.40
C VAL D 1033 -13.11 -28.50 31.45
N LEU D 1034 -12.14 -28.98 30.67
CA LEU D 1034 -11.82 -30.40 30.62
C LEU D 1034 -10.83 -30.81 31.71
N GLY D 1035 -10.40 -29.90 32.59
CA GLY D 1035 -9.49 -30.25 33.65
C GLY D 1035 -9.47 -29.26 34.78
N GLN D 1036 -8.48 -29.37 35.67
CA GLN D 1036 -8.25 -28.41 36.73
C GLN D 1036 -6.84 -27.88 36.58
N SER D 1037 -6.69 -26.56 36.67
CA SER D 1037 -5.45 -25.88 36.32
C SER D 1037 -4.72 -25.44 37.59
N LYS D 1038 -3.44 -25.79 37.68
CA LYS D 1038 -2.57 -25.27 38.73
C LYS D 1038 -1.98 -23.90 38.39
N ARG D 1039 -2.18 -23.42 37.16
CA ARG D 1039 -1.60 -22.16 36.72
C ARG D 1039 -2.33 -21.03 37.44
N VAL D 1040 -1.57 -20.17 38.13
CA VAL D 1040 -2.18 -19.19 39.02
C VAL D 1040 -2.84 -18.09 38.20
N ASP D 1041 -4.11 -17.84 38.50
CA ASP D 1041 -4.92 -16.80 37.84
C ASP D 1041 -4.99 -17.00 36.33
N PHE D 1042 -4.78 -18.22 35.85
CA PHE D 1042 -5.03 -18.52 34.44
C PHE D 1042 -6.52 -18.61 34.17
N CYS D 1043 -7.27 -19.18 35.11
CA CYS D 1043 -8.73 -19.32 35.02
C CYS D 1043 -9.32 -18.75 36.30
N GLY D 1044 -9.55 -17.44 36.31
CA GLY D 1044 -10.16 -16.78 37.44
C GLY D 1044 -9.20 -16.58 38.60
N LYS D 1045 -9.43 -15.55 39.40
CA LYS D 1045 -8.63 -15.31 40.58
C LYS D 1045 -8.96 -16.33 41.66
N GLY D 1046 -7.98 -16.59 42.53
CA GLY D 1046 -8.12 -17.62 43.54
C GLY D 1046 -7.74 -18.98 43.00
N TYR D 1047 -7.81 -19.97 43.88
CA TYR D 1047 -7.47 -21.33 43.50
C TYR D 1047 -8.58 -21.91 42.63
N HIS D 1048 -8.20 -22.44 41.46
CA HIS D 1048 -9.17 -22.82 40.45
C HIS D 1048 -9.79 -24.17 40.77
N LEU D 1049 -11.13 -24.21 40.80
CA LEU D 1049 -11.87 -25.45 40.99
C LEU D 1049 -12.34 -26.02 39.65
N MET D 1050 -13.03 -25.21 38.85
CA MET D 1050 -13.38 -25.58 37.49
C MET D 1050 -13.94 -24.36 36.78
N SER D 1051 -14.31 -24.56 35.52
CA SER D 1051 -14.93 -23.54 34.69
C SER D 1051 -16.05 -24.15 33.88
N PHE D 1052 -17.00 -23.30 33.50
CA PHE D 1052 -18.14 -23.69 32.69
C PHE D 1052 -18.18 -22.85 31.42
N PRO D 1053 -18.17 -23.43 30.23
CA PRO D 1053 -18.24 -22.59 29.02
C PRO D 1053 -19.66 -22.18 28.70
N GLN D 1054 -19.78 -20.99 28.13
CA GLN D 1054 -21.06 -20.44 27.70
C GLN D 1054 -20.88 -19.79 26.35
N SER D 1055 -21.72 -20.19 25.40
CA SER D 1055 -21.65 -19.63 24.06
C SER D 1055 -22.05 -18.15 24.08
N ALA D 1056 -21.35 -17.37 23.28
CA ALA D 1056 -21.65 -15.96 23.09
C ALA D 1056 -21.46 -15.64 21.61
N PRO D 1057 -22.11 -14.61 21.08
CA PRO D 1057 -21.93 -14.30 19.66
C PRO D 1057 -20.50 -13.88 19.36
N HIS D 1058 -19.87 -14.59 18.43
CA HIS D 1058 -18.50 -14.37 18.03
C HIS D 1058 -17.51 -14.51 19.18
N GLY D 1059 -17.79 -15.39 20.14
CA GLY D 1059 -16.90 -15.57 21.26
C GLY D 1059 -17.38 -16.66 22.18
N VAL D 1060 -16.70 -16.77 23.32
CA VAL D 1060 -17.03 -17.75 24.36
C VAL D 1060 -16.84 -17.09 25.71
N VAL D 1061 -17.67 -17.51 26.67
CA VAL D 1061 -17.65 -16.97 28.03
C VAL D 1061 -17.41 -18.12 28.99
N PHE D 1062 -16.41 -17.97 29.85
CA PHE D 1062 -16.06 -18.96 30.86
C PHE D 1062 -16.50 -18.47 32.23
N LEU D 1063 -17.11 -19.34 33.02
CA LEU D 1063 -17.51 -19.04 34.39
C LEU D 1063 -16.55 -19.76 35.32
N HIS D 1064 -15.44 -19.09 35.65
CA HIS D 1064 -14.39 -19.72 36.42
C HIS D 1064 -14.80 -19.82 37.88
N VAL D 1065 -15.07 -21.03 38.35
CA VAL D 1065 -15.34 -21.29 39.76
C VAL D 1065 -14.02 -21.46 40.48
N THR D 1066 -13.80 -20.67 41.53
CA THR D 1066 -12.52 -20.65 42.23
C THR D 1066 -12.76 -20.64 43.73
N TYR D 1067 -11.77 -21.13 44.46
CA TYR D 1067 -11.78 -21.19 45.91
C TYR D 1067 -10.97 -20.01 46.46
N VAL D 1068 -11.64 -19.07 47.11
CA VAL D 1068 -11.02 -17.87 47.65
C VAL D 1068 -10.99 -18.00 49.16
N PRO D 1069 -9.81 -18.06 49.81
CA PRO D 1069 -9.79 -18.08 51.27
C PRO D 1069 -10.32 -16.79 51.87
N ALA D 1070 -10.85 -16.89 53.09
CA ALA D 1070 -11.42 -15.74 53.77
C ALA D 1070 -11.37 -15.97 55.27
N GLN D 1071 -11.47 -14.86 56.01
CA GLN D 1071 -11.51 -14.88 57.48
C GLN D 1071 -10.26 -15.54 58.06
N GLU D 1072 -9.11 -14.91 57.82
CA GLU D 1072 -7.86 -15.40 58.39
C GLU D 1072 -7.63 -14.80 59.78
N LYS D 1073 -6.81 -15.49 60.56
CA LYS D 1073 -6.44 -15.01 61.88
C LYS D 1073 -4.98 -15.40 62.15
N ASN D 1074 -4.32 -14.58 62.96
CA ASN D 1074 -2.91 -14.76 63.24
C ASN D 1074 -2.66 -16.02 64.07
N PHE D 1075 -1.49 -16.60 63.88
CA PHE D 1075 -1.00 -17.67 64.74
C PHE D 1075 0.52 -17.57 64.86
N THR D 1076 1.04 -18.01 65.99
CA THR D 1076 2.48 -18.21 66.13
C THR D 1076 2.85 -19.58 65.56
N THR D 1077 4.00 -19.63 64.87
CA THR D 1077 4.41 -20.82 64.15
C THR D 1077 5.88 -21.09 64.39
N ALA D 1078 6.28 -22.34 64.15
CA ALA D 1078 7.67 -22.76 64.18
C ALA D 1078 7.89 -23.72 63.03
N PRO D 1079 9.09 -23.76 62.44
CA PRO D 1079 9.30 -24.70 61.33
C PRO D 1079 9.31 -26.15 61.75
N ALA D 1080 9.68 -26.45 63.00
CA ALA D 1080 9.75 -27.82 63.45
C ALA D 1080 9.65 -27.85 64.97
N ILE D 1081 9.41 -29.04 65.51
CA ILE D 1081 9.16 -29.26 66.93
C ILE D 1081 10.22 -30.21 67.46
N CYS D 1082 10.85 -29.83 68.57
CA CYS D 1082 11.91 -30.63 69.18
C CYS D 1082 11.31 -31.57 70.20
N HIS D 1083 11.19 -32.86 69.85
CA HIS D 1083 10.80 -33.89 70.80
C HIS D 1083 12.15 -34.31 71.41
N ASP D 1084 12.24 -35.42 72.16
CA ASP D 1084 13.43 -35.68 72.97
C ASP D 1084 14.65 -35.95 72.08
N GLY D 1085 15.28 -34.86 71.65
CA GLY D 1085 16.50 -34.91 70.89
C GLY D 1085 16.34 -35.11 69.40
N LYS D 1086 15.12 -35.00 68.90
CA LYS D 1086 14.82 -35.20 67.48
C LYS D 1086 13.86 -34.10 67.01
N ALA D 1087 14.05 -33.67 65.76
CA ALA D 1087 13.27 -32.59 65.19
C ALA D 1087 12.16 -33.18 64.30
N HIS D 1088 10.92 -32.79 64.59
CA HIS D 1088 9.75 -33.26 63.85
C HIS D 1088 9.26 -32.17 62.91
N PHE D 1089 9.04 -32.53 61.65
CA PHE D 1089 8.53 -31.64 60.62
C PHE D 1089 7.13 -32.09 60.19
N PRO D 1090 6.28 -31.21 59.69
CA PRO D 1090 4.96 -31.65 59.24
C PRO D 1090 5.04 -32.39 57.93
N ARG D 1091 4.32 -33.50 57.84
CA ARG D 1091 4.19 -34.19 56.55
C ARG D 1091 3.39 -33.35 55.58
N GLU D 1092 2.26 -32.81 56.03
CA GLU D 1092 1.46 -31.88 55.26
C GLU D 1092 0.86 -30.86 56.21
N GLY D 1093 1.03 -29.58 55.90
CA GLY D 1093 0.57 -28.51 56.74
C GLY D 1093 1.70 -27.84 57.50
N VAL D 1094 1.31 -27.01 58.46
CA VAL D 1094 2.24 -26.20 59.24
C VAL D 1094 1.90 -26.31 60.71
N PHE D 1095 2.90 -26.12 61.56
CA PHE D 1095 2.67 -26.04 63.00
C PHE D 1095 2.19 -24.66 63.37
N VAL D 1096 1.18 -24.61 64.24
CA VAL D 1096 0.63 -23.35 64.75
C VAL D 1096 0.28 -23.55 66.22
N SER D 1097 0.06 -22.44 66.91
CA SER D 1097 -0.34 -22.46 68.30
C SER D 1097 -1.41 -21.39 68.55
N ASN D 1098 -2.36 -21.73 69.40
CA ASN D 1098 -3.39 -20.79 69.83
C ASN D 1098 -2.96 -19.96 71.04
N GLY D 1099 -1.66 -19.87 71.31
CA GLY D 1099 -1.11 -19.16 72.45
C GLY D 1099 -0.39 -20.04 73.44
N THR D 1100 -0.92 -21.24 73.71
CA THR D 1100 -0.37 -22.15 74.71
C THR D 1100 -0.12 -23.56 74.17
N HIS D 1101 -1.01 -24.06 73.31
CA HIS D 1101 -0.94 -25.43 72.79
C HIS D 1101 -0.62 -25.41 71.31
N TRP D 1102 0.28 -26.31 70.90
CA TRP D 1102 0.72 -26.38 69.51
C TRP D 1102 -0.11 -27.40 68.75
N PHE D 1103 -0.49 -27.03 67.52
CA PHE D 1103 -1.27 -27.89 66.64
C PHE D 1103 -0.65 -27.86 65.26
N VAL D 1104 -0.90 -28.94 64.50
CA VAL D 1104 -0.53 -29.03 63.09
C VAL D 1104 -1.81 -28.95 62.27
N THR D 1105 -1.80 -28.07 61.28
CA THR D 1105 -2.98 -27.78 60.48
C THR D 1105 -2.59 -27.66 59.02
N GLN D 1106 -3.53 -28.01 58.14
CA GLN D 1106 -3.29 -27.84 56.71
C GLN D 1106 -3.13 -26.36 56.39
N ARG D 1107 -2.36 -26.09 55.33
CA ARG D 1107 -1.81 -24.74 55.14
C ARG D 1107 -2.90 -23.71 54.85
N ASN D 1108 -3.90 -24.04 54.03
CA ASN D 1108 -4.86 -23.07 53.55
C ASN D 1108 -6.27 -23.33 54.07
N PHE D 1109 -6.40 -23.92 55.25
CA PHE D 1109 -7.69 -23.97 55.94
C PHE D 1109 -7.41 -24.38 57.38
N TYR D 1110 -7.89 -23.58 58.34
CA TYR D 1110 -7.56 -23.84 59.73
C TYR D 1110 -8.33 -25.05 60.25
N GLU D 1111 -7.65 -26.18 60.36
CA GLU D 1111 -8.21 -27.41 60.93
C GLU D 1111 -7.18 -27.99 61.89
N PRO D 1112 -7.06 -27.43 63.10
CA PRO D 1112 -5.98 -27.84 63.98
C PRO D 1112 -6.11 -29.28 64.43
N GLN D 1113 -4.97 -29.92 64.66
CA GLN D 1113 -4.90 -31.30 65.11
C GLN D 1113 -3.72 -31.47 66.05
N ILE D 1114 -3.78 -32.51 66.88
CA ILE D 1114 -2.72 -32.77 67.83
C ILE D 1114 -1.48 -33.24 67.08
N ILE D 1115 -0.31 -32.85 67.58
CA ILE D 1115 0.94 -33.30 66.97
C ILE D 1115 1.12 -34.78 67.31
N THR D 1116 1.35 -35.58 66.28
CA THR D 1116 1.57 -37.01 66.45
C THR D 1116 2.65 -37.46 65.46
N THR D 1117 3.19 -38.65 65.72
CA THR D 1117 4.17 -39.23 64.81
C THR D 1117 3.57 -39.58 63.45
N ASP D 1118 2.24 -39.70 63.35
CA ASP D 1118 1.60 -40.03 62.09
C ASP D 1118 1.59 -38.87 61.12
N ASN D 1119 1.30 -37.65 61.59
CA ASN D 1119 1.24 -36.47 60.74
C ASN D 1119 2.53 -35.65 60.75
N THR D 1120 3.60 -36.16 61.35
CA THR D 1120 4.91 -35.53 61.29
C THR D 1120 5.97 -36.58 61.01
N PHE D 1121 7.08 -36.13 60.44
CA PHE D 1121 8.23 -36.99 60.14
C PHE D 1121 9.49 -36.37 60.73
N VAL D 1122 10.44 -37.23 61.07
CA VAL D 1122 11.63 -36.84 61.82
C VAL D 1122 12.82 -36.81 60.89
N SER D 1123 13.71 -35.84 61.11
CA SER D 1123 14.95 -35.73 60.33
C SER D 1123 15.97 -34.96 61.14
N GLY D 1124 16.97 -35.67 61.66
CA GLY D 1124 18.08 -35.01 62.34
C GLY D 1124 17.72 -34.58 63.76
N ASN D 1125 18.72 -33.98 64.41
CA ASN D 1125 18.57 -33.50 65.77
C ASN D 1125 18.11 -32.03 65.77
N CYS D 1126 17.83 -31.53 66.97
CA CYS D 1126 17.08 -30.28 67.10
C CYS D 1126 17.93 -29.05 66.74
N ASP D 1127 19.17 -29.00 67.20
CA ASP D 1127 19.91 -27.74 67.21
C ASP D 1127 20.26 -27.23 65.81
N VAL D 1128 20.14 -28.05 64.77
CA VAL D 1128 20.52 -27.60 63.44
C VAL D 1128 19.48 -26.67 62.80
N VAL D 1129 18.23 -26.75 63.22
CA VAL D 1129 17.13 -26.02 62.60
C VAL D 1129 16.95 -24.70 63.34
N ILE D 1130 16.84 -23.61 62.58
CA ILE D 1130 16.60 -22.30 63.18
C ILE D 1130 15.13 -22.16 63.50
N GLY D 1131 14.83 -21.68 64.71
CA GLY D 1131 13.46 -21.49 65.14
C GLY D 1131 12.80 -22.71 65.75
N ILE D 1132 13.56 -23.74 66.08
CA ILE D 1132 13.03 -24.95 66.67
C ILE D 1132 12.39 -24.62 68.02
N VAL D 1133 11.31 -25.32 68.37
CA VAL D 1133 10.57 -25.10 69.61
C VAL D 1133 10.32 -26.44 70.29
N ASN D 1134 10.48 -26.47 71.60
CA ASN D 1134 10.20 -27.69 72.35
C ASN D 1134 8.71 -27.92 72.43
N ASN D 1135 8.29 -29.16 72.18
CA ASN D 1135 6.91 -29.57 72.42
C ASN D 1135 6.83 -31.09 72.31
N THR D 1136 5.89 -31.66 73.05
CA THR D 1136 5.73 -33.11 73.05
C THR D 1136 4.95 -33.54 71.81
N VAL D 1137 5.39 -34.67 71.23
CA VAL D 1137 4.72 -35.28 70.09
C VAL D 1137 4.17 -36.62 70.56
N TYR D 1138 2.86 -36.81 70.40
CA TYR D 1138 2.19 -37.96 70.98
C TYR D 1138 2.28 -39.16 70.07
N ASP D 1139 2.80 -40.27 70.59
CA ASP D 1139 2.85 -41.52 69.86
C ASP D 1139 1.51 -42.24 70.06
N PRO D 1140 0.68 -42.44 69.03
CA PRO D 1140 -0.62 -43.08 69.26
C PRO D 1140 -0.52 -44.53 69.73
N LEU D 1141 0.61 -45.19 69.50
CA LEU D 1141 0.74 -46.60 69.91
C LEU D 1141 0.83 -46.74 71.42
N GLN D 1142 1.48 -45.81 72.10
CA GLN D 1142 1.76 -45.93 73.53
C GLN D 1142 0.48 -46.03 74.37
N PRO D 1143 -0.50 -45.13 74.23
CA PRO D 1143 -1.74 -45.31 75.01
C PRO D 1143 -2.59 -46.47 74.53
N GLU D 1144 -2.41 -46.92 73.28
CA GLU D 1144 -3.19 -48.03 72.76
C GLU D 1144 -2.72 -49.36 73.32
N LEU D 1145 -1.40 -49.54 73.43
CA LEU D 1145 -0.80 -50.82 73.80
C LEU D 1145 -0.42 -50.80 75.28
N ASP D 1146 -1.12 -51.63 76.07
CA ASP D 1146 -0.69 -51.88 77.45
C ASP D 1146 -0.86 -53.33 77.85
N SER D 1147 -1.09 -54.25 76.91
CA SER D 1147 -1.30 -55.65 77.24
C SER D 1147 -1.16 -56.51 75.99
N GLN E 1 -62.72 19.50 -23.50
CA GLN E 1 -63.23 19.82 -22.14
C GLN E 1 -62.82 18.73 -21.15
N VAL E 2 -62.95 19.02 -19.86
CA VAL E 2 -62.45 18.12 -18.83
C VAL E 2 -63.39 16.93 -18.72
N GLN E 3 -62.85 15.72 -18.93
CA GLN E 3 -63.65 14.50 -19.02
C GLN E 3 -63.04 13.41 -18.16
N LEU E 4 -63.90 12.73 -17.40
CA LEU E 4 -63.56 11.51 -16.69
C LEU E 4 -64.56 10.43 -17.12
N VAL E 5 -64.04 9.23 -17.39
CA VAL E 5 -64.85 8.13 -17.90
C VAL E 5 -64.59 6.87 -17.07
N GLU E 6 -65.60 6.41 -16.34
CA GLU E 6 -65.48 5.19 -15.55
C GLU E 6 -65.80 3.98 -16.41
N SER E 7 -65.33 2.81 -15.96
CA SER E 7 -65.61 1.55 -16.63
C SER E 7 -65.30 0.41 -15.67
N GLY E 8 -65.83 -0.76 -16.00
CA GLY E 8 -65.59 -1.97 -15.22
C GLY E 8 -66.70 -2.35 -14.27
N GLY E 9 -67.66 -1.45 -14.00
CA GLY E 9 -68.73 -1.79 -13.10
C GLY E 9 -69.75 -2.71 -13.74
N GLY E 10 -70.49 -3.42 -12.89
CA GLY E 10 -71.50 -4.34 -13.38
C GLY E 10 -72.00 -5.23 -12.26
N VAL E 11 -72.69 -6.29 -12.66
CA VAL E 11 -73.20 -7.26 -11.69
C VAL E 11 -72.02 -8.02 -11.09
N VAL E 12 -72.12 -8.30 -9.79
CA VAL E 12 -71.04 -8.98 -9.07
C VAL E 12 -71.65 -9.75 -7.90
N GLN E 13 -71.08 -10.92 -7.63
CA GLN E 13 -71.51 -11.71 -6.47
C GLN E 13 -70.82 -11.18 -5.21
N PRO E 14 -71.41 -11.39 -4.03
CA PRO E 14 -70.66 -11.12 -2.79
C PRO E 14 -69.46 -12.06 -2.68
N GLY E 15 -68.38 -11.54 -2.10
CA GLY E 15 -67.24 -12.36 -1.72
C GLY E 15 -66.07 -12.37 -2.67
N ARG E 16 -66.28 -12.26 -3.98
CA ARG E 16 -65.17 -12.30 -4.92
C ARG E 16 -64.49 -10.92 -4.98
N SER E 17 -63.58 -10.74 -5.92
CA SER E 17 -62.87 -9.49 -6.13
C SER E 17 -63.35 -8.81 -7.41
N LEU E 18 -63.17 -7.48 -7.45
CA LEU E 18 -63.49 -6.68 -8.62
C LEU E 18 -62.44 -5.58 -8.74
N ARG E 19 -62.33 -5.01 -9.94
CA ARG E 19 -61.32 -3.98 -10.22
C ARG E 19 -61.92 -2.98 -11.20
N LEU E 20 -62.25 -1.79 -10.71
CA LEU E 20 -62.79 -0.72 -11.55
C LEU E 20 -61.68 0.07 -12.22
N SER E 21 -62.03 0.71 -13.32
CA SER E 21 -61.10 1.53 -14.09
C SER E 21 -61.74 2.87 -14.43
N CYS E 22 -60.89 3.89 -14.55
CA CYS E 22 -61.30 5.24 -14.90
C CYS E 22 -60.33 5.80 -15.93
N GLU E 23 -60.88 6.50 -16.92
CA GLU E 23 -60.10 7.13 -17.97
C GLU E 23 -60.25 8.65 -17.86
N ALA E 24 -59.14 9.37 -17.98
CA ALA E 24 -59.10 10.81 -17.82
C ALA E 24 -58.55 11.47 -19.09
N SER E 25 -59.09 12.63 -19.43
CA SER E 25 -58.66 13.37 -20.61
C SER E 25 -59.05 14.83 -20.46
N GLY E 26 -58.44 15.67 -21.28
CA GLY E 26 -58.73 17.09 -21.30
C GLY E 26 -57.96 17.92 -20.29
N PHE E 27 -57.01 17.34 -19.57
CA PHE E 27 -56.25 18.08 -18.58
C PHE E 27 -54.98 17.30 -18.25
N THR E 28 -54.05 17.97 -17.58
CA THR E 28 -52.79 17.35 -17.18
C THR E 28 -53.04 16.38 -16.04
N PHE E 29 -53.24 15.09 -16.37
CA PHE E 29 -53.67 14.12 -15.37
C PHE E 29 -52.64 13.92 -14.28
N ASN E 30 -51.36 13.84 -14.64
CA ASN E 30 -50.34 13.43 -13.69
C ASN E 30 -50.03 14.46 -12.61
N THR E 31 -50.58 15.68 -12.72
CA THR E 31 -50.39 16.72 -11.71
C THR E 31 -51.58 16.91 -10.79
N TYR E 32 -52.66 16.14 -10.96
CA TYR E 32 -53.89 16.31 -10.20
C TYR E 32 -54.09 15.15 -9.26
N ASP E 33 -54.44 15.45 -8.01
CA ASP E 33 -54.84 14.42 -7.06
C ASP E 33 -56.19 13.86 -7.50
N MET E 34 -56.39 12.56 -7.25
CA MET E 34 -57.54 11.83 -7.76
C MET E 34 -58.33 11.15 -6.66
N HIS E 35 -59.65 11.18 -6.80
CA HIS E 35 -60.60 10.69 -5.82
C HIS E 35 -61.45 9.57 -6.39
N TRP E 36 -61.94 8.70 -5.51
CA TRP E 36 -63.03 7.78 -5.81
C TRP E 36 -64.16 8.02 -4.83
N ALA E 37 -65.39 7.97 -5.34
CA ALA E 37 -66.58 8.13 -4.53
C ALA E 37 -67.65 7.17 -5.02
N ARG E 38 -68.64 6.92 -4.17
CA ARG E 38 -69.73 6.02 -4.51
C ARG E 38 -71.02 6.55 -3.92
N GLN E 39 -72.13 6.12 -4.52
CA GLN E 39 -73.47 6.53 -4.10
C GLN E 39 -74.37 5.31 -4.15
N ALA E 40 -74.84 4.86 -2.99
CA ALA E 40 -75.78 3.76 -2.97
C ALA E 40 -77.09 4.18 -3.63
N PRO E 41 -77.84 3.25 -4.21
CA PRO E 41 -79.03 3.65 -4.97
C PRO E 41 -80.10 4.27 -4.08
N GLY E 42 -80.45 5.52 -4.38
CA GLY E 42 -81.43 6.26 -3.62
C GLY E 42 -80.92 6.93 -2.37
N LYS E 43 -79.62 6.80 -2.07
CA LYS E 43 -79.02 7.36 -0.86
C LYS E 43 -77.99 8.42 -1.25
N GLY E 44 -77.40 9.05 -0.23
CA GLY E 44 -76.51 10.16 -0.47
C GLY E 44 -75.12 9.74 -0.94
N LEU E 45 -74.31 10.74 -1.24
CA LEU E 45 -72.95 10.50 -1.70
C LEU E 45 -72.08 10.02 -0.53
N GLU E 46 -70.96 9.38 -0.88
CA GLU E 46 -70.00 8.90 0.09
C GLU E 46 -68.62 8.94 -0.54
N TRP E 47 -67.64 9.40 0.24
CA TRP E 47 -66.25 9.45 -0.22
C TRP E 47 -65.58 8.09 0.02
N VAL E 48 -65.02 7.52 -1.03
CA VAL E 48 -64.43 6.18 -0.97
C VAL E 48 -62.93 6.25 -0.71
N ALA E 49 -62.17 6.88 -1.60
CA ALA E 49 -60.71 6.87 -1.47
C ALA E 49 -60.12 8.01 -2.28
N VAL E 50 -58.83 8.26 -2.03
CA VAL E 50 -58.09 9.30 -2.72
C VAL E 50 -56.64 8.86 -2.87
N ILE E 51 -56.01 9.30 -3.95
CA ILE E 51 -54.60 9.03 -4.24
C ILE E 51 -53.96 10.31 -4.76
N TRP E 52 -52.75 10.61 -4.30
CA TRP E 52 -52.09 11.82 -4.78
C TRP E 52 -51.65 11.68 -6.24
N TYR E 53 -51.13 12.78 -6.78
CA TYR E 53 -50.79 12.87 -8.19
C TYR E 53 -49.73 11.85 -8.58
N ASP E 54 -48.78 11.58 -7.68
CA ASP E 54 -47.70 10.64 -7.94
C ASP E 54 -47.94 9.27 -7.34
N GLY E 55 -49.06 9.05 -6.65
CA GLY E 55 -49.31 7.77 -6.01
C GLY E 55 -48.55 7.54 -4.73
N SER E 56 -47.84 8.55 -4.22
CA SER E 56 -47.03 8.36 -3.03
C SER E 56 -47.86 8.04 -1.80
N ASN E 57 -48.97 8.76 -1.58
CA ASN E 57 -49.86 8.54 -0.44
C ASN E 57 -51.30 8.43 -0.91
N LYS E 58 -52.06 7.59 -0.22
CA LYS E 58 -53.44 7.32 -0.58
C LYS E 58 -54.20 6.96 0.67
N PHE E 59 -55.48 7.37 0.71
CA PHE E 59 -56.31 7.23 1.90
C PHE E 59 -57.67 6.66 1.51
N TYR E 60 -58.29 5.98 2.45
CA TYR E 60 -59.57 5.31 2.25
C TYR E 60 -60.49 5.63 3.42
N ALA E 61 -61.79 5.57 3.16
CA ALA E 61 -62.75 5.68 4.25
C ALA E 61 -62.78 4.39 5.07
N ASP E 62 -63.37 4.47 6.25
CA ASP E 62 -63.38 3.31 7.15
C ASP E 62 -64.23 2.19 6.59
N SER E 63 -65.29 2.52 5.85
CA SER E 63 -66.14 1.48 5.26
C SER E 63 -65.42 0.67 4.18
N VAL E 64 -64.28 1.17 3.68
CA VAL E 64 -63.56 0.53 2.58
C VAL E 64 -62.11 0.25 2.96
N LYS E 65 -61.71 0.58 4.19
CA LYS E 65 -60.33 0.42 4.60
C LYS E 65 -59.94 -1.05 4.59
N GLY E 66 -58.77 -1.34 4.02
CA GLY E 66 -58.28 -2.69 3.94
C GLY E 66 -58.85 -3.47 2.77
N ARG E 67 -60.18 -3.51 2.67
CA ARG E 67 -60.85 -4.21 1.59
C ARG E 67 -60.54 -3.60 0.22
N PHE E 68 -60.15 -2.33 0.16
CA PHE E 68 -59.99 -1.59 -1.08
C PHE E 68 -58.55 -1.11 -1.18
N THR E 69 -58.06 -1.01 -2.42
CA THR E 69 -56.80 -0.33 -2.69
C THR E 69 -56.95 0.47 -3.98
N ILE E 70 -56.30 1.63 -4.01
CA ILE E 70 -56.42 2.60 -5.09
C ILE E 70 -55.06 2.74 -5.76
N SER E 71 -55.06 2.86 -7.08
CA SER E 71 -53.83 2.96 -7.85
C SER E 71 -54.10 3.78 -9.10
N ARG E 72 -53.01 4.22 -9.73
CA ARG E 72 -53.08 5.03 -10.93
C ARG E 72 -51.88 4.72 -11.81
N ASP E 73 -52.01 5.06 -13.09
CA ASP E 73 -50.93 4.90 -14.07
C ASP E 73 -50.93 6.21 -14.86
N ASN E 74 -50.03 7.12 -14.48
CA ASN E 74 -49.98 8.43 -15.11
C ASN E 74 -49.59 8.36 -16.58
N SER E 75 -48.89 7.30 -17.02
CA SER E 75 -48.55 7.19 -18.43
C SER E 75 -49.76 6.95 -19.31
N LYS E 76 -50.71 6.14 -18.84
CA LYS E 76 -51.94 5.85 -19.58
C LYS E 76 -53.06 6.83 -19.28
N ASN E 77 -52.88 7.73 -18.32
CA ASN E 77 -53.94 8.63 -17.87
C ASN E 77 -55.16 7.86 -17.40
N THR E 78 -54.93 6.87 -16.54
CA THR E 78 -55.98 6.02 -16.00
C THR E 78 -55.85 5.90 -14.49
N LEU E 79 -57.00 5.73 -13.84
CA LEU E 79 -57.10 5.54 -12.39
C LEU E 79 -57.88 4.27 -12.12
N TYR E 80 -57.51 3.56 -11.06
CA TYR E 80 -58.05 2.25 -10.74
C TYR E 80 -58.49 2.19 -9.29
N LEU E 81 -59.43 1.29 -8.99
CA LEU E 81 -59.88 1.01 -7.64
C LEU E 81 -60.04 -0.50 -7.50
N GLN E 82 -59.01 -1.16 -6.99
CA GLN E 82 -59.08 -2.59 -6.75
C GLN E 82 -59.96 -2.86 -5.54
N MET E 83 -60.75 -3.93 -5.63
CA MET E 83 -61.73 -4.28 -4.61
C MET E 83 -61.49 -5.72 -4.16
N ASN E 84 -61.70 -5.97 -2.87
CA ASN E 84 -61.61 -7.31 -2.32
C ASN E 84 -62.66 -7.47 -1.22
N SER E 85 -63.15 -8.70 -1.07
CA SER E 85 -64.13 -9.04 -0.04
C SER E 85 -65.37 -8.16 -0.16
N LEU E 86 -65.99 -8.17 -1.34
CA LEU E 86 -67.16 -7.32 -1.56
C LEU E 86 -68.32 -7.80 -0.70
N ARG E 87 -69.23 -6.87 -0.39
CA ARG E 87 -70.38 -7.12 0.46
C ARG E 87 -71.60 -6.44 -0.14
N ALA E 88 -72.76 -6.76 0.43
CA ALA E 88 -74.03 -6.31 -0.14
C ALA E 88 -74.15 -4.80 -0.13
N GLU E 89 -73.71 -4.15 0.95
CA GLU E 89 -73.81 -2.69 1.06
C GLU E 89 -72.92 -1.96 0.07
N ASP E 90 -71.98 -2.65 -0.58
CA ASP E 90 -71.14 -2.02 -1.60
C ASP E 90 -71.91 -1.69 -2.87
N THR E 91 -73.18 -2.11 -2.99
CA THR E 91 -74.00 -1.73 -4.13
C THR E 91 -74.11 -0.22 -4.23
N ALA E 92 -73.54 0.36 -5.29
CA ALA E 92 -73.49 1.81 -5.41
C ALA E 92 -72.95 2.17 -6.79
N VAL E 93 -73.33 3.36 -7.24
CA VAL E 93 -72.75 3.92 -8.46
C VAL E 93 -71.45 4.60 -8.11
N TYR E 94 -70.34 4.08 -8.62
CA TYR E 94 -69.01 4.56 -8.27
C TYR E 94 -68.60 5.67 -9.23
N TYR E 95 -68.15 6.79 -8.66
CA TYR E 95 -67.79 7.98 -9.40
C TYR E 95 -66.29 8.23 -9.31
N CYS E 96 -65.72 8.69 -10.42
CA CYS E 96 -64.31 9.01 -10.53
C CYS E 96 -64.18 10.52 -10.72
N ALA E 97 -63.52 11.19 -9.77
CA ALA E 97 -63.54 12.63 -9.67
C ALA E 97 -62.13 13.19 -9.51
N ARG E 98 -61.94 14.40 -10.01
CA ARG E 98 -60.65 15.09 -9.96
C ARG E 98 -60.60 16.04 -8.77
N ASP E 99 -59.46 16.11 -8.12
CA ASP E 99 -59.26 17.09 -7.05
C ASP E 99 -59.14 18.48 -7.64
N ARG E 100 -59.63 19.48 -6.89
CA ARG E 100 -59.69 20.83 -7.42
C ARG E 100 -58.30 21.41 -7.65
N THR E 101 -57.38 21.22 -6.71
CA THR E 101 -56.09 21.89 -6.71
C THR E 101 -54.98 20.93 -7.12
N PRO E 102 -54.26 21.17 -8.22
CA PRO E 102 -53.14 20.30 -8.58
C PRO E 102 -51.89 20.64 -7.80
N VAL E 103 -50.86 19.82 -7.98
CA VAL E 103 -49.56 20.12 -7.40
C VAL E 103 -48.91 21.26 -8.17
N TYR E 104 -48.15 22.08 -7.47
CA TYR E 104 -47.46 23.20 -8.10
C TYR E 104 -46.48 22.71 -9.16
N ASP E 105 -46.34 23.50 -10.21
CA ASP E 105 -45.37 23.20 -11.25
C ASP E 105 -43.96 23.49 -10.73
N ILE E 106 -43.15 22.45 -10.59
CA ILE E 106 -41.82 22.60 -10.01
C ILE E 106 -40.92 23.46 -10.90
N LEU E 107 -41.15 23.45 -12.21
CA LEU E 107 -40.30 24.21 -13.11
C LEU E 107 -40.41 25.70 -12.91
N THR E 108 -41.50 26.19 -12.32
CA THR E 108 -41.62 27.62 -12.04
C THR E 108 -40.63 28.09 -10.98
N GLY E 109 -40.08 27.19 -10.18
CA GLY E 109 -39.21 27.59 -9.09
C GLY E 109 -39.93 28.08 -7.87
N TYR E 110 -41.25 27.86 -7.78
CA TYR E 110 -42.07 28.30 -6.66
C TYR E 110 -42.81 27.09 -6.12
N TYR E 111 -42.63 26.80 -4.83
CA TYR E 111 -43.08 25.53 -4.24
C TYR E 111 -44.16 25.76 -3.20
N TRP E 112 -45.13 26.61 -3.52
CA TRP E 112 -46.25 26.90 -2.63
C TRP E 112 -47.50 27.00 -3.49
N PRO E 113 -48.68 26.57 -2.99
CA PRO E 113 -49.05 25.90 -1.74
C PRO E 113 -48.54 24.48 -1.66
N PRO E 114 -48.43 23.91 -0.46
CA PRO E 114 -47.99 22.52 -0.36
C PRO E 114 -49.05 21.59 -0.94
N PRO E 115 -48.65 20.41 -1.39
CA PRO E 115 -49.63 19.50 -2.00
C PRO E 115 -50.66 19.06 -0.99
N ARG E 116 -51.92 19.43 -1.22
CA ARG E 116 -53.02 19.16 -0.31
C ARG E 116 -54.21 18.60 -1.07
N VAL E 117 -54.97 17.74 -0.40
CA VAL E 117 -56.21 17.19 -0.94
C VAL E 117 -57.33 18.14 -0.53
N ASP E 118 -57.75 19.00 -1.46
CA ASP E 118 -58.68 20.08 -1.13
C ASP E 118 -60.14 19.74 -1.39
N GLY E 119 -60.43 18.93 -2.41
CA GLY E 119 -61.80 18.54 -2.69
C GLY E 119 -62.07 18.27 -4.16
N MET E 120 -63.15 17.54 -4.44
CA MET E 120 -63.47 17.20 -5.82
C MET E 120 -64.23 18.34 -6.49
N ASP E 121 -63.93 18.54 -7.79
CA ASP E 121 -64.55 19.59 -8.58
C ASP E 121 -65.33 19.04 -9.78
N VAL E 122 -64.74 18.13 -10.56
CA VAL E 122 -65.40 17.53 -11.72
C VAL E 122 -65.56 16.04 -11.48
N TRP E 123 -66.72 15.51 -11.86
CA TRP E 123 -67.08 14.12 -11.63
C TRP E 123 -67.33 13.44 -12.97
N GLY E 124 -67.11 12.12 -13.00
CA GLY E 124 -67.33 11.34 -14.20
C GLY E 124 -68.79 10.95 -14.35
N GLN E 125 -69.05 10.16 -15.39
CA GLN E 125 -70.40 9.70 -15.67
C GLN E 125 -70.92 8.73 -14.60
N GLY E 126 -70.02 8.08 -13.87
CA GLY E 126 -70.42 7.10 -12.87
C GLY E 126 -70.63 5.74 -13.49
N THR E 127 -70.26 4.69 -12.75
CA THR E 127 -70.45 3.31 -13.16
C THR E 127 -71.10 2.54 -12.03
N THR E 128 -71.97 1.60 -12.37
CA THR E 128 -72.83 0.93 -11.41
C THR E 128 -72.24 -0.41 -11.01
N VAL E 129 -72.22 -0.68 -9.70
CA VAL E 129 -71.85 -1.97 -9.14
C VAL E 129 -73.00 -2.43 -8.26
N THR E 130 -73.41 -3.68 -8.45
CA THR E 130 -74.52 -4.28 -7.72
C THR E 130 -74.08 -5.60 -7.13
N VAL E 131 -73.91 -5.64 -5.81
CA VAL E 131 -73.45 -6.83 -5.11
C VAL E 131 -74.70 -7.60 -4.70
N SER E 132 -74.99 -8.68 -5.41
CA SER E 132 -76.15 -9.51 -5.13
C SER E 132 -75.94 -10.88 -5.76
N SER E 133 -76.72 -11.85 -5.30
CA SER E 133 -76.64 -13.21 -5.81
C SER E 133 -77.12 -13.29 -7.25
N ASP F 1 -64.85 12.19 14.78
CA ASP F 1 -64.87 12.53 13.32
C ASP F 1 -65.82 13.69 13.06
N ASN F 2 -65.62 14.37 11.93
CA ASN F 2 -66.40 15.56 11.59
C ASN F 2 -67.67 15.15 10.82
N VAL F 3 -68.61 14.58 11.57
CA VAL F 3 -69.90 14.25 10.99
C VAL F 3 -70.61 15.51 10.56
N MET F 4 -71.40 15.41 9.49
CA MET F 4 -72.04 16.55 8.85
C MET F 4 -73.56 16.35 8.84
N THR F 5 -74.28 17.46 8.95
CA THR F 5 -75.73 17.47 8.92
C THR F 5 -76.20 18.65 8.09
N GLN F 6 -77.39 18.50 7.51
CA GLN F 6 -78.02 19.53 6.70
C GLN F 6 -79.50 19.62 7.08
N THR F 7 -80.07 20.81 6.86
CA THR F 7 -81.50 21.02 7.01
C THR F 7 -81.94 22.05 5.99
N PRO F 8 -83.18 21.96 5.47
CA PRO F 8 -84.21 20.93 5.64
C PRO F 8 -83.90 19.70 4.80
N PHE F 9 -84.64 18.60 5.03
CA PHE F 9 -84.51 17.46 4.13
C PHE F 9 -84.94 17.80 2.71
N SER F 10 -85.97 18.64 2.58
CA SER F 10 -86.40 19.14 1.28
C SER F 10 -87.17 20.43 1.49
N LEU F 11 -87.26 21.24 0.44
CA LEU F 11 -87.98 22.50 0.47
C LEU F 11 -88.70 22.71 -0.85
N SER F 12 -89.95 23.15 -0.78
CA SER F 12 -90.73 23.44 -1.96
C SER F 12 -90.47 24.88 -2.39
N VAL F 13 -90.29 25.09 -3.69
CA VAL F 13 -89.93 26.36 -4.28
C VAL F 13 -90.81 26.58 -5.51
N THR F 14 -90.91 27.83 -5.96
CA THR F 14 -91.53 28.17 -7.23
C THR F 14 -90.47 28.89 -8.06
N PRO F 15 -90.63 28.95 -9.37
CA PRO F 15 -89.66 29.68 -10.20
C PRO F 15 -89.53 31.14 -9.78
N GLY F 16 -88.29 31.62 -9.73
CA GLY F 16 -88.00 32.98 -9.35
C GLY F 16 -87.97 33.23 -7.85
N GLN F 17 -88.38 32.26 -7.04
CA GLN F 17 -88.46 32.47 -5.60
C GLN F 17 -87.14 32.06 -4.95
N PRO F 18 -86.51 32.94 -4.15
CA PRO F 18 -85.19 32.59 -3.59
C PRO F 18 -85.27 31.42 -2.63
N ALA F 19 -84.17 30.66 -2.58
CA ALA F 19 -84.07 29.45 -1.79
C ALA F 19 -82.85 29.52 -0.89
N SER F 20 -82.94 28.85 0.26
CA SER F 20 -81.86 28.79 1.24
C SER F 20 -81.71 27.36 1.75
N ILE F 21 -80.48 26.92 1.90
CA ILE F 21 -80.15 25.59 2.38
C ILE F 21 -79.09 25.73 3.47
N SER F 22 -79.25 24.98 4.55
CA SER F 22 -78.39 25.05 5.73
C SER F 22 -77.55 23.78 5.85
N CYS F 23 -76.30 23.96 6.27
CA CYS F 23 -75.38 22.87 6.53
C CYS F 23 -74.75 23.09 7.90
N LYS F 24 -74.45 22.04 8.69
CA LYS F 24 -73.94 22.20 10.07
C LYS F 24 -72.88 21.14 10.37
N SER F 25 -71.61 21.50 10.57
CA SER F 25 -70.55 20.53 10.94
C SER F 25 -70.64 20.19 12.44
N SER F 26 -69.84 19.26 12.93
CA SER F 26 -69.74 18.95 14.39
C SER F 26 -68.52 19.69 14.96
N GLN F 27 -67.43 19.84 14.18
CA GLN F 27 -66.26 20.60 14.58
C GLN F 27 -66.04 21.73 13.59
N SER F 28 -65.27 22.72 14.03
CA SER F 28 -65.00 23.89 13.18
C SER F 28 -64.21 23.49 11.94
N LEU F 29 -64.60 24.07 10.81
CA LEU F 29 -63.95 23.82 9.53
C LEU F 29 -62.89 24.87 9.20
N LEU F 30 -62.63 25.82 10.08
CA LEU F 30 -61.59 26.83 9.84
C LEU F 30 -60.23 26.20 10.15
N HIS F 31 -59.43 26.00 9.13
CA HIS F 31 -58.12 25.39 9.28
C HIS F 31 -57.11 26.43 9.74
N SER F 32 -55.97 25.93 10.24
CA SER F 32 -54.93 26.82 10.76
C SER F 32 -54.37 27.77 9.70
N ASP F 33 -54.52 27.43 8.41
CA ASP F 33 -54.04 28.31 7.35
C ASP F 33 -54.90 29.55 7.16
N GLY F 34 -56.04 29.65 7.85
CA GLY F 34 -56.96 30.76 7.67
C GLY F 34 -58.10 30.48 6.71
N LYS F 35 -58.02 29.39 5.95
CA LYS F 35 -59.10 28.99 5.05
C LYS F 35 -60.07 28.07 5.78
N THR F 36 -61.34 28.21 5.43
CA THR F 36 -62.42 27.41 6.00
C THR F 36 -62.96 26.48 4.92
N TYR F 37 -62.77 25.18 5.12
CA TYR F 37 -62.93 24.19 4.05
C TYR F 37 -64.34 23.60 4.09
N LEU F 38 -65.16 24.04 3.15
CA LEU F 38 -66.47 23.46 2.91
C LEU F 38 -66.81 23.56 1.43
N TYR F 39 -67.48 22.54 0.92
CA TYR F 39 -67.85 22.44 -0.49
C TYR F 39 -69.35 22.21 -0.61
N TRP F 40 -69.92 22.64 -1.75
CA TRP F 40 -71.32 22.39 -2.09
C TRP F 40 -71.38 21.70 -3.44
N TYR F 41 -72.14 20.62 -3.52
CA TYR F 41 -72.40 19.90 -4.77
C TYR F 41 -73.90 19.74 -4.96
N LEU F 42 -74.34 19.84 -6.21
CA LEU F 42 -75.72 19.61 -6.60
C LEU F 42 -75.77 18.38 -7.49
N GLN F 43 -76.65 17.43 -7.17
CA GLN F 43 -76.86 16.25 -8.00
C GLN F 43 -78.17 16.44 -8.76
N LYS F 44 -78.06 16.77 -10.04
CA LYS F 44 -79.24 16.91 -10.86
C LYS F 44 -79.91 15.55 -11.05
N PRO F 45 -81.19 15.51 -11.45
CA PRO F 45 -81.86 14.21 -11.61
C PRO F 45 -81.17 13.30 -12.62
N GLY F 46 -80.64 12.18 -12.12
CA GLY F 46 -80.01 11.19 -12.97
C GLY F 46 -78.60 11.53 -13.44
N GLN F 47 -78.02 12.63 -12.97
CA GLN F 47 -76.69 13.05 -13.39
C GLN F 47 -75.71 12.95 -12.22
N SER F 48 -74.43 13.08 -12.56
CA SER F 48 -73.38 13.09 -11.54
C SER F 48 -73.36 14.45 -10.84
N PRO F 49 -72.79 14.52 -9.64
CA PRO F 49 -72.69 15.82 -8.96
C PRO F 49 -71.78 16.78 -9.73
N GLN F 50 -72.09 18.07 -9.63
CA GLN F 50 -71.22 19.13 -10.13
C GLN F 50 -70.94 20.10 -9.00
N LEU F 51 -69.70 20.64 -8.89
CA LEU F 51 -69.30 21.55 -7.77
C LEU F 51 -69.92 22.94 -8.01
N LEU F 52 -70.67 23.47 -7.02
CA LEU F 52 -71.31 24.80 -7.12
C LEU F 52 -70.48 25.83 -6.37
N ILE F 53 -70.11 25.59 -5.11
CA ILE F 53 -69.36 26.57 -4.27
C ILE F 53 -68.06 25.92 -3.79
N TYR F 54 -66.89 26.43 -4.19
CA TYR F 54 -65.56 25.91 -3.76
C TYR F 54 -65.15 26.76 -2.57
N GLU F 55 -64.87 26.17 -1.39
CA GLU F 55 -64.62 26.91 -0.13
C GLU F 55 -65.97 27.45 0.34
N VAL F 56 -66.04 28.17 1.46
CA VAL F 56 -67.35 28.63 2.03
C VAL F 56 -68.11 29.54 1.08
N SER F 57 -67.44 30.50 0.42
CA SER F 57 -68.13 31.54 -0.39
C SER F 57 -67.84 31.46 -1.89
N ASN F 58 -66.61 31.15 -2.31
CA ASN F 58 -66.26 31.21 -3.75
C ASN F 58 -67.13 30.25 -4.55
N ARG F 59 -67.61 30.65 -5.74
CA ARG F 59 -68.42 29.79 -6.63
C ARG F 59 -67.49 29.25 -7.71
N PHE F 60 -67.61 27.97 -8.05
CA PHE F 60 -66.70 27.30 -9.03
C PHE F 60 -66.83 27.98 -10.39
N SER F 61 -65.85 27.81 -11.28
CA SER F 61 -65.85 28.40 -12.62
C SER F 61 -67.03 27.88 -13.42
N GLY F 62 -67.70 28.79 -14.13
CA GLY F 62 -68.85 28.47 -14.94
C GLY F 62 -70.16 28.43 -14.19
N VAL F 63 -70.14 28.51 -12.87
CA VAL F 63 -71.40 28.48 -12.10
C VAL F 63 -72.13 29.81 -12.29
N PRO F 64 -73.47 29.83 -12.42
CA PRO F 64 -74.15 31.12 -12.49
C PRO F 64 -74.00 31.92 -11.20
N GLU F 65 -74.04 33.24 -11.34
CA GLU F 65 -73.87 34.15 -10.20
C GLU F 65 -75.01 34.06 -9.20
N ARG F 66 -76.14 33.45 -9.56
CA ARG F 66 -77.28 33.40 -8.66
C ARG F 66 -76.99 32.62 -7.38
N PHE F 67 -76.03 31.70 -7.42
CA PHE F 67 -75.65 30.92 -6.25
C PHE F 67 -74.64 31.71 -5.41
N SER F 68 -74.79 31.62 -4.09
CA SER F 68 -73.86 32.24 -3.15
C SER F 68 -73.92 31.48 -1.84
N GLY F 69 -72.84 31.61 -1.07
CA GLY F 69 -72.73 30.91 0.19
C GLY F 69 -71.97 31.74 1.20
N SER F 70 -72.08 31.34 2.46
CA SER F 70 -71.50 32.11 3.54
C SER F 70 -71.53 31.27 4.82
N GLY F 71 -70.78 31.73 5.80
CA GLY F 71 -70.71 31.06 7.09
C GLY F 71 -69.34 31.22 7.70
N SER F 72 -69.19 30.59 8.87
CA SER F 72 -67.94 30.63 9.60
C SER F 72 -68.01 29.55 10.67
N GLY F 73 -66.87 29.15 11.26
CA GLY F 73 -66.87 28.15 12.35
C GLY F 73 -67.62 26.89 11.95
N THR F 74 -68.73 26.56 12.62
CA THR F 74 -69.57 25.36 12.32
C THR F 74 -70.80 25.69 11.46
N ASP F 75 -71.31 26.93 11.51
CA ASP F 75 -72.57 27.29 10.80
C ASP F 75 -72.27 27.69 9.34
N PHE F 76 -73.01 27.20 8.35
CA PHE F 76 -72.87 27.60 6.92
C PHE F 76 -74.26 27.55 6.26
N THR F 77 -74.43 28.16 5.09
CA THR F 77 -75.72 28.18 4.35
C THR F 77 -75.44 28.30 2.84
N LEU F 78 -76.34 27.84 1.97
CA LEU F 78 -76.24 28.00 0.49
C LEU F 78 -77.47 28.78 0.03
N LYS F 79 -77.31 30.07 -0.26
CA LYS F 79 -78.39 30.97 -0.66
C LYS F 79 -78.42 31.07 -2.17
N ILE F 80 -79.63 31.05 -2.74
CA ILE F 80 -79.85 31.16 -4.18
C ILE F 80 -80.72 32.38 -4.40
N SER F 81 -80.25 33.29 -5.26
CA SER F 81 -80.99 34.53 -5.52
C SER F 81 -82.34 34.25 -6.17
N ARG F 82 -82.37 33.33 -7.12
CA ARG F 82 -83.62 32.95 -7.78
C ARG F 82 -83.47 31.54 -8.31
N VAL F 83 -84.60 30.83 -8.38
CA VAL F 83 -84.62 29.42 -8.75
C VAL F 83 -85.24 29.29 -10.14
N GLU F 84 -84.50 28.68 -11.05
CA GLU F 84 -84.99 28.34 -12.39
C GLU F 84 -85.28 26.85 -12.47
N ALA F 85 -85.84 26.44 -13.61
CA ALA F 85 -86.27 25.05 -13.78
C ALA F 85 -85.10 24.08 -13.75
N GLU F 86 -83.88 24.52 -14.09
CA GLU F 86 -82.72 23.64 -14.10
C GLU F 86 -82.09 23.45 -12.73
N ASP F 87 -82.53 24.20 -11.71
CA ASP F 87 -81.93 24.13 -10.39
C ASP F 87 -82.48 22.99 -9.54
N VAL F 88 -83.44 22.21 -10.05
CA VAL F 88 -83.97 21.10 -9.28
C VAL F 88 -82.91 20.01 -9.14
N GLY F 89 -82.78 19.50 -7.91
CA GLY F 89 -81.83 18.46 -7.59
C GLY F 89 -81.57 18.41 -6.09
N VAL F 90 -80.58 17.61 -5.72
CA VAL F 90 -80.20 17.39 -4.34
C VAL F 90 -78.87 18.09 -4.08
N TYR F 91 -78.83 18.92 -3.03
CA TYR F 91 -77.66 19.70 -2.69
C TYR F 91 -76.95 19.04 -1.51
N TYR F 92 -75.67 18.73 -1.68
CA TYR F 92 -74.84 18.12 -0.64
C TYR F 92 -73.76 19.11 -0.21
N CYS F 93 -73.59 19.25 1.11
CA CYS F 93 -72.47 19.99 1.67
C CYS F 93 -71.42 19.00 2.17
N MET F 94 -70.15 19.40 2.03
CA MET F 94 -69.04 18.50 2.34
C MET F 94 -67.88 19.29 2.92
N GLN F 95 -67.18 18.67 3.86
CA GLN F 95 -66.00 19.25 4.51
C GLN F 95 -64.73 18.59 3.98
N SER F 96 -63.67 19.39 3.86
CA SER F 96 -62.38 18.90 3.40
C SER F 96 -61.24 19.45 4.24
N ILE F 97 -61.51 19.81 5.51
CA ILE F 97 -60.43 20.22 6.40
C ILE F 97 -59.56 19.01 6.76
N GLN F 98 -60.17 17.86 6.97
CA GLN F 98 -59.46 16.66 7.39
C GLN F 98 -60.02 15.44 6.67
N LEU F 99 -59.13 14.52 6.32
CA LEU F 99 -59.55 13.23 5.79
C LEU F 99 -59.89 12.28 6.94
N PRO F 100 -60.83 11.34 6.73
CA PRO F 100 -61.71 11.09 5.59
C PRO F 100 -62.76 12.17 5.39
N PHE F 101 -63.08 12.49 4.15
CA PHE F 101 -64.15 13.45 3.88
C PHE F 101 -65.50 12.79 4.12
N THR F 102 -66.51 13.63 4.34
CA THR F 102 -67.86 13.14 4.56
C THR F 102 -68.85 14.22 4.15
N PHE F 103 -69.96 13.77 3.57
CA PHE F 103 -71.01 14.64 3.06
C PHE F 103 -72.15 14.75 4.06
N GLY F 104 -72.96 15.77 3.91
CA GLY F 104 -74.24 15.82 4.61
C GLY F 104 -75.25 14.88 3.97
N GLN F 105 -76.37 14.70 4.65
CA GLN F 105 -77.38 13.78 4.13
C GLN F 105 -78.08 14.33 2.87
N GLY F 106 -77.91 15.61 2.55
CA GLY F 106 -78.44 16.16 1.32
C GLY F 106 -79.81 16.79 1.49
N THR F 107 -80.03 17.89 0.78
CA THR F 107 -81.31 18.61 0.78
C THR F 107 -81.82 18.66 -0.65
N LYS F 108 -83.08 18.23 -0.85
CA LYS F 108 -83.62 18.13 -2.19
C LYS F 108 -84.53 19.31 -2.49
N LEU F 109 -84.28 19.95 -3.63
CA LEU F 109 -85.05 21.11 -4.07
C LEU F 109 -86.20 20.62 -4.96
N GLU F 110 -87.38 21.21 -4.79
CA GLU F 110 -88.59 20.75 -5.46
C GLU F 110 -89.43 21.94 -5.88
N ILE F 111 -90.09 21.80 -7.03
CA ILE F 111 -91.07 22.77 -7.52
C ILE F 111 -92.33 22.04 -7.94
N LYS F 112 -93.48 22.58 -7.55
CA LYS F 112 -94.78 21.99 -7.87
C LYS F 112 -95.78 23.07 -8.26
N ALA G 27 -27.05 -33.82 -40.65
CA ALA G 27 -26.57 -34.64 -39.50
C ALA G 27 -25.62 -33.83 -38.64
N TYR G 28 -25.41 -34.29 -37.41
CA TYR G 28 -24.50 -33.65 -36.47
C TYR G 28 -23.76 -34.73 -35.69
N THR G 29 -22.63 -34.34 -35.10
CA THR G 29 -21.85 -35.23 -34.25
C THR G 29 -21.16 -34.39 -33.18
N ASN G 30 -20.61 -35.08 -32.18
CA ASN G 30 -20.04 -34.45 -31.01
C ASN G 30 -18.52 -34.41 -31.15
N SER G 31 -17.95 -33.21 -31.00
CA SER G 31 -16.50 -33.01 -31.10
C SER G 31 -15.88 -33.22 -29.73
N PHE G 32 -15.35 -34.42 -29.52
CA PHE G 32 -14.79 -34.79 -28.23
C PHE G 32 -13.39 -34.19 -28.06
N THR G 33 -13.32 -32.93 -27.65
CA THR G 33 -12.07 -32.24 -27.38
C THR G 33 -11.20 -32.05 -28.60
N ARG G 34 -11.77 -32.16 -29.81
CA ARG G 34 -10.99 -31.97 -31.02
C ARG G 34 -10.88 -30.48 -31.35
N GLY G 35 -9.91 -30.16 -32.20
CA GLY G 35 -9.84 -28.83 -32.80
C GLY G 35 -9.01 -27.81 -32.07
N VAL G 36 -8.24 -28.21 -31.06
CA VAL G 36 -7.35 -27.28 -30.38
C VAL G 36 -6.05 -27.17 -31.17
N TYR G 37 -5.41 -26.01 -31.07
CA TYR G 37 -4.22 -25.72 -31.84
C TYR G 37 -3.29 -24.82 -31.04
N TYR G 38 -2.07 -24.68 -31.53
CA TYR G 38 -1.09 -23.83 -30.86
C TYR G 38 -1.46 -22.37 -31.08
N PRO G 39 -1.72 -21.57 -30.04
CA PRO G 39 -2.15 -20.18 -30.28
C PRO G 39 -1.12 -19.34 -31.01
N ASP G 40 0.18 -19.58 -30.80
CA ASP G 40 1.21 -18.71 -31.35
C ASP G 40 2.48 -19.51 -31.55
N LYS G 41 3.40 -18.92 -32.32
CA LYS G 41 4.68 -19.54 -32.66
C LYS G 41 5.74 -19.26 -31.61
N VAL G 42 5.45 -19.56 -30.34
CA VAL G 42 6.38 -19.35 -29.24
C VAL G 42 6.54 -20.67 -28.50
N PHE G 43 7.78 -21.08 -28.29
CA PHE G 43 8.04 -22.36 -27.65
C PHE G 43 7.76 -22.27 -26.15
N ARG G 44 7.00 -23.23 -25.64
CA ARG G 44 6.73 -23.36 -24.22
C ARG G 44 6.79 -24.83 -23.85
N SER G 45 7.48 -25.16 -22.76
CA SER G 45 7.70 -26.54 -22.36
C SER G 45 7.53 -26.67 -20.86
N SER G 46 6.80 -27.72 -20.46
CA SER G 46 6.58 -28.04 -19.05
C SER G 46 5.94 -26.86 -18.31
N VAL G 47 4.82 -26.38 -18.86
CA VAL G 47 4.11 -25.24 -18.30
C VAL G 47 2.65 -25.34 -18.69
N LEU G 48 1.78 -24.90 -17.78
CA LEU G 48 0.34 -24.80 -18.02
C LEU G 48 0.02 -23.36 -18.35
N HIS G 49 -0.36 -23.09 -19.60
CA HIS G 49 -0.52 -21.75 -20.12
C HIS G 49 -1.99 -21.48 -20.39
N SER G 50 -2.50 -20.38 -19.83
CA SER G 50 -3.85 -19.92 -20.13
C SER G 50 -3.80 -18.93 -21.29
N THR G 51 -4.74 -19.06 -22.22
CA THR G 51 -4.75 -18.24 -23.43
C THR G 51 -6.18 -17.94 -23.84
N GLN G 52 -6.38 -16.74 -24.37
CA GLN G 52 -7.66 -16.28 -24.90
C GLN G 52 -7.52 -16.18 -26.41
N ASP G 53 -8.22 -17.06 -27.13
CA ASP G 53 -8.16 -17.05 -28.58
C ASP G 53 -9.36 -17.83 -29.11
N LEU G 54 -9.58 -17.73 -30.41
CA LEU G 54 -10.69 -18.41 -31.06
C LEU G 54 -10.40 -19.90 -31.09
N PHE G 55 -11.20 -20.68 -30.36
CA PHE G 55 -11.08 -22.13 -30.30
C PHE G 55 -12.43 -22.77 -30.56
N LEU G 56 -12.40 -24.01 -31.01
CA LEU G 56 -13.62 -24.80 -31.09
C LEU G 56 -14.00 -25.23 -29.69
N PRO G 57 -15.20 -24.92 -29.18
CA PRO G 57 -15.55 -25.36 -27.82
C PRO G 57 -15.55 -26.87 -27.69
N PHE G 58 -15.17 -27.34 -26.51
CA PHE G 58 -15.18 -28.78 -26.24
C PHE G 58 -16.61 -29.31 -26.28
N PHE G 59 -16.78 -30.48 -26.88
CA PHE G 59 -18.09 -31.12 -27.01
C PHE G 59 -19.08 -30.23 -27.75
N SER G 60 -18.60 -29.49 -28.74
CA SER G 60 -19.48 -28.70 -29.58
C SER G 60 -20.20 -29.61 -30.58
N ASN G 61 -21.15 -29.02 -31.30
CA ASN G 61 -22.02 -29.73 -32.23
C ASN G 61 -21.57 -29.38 -33.65
N VAL G 62 -20.68 -30.22 -34.19
CA VAL G 62 -20.14 -29.97 -35.52
C VAL G 62 -21.04 -30.62 -36.56
N THR G 63 -21.35 -29.86 -37.62
CA THR G 63 -22.17 -30.37 -38.70
C THR G 63 -21.43 -31.46 -39.47
N TRP G 64 -22.18 -32.39 -40.05
CA TRP G 64 -21.65 -33.47 -40.86
C TRP G 64 -22.29 -33.40 -42.24
N PHE G 65 -21.46 -33.38 -43.28
CA PHE G 65 -21.88 -33.21 -44.66
C PHE G 65 -21.50 -34.45 -45.48
N HIS G 66 -22.12 -34.56 -46.65
CA HIS G 66 -21.83 -35.62 -47.59
C HIS G 66 -21.85 -35.07 -49.02
N ALA G 67 -21.09 -35.73 -49.89
CA ALA G 67 -21.11 -35.43 -51.32
C ALA G 67 -21.08 -36.73 -52.12
N ILE G 68 -21.84 -37.72 -51.68
CA ILE G 68 -21.84 -39.05 -52.26
C ILE G 68 -23.28 -39.49 -52.50
N HIS G 69 -23.53 -40.09 -53.67
CA HIS G 69 -24.83 -40.63 -54.02
C HIS G 69 -24.69 -42.04 -54.57
N ASP G 80 -23.86 -33.08 -51.84
CA ASP G 80 -23.15 -32.07 -52.61
C ASP G 80 -22.56 -31.02 -51.68
N ASN G 81 -21.60 -30.25 -52.18
CA ASN G 81 -20.87 -29.29 -51.36
C ASN G 81 -21.64 -27.96 -51.29
N PRO G 82 -22.08 -27.50 -50.11
CA PRO G 82 -22.70 -26.18 -50.03
C PRO G 82 -21.67 -25.10 -49.68
N VAL G 83 -22.06 -23.86 -49.99
CA VAL G 83 -21.25 -22.71 -49.57
C VAL G 83 -21.61 -22.36 -48.13
N LEU G 84 -20.61 -22.41 -47.26
CA LEU G 84 -20.78 -22.27 -45.83
C LEU G 84 -20.27 -20.91 -45.36
N PRO G 85 -20.85 -20.30 -44.32
CA PRO G 85 -20.31 -19.04 -43.81
C PRO G 85 -19.01 -19.25 -43.07
N PHE G 86 -18.33 -18.12 -42.79
CA PHE G 86 -17.02 -18.09 -42.14
C PHE G 86 -17.15 -17.20 -40.90
N ASN G 87 -17.53 -17.82 -39.78
CA ASN G 87 -17.80 -17.09 -38.54
C ASN G 87 -16.51 -16.98 -37.74
N ASP G 88 -15.63 -16.09 -38.21
CA ASP G 88 -14.39 -15.73 -37.51
C ASP G 88 -13.36 -16.86 -37.46
N GLY G 89 -13.66 -18.01 -38.05
CA GLY G 89 -12.78 -19.16 -37.95
C GLY G 89 -13.58 -20.44 -38.08
N VAL G 90 -12.92 -21.45 -38.63
CA VAL G 90 -13.56 -22.71 -39.00
C VAL G 90 -12.67 -23.86 -38.55
N TYR G 91 -13.29 -24.92 -38.06
CA TYR G 91 -12.65 -26.22 -37.87
C TYR G 91 -13.18 -27.16 -38.94
N PHE G 92 -12.27 -27.86 -39.61
CA PHE G 92 -12.60 -28.74 -40.72
C PHE G 92 -11.92 -30.08 -40.51
N ALA G 93 -12.64 -31.16 -40.76
CA ALA G 93 -12.11 -32.50 -40.59
C ALA G 93 -12.71 -33.41 -41.65
N SER G 94 -11.96 -34.47 -41.99
CA SER G 94 -12.39 -35.39 -43.03
C SER G 94 -11.70 -36.73 -42.85
N THR G 95 -12.31 -37.77 -43.42
CA THR G 95 -11.77 -39.13 -43.36
C THR G 95 -12.18 -39.85 -44.64
N GLU G 96 -11.23 -40.02 -45.56
CA GLU G 96 -11.46 -40.68 -46.83
C GLU G 96 -10.31 -41.64 -47.12
N LYS G 97 -10.62 -42.69 -47.89
CA LYS G 97 -9.61 -43.66 -48.29
C LYS G 97 -8.85 -43.24 -49.53
N SER G 98 -9.34 -42.24 -50.28
CA SER G 98 -8.76 -41.86 -51.57
C SER G 98 -8.54 -40.36 -51.72
N ASN G 99 -8.77 -39.57 -50.67
CA ASN G 99 -8.55 -38.12 -50.70
C ASN G 99 -9.37 -37.46 -51.81
N ILE G 100 -10.69 -37.62 -51.68
CA ILE G 100 -11.59 -37.00 -52.64
C ILE G 100 -11.52 -35.48 -52.54
N ILE G 101 -11.36 -34.96 -51.32
CA ILE G 101 -11.16 -33.52 -51.15
C ILE G 101 -9.76 -33.15 -51.60
N ARG G 102 -9.64 -31.99 -52.25
CA ARG G 102 -8.34 -31.53 -52.73
C ARG G 102 -8.11 -30.03 -52.51
N GLY G 103 -8.89 -29.38 -51.65
CA GLY G 103 -8.65 -27.98 -51.36
C GLY G 103 -9.90 -27.28 -50.89
N TRP G 104 -9.82 -25.95 -50.87
CA TRP G 104 -10.89 -25.10 -50.38
C TRP G 104 -10.92 -23.81 -51.18
N ILE G 105 -12.02 -23.08 -51.05
CA ILE G 105 -12.22 -21.77 -51.65
C ILE G 105 -12.68 -20.82 -50.56
N PHE G 106 -12.19 -19.59 -50.59
CA PHE G 106 -12.55 -18.59 -49.60
C PHE G 106 -12.85 -17.26 -50.28
N GLY G 107 -13.72 -16.47 -49.65
CA GLY G 107 -14.09 -15.17 -50.18
C GLY G 107 -15.40 -14.67 -49.60
N THR G 108 -15.97 -13.63 -50.23
CA THR G 108 -17.24 -13.07 -49.80
C THR G 108 -18.32 -13.32 -50.85
N THR G 109 -18.07 -12.88 -52.08
CA THR G 109 -19.01 -13.08 -53.18
C THR G 109 -18.65 -14.28 -54.04
N LEU G 110 -17.39 -14.69 -54.05
CA LEU G 110 -16.93 -15.82 -54.86
C LEU G 110 -17.17 -15.58 -56.34
N ASP G 111 -17.05 -14.32 -56.77
CA ASP G 111 -17.15 -13.94 -58.18
C ASP G 111 -16.15 -12.82 -58.44
N SER G 112 -16.15 -12.31 -59.68
CA SER G 112 -15.19 -11.29 -60.07
C SER G 112 -15.40 -9.97 -59.33
N LYS G 113 -16.54 -9.77 -58.66
CA LYS G 113 -16.79 -8.53 -57.96
C LYS G 113 -15.81 -8.29 -56.81
N THR G 114 -15.31 -9.36 -56.18
CA THR G 114 -14.46 -9.24 -55.00
C THR G 114 -13.31 -10.23 -55.10
N GLN G 115 -12.24 -9.91 -54.36
CA GLN G 115 -11.08 -10.80 -54.31
C GLN G 115 -11.43 -12.09 -53.59
N SER G 116 -10.84 -13.19 -54.04
CA SER G 116 -11.10 -14.51 -53.48
C SER G 116 -9.80 -15.30 -53.40
N LEU G 117 -9.71 -16.19 -52.42
CA LEU G 117 -8.53 -17.00 -52.16
C LEU G 117 -8.82 -18.44 -52.55
N LEU G 118 -7.83 -19.10 -53.14
CA LEU G 118 -7.93 -20.48 -53.58
C LEU G 118 -6.75 -21.27 -53.05
N ILE G 119 -7.03 -22.44 -52.49
CA ILE G 119 -6.01 -23.43 -52.11
C ILE G 119 -6.47 -24.76 -52.68
N VAL G 120 -5.64 -25.36 -53.51
CA VAL G 120 -5.96 -26.65 -54.14
C VAL G 120 -4.69 -27.49 -54.25
N ASN G 121 -4.85 -28.80 -54.09
CA ASN G 121 -3.74 -29.75 -54.05
C ASN G 121 -3.78 -30.58 -55.32
N ASN G 122 -3.04 -30.13 -56.34
CA ASN G 122 -2.74 -31.00 -57.47
C ASN G 122 -1.90 -32.17 -56.98
N ALA G 123 -1.96 -33.28 -57.70
CA ALA G 123 -1.31 -34.51 -57.24
C ALA G 123 0.19 -34.35 -57.04
N THR G 124 0.81 -33.37 -57.71
CA THR G 124 2.24 -33.12 -57.58
C THR G 124 2.58 -31.96 -56.66
N ASN G 125 1.70 -30.97 -56.54
CA ASN G 125 2.03 -29.75 -55.80
C ASN G 125 0.78 -28.99 -55.41
N VAL G 126 0.83 -28.35 -54.24
CA VAL G 126 -0.20 -27.38 -53.89
C VAL G 126 0.02 -26.11 -54.69
N VAL G 127 -1.07 -25.41 -54.99
CA VAL G 127 -1.03 -24.08 -55.56
C VAL G 127 -1.96 -23.18 -54.76
N ILE G 128 -1.41 -22.10 -54.20
CA ILE G 128 -2.16 -21.12 -53.43
C ILE G 128 -2.11 -19.81 -54.19
N LYS G 129 -3.28 -19.26 -54.48
CA LYS G 129 -3.37 -18.01 -55.22
C LYS G 129 -4.64 -17.28 -54.79
N VAL G 130 -4.59 -15.95 -54.89
CA VAL G 130 -5.63 -15.07 -54.39
C VAL G 130 -6.11 -14.23 -55.55
N CYS G 131 -7.13 -14.70 -56.26
CA CYS G 131 -7.55 -14.10 -57.51
C CYS G 131 -9.04 -13.80 -57.50
N GLU G 132 -9.41 -12.81 -58.31
CA GLU G 132 -10.80 -12.42 -58.51
C GLU G 132 -11.49 -13.45 -59.40
N PHE G 133 -11.71 -14.63 -58.79
CA PHE G 133 -12.14 -15.80 -59.55
C PHE G 133 -13.56 -15.60 -60.09
N GLN G 134 -13.98 -16.54 -60.91
CA GLN G 134 -15.33 -16.59 -61.46
C GLN G 134 -15.82 -18.03 -61.31
N PHE G 135 -15.72 -18.56 -60.09
CA PHE G 135 -16.08 -19.95 -59.82
C PHE G 135 -17.49 -20.26 -60.29
N CYS G 136 -17.63 -21.41 -60.93
CA CYS G 136 -18.96 -21.94 -61.22
C CYS G 136 -19.60 -22.42 -59.92
N ASN G 137 -20.90 -22.69 -59.99
CA ASN G 137 -21.63 -23.10 -58.79
C ASN G 137 -21.23 -24.49 -58.29
N ASP G 138 -20.48 -25.26 -59.09
CA ASP G 138 -19.98 -26.58 -58.68
C ASP G 138 -18.51 -26.69 -59.03
N PRO G 139 -17.62 -26.11 -58.23
CA PRO G 139 -16.19 -26.31 -58.46
C PRO G 139 -15.77 -27.75 -58.21
N PHE G 140 -14.71 -28.17 -58.91
CA PHE G 140 -14.20 -29.53 -58.78
C PHE G 140 -12.86 -29.61 -59.50
N LEU G 141 -12.27 -30.80 -59.48
CA LEU G 141 -11.09 -31.14 -60.25
C LEU G 141 -11.41 -32.32 -61.16
N GLY G 142 -10.98 -32.23 -62.42
CA GLY G 142 -11.24 -33.29 -63.38
C GLY G 142 -10.26 -34.44 -63.29
N VAL G 143 -10.18 -35.23 -64.34
CA VAL G 143 -9.25 -36.36 -64.37
C VAL G 143 -7.82 -35.88 -64.29
N VAL G 159 -7.83 -25.41 -64.19
CA VAL G 159 -8.64 -26.59 -64.64
C VAL G 159 -10.05 -26.10 -64.98
N TYR G 160 -10.56 -25.11 -64.26
CA TYR G 160 -11.95 -24.59 -64.44
C TYR G 160 -12.03 -23.15 -63.92
N SER G 161 -13.07 -22.38 -64.25
CA SER G 161 -13.32 -21.00 -63.75
C SER G 161 -12.46 -19.98 -64.53
N SER G 162 -12.54 -18.69 -64.19
CA SER G 162 -11.71 -17.61 -64.82
C SER G 162 -10.94 -16.89 -63.72
N ALA G 163 -9.61 -16.76 -63.82
CA ALA G 163 -8.76 -16.08 -62.80
C ALA G 163 -8.15 -14.81 -63.41
N ASN G 164 -8.40 -13.64 -62.81
CA ASN G 164 -7.92 -12.34 -63.36
C ASN G 164 -7.50 -11.40 -62.23
N ASN G 165 -6.69 -10.37 -62.51
CA ASN G 165 -6.32 -9.32 -61.52
C ASN G 165 -5.73 -9.91 -60.24
N CYS G 166 -4.80 -10.86 -60.32
CA CYS G 166 -4.25 -11.51 -59.12
C CYS G 166 -2.73 -11.56 -59.09
N THR G 167 -2.12 -11.00 -58.05
CA THR G 167 -0.64 -10.94 -57.89
C THR G 167 -0.15 -12.08 -57.00
N PHE G 168 -0.88 -12.44 -55.93
CA PHE G 168 -0.40 -13.48 -54.98
C PHE G 168 -0.46 -14.84 -55.66
N GLU G 169 0.59 -15.64 -55.52
CA GLU G 169 0.63 -17.02 -56.07
C GLU G 169 1.78 -17.75 -55.37
N TYR G 170 1.65 -19.05 -55.11
CA TYR G 170 2.67 -19.84 -54.44
C TYR G 170 2.47 -21.30 -54.79
N VAL G 171 3.57 -22.04 -54.88
CA VAL G 171 3.56 -23.45 -55.22
C VAL G 171 4.57 -24.18 -54.33
N SER G 172 4.19 -25.38 -53.89
CA SER G 172 5.06 -26.19 -53.05
C SER G 172 4.49 -27.62 -53.02
N GLN G 173 5.04 -28.45 -52.16
CA GLN G 173 4.57 -29.82 -52.06
C GLN G 173 3.15 -29.84 -51.49
N PRO G 174 2.33 -30.84 -51.83
CA PRO G 174 0.95 -30.84 -51.35
C PRO G 174 0.83 -31.45 -49.95
N PHE G 175 -0.09 -30.89 -49.16
CA PHE G 175 -0.36 -31.43 -47.83
C PHE G 175 -1.44 -32.50 -47.83
N LEU G 176 -2.08 -32.76 -48.97
CA LEU G 176 -2.94 -33.92 -49.15
C LEU G 176 -2.29 -34.85 -50.17
N MET G 177 -2.27 -36.14 -49.86
CA MET G 177 -1.57 -37.11 -50.69
C MET G 177 -2.31 -38.44 -50.66
N ASP G 178 -2.43 -39.07 -51.82
CA ASP G 178 -3.10 -40.36 -51.93
C ASP G 178 -2.41 -41.42 -51.09
N LYS G 187 -9.49 -44.67 -42.50
CA LYS G 187 -8.24 -45.19 -41.97
C LYS G 187 -7.39 -44.08 -41.36
N ASN G 188 -7.49 -42.87 -41.91
CA ASN G 188 -6.67 -41.75 -41.46
C ASN G 188 -7.53 -40.50 -41.40
N LEU G 189 -7.50 -39.83 -40.26
CA LEU G 189 -8.26 -38.59 -40.06
C LEU G 189 -7.37 -37.39 -40.36
N ARG G 190 -7.89 -36.47 -41.17
CA ARG G 190 -7.25 -35.19 -41.43
C ARG G 190 -8.10 -34.09 -40.78
N GLU G 191 -7.44 -33.21 -40.04
CA GLU G 191 -8.10 -32.10 -39.35
C GLU G 191 -7.45 -30.80 -39.79
N PHE G 192 -8.25 -29.75 -39.90
CA PHE G 192 -7.77 -28.43 -40.27
C PHE G 192 -8.54 -27.38 -39.48
N VAL G 193 -7.87 -26.25 -39.25
CA VAL G 193 -8.48 -25.09 -38.61
C VAL G 193 -8.06 -23.86 -39.40
N PHE G 194 -9.04 -23.04 -39.79
CA PHE G 194 -8.82 -21.84 -40.58
C PHE G 194 -9.11 -20.61 -39.75
N LYS G 195 -8.27 -19.60 -39.86
CA LYS G 195 -8.47 -18.31 -39.21
C LYS G 195 -8.11 -17.19 -40.18
N ASN G 196 -8.80 -16.06 -40.03
CA ASN G 196 -8.54 -14.85 -40.81
C ASN G 196 -8.75 -13.66 -39.87
N ILE G 197 -7.68 -13.21 -39.22
CA ILE G 197 -7.74 -12.12 -38.26
C ILE G 197 -6.46 -11.31 -38.34
N ASP G 198 -6.59 -9.99 -38.11
CA ASP G 198 -5.44 -9.08 -38.06
C ASP G 198 -4.66 -9.08 -39.36
N GLY G 199 -5.34 -9.31 -40.48
CA GLY G 199 -4.71 -9.32 -41.77
C GLY G 199 -3.96 -10.59 -42.11
N TYR G 200 -3.97 -11.59 -41.22
CA TYR G 200 -3.26 -12.85 -41.44
C TYR G 200 -4.28 -13.96 -41.68
N PHE G 201 -4.07 -14.73 -42.74
CA PHE G 201 -4.82 -15.96 -42.99
C PHE G 201 -3.96 -17.13 -42.58
N LYS G 202 -4.48 -17.98 -41.69
CA LYS G 202 -3.70 -19.04 -41.06
C LYS G 202 -4.44 -20.36 -41.19
N ILE G 203 -3.68 -21.44 -41.43
CA ILE G 203 -4.19 -22.80 -41.43
C ILE G 203 -3.32 -23.61 -40.48
N TYR G 204 -3.98 -24.38 -39.61
CA TYR G 204 -3.34 -25.37 -38.76
C TYR G 204 -3.88 -26.73 -39.20
N SER G 205 -3.07 -27.78 -39.02
CA SER G 205 -3.47 -29.09 -39.51
C SER G 205 -2.81 -30.18 -38.69
N LYS G 206 -3.36 -31.39 -38.82
CA LYS G 206 -2.84 -32.57 -38.15
C LYS G 206 -3.40 -33.81 -38.83
N HIS G 207 -2.63 -34.90 -38.79
CA HIS G 207 -3.02 -36.20 -39.31
C HIS G 207 -2.96 -37.22 -38.18
N THR G 208 -3.82 -38.23 -38.26
CA THR G 208 -3.84 -39.27 -37.24
C THR G 208 -4.60 -40.50 -37.75
N PRO G 209 -4.05 -41.72 -37.62
CA PRO G 209 -4.86 -42.90 -37.96
C PRO G 209 -6.03 -43.07 -37.00
N ILE G 210 -7.15 -43.57 -37.53
CA ILE G 210 -8.31 -43.93 -36.72
C ILE G 210 -8.98 -45.15 -37.35
N ASN G 211 -9.85 -45.80 -36.57
CA ASN G 211 -10.62 -46.95 -37.02
C ASN G 211 -12.09 -46.61 -37.24
N LEU G 212 -12.64 -45.72 -36.42
CA LEU G 212 -14.05 -45.32 -36.53
C LEU G 212 -14.15 -44.17 -37.52
N VAL G 213 -14.38 -44.53 -38.79
CA VAL G 213 -14.39 -43.55 -39.87
C VAL G 213 -15.58 -42.61 -39.72
N ARG G 214 -16.75 -43.15 -39.35
CA ARG G 214 -17.99 -42.39 -39.36
C ARG G 214 -18.20 -41.56 -38.10
N ASP G 215 -17.16 -41.33 -37.29
CA ASP G 215 -17.28 -40.46 -36.12
C ASP G 215 -15.90 -39.97 -35.74
N LEU G 216 -15.87 -38.86 -35.00
CA LEU G 216 -14.61 -38.31 -34.55
C LEU G 216 -14.07 -39.11 -33.36
N PRO G 217 -12.74 -39.21 -33.21
CA PRO G 217 -12.20 -40.04 -32.13
C PRO G 217 -12.30 -39.36 -30.77
N GLN G 218 -12.26 -40.17 -29.72
CA GLN G 218 -12.26 -39.66 -28.36
C GLN G 218 -10.93 -39.06 -27.95
N GLY G 219 -9.85 -39.36 -28.67
CA GLY G 219 -8.52 -38.96 -28.28
C GLY G 219 -8.34 -37.45 -28.28
N PHE G 220 -7.09 -37.04 -28.08
CA PHE G 220 -6.70 -35.64 -28.01
C PHE G 220 -5.43 -35.43 -28.81
N SER G 221 -5.41 -34.37 -29.61
CA SER G 221 -4.23 -34.01 -30.38
C SER G 221 -4.35 -32.55 -30.80
N ALA G 222 -3.23 -31.85 -30.77
CA ALA G 222 -3.19 -30.41 -31.04
C ALA G 222 -2.75 -30.17 -32.48
N LEU G 223 -3.51 -29.33 -33.18
CA LEU G 223 -3.18 -28.97 -34.54
C LEU G 223 -2.06 -27.95 -34.56
N GLU G 224 -1.05 -28.18 -35.42
CA GLU G 224 0.10 -27.30 -35.54
C GLU G 224 0.00 -26.47 -36.81
N PRO G 225 0.68 -25.32 -36.89
CA PRO G 225 0.55 -24.46 -38.07
C PRO G 225 0.98 -25.15 -39.35
N LEU G 226 0.29 -24.82 -40.44
CA LEU G 226 0.57 -25.30 -41.78
C LEU G 226 0.71 -24.16 -42.78
N VAL G 227 -0.07 -23.10 -42.64
CA VAL G 227 0.00 -21.94 -43.51
C VAL G 227 -0.13 -20.69 -42.65
N ASP G 228 0.65 -19.66 -42.98
CA ASP G 228 0.54 -18.37 -42.31
C ASP G 228 0.92 -17.26 -43.28
N LEU G 229 -0.09 -16.67 -43.91
CA LEU G 229 0.09 -15.68 -44.97
C LEU G 229 -0.55 -14.37 -44.58
N PRO G 230 0.11 -13.18 -44.79
CA PRO G 230 -0.56 -11.90 -44.53
C PRO G 230 -1.36 -11.40 -45.74
N ILE G 231 -2.35 -12.20 -46.15
CA ILE G 231 -3.11 -11.87 -47.34
C ILE G 231 -3.94 -10.61 -47.12
N GLY G 232 -4.66 -10.52 -46.00
CA GLY G 232 -5.39 -9.32 -45.66
C GLY G 232 -6.70 -9.12 -46.40
N ILE G 233 -7.27 -10.16 -46.99
CA ILE G 233 -8.53 -10.02 -47.70
C ILE G 233 -9.71 -10.21 -46.76
N ASN G 234 -10.88 -9.78 -47.21
CA ASN G 234 -12.13 -9.98 -46.48
C ASN G 234 -12.69 -11.35 -46.84
N ILE G 235 -12.99 -12.15 -45.81
CA ILE G 235 -13.53 -13.50 -45.99
C ILE G 235 -14.77 -13.63 -45.10
N THR G 236 -15.87 -14.10 -45.70
CA THR G 236 -17.10 -14.40 -44.96
C THR G 236 -17.74 -15.72 -45.34
N ARG G 237 -17.29 -16.38 -46.41
CA ARG G 237 -17.85 -17.65 -46.85
C ARG G 237 -16.72 -18.51 -47.41
N PHE G 238 -16.99 -19.82 -47.50
CA PHE G 238 -16.03 -20.73 -48.11
C PHE G 238 -16.78 -21.93 -48.67
N GLN G 239 -16.03 -22.80 -49.34
CA GLN G 239 -16.54 -24.11 -49.72
C GLN G 239 -15.38 -25.01 -50.11
N THR G 240 -15.49 -26.28 -49.71
CA THR G 240 -14.52 -27.27 -50.14
C THR G 240 -14.76 -27.63 -51.60
N LEU G 241 -13.83 -28.39 -52.17
CA LEU G 241 -13.93 -28.83 -53.56
C LEU G 241 -13.28 -30.20 -53.66
N LEU G 242 -13.77 -31.00 -54.61
CA LEU G 242 -13.49 -32.42 -54.67
C LEU G 242 -12.90 -32.80 -56.02
N ALA G 243 -12.11 -33.88 -56.01
CA ALA G 243 -11.64 -34.48 -57.25
C ALA G 243 -12.71 -35.40 -57.82
N LEU G 244 -12.94 -35.29 -59.12
CA LEU G 244 -13.92 -36.10 -59.83
C LEU G 244 -13.29 -36.69 -61.07
N HIS G 245 -13.69 -37.92 -61.40
CA HIS G 245 -13.24 -38.59 -62.62
C HIS G 245 -14.08 -38.22 -63.84
N ARG G 246 -14.89 -37.18 -63.75
CA ARG G 246 -15.74 -36.72 -64.84
C ARG G 246 -15.80 -35.20 -64.80
N SER G 247 -15.84 -34.57 -65.97
CA SER G 247 -15.74 -33.12 -66.07
C SER G 247 -17.10 -32.46 -66.14
N TYR G 248 -18.11 -33.05 -65.49
CA TYR G 248 -19.44 -32.47 -65.49
C TYR G 248 -19.44 -31.10 -64.81
N LEU G 249 -19.88 -30.08 -65.54
CA LEU G 249 -20.07 -28.73 -65.03
C LEU G 249 -21.56 -28.45 -64.92
N THR G 250 -22.01 -28.03 -63.75
CA THR G 250 -23.42 -27.78 -63.51
C THR G 250 -23.61 -26.56 -62.60
N ALA G 264 -19.12 -37.00 -45.27
CA ALA G 264 -17.81 -37.07 -45.90
C ALA G 264 -16.81 -36.20 -45.15
N TYR G 265 -17.28 -35.07 -44.62
CA TYR G 265 -16.42 -34.18 -43.86
C TYR G 265 -17.25 -33.44 -42.82
N TYR G 266 -16.58 -33.02 -41.75
CA TYR G 266 -17.21 -32.33 -40.63
C TYR G 266 -16.77 -30.88 -40.60
N VAL G 267 -17.66 -30.01 -40.11
CA VAL G 267 -17.39 -28.57 -40.05
C VAL G 267 -17.90 -28.05 -38.71
N GLY G 268 -17.13 -27.14 -38.12
CA GLY G 268 -17.54 -26.48 -36.89
C GLY G 268 -16.83 -25.15 -36.79
N TYR G 269 -17.50 -24.18 -36.17
CA TYR G 269 -17.03 -22.80 -36.15
C TYR G 269 -16.37 -22.47 -34.82
N LEU G 270 -15.24 -21.76 -34.89
CA LEU G 270 -14.55 -21.35 -33.68
C LEU G 270 -15.29 -20.23 -32.98
N GLN G 271 -15.04 -20.09 -31.69
CA GLN G 271 -15.63 -19.06 -30.85
C GLN G 271 -14.56 -18.53 -29.90
N PRO G 272 -14.68 -17.28 -29.43
CA PRO G 272 -13.69 -16.79 -28.48
C PRO G 272 -13.83 -17.47 -27.13
N ARG G 273 -12.82 -18.25 -26.75
CA ARG G 273 -12.83 -19.03 -25.52
C ARG G 273 -11.49 -18.93 -24.83
N THR G 274 -11.51 -19.11 -23.51
CA THR G 274 -10.29 -19.14 -22.71
C THR G 274 -9.92 -20.60 -22.45
N PHE G 275 -8.72 -20.98 -22.89
CA PHE G 275 -8.24 -22.35 -22.80
C PHE G 275 -7.00 -22.41 -21.92
N LEU G 276 -6.89 -23.47 -21.14
CA LEU G 276 -5.69 -23.80 -20.39
C LEU G 276 -4.99 -24.94 -21.11
N LEU G 277 -3.74 -24.72 -21.52
CA LEU G 277 -3.00 -25.65 -22.35
C LEU G 277 -1.81 -26.20 -21.58
N LYS G 278 -1.67 -27.52 -21.57
CA LYS G 278 -0.54 -28.19 -20.92
C LYS G 278 0.52 -28.46 -21.99
N TYR G 279 1.69 -27.86 -21.81
CA TYR G 279 2.86 -28.13 -22.65
C TYR G 279 3.79 -29.10 -21.93
N ASN G 280 4.09 -30.22 -22.57
CA ASN G 280 4.97 -31.21 -21.97
C ASN G 280 6.42 -30.79 -22.14
N GLU G 281 7.34 -31.68 -21.78
CA GLU G 281 8.76 -31.35 -21.84
C GLU G 281 9.23 -31.11 -23.28
N ASN G 282 8.64 -31.82 -24.24
CA ASN G 282 9.01 -31.66 -25.63
C ASN G 282 8.38 -30.44 -26.29
N GLY G 283 7.51 -29.72 -25.59
CA GLY G 283 6.92 -28.52 -26.13
C GLY G 283 5.69 -28.72 -26.99
N THR G 284 5.07 -29.90 -26.90
CA THR G 284 3.85 -30.20 -27.64
C THR G 284 2.67 -30.30 -26.68
N ILE G 285 1.53 -29.77 -27.10
CA ILE G 285 0.35 -29.75 -26.24
C ILE G 285 -0.19 -31.17 -26.11
N THR G 286 -0.30 -31.65 -24.88
CA THR G 286 -0.77 -33.00 -24.59
C THR G 286 -2.17 -33.03 -23.98
N ASP G 287 -2.63 -31.92 -23.40
CA ASP G 287 -3.95 -31.87 -22.80
C ASP G 287 -4.39 -30.42 -22.73
N ALA G 288 -5.70 -30.22 -22.58
CA ALA G 288 -6.27 -28.88 -22.53
C ALA G 288 -7.58 -28.90 -21.76
N VAL G 289 -8.00 -27.71 -21.31
CA VAL G 289 -9.23 -27.52 -20.56
C VAL G 289 -9.98 -26.35 -21.20
N ASP G 290 -11.27 -26.55 -21.46
CA ASP G 290 -12.16 -25.49 -21.92
C ASP G 290 -12.81 -24.87 -20.69
N CYS G 291 -12.37 -23.67 -20.32
CA CYS G 291 -12.76 -23.10 -19.04
C CYS G 291 -14.25 -22.83 -18.92
N ALA G 292 -14.90 -22.46 -20.02
CA ALA G 292 -16.33 -22.13 -19.99
C ALA G 292 -17.24 -23.34 -20.20
N LEU G 293 -16.68 -24.54 -20.33
CA LEU G 293 -17.49 -25.70 -20.66
C LEU G 293 -18.46 -26.05 -19.52
N ASP G 294 -17.93 -26.14 -18.30
CA ASP G 294 -18.71 -26.62 -17.15
C ASP G 294 -18.02 -26.15 -15.89
N PRO G 295 -18.70 -26.22 -14.74
CA PRO G 295 -18.05 -25.76 -13.49
C PRO G 295 -16.77 -26.50 -13.14
N LEU G 296 -16.64 -27.79 -13.47
CA LEU G 296 -15.41 -28.51 -13.15
C LEU G 296 -14.23 -27.94 -13.93
N SER G 297 -14.42 -27.68 -15.22
CA SER G 297 -13.35 -27.11 -16.02
C SER G 297 -13.00 -25.71 -15.54
N GLU G 298 -14.02 -24.94 -15.13
CA GLU G 298 -13.75 -23.61 -14.61
C GLU G 298 -12.94 -23.68 -13.32
N THR G 299 -13.25 -24.65 -12.46
CA THR G 299 -12.49 -24.85 -11.23
C THR G 299 -11.06 -25.24 -11.55
N LYS G 300 -10.87 -26.09 -12.56
CA LYS G 300 -9.52 -26.45 -12.98
C LYS G 300 -8.76 -25.24 -13.51
N CYS G 301 -9.46 -24.36 -14.24
CA CYS G 301 -8.80 -23.20 -14.83
C CYS G 301 -8.40 -22.19 -13.76
N THR G 302 -9.33 -21.87 -12.84
CA THR G 302 -8.99 -20.88 -11.82
C THR G 302 -7.90 -21.38 -10.88
N LEU G 303 -7.79 -22.69 -10.70
CA LEU G 303 -6.69 -23.27 -9.96
C LEU G 303 -5.41 -23.40 -10.76
N LYS G 304 -5.49 -23.23 -12.09
CA LYS G 304 -4.33 -23.43 -12.97
C LYS G 304 -3.74 -24.82 -12.79
N SER G 305 -4.63 -25.81 -12.69
CA SER G 305 -4.25 -27.20 -12.46
C SER G 305 -5.21 -28.11 -13.18
N PHE G 306 -4.70 -29.22 -13.70
CA PHE G 306 -5.52 -30.21 -14.38
C PHE G 306 -6.15 -31.22 -13.43
N THR G 307 -5.73 -31.25 -12.16
CA THR G 307 -6.34 -32.07 -11.14
C THR G 307 -6.77 -31.18 -9.99
N VAL G 308 -7.88 -31.57 -9.36
CA VAL G 308 -8.48 -30.80 -8.27
C VAL G 308 -8.59 -31.72 -7.07
N GLU G 309 -8.23 -31.20 -5.90
CA GLU G 309 -8.39 -31.94 -4.65
C GLU G 309 -9.81 -31.77 -4.13
N LYS G 310 -10.22 -32.67 -3.24
CA LYS G 310 -11.53 -32.57 -2.62
C LYS G 310 -11.65 -31.27 -1.83
N GLY G 311 -12.77 -30.58 -2.04
CA GLY G 311 -13.00 -29.33 -1.34
C GLY G 311 -14.04 -28.51 -2.06
N ILE G 312 -14.15 -27.25 -1.61
CA ILE G 312 -15.06 -26.27 -2.19
C ILE G 312 -14.24 -25.07 -2.62
N TYR G 313 -14.42 -24.64 -3.87
CA TYR G 313 -13.58 -23.61 -4.49
C TYR G 313 -14.46 -22.49 -5.01
N GLN G 314 -14.08 -21.25 -4.69
CA GLN G 314 -14.77 -20.06 -5.19
C GLN G 314 -14.21 -19.75 -6.56
N THR G 315 -14.97 -20.09 -7.60
CA THR G 315 -14.47 -19.97 -8.96
C THR G 315 -14.73 -18.58 -9.55
N SER G 316 -15.98 -18.15 -9.60
CA SER G 316 -16.32 -16.89 -10.24
C SER G 316 -17.57 -16.34 -9.58
N ASN G 317 -17.93 -15.11 -9.96
CA ASN G 317 -19.04 -14.39 -9.37
C ASN G 317 -20.22 -14.37 -10.32
N PHE G 318 -21.39 -14.78 -9.82
CA PHE G 318 -22.61 -14.77 -10.60
C PHE G 318 -23.30 -13.42 -10.47
N ARG G 319 -23.82 -12.92 -11.58
CA ARG G 319 -24.55 -11.66 -11.60
C ARG G 319 -25.72 -11.77 -12.57
N VAL G 320 -26.90 -11.35 -12.13
CA VAL G 320 -28.07 -11.35 -12.99
C VAL G 320 -27.90 -10.27 -14.05
N GLN G 321 -28.01 -10.66 -15.31
CA GLN G 321 -27.77 -9.74 -16.40
C GLN G 321 -29.00 -8.87 -16.66
N PRO G 322 -28.82 -7.66 -17.20
CA PRO G 322 -29.99 -6.81 -17.47
C PRO G 322 -30.79 -7.32 -18.65
N THR G 323 -32.10 -7.47 -18.45
CA THR G 323 -32.97 -8.00 -19.50
C THR G 323 -33.27 -6.96 -20.56
N GLU G 324 -33.38 -5.69 -20.19
CA GLU G 324 -33.78 -4.63 -21.11
C GLU G 324 -33.03 -3.35 -20.78
N SER G 325 -33.03 -2.43 -21.76
CA SER G 325 -32.47 -1.09 -21.60
C SER G 325 -33.61 -0.09 -21.61
N ILE G 326 -33.62 0.79 -20.61
CA ILE G 326 -34.70 1.74 -20.39
C ILE G 326 -34.13 3.16 -20.45
N VAL G 327 -34.86 4.05 -21.10
CA VAL G 327 -34.52 5.47 -21.15
C VAL G 327 -35.77 6.26 -20.80
N ARG G 328 -35.65 7.17 -19.83
CA ARG G 328 -36.77 7.98 -19.36
C ARG G 328 -36.28 9.43 -19.27
N PHE G 329 -36.47 10.17 -20.35
CA PHE G 329 -36.18 11.59 -20.43
C PHE G 329 -37.47 12.40 -20.26
N PRO G 330 -37.38 13.67 -19.88
CA PRO G 330 -38.59 14.45 -19.65
C PRO G 330 -39.35 14.72 -20.94
N ASN G 331 -40.63 15.05 -20.77
CA ASN G 331 -41.55 15.29 -21.89
C ASN G 331 -41.43 16.71 -22.44
N ILE G 332 -40.22 17.14 -22.80
CA ILE G 332 -40.01 18.48 -23.34
C ILE G 332 -40.11 18.41 -24.86
N THR G 333 -40.83 19.37 -25.45
CA THR G 333 -41.11 19.38 -26.88
C THR G 333 -40.35 20.46 -27.63
N ASN G 334 -40.23 21.66 -27.06
CA ASN G 334 -39.69 22.79 -27.79
C ASN G 334 -38.20 22.60 -28.09
N LEU G 335 -37.84 22.81 -29.36
CA LEU G 335 -36.44 22.77 -29.75
C LEU G 335 -35.74 24.02 -29.21
N CYS G 336 -34.57 23.82 -28.64
CA CYS G 336 -33.95 24.83 -27.79
C CYS G 336 -33.42 25.99 -28.63
N PRO G 337 -33.64 27.26 -28.22
CA PRO G 337 -33.26 28.39 -29.09
C PRO G 337 -31.75 28.67 -29.09
N PHE G 338 -31.00 27.81 -29.77
CA PHE G 338 -29.59 28.11 -30.03
C PHE G 338 -29.40 29.08 -31.19
N GLY G 339 -30.43 29.27 -32.03
CA GLY G 339 -30.28 30.16 -33.17
C GLY G 339 -29.99 31.58 -32.78
N GLU G 340 -30.73 32.10 -31.80
CA GLU G 340 -30.55 33.48 -31.36
C GLU G 340 -29.29 33.68 -30.54
N VAL G 341 -28.55 32.61 -30.22
CA VAL G 341 -27.27 32.73 -29.54
C VAL G 341 -26.16 32.85 -30.58
N PHE G 342 -26.09 31.87 -31.48
CA PHE G 342 -24.99 31.84 -32.46
C PHE G 342 -25.18 32.86 -33.57
N ASN G 343 -26.42 33.03 -34.07
CA ASN G 343 -26.70 33.95 -35.17
C ASN G 343 -27.20 35.30 -34.66
N ALA G 344 -26.71 35.74 -33.50
CA ALA G 344 -27.01 37.08 -33.04
C ALA G 344 -26.40 38.10 -33.99
N THR G 345 -27.07 39.26 -34.10
CA THR G 345 -26.61 40.28 -35.04
C THR G 345 -25.21 40.79 -34.67
N ARG G 346 -24.97 41.02 -33.39
CA ARG G 346 -23.68 41.52 -32.91
C ARG G 346 -23.34 40.85 -31.59
N PHE G 347 -22.06 40.51 -31.43
CA PHE G 347 -21.54 39.91 -30.22
C PHE G 347 -20.91 40.98 -29.34
N ALA G 348 -21.17 40.91 -28.04
CA ALA G 348 -20.67 41.93 -27.13
C ALA G 348 -19.16 41.88 -27.03
N SER G 349 -18.57 42.99 -26.58
CA SER G 349 -17.13 43.05 -26.38
C SER G 349 -16.71 42.06 -25.30
N VAL G 350 -15.50 41.52 -25.44
CA VAL G 350 -15.04 40.48 -24.54
C VAL G 350 -14.94 40.97 -23.10
N TYR G 351 -14.64 42.26 -22.91
CA TYR G 351 -14.62 42.80 -21.55
C TYR G 351 -16.02 42.84 -20.93
N ALA G 352 -17.06 42.88 -21.76
CA ALA G 352 -18.46 42.89 -21.32
C ALA G 352 -19.22 41.74 -21.97
N TRP G 353 -18.63 40.55 -21.91
CA TRP G 353 -19.23 39.36 -22.51
C TRP G 353 -20.63 39.12 -21.97
N ASN G 354 -21.55 38.79 -22.88
CA ASN G 354 -22.97 38.66 -22.56
C ASN G 354 -23.28 37.20 -22.25
N ARG G 355 -23.96 36.98 -21.13
CA ARG G 355 -24.33 35.65 -20.65
C ARG G 355 -25.83 35.44 -20.87
N LYS G 356 -26.17 34.31 -21.47
CA LYS G 356 -27.57 33.93 -21.73
C LYS G 356 -27.83 32.58 -21.07
N ARG G 357 -28.80 32.56 -20.17
CA ARG G 357 -29.19 31.32 -19.51
C ARG G 357 -30.11 30.51 -20.44
N ILE G 358 -30.00 29.19 -20.35
CA ILE G 358 -30.76 28.27 -21.17
C ILE G 358 -31.41 27.24 -20.25
N SER G 359 -32.72 27.05 -20.40
CA SER G 359 -33.45 26.09 -19.57
C SER G 359 -34.69 25.62 -20.31
N ASN G 360 -35.21 24.47 -19.89
CA ASN G 360 -36.41 23.88 -20.47
C ASN G 360 -36.23 23.66 -21.98
N CYS G 361 -35.29 22.78 -22.30
CA CYS G 361 -34.81 22.58 -23.66
C CYS G 361 -34.74 21.10 -24.03
N VAL G 362 -34.95 20.85 -25.32
CA VAL G 362 -34.45 19.65 -25.98
C VAL G 362 -33.28 20.11 -26.84
N ALA G 363 -32.08 20.08 -26.27
CA ALA G 363 -30.90 20.69 -26.88
C ALA G 363 -30.23 19.67 -27.79
N ASP G 364 -30.24 19.95 -29.09
CA ASP G 364 -29.57 19.11 -30.09
C ASP G 364 -28.21 19.71 -30.37
N TYR G 365 -27.15 19.10 -29.82
CA TYR G 365 -25.79 19.57 -30.02
C TYR G 365 -25.12 18.94 -31.23
N SER G 366 -25.73 17.92 -31.83
CA SER G 366 -25.12 17.28 -32.99
C SER G 366 -25.05 18.24 -34.18
N VAL G 367 -26.07 19.08 -34.34
CA VAL G 367 -26.07 20.04 -35.45
C VAL G 367 -24.93 21.02 -35.31
N LEU G 368 -24.64 21.49 -34.10
CA LEU G 368 -23.53 22.40 -33.89
C LEU G 368 -22.21 21.71 -34.17
N TYR G 369 -22.05 20.47 -33.71
CA TYR G 369 -20.80 19.75 -33.93
C TYR G 369 -20.58 19.49 -35.42
N ASN G 370 -21.64 19.19 -36.15
CA ASN G 370 -21.54 18.90 -37.58
C ASN G 370 -21.45 20.15 -38.44
N SER G 371 -21.75 21.33 -37.90
CA SER G 371 -21.65 22.55 -38.68
C SER G 371 -20.20 22.83 -39.06
N ALA G 372 -19.98 23.17 -40.33
CA ALA G 372 -18.63 23.43 -40.80
C ALA G 372 -18.15 24.84 -40.46
N SER G 373 -19.03 25.70 -39.95
CA SER G 373 -18.63 27.08 -39.67
C SER G 373 -17.59 27.14 -38.55
N PHE G 374 -17.66 26.22 -37.59
CA PHE G 374 -16.87 26.31 -36.38
C PHE G 374 -15.46 25.81 -36.65
N SER G 375 -14.49 26.73 -36.60
CA SER G 375 -13.09 26.35 -36.72
C SER G 375 -12.59 25.64 -35.47
N THR G 376 -13.06 26.08 -34.30
CA THR G 376 -12.67 25.51 -33.02
C THR G 376 -13.91 24.95 -32.34
N PHE G 377 -13.87 23.67 -31.98
CA PHE G 377 -14.97 23.00 -31.29
C PHE G 377 -14.33 21.95 -30.38
N LYS G 378 -14.08 22.34 -29.13
CA LYS G 378 -13.44 21.48 -28.15
C LYS G 378 -14.19 21.56 -26.83
N CYS G 379 -14.40 20.40 -26.21
CA CYS G 379 -15.12 20.29 -24.95
C CYS G 379 -14.21 19.63 -23.92
N TYR G 380 -14.18 20.23 -22.72
CA TYR G 380 -13.20 19.86 -21.70
C TYR G 380 -13.76 18.82 -20.73
N GLY G 381 -14.85 19.14 -20.05
CA GLY G 381 -15.43 18.24 -19.08
C GLY G 381 -16.38 17.20 -19.67
N VAL G 382 -16.46 17.14 -21.00
CA VAL G 382 -17.42 16.29 -21.67
C VAL G 382 -16.94 16.09 -23.09
N SER G 383 -17.40 15.01 -23.74
CA SER G 383 -17.07 14.73 -25.12
C SER G 383 -18.12 15.35 -26.04
N PRO G 384 -17.77 15.92 -27.20
CA PRO G 384 -18.81 16.49 -28.06
C PRO G 384 -19.85 15.49 -28.52
N THR G 385 -19.45 14.25 -28.83
CA THR G 385 -20.41 13.26 -29.29
C THR G 385 -21.35 12.80 -28.19
N LYS G 386 -20.95 12.96 -26.93
CA LYS G 386 -21.78 12.53 -25.80
C LYS G 386 -22.77 13.61 -25.35
N LEU G 387 -22.80 14.76 -26.03
CA LEU G 387 -23.69 15.83 -25.58
C LEU G 387 -25.14 15.50 -25.84
N ASN G 388 -25.43 14.70 -26.87
CA ASN G 388 -26.80 14.46 -27.27
C ASN G 388 -27.51 13.41 -26.43
N ASP G 389 -26.81 12.71 -25.53
CA ASP G 389 -27.42 11.77 -24.60
C ASP G 389 -27.13 12.11 -23.14
N LEU G 390 -26.94 13.40 -22.84
CA LEU G 390 -26.77 13.89 -21.47
C LEU G 390 -27.89 14.87 -21.14
N CYS G 391 -28.02 15.15 -19.84
CA CYS G 391 -28.99 16.11 -19.34
C CYS G 391 -28.30 17.04 -18.36
N PHE G 392 -28.70 18.32 -18.40
CA PHE G 392 -28.07 19.37 -17.62
C PHE G 392 -29.13 20.17 -16.89
N THR G 393 -28.80 20.62 -15.68
CA THR G 393 -29.70 21.46 -14.91
C THR G 393 -29.93 22.79 -15.62
N ASN G 394 -28.86 23.40 -16.11
CA ASN G 394 -28.96 24.64 -16.88
C ASN G 394 -27.70 24.77 -17.71
N VAL G 395 -27.80 25.58 -18.76
CA VAL G 395 -26.68 25.85 -19.66
C VAL G 395 -26.55 27.36 -19.82
N TYR G 396 -25.33 27.86 -19.67
CA TYR G 396 -25.02 29.28 -19.85
C TYR G 396 -24.19 29.45 -21.11
N ALA G 397 -24.67 30.27 -22.03
CA ALA G 397 -23.98 30.56 -23.28
C ALA G 397 -23.40 31.96 -23.20
N ASP G 398 -22.06 32.04 -23.17
CA ASP G 398 -21.35 33.31 -23.11
C ASP G 398 -20.88 33.66 -24.51
N SER G 399 -21.38 34.79 -25.03
CA SER G 399 -21.13 35.22 -26.40
C SER G 399 -20.24 36.45 -26.39
N PHE G 400 -19.15 36.41 -27.15
CA PHE G 400 -18.29 37.55 -27.33
C PHE G 400 -17.46 37.34 -28.60
N VAL G 401 -16.87 38.44 -29.07
CA VAL G 401 -16.01 38.43 -30.26
C VAL G 401 -14.59 38.71 -29.82
N ILE G 402 -13.65 37.89 -30.32
CA ILE G 402 -12.27 37.90 -29.85
C ILE G 402 -11.33 37.93 -31.04
N ARG G 403 -10.13 38.43 -30.81
CA ARG G 403 -9.08 38.42 -31.81
C ARG G 403 -8.52 37.01 -31.97
N GLY G 404 -7.96 36.73 -33.15
CA GLY G 404 -7.68 35.37 -33.57
C GLY G 404 -6.72 34.57 -32.71
N ASP G 405 -5.44 34.96 -32.71
CA ASP G 405 -4.42 34.13 -32.07
C ASP G 405 -4.58 34.04 -30.55
N GLU G 406 -5.33 34.95 -29.93
CA GLU G 406 -5.59 34.88 -28.49
C GLU G 406 -6.82 34.05 -28.15
N VAL G 407 -7.45 33.40 -29.15
CA VAL G 407 -8.58 32.53 -28.86
C VAL G 407 -8.16 31.34 -28.02
N ARG G 408 -6.89 30.93 -28.10
CA ARG G 408 -6.39 29.84 -27.27
C ARG G 408 -6.46 30.16 -25.79
N GLN G 409 -6.50 31.44 -25.41
CA GLN G 409 -6.62 31.81 -24.01
C GLN G 409 -7.93 31.36 -23.39
N ILE G 410 -8.94 31.05 -24.19
CA ILE G 410 -10.23 30.60 -23.68
C ILE G 410 -10.17 29.10 -23.45
N ALA G 411 -9.64 28.69 -22.30
CA ALA G 411 -9.59 27.28 -21.92
C ALA G 411 -9.25 27.22 -20.44
N PRO G 412 -9.48 26.07 -19.79
CA PRO G 412 -9.19 25.97 -18.35
C PRO G 412 -7.70 26.15 -18.07
N GLY G 413 -7.41 26.84 -16.97
CA GLY G 413 -6.06 26.99 -16.50
C GLY G 413 -5.14 27.83 -17.37
N GLN G 414 -5.67 28.49 -18.39
CA GLN G 414 -4.82 29.29 -19.27
C GLN G 414 -4.45 30.62 -18.61
N THR G 415 -3.28 31.11 -18.99
CA THR G 415 -2.83 32.45 -18.64
C THR G 415 -2.65 33.23 -19.94
N GLY G 416 -2.85 34.54 -19.85
CA GLY G 416 -2.88 35.39 -21.01
C GLY G 416 -3.83 36.54 -20.80
N LYS G 417 -3.78 37.54 -21.69
CA LYS G 417 -4.42 38.82 -21.41
C LYS G 417 -5.94 38.68 -21.31
N ILE G 418 -6.56 38.01 -22.28
CA ILE G 418 -8.00 37.80 -22.24
C ILE G 418 -8.37 36.90 -21.08
N ALA G 419 -7.59 35.83 -20.88
CA ALA G 419 -7.86 34.92 -19.77
C ALA G 419 -7.64 35.61 -18.43
N ASP G 420 -6.72 36.57 -18.37
CA ASP G 420 -6.42 37.24 -17.11
C ASP G 420 -7.48 38.28 -16.76
N TYR G 421 -7.73 39.23 -17.66
CA TYR G 421 -8.48 40.44 -17.31
C TYR G 421 -9.84 40.56 -17.97
N ASN G 422 -10.22 39.64 -18.86
CA ASN G 422 -11.47 39.76 -19.62
C ASN G 422 -12.44 38.61 -19.37
N TYR G 423 -11.96 37.37 -19.50
CA TYR G 423 -12.84 36.20 -19.41
C TYR G 423 -12.00 35.03 -18.89
N LYS G 424 -12.09 34.80 -17.58
CA LYS G 424 -11.37 33.71 -16.93
C LYS G 424 -12.30 32.52 -16.78
N LEU G 425 -11.91 31.38 -17.35
CA LEU G 425 -12.64 30.14 -17.12
C LEU G 425 -12.13 29.47 -15.85
N PRO G 426 -12.98 28.76 -15.11
CA PRO G 426 -12.47 28.03 -13.94
C PRO G 426 -11.60 26.86 -14.36
N ASP G 427 -10.68 26.50 -13.46
CA ASP G 427 -9.77 25.40 -13.73
C ASP G 427 -10.49 24.07 -13.93
N ASP G 428 -11.65 23.89 -13.30
CA ASP G 428 -12.48 22.69 -13.45
C ASP G 428 -13.68 22.95 -14.35
N PHE G 429 -13.51 23.78 -15.37
CA PHE G 429 -14.60 24.14 -16.25
C PHE G 429 -15.13 22.92 -17.00
N THR G 430 -16.45 22.74 -16.97
CA THR G 430 -17.14 21.69 -17.70
C THR G 430 -18.01 22.34 -18.75
N GLY G 431 -17.71 22.07 -20.01
CA GLY G 431 -18.45 22.68 -21.09
C GLY G 431 -17.67 22.63 -22.39
N CYS G 432 -18.10 23.46 -23.33
CA CYS G 432 -17.52 23.51 -24.67
C CYS G 432 -17.23 24.96 -25.04
N VAL G 433 -16.11 25.16 -25.74
CA VAL G 433 -15.74 26.46 -26.30
C VAL G 433 -15.86 26.35 -27.81
N ILE G 434 -16.71 27.19 -28.39
CA ILE G 434 -17.02 27.16 -29.82
C ILE G 434 -16.69 28.53 -30.40
N ALA G 435 -15.91 28.54 -31.48
CA ALA G 435 -15.46 29.79 -32.09
C ALA G 435 -15.37 29.61 -33.60
N TRP G 436 -15.50 30.73 -34.31
CA TRP G 436 -15.34 30.74 -35.76
C TRP G 436 -14.90 32.13 -36.19
N ASN G 437 -14.19 32.19 -37.32
CA ASN G 437 -13.75 33.47 -37.87
C ASN G 437 -14.96 34.30 -38.27
N SER G 438 -14.90 35.60 -38.00
CA SER G 438 -16.00 36.52 -38.23
C SER G 438 -15.56 37.79 -38.93
N ASN G 439 -14.54 37.71 -39.78
CA ASN G 439 -14.07 38.90 -40.50
C ASN G 439 -15.13 39.43 -41.45
N ASN G 440 -16.02 38.56 -41.93
CA ASN G 440 -17.08 39.00 -42.83
C ASN G 440 -18.08 39.92 -42.15
N LEU G 441 -18.32 39.72 -40.85
CA LEU G 441 -19.34 40.47 -40.10
C LEU G 441 -18.75 41.56 -39.22
N ASP G 442 -17.66 41.28 -38.52
CA ASP G 442 -17.11 42.17 -37.50
C ASP G 442 -15.94 43.00 -38.02
N SER G 443 -15.99 43.39 -39.29
CA SER G 443 -14.94 44.24 -39.87
C SER G 443 -15.49 45.05 -41.03
N GLY G 447 -13.09 48.70 -41.76
CA GLY G 447 -12.88 48.09 -40.46
C GLY G 447 -13.92 48.53 -39.44
N ASN G 448 -13.97 47.82 -38.32
CA ASN G 448 -14.90 48.12 -37.23
C ASN G 448 -14.13 48.19 -35.93
N TYR G 449 -14.36 49.27 -35.17
CA TYR G 449 -13.70 49.50 -33.90
C TYR G 449 -14.67 49.53 -32.73
N ASN G 450 -15.91 49.06 -32.92
CA ASN G 450 -16.88 49.03 -31.82
C ASN G 450 -16.56 47.99 -30.77
N TYR G 451 -15.70 47.03 -31.06
CA TYR G 451 -15.36 45.94 -30.16
C TYR G 451 -14.06 46.26 -29.42
N LEU G 452 -14.07 46.05 -28.10
CA LEU G 452 -12.95 46.41 -27.24
C LEU G 452 -12.63 45.26 -26.30
N TYR G 453 -11.55 45.43 -25.54
CA TYR G 453 -11.18 44.45 -24.51
C TYR G 453 -10.39 45.18 -23.43
N ARG G 454 -10.38 44.59 -22.23
CA ARG G 454 -9.75 45.24 -21.08
C ARG G 454 -8.24 45.07 -21.15
N LEU G 455 -7.52 46.20 -21.23
CA LEU G 455 -6.07 46.19 -21.33
C LEU G 455 -5.37 46.33 -19.98
N PHE G 456 -6.05 46.85 -18.97
CA PHE G 456 -5.46 47.15 -17.67
C PHE G 456 -6.47 46.89 -16.57
N ARG G 457 -6.01 46.30 -15.48
CA ARG G 457 -6.88 45.70 -14.48
C ARG G 457 -6.04 45.42 -13.23
N LYS G 458 -6.64 45.60 -12.06
CA LYS G 458 -5.86 45.56 -10.82
C LYS G 458 -5.40 44.15 -10.48
N SER G 459 -6.21 43.13 -10.76
CA SER G 459 -5.87 41.76 -10.38
C SER G 459 -6.56 40.79 -11.31
N ASN G 460 -6.05 39.56 -11.33
CA ASN G 460 -6.61 38.52 -12.17
C ASN G 460 -8.08 38.28 -11.81
N LEU G 461 -8.91 38.14 -12.84
CA LEU G 461 -10.35 38.02 -12.61
C LEU G 461 -10.68 36.67 -11.99
N LYS G 462 -11.64 36.69 -11.07
CA LYS G 462 -12.25 35.45 -10.60
C LYS G 462 -12.91 34.75 -11.78
N PRO G 463 -13.01 33.42 -11.77
CA PRO G 463 -13.74 32.76 -12.87
C PRO G 463 -15.19 33.23 -12.95
N PHE G 464 -15.62 33.55 -14.18
CA PHE G 464 -16.98 33.99 -14.48
C PHE G 464 -17.38 35.25 -13.69
N GLU G 465 -16.57 36.31 -13.75
CA GLU G 465 -17.03 37.62 -13.33
C GLU G 465 -16.83 38.62 -14.47
N ARG G 466 -17.70 39.63 -14.51
CA ARG G 466 -17.59 40.71 -15.47
C ARG G 466 -17.01 41.96 -14.79
N ASP G 467 -16.36 42.78 -15.61
CA ASP G 467 -15.76 44.04 -15.13
C ASP G 467 -16.11 45.11 -16.15
N ILE G 468 -17.12 45.91 -15.82
CA ILE G 468 -17.59 47.00 -16.69
C ILE G 468 -16.99 48.34 -16.31
N SER G 469 -16.12 48.38 -15.29
CA SER G 469 -15.55 49.64 -14.85
C SER G 469 -14.66 50.24 -15.93
N THR G 470 -14.72 51.57 -16.07
CA THR G 470 -13.91 52.31 -17.04
C THR G 470 -12.97 53.29 -16.36
N GLU G 471 -12.70 53.13 -15.07
CA GLU G 471 -11.85 54.07 -14.36
C GLU G 471 -10.41 53.98 -14.86
N ILE G 472 -9.71 55.12 -14.83
CA ILE G 472 -8.33 55.15 -15.28
C ILE G 472 -7.45 54.40 -14.30
N TYR G 473 -6.78 53.35 -14.79
CA TYR G 473 -5.76 52.68 -13.99
C TYR G 473 -4.54 53.58 -13.93
N GLN G 474 -3.76 53.42 -12.85
CA GLN G 474 -2.53 54.19 -12.65
C GLN G 474 -1.40 53.24 -12.31
N ALA G 475 -0.53 52.98 -13.29
CA ALA G 475 0.72 52.28 -13.01
C ALA G 475 1.68 53.18 -12.25
N GLY G 476 1.62 54.49 -12.49
CA GLY G 476 2.38 55.42 -11.69
C GLY G 476 1.75 55.64 -10.33
N SER G 477 2.55 56.21 -9.42
CA SER G 477 2.10 56.42 -8.05
C SER G 477 1.11 57.56 -7.90
N THR G 478 1.16 58.56 -8.77
CA THR G 478 0.30 59.72 -8.61
C THR G 478 -1.16 59.36 -8.86
N PRO G 479 -2.12 60.04 -8.23
CA PRO G 479 -3.52 59.84 -8.61
C PRO G 479 -3.76 60.27 -10.05
N CYS G 480 -4.63 59.54 -10.74
CA CYS G 480 -4.96 59.79 -12.14
C CYS G 480 -6.46 59.64 -12.38
N ASN G 481 -7.27 60.10 -11.45
CA ASN G 481 -8.72 59.93 -11.56
C ASN G 481 -9.26 60.77 -12.70
N GLY G 482 -9.76 60.09 -13.74
CA GLY G 482 -10.35 60.77 -14.87
C GLY G 482 -9.39 61.45 -15.82
N VAL G 483 -8.10 61.14 -15.72
CA VAL G 483 -7.09 61.75 -16.58
C VAL G 483 -6.00 60.72 -16.84
N GLU G 484 -5.54 60.64 -18.10
CA GLU G 484 -4.48 59.71 -18.49
C GLU G 484 -3.12 60.40 -18.31
N GLY G 485 -2.71 60.51 -17.06
CA GLY G 485 -1.44 61.11 -16.72
C GLY G 485 -0.27 60.21 -17.04
N PHE G 486 0.82 60.43 -16.31
CA PHE G 486 2.04 59.66 -16.51
C PHE G 486 1.84 58.23 -16.04
N ASN G 487 1.99 57.28 -16.97
CA ASN G 487 1.75 55.86 -16.71
C ASN G 487 0.36 55.64 -16.10
N CYS G 488 -0.62 56.34 -16.66
CA CYS G 488 -2.03 56.17 -16.31
C CYS G 488 -2.83 56.10 -17.60
N TYR G 489 -3.66 55.07 -17.74
CA TYR G 489 -4.23 54.68 -19.01
C TYR G 489 -5.71 54.39 -18.88
N PHE G 490 -6.45 54.68 -19.95
CA PHE G 490 -7.83 54.24 -20.04
C PHE G 490 -7.85 52.71 -20.17
N PRO G 491 -8.67 51.99 -19.40
CA PRO G 491 -8.49 50.52 -19.33
C PRO G 491 -8.78 49.80 -20.64
N LEU G 492 -9.47 50.43 -21.58
CA LEU G 492 -9.89 49.80 -22.83
C LEU G 492 -9.25 50.48 -24.03
N GLN G 493 -9.11 49.71 -25.11
CA GLN G 493 -8.90 50.26 -26.43
C GLN G 493 -9.37 49.26 -27.47
N SER G 494 -9.86 49.77 -28.59
CA SER G 494 -10.58 48.95 -29.56
C SER G 494 -9.63 48.03 -30.32
N TYR G 495 -10.16 46.88 -30.75
CA TYR G 495 -9.42 45.98 -31.62
C TYR G 495 -9.22 46.60 -32.99
N GLY G 496 -8.17 46.15 -33.68
CA GLY G 496 -7.90 46.59 -35.04
C GLY G 496 -8.47 45.65 -36.07
N PHE G 497 -9.80 45.49 -36.08
CA PHE G 497 -10.47 44.59 -37.02
C PHE G 497 -10.72 45.28 -38.36
N GLN G 498 -9.64 45.51 -39.10
CA GLN G 498 -9.76 45.90 -40.49
C GLN G 498 -10.05 44.68 -41.35
N PRO G 499 -10.79 44.82 -42.46
CA PRO G 499 -11.14 43.62 -43.25
C PRO G 499 -9.94 42.89 -43.83
N THR G 500 -8.85 43.59 -44.12
CA THR G 500 -7.67 43.00 -44.75
C THR G 500 -6.60 42.60 -43.73
N ASN G 501 -6.90 42.64 -42.44
CA ASN G 501 -5.90 42.31 -41.43
C ASN G 501 -5.49 40.85 -41.53
N GLY G 502 -4.25 40.57 -41.15
CA GLY G 502 -3.70 39.24 -41.34
C GLY G 502 -4.33 38.21 -40.42
N VAL G 503 -3.94 36.95 -40.65
CA VAL G 503 -4.45 35.85 -39.84
C VAL G 503 -3.98 36.02 -38.41
N GLY G 504 -4.83 35.63 -37.46
CA GLY G 504 -4.54 35.80 -36.05
C GLY G 504 -4.86 37.17 -35.50
N TYR G 505 -5.36 38.09 -36.34
CA TYR G 505 -5.74 39.43 -35.93
C TYR G 505 -7.16 39.80 -36.34
N GLN G 506 -7.73 39.13 -37.34
CA GLN G 506 -9.10 39.39 -37.73
C GLN G 506 -10.06 38.77 -36.70
N PRO G 507 -11.28 39.30 -36.59
CA PRO G 507 -12.15 38.91 -35.48
C PRO G 507 -12.65 37.48 -35.55
N TYR G 508 -12.95 36.94 -34.37
CA TYR G 508 -13.54 35.62 -34.22
C TYR G 508 -14.71 35.70 -33.24
N ARG G 509 -15.88 35.27 -33.68
CA ARG G 509 -17.04 35.17 -32.79
C ARG G 509 -16.95 33.88 -31.99
N VAL G 510 -17.19 33.99 -30.68
CA VAL G 510 -17.00 32.89 -29.75
C VAL G 510 -18.27 32.70 -28.94
N VAL G 511 -18.68 31.44 -28.78
CA VAL G 511 -19.78 31.05 -27.90
C VAL G 511 -19.26 29.96 -26.98
N VAL G 512 -19.30 30.20 -25.68
CA VAL G 512 -18.84 29.27 -24.65
C VAL G 512 -20.05 28.73 -23.92
N LEU G 513 -20.27 27.42 -24.02
CA LEU G 513 -21.38 26.75 -23.36
C LEU G 513 -20.88 26.14 -22.06
N SER G 514 -21.42 26.61 -20.94
CA SER G 514 -21.09 26.10 -19.62
C SER G 514 -22.24 25.23 -19.12
N PHE G 515 -21.92 24.06 -18.59
CA PHE G 515 -22.91 23.06 -18.20
C PHE G 515 -22.89 22.86 -16.70
N GLU G 516 -24.06 22.53 -16.14
CA GLU G 516 -24.23 22.12 -14.76
C GLU G 516 -24.92 20.77 -14.74
N LEU G 517 -24.28 19.77 -14.12
CA LEU G 517 -24.69 18.38 -14.26
C LEU G 517 -25.28 17.82 -12.98
N LEU G 518 -24.55 17.85 -11.87
CA LEU G 518 -24.96 17.10 -10.69
C LEU G 518 -26.13 17.75 -9.95
N HIS G 519 -26.43 19.01 -10.23
CA HIS G 519 -27.59 19.66 -9.62
C HIS G 519 -28.85 18.95 -10.09
N ALA G 520 -29.76 18.68 -9.15
CA ALA G 520 -30.84 17.70 -9.40
C ALA G 520 -31.79 18.08 -10.53
N PRO G 521 -32.38 19.29 -10.58
CA PRO G 521 -33.48 19.51 -11.54
C PRO G 521 -33.01 19.63 -12.97
N ALA G 522 -32.86 18.49 -13.65
CA ALA G 522 -32.38 18.46 -15.02
C ALA G 522 -33.42 19.03 -15.99
N THR G 523 -33.29 20.30 -16.34
CA THR G 523 -34.24 20.96 -17.24
C THR G 523 -33.86 20.84 -18.71
N VAL G 524 -32.57 20.72 -19.02
CA VAL G 524 -32.09 20.64 -20.40
C VAL G 524 -31.62 19.21 -20.65
N CYS G 525 -32.11 18.62 -21.74
CA CYS G 525 -31.81 17.24 -22.09
C CYS G 525 -31.57 17.13 -23.58
N GLY G 526 -30.82 16.11 -23.97
CA GLY G 526 -30.57 15.84 -25.37
C GLY G 526 -31.79 15.27 -26.05
N PRO G 527 -31.72 15.08 -27.37
CA PRO G 527 -32.90 14.61 -28.11
C PRO G 527 -33.06 13.09 -28.10
N LYS G 528 -32.93 12.46 -26.94
CA LYS G 528 -33.27 11.06 -26.81
C LYS G 528 -34.78 10.90 -26.71
N LYS G 529 -35.25 9.70 -27.07
CA LYS G 529 -36.67 9.36 -27.00
C LYS G 529 -36.86 8.27 -25.95
N SER G 530 -37.77 8.53 -25.01
CA SER G 530 -37.94 7.65 -23.86
C SER G 530 -38.62 6.35 -24.26
N THR G 531 -38.21 5.27 -23.60
CA THR G 531 -38.86 3.97 -23.75
C THR G 531 -39.91 3.80 -22.66
N ASN G 532 -40.75 2.79 -22.83
CA ASN G 532 -41.77 2.50 -21.84
C ASN G 532 -41.13 1.95 -20.57
N LEU G 533 -41.67 2.36 -19.42
CA LEU G 533 -41.14 1.94 -18.14
C LEU G 533 -41.47 0.47 -17.88
N VAL G 534 -40.56 -0.20 -17.17
CA VAL G 534 -40.74 -1.59 -16.78
C VAL G 534 -40.22 -1.76 -15.36
N LYS G 535 -40.83 -2.67 -14.62
CA LYS G 535 -40.59 -2.80 -13.18
C LYS G 535 -40.38 -4.27 -12.82
N ASN G 536 -39.78 -4.48 -11.65
CA ASN G 536 -39.64 -5.79 -11.04
C ASN G 536 -38.77 -6.74 -11.84
N LYS G 537 -37.80 -6.23 -12.60
CA LYS G 537 -36.84 -7.07 -13.29
C LYS G 537 -35.59 -6.28 -13.59
N CYS G 538 -34.45 -6.98 -13.60
CA CYS G 538 -33.16 -6.33 -13.80
C CYS G 538 -33.09 -5.72 -15.19
N VAL G 539 -32.82 -4.41 -15.24
CA VAL G 539 -32.80 -3.67 -16.50
C VAL G 539 -31.81 -2.53 -16.37
N ASN G 540 -31.18 -2.17 -17.49
CA ASN G 540 -30.41 -0.94 -17.57
C ASN G 540 -31.36 0.23 -17.74
N PHE G 541 -31.11 1.30 -16.98
CA PHE G 541 -32.01 2.45 -16.95
C PHE G 541 -31.22 3.73 -17.11
N ASN G 542 -31.94 4.77 -17.53
CA ASN G 542 -31.36 6.10 -17.75
C ASN G 542 -32.43 7.12 -17.42
N PHE G 543 -32.39 7.67 -16.21
CA PHE G 543 -33.34 8.67 -15.74
C PHE G 543 -32.66 10.04 -15.78
N ASN G 544 -32.97 10.82 -16.82
CA ASN G 544 -32.41 12.17 -16.96
C ASN G 544 -30.88 12.14 -16.95
N GLY G 545 -30.29 11.16 -17.63
CA GLY G 545 -28.86 11.01 -17.68
C GLY G 545 -28.26 10.17 -16.56
N LEU G 546 -29.04 9.80 -15.56
CA LEU G 546 -28.54 8.95 -14.48
C LEU G 546 -28.52 7.50 -14.94
N THR G 547 -27.42 7.09 -15.57
CA THR G 547 -27.29 5.73 -16.06
C THR G 547 -27.02 4.77 -14.90
N GLY G 548 -27.62 3.59 -14.98
CA GLY G 548 -27.41 2.59 -13.95
C GLY G 548 -28.08 1.28 -14.33
N THR G 549 -27.88 0.28 -13.48
CA THR G 549 -28.47 -1.04 -13.64
C THR G 549 -29.03 -1.51 -12.31
N GLY G 550 -30.25 -2.04 -12.35
CA GLY G 550 -30.90 -2.47 -11.14
C GLY G 550 -32.33 -2.90 -11.42
N VAL G 551 -33.03 -3.20 -10.33
CA VAL G 551 -34.43 -3.60 -10.38
C VAL G 551 -35.28 -2.44 -9.90
N LEU G 552 -36.20 -2.00 -10.74
CA LEU G 552 -37.07 -0.86 -10.43
C LEU G 552 -38.35 -1.37 -9.77
N THR G 553 -38.68 -0.81 -8.61
CA THR G 553 -39.84 -1.21 -7.84
C THR G 553 -40.55 0.03 -7.32
N GLU G 554 -41.87 -0.04 -7.23
CA GLU G 554 -42.66 1.08 -6.71
C GLU G 554 -42.27 1.34 -5.26
N SER G 555 -42.07 2.62 -4.94
CA SER G 555 -41.49 3.01 -3.66
C SER G 555 -42.55 3.54 -2.71
N ASN G 556 -42.30 3.32 -1.42
CA ASN G 556 -43.07 3.94 -0.34
C ASN G 556 -42.44 5.23 0.16
N LYS G 557 -41.28 5.62 -0.38
CA LYS G 557 -40.59 6.81 0.10
C LYS G 557 -41.43 8.05 -0.17
N LYS G 558 -41.48 8.94 0.82
CA LYS G 558 -42.37 10.10 0.80
C LYS G 558 -41.66 11.31 0.18
N PHE G 559 -41.35 11.20 -1.11
CA PHE G 559 -40.72 12.30 -1.81
C PHE G 559 -41.62 13.53 -1.82
N LEU G 560 -41.04 14.69 -1.54
CA LEU G 560 -41.73 15.93 -1.74
C LEU G 560 -41.76 16.25 -3.24
N PRO G 561 -42.69 17.12 -3.69
CA PRO G 561 -42.82 17.33 -5.14
C PRO G 561 -41.57 17.85 -5.82
N PHE G 562 -40.75 18.63 -5.12
CA PHE G 562 -39.55 19.21 -5.74
C PHE G 562 -38.38 18.24 -5.78
N GLN G 563 -38.47 17.09 -5.10
CA GLN G 563 -37.37 16.14 -5.03
C GLN G 563 -37.41 15.20 -6.23
N GLN G 564 -36.23 14.89 -6.78
CA GLN G 564 -36.09 14.02 -7.93
C GLN G 564 -35.37 12.72 -7.64
N PHE G 565 -34.47 12.71 -6.66
CA PHE G 565 -33.63 11.57 -6.36
C PHE G 565 -33.63 11.27 -4.87
N GLY G 566 -33.32 10.03 -4.53
CA GLY G 566 -33.06 9.63 -3.16
C GLY G 566 -31.63 9.16 -3.03
N ARG G 567 -31.13 9.03 -1.80
CA ARG G 567 -29.76 8.63 -1.55
C ARG G 567 -29.71 7.64 -0.40
N ASP G 568 -28.87 6.62 -0.54
CA ASP G 568 -28.73 5.58 0.44
C ASP G 568 -27.82 6.08 1.58
N ILE G 569 -27.74 5.29 2.66
CA ILE G 569 -26.81 5.60 3.74
C ILE G 569 -25.38 5.66 3.22
N ALA G 570 -25.05 4.85 2.22
CA ALA G 570 -23.74 4.92 1.57
C ALA G 570 -23.63 6.06 0.56
N ASP G 571 -24.67 6.89 0.43
CA ASP G 571 -24.68 8.08 -0.44
C ASP G 571 -24.78 7.73 -1.92
N THR G 572 -25.05 6.47 -2.25
CA THR G 572 -25.40 6.10 -3.62
C THR G 572 -26.91 6.21 -3.82
N THR G 573 -27.32 6.53 -5.04
CA THR G 573 -28.73 6.71 -5.35
C THR G 573 -29.46 5.38 -5.24
N ASP G 574 -30.60 5.40 -4.55
CA ASP G 574 -31.44 4.22 -4.34
C ASP G 574 -32.90 4.43 -4.71
N ALA G 575 -33.31 5.66 -5.00
CA ALA G 575 -34.67 5.93 -5.44
C ALA G 575 -34.62 7.07 -6.46
N VAL G 576 -35.65 7.12 -7.31
CA VAL G 576 -35.70 8.12 -8.37
C VAL G 576 -37.16 8.35 -8.73
N ARG G 577 -37.48 9.58 -9.09
CA ARG G 577 -38.79 9.95 -9.60
C ARG G 577 -38.76 9.86 -11.12
N ASP G 578 -39.65 9.06 -11.68
CA ASP G 578 -39.72 8.93 -13.13
C ASP G 578 -40.15 10.27 -13.73
N PRO G 579 -39.39 10.84 -14.67
CA PRO G 579 -39.67 12.24 -15.07
C PRO G 579 -40.98 12.43 -15.82
N GLN G 580 -41.67 11.36 -16.22
CA GLN G 580 -42.92 11.45 -16.97
C GLN G 580 -44.13 11.08 -16.13
N THR G 581 -44.13 9.88 -15.52
CA THR G 581 -45.22 9.51 -14.63
C THR G 581 -45.11 10.14 -13.25
N LEU G 582 -43.94 10.69 -12.91
CA LEU G 582 -43.72 11.39 -11.65
C LEU G 582 -43.86 10.50 -10.43
N GLU G 583 -43.86 9.18 -10.61
CA GLU G 583 -43.91 8.25 -9.50
C GLU G 583 -42.50 7.90 -9.05
N ILE G 584 -42.39 7.48 -7.79
CA ILE G 584 -41.11 7.19 -7.16
C ILE G 584 -40.82 5.70 -7.34
N LEU G 585 -39.63 5.39 -7.83
CA LEU G 585 -39.20 4.02 -8.08
C LEU G 585 -37.97 3.71 -7.23
N ASP G 586 -38.07 2.67 -6.40
CA ASP G 586 -36.89 2.19 -5.69
C ASP G 586 -35.97 1.48 -6.65
N ILE G 587 -34.66 1.69 -6.49
CA ILE G 587 -33.63 1.04 -7.28
C ILE G 587 -32.90 0.05 -6.37
N THR G 588 -32.98 -1.23 -6.72
CA THR G 588 -32.30 -2.30 -6.01
C THR G 588 -31.26 -2.92 -6.94
N PRO G 589 -30.03 -3.17 -6.49
CA PRO G 589 -29.07 -3.83 -7.39
C PRO G 589 -29.53 -5.23 -7.78
N CYS G 590 -29.21 -5.61 -9.01
CA CYS G 590 -29.50 -6.97 -9.45
C CYS G 590 -28.66 -7.94 -8.62
N SER G 591 -29.26 -9.09 -8.28
CA SER G 591 -28.65 -9.99 -7.30
C SER G 591 -27.33 -10.54 -7.84
N PHE G 592 -26.44 -10.86 -6.90
CA PHE G 592 -25.12 -11.38 -7.25
C PHE G 592 -24.62 -12.25 -6.10
N GLY G 593 -23.60 -13.03 -6.39
CA GLY G 593 -22.99 -13.86 -5.37
C GLY G 593 -21.89 -14.71 -5.98
N GLY G 594 -21.02 -15.20 -5.10
CA GLY G 594 -19.94 -16.05 -5.55
C GLY G 594 -20.45 -17.44 -5.92
N VAL G 595 -19.98 -17.99 -7.03
CA VAL G 595 -20.38 -19.34 -7.48
C VAL G 595 -19.30 -20.26 -6.93
N SER G 596 -19.52 -20.91 -5.78
CA SER G 596 -18.56 -21.92 -5.27
C SER G 596 -18.70 -23.15 -6.13
N VAL G 597 -17.69 -24.01 -6.24
CA VAL G 597 -17.77 -25.28 -7.01
C VAL G 597 -17.38 -26.41 -6.06
N ILE G 598 -18.27 -27.35 -5.82
CA ILE G 598 -18.13 -28.42 -4.85
C ILE G 598 -17.75 -29.69 -5.60
N THR G 599 -16.60 -30.26 -5.27
CA THR G 599 -16.10 -31.45 -5.95
C THR G 599 -15.50 -32.42 -4.92
N PRO G 600 -15.59 -33.75 -5.16
CA PRO G 600 -14.86 -34.68 -4.30
C PRO G 600 -13.44 -34.95 -4.79
N GLY G 601 -12.96 -34.13 -5.73
CA GLY G 601 -11.64 -34.30 -6.31
C GLY G 601 -11.69 -35.04 -7.63
N THR G 602 -10.84 -34.62 -8.57
CA THR G 602 -10.85 -35.24 -9.89
C THR G 602 -10.43 -36.70 -9.85
N ASN G 603 -9.56 -37.08 -8.92
CA ASN G 603 -9.17 -38.48 -8.84
C ASN G 603 -10.32 -39.36 -8.40
N THR G 604 -11.26 -38.83 -7.63
CA THR G 604 -12.41 -39.60 -7.18
C THR G 604 -13.51 -39.66 -8.25
N SER G 605 -13.97 -38.49 -8.71
CA SER G 605 -15.02 -38.46 -9.72
C SER G 605 -15.06 -37.08 -10.35
N ASN G 606 -15.58 -37.01 -11.57
CA ASN G 606 -15.78 -35.75 -12.26
C ASN G 606 -17.13 -35.12 -11.95
N GLN G 607 -17.98 -35.76 -11.16
CA GLN G 607 -19.25 -35.17 -10.78
C GLN G 607 -19.02 -33.97 -9.88
N VAL G 608 -19.86 -32.95 -10.03
CA VAL G 608 -19.67 -31.66 -9.37
C VAL G 608 -21.02 -31.06 -9.01
N ALA G 609 -21.06 -30.41 -7.84
CA ALA G 609 -22.17 -29.61 -7.38
C ALA G 609 -21.72 -28.17 -7.25
N VAL G 610 -22.66 -27.24 -7.42
CA VAL G 610 -22.37 -25.81 -7.48
C VAL G 610 -23.23 -25.10 -6.44
N LEU G 611 -22.61 -24.18 -5.70
CA LEU G 611 -23.29 -23.35 -4.71
C LEU G 611 -23.27 -21.91 -5.21
N TYR G 612 -24.47 -21.33 -5.38
CA TYR G 612 -24.61 -19.91 -5.68
C TYR G 612 -24.85 -19.19 -4.35
N GLN G 613 -23.80 -18.57 -3.82
CA GLN G 613 -23.83 -18.08 -2.45
C GLN G 613 -24.83 -16.94 -2.31
N GLY G 614 -25.67 -17.04 -1.28
CA GLY G 614 -26.55 -15.95 -0.85
C GLY G 614 -27.48 -15.48 -1.97
N VAL G 615 -28.22 -16.39 -2.58
CA VAL G 615 -29.19 -16.04 -3.61
C VAL G 615 -30.26 -17.12 -3.68
N ASN G 616 -31.47 -16.69 -4.01
CA ASN G 616 -32.59 -17.61 -4.17
C ASN G 616 -32.32 -18.58 -5.31
N CYS G 617 -32.98 -19.74 -5.27
CA CYS G 617 -32.92 -20.67 -6.39
C CYS G 617 -33.77 -20.20 -7.57
N THR G 618 -34.68 -19.25 -7.35
CA THR G 618 -35.52 -18.76 -8.43
C THR G 618 -34.77 -17.86 -9.40
N GLU G 619 -33.56 -17.41 -9.03
CA GLU G 619 -32.83 -16.42 -9.81
C GLU G 619 -31.61 -16.98 -10.52
N VAL G 620 -31.11 -18.15 -10.13
CA VAL G 620 -29.89 -18.70 -10.71
C VAL G 620 -30.00 -19.03 -12.19
N PRO G 621 -31.18 -19.38 -12.74
CA PRO G 621 -31.09 -19.65 -14.19
C PRO G 621 -30.84 -18.39 -15.02
N ASN G 641 -30.64 -31.45 -10.06
CA ASN G 641 -31.28 -31.21 -8.77
C ASN G 641 -31.09 -29.77 -8.32
N VAL G 642 -32.03 -29.27 -7.52
CA VAL G 642 -31.97 -27.92 -6.94
C VAL G 642 -32.43 -28.01 -5.50
N PHE G 643 -31.80 -27.24 -4.62
CA PHE G 643 -32.05 -27.34 -3.19
C PHE G 643 -31.72 -26.00 -2.56
N GLN G 644 -32.74 -25.28 -2.11
CA GLN G 644 -32.51 -24.00 -1.43
C GLN G 644 -31.82 -24.24 -0.10
N THR G 645 -31.00 -23.28 0.32
CA THR G 645 -30.14 -23.45 1.47
C THR G 645 -29.80 -22.07 2.04
N ARG G 646 -29.51 -22.04 3.34
CA ARG G 646 -29.20 -20.77 4.00
C ARG G 646 -27.97 -20.10 3.38
N ALA G 647 -26.91 -20.86 3.12
CA ALA G 647 -25.71 -20.32 2.51
C ALA G 647 -25.90 -19.88 1.07
N GLY G 648 -26.90 -20.41 0.37
CA GLY G 648 -27.14 -20.13 -1.03
C GLY G 648 -27.53 -21.39 -1.78
N CYS G 649 -28.12 -21.16 -2.95
CA CYS G 649 -28.75 -22.25 -3.69
C CYS G 649 -27.73 -23.30 -4.13
N LEU G 650 -28.04 -24.56 -3.86
CA LEU G 650 -27.24 -25.70 -4.32
C LEU G 650 -27.90 -26.34 -5.52
N ILE G 651 -27.10 -26.62 -6.54
CA ILE G 651 -27.54 -27.38 -7.71
C ILE G 651 -26.56 -28.53 -7.92
N GLY G 652 -27.12 -29.72 -8.17
CA GLY G 652 -26.34 -30.92 -8.34
C GLY G 652 -26.15 -31.74 -7.08
N ALA G 653 -26.36 -31.16 -5.91
CA ALA G 653 -26.26 -31.89 -4.66
C ALA G 653 -27.61 -32.47 -4.27
N GLU G 654 -27.60 -33.71 -3.77
CA GLU G 654 -28.80 -34.43 -3.39
C GLU G 654 -28.98 -34.33 -1.88
N HIS G 655 -30.01 -33.60 -1.45
CA HIS G 655 -30.26 -33.46 -0.03
C HIS G 655 -30.70 -34.79 0.57
N VAL G 656 -30.20 -35.07 1.77
CA VAL G 656 -30.57 -36.26 2.53
C VAL G 656 -30.87 -35.83 3.95
N ASN G 657 -31.68 -36.64 4.65
CA ASN G 657 -32.13 -36.27 5.99
C ASN G 657 -31.12 -36.67 7.06
N ASN G 658 -30.70 -37.92 7.07
CA ASN G 658 -29.80 -38.39 8.11
C ASN G 658 -28.44 -37.73 7.99
N SER G 659 -27.84 -37.42 9.14
CA SER G 659 -26.62 -36.62 9.19
C SER G 659 -25.37 -37.49 9.19
N TYR G 660 -24.25 -36.86 8.86
CA TYR G 660 -22.94 -37.51 8.87
C TYR G 660 -21.91 -36.52 9.40
N GLU G 661 -20.68 -36.98 9.51
CA GLU G 661 -19.57 -36.10 9.81
C GLU G 661 -19.32 -35.17 8.62
N CYS G 662 -18.81 -33.98 8.91
CA CYS G 662 -18.57 -32.99 7.86
C CYS G 662 -17.44 -33.44 6.96
N ASP G 663 -17.72 -33.56 5.65
CA ASP G 663 -16.71 -33.92 4.65
C ASP G 663 -16.21 -32.68 3.94
N ILE G 664 -17.12 -31.93 3.32
CA ILE G 664 -16.84 -30.68 2.64
C ILE G 664 -17.73 -29.60 3.26
N PRO G 665 -17.18 -28.61 3.97
CA PRO G 665 -18.07 -27.65 4.65
C PRO G 665 -18.67 -26.67 3.68
N ILE G 666 -20.00 -26.65 3.60
CA ILE G 666 -20.69 -25.68 2.76
C ILE G 666 -20.91 -24.38 3.52
N GLY G 667 -21.62 -24.45 4.64
CA GLY G 667 -21.88 -23.28 5.46
C GLY G 667 -23.24 -23.36 6.14
N ALA G 668 -23.41 -22.63 7.23
CA ALA G 668 -24.67 -22.56 7.95
C ALA G 668 -25.11 -23.94 8.44
N GLY G 669 -24.14 -24.75 8.86
CA GLY G 669 -24.45 -25.98 9.56
C GLY G 669 -24.66 -27.21 8.70
N ILE G 670 -24.30 -27.17 7.42
CA ILE G 670 -24.42 -28.32 6.53
C ILE G 670 -23.09 -28.56 5.85
N CYS G 671 -22.89 -29.80 5.40
CA CYS G 671 -21.72 -30.20 4.65
C CYS G 671 -22.15 -31.14 3.53
N ALA G 672 -21.28 -31.28 2.54
CA ALA G 672 -21.54 -32.10 1.36
C ALA G 672 -20.50 -33.20 1.26
N SER G 673 -20.90 -34.33 0.71
CA SER G 673 -20.02 -35.48 0.59
C SER G 673 -20.42 -36.32 -0.61
N TYR G 674 -19.48 -37.14 -1.09
CA TYR G 674 -19.69 -38.02 -2.22
C TYR G 674 -19.81 -39.45 -1.69
N GLN G 675 -21.00 -40.03 -1.83
CA GLN G 675 -21.28 -41.34 -1.25
C GLN G 675 -22.27 -42.08 -2.14
N THR G 676 -22.41 -43.38 -1.86
CA THR G 676 -23.34 -44.24 -2.57
C THR G 676 -24.78 -43.79 -2.33
N SER G 689 -23.74 -45.37 -9.15
CA SER G 689 -24.60 -45.42 -7.98
C SER G 689 -24.12 -44.49 -6.86
N GLN G 690 -23.21 -43.59 -7.17
CA GLN G 690 -22.65 -42.64 -6.21
C GLN G 690 -22.95 -41.21 -6.66
N SER G 691 -23.24 -40.35 -5.70
CA SER G 691 -23.64 -38.97 -5.98
C SER G 691 -23.17 -38.08 -4.84
N ILE G 692 -23.18 -36.78 -5.11
CA ILE G 692 -22.76 -35.77 -4.12
C ILE G 692 -23.97 -35.45 -3.25
N ILE G 693 -23.94 -35.88 -2.00
CA ILE G 693 -25.04 -35.66 -1.06
C ILE G 693 -24.80 -34.37 -0.30
N ALA G 694 -25.86 -33.84 0.30
CA ALA G 694 -25.80 -32.68 1.18
C ALA G 694 -26.63 -32.97 2.42
N TYR G 695 -26.10 -32.62 3.59
CA TYR G 695 -26.69 -33.02 4.84
C TYR G 695 -26.32 -32.03 5.94
N THR G 696 -27.08 -32.09 7.04
CA THR G 696 -26.76 -31.31 8.22
C THR G 696 -25.63 -32.00 8.99
N MET G 697 -24.80 -31.19 9.64
CA MET G 697 -23.65 -31.73 10.35
C MET G 697 -24.07 -32.60 11.51
N SER G 698 -23.29 -33.65 11.76
CA SER G 698 -23.43 -34.47 12.96
C SER G 698 -22.26 -34.20 13.89
N LEU G 699 -22.57 -33.90 15.15
CA LEU G 699 -21.57 -33.53 16.14
C LEU G 699 -21.13 -34.71 17.00
N GLY G 700 -21.31 -35.94 16.52
CA GLY G 700 -20.95 -37.12 17.26
C GLY G 700 -22.16 -37.78 17.90
N ALA G 701 -22.00 -39.05 18.24
CA ALA G 701 -23.10 -39.82 18.80
C ALA G 701 -23.46 -39.29 20.19
N GLU G 702 -24.76 -39.23 20.46
CA GLU G 702 -25.21 -38.84 21.79
C GLU G 702 -24.79 -39.88 22.82
N ASN G 703 -24.63 -39.42 24.06
CA ASN G 703 -24.16 -40.29 25.14
C ASN G 703 -24.82 -39.82 26.43
N SER G 704 -25.94 -40.47 26.78
CA SER G 704 -26.59 -40.21 28.07
C SER G 704 -25.82 -40.97 29.15
N VAL G 705 -24.77 -40.32 29.65
CA VAL G 705 -23.92 -40.93 30.66
C VAL G 705 -24.74 -41.21 31.92
N ALA G 706 -24.55 -42.39 32.49
CA ALA G 706 -25.40 -42.86 33.57
C ALA G 706 -25.01 -42.25 34.92
N TYR G 707 -25.14 -40.94 35.04
CA TYR G 707 -24.85 -40.30 36.31
C TYR G 707 -25.90 -40.66 37.36
N SER G 708 -25.44 -40.91 38.57
CA SER G 708 -26.31 -41.04 39.72
C SER G 708 -25.53 -40.63 40.95
N ASN G 709 -26.24 -40.31 42.03
CA ASN G 709 -25.60 -39.70 43.18
C ASN G 709 -24.73 -40.68 43.98
N ASN G 710 -24.77 -41.97 43.68
CA ASN G 710 -23.92 -42.94 44.37
C ASN G 710 -23.34 -44.00 43.45
N SER G 711 -23.06 -43.66 42.19
CA SER G 711 -22.46 -44.58 41.22
C SER G 711 -21.20 -43.94 40.65
N ILE G 712 -20.12 -44.73 40.59
CA ILE G 712 -18.86 -44.30 40.02
C ILE G 712 -18.35 -45.40 39.10
N ALA G 713 -17.76 -44.98 37.97
CA ALA G 713 -17.11 -45.88 37.02
C ALA G 713 -15.61 -45.64 37.07
N ILE G 714 -14.85 -46.72 37.22
CA ILE G 714 -13.40 -46.66 37.37
C ILE G 714 -12.78 -47.55 36.30
N PRO G 715 -11.68 -47.16 35.66
CA PRO G 715 -11.07 -48.06 34.67
C PRO G 715 -10.53 -49.33 35.31
N THR G 716 -10.59 -50.42 34.56
CA THR G 716 -9.96 -51.67 34.93
C THR G 716 -8.75 -52.01 34.07
N ASN G 717 -8.47 -51.20 33.04
CA ASN G 717 -7.36 -51.43 32.13
C ASN G 717 -6.92 -50.08 31.58
N PHE G 718 -6.04 -50.10 30.59
CA PHE G 718 -5.53 -48.86 30.03
C PHE G 718 -5.00 -49.11 28.62
N THR G 719 -4.80 -48.01 27.90
CA THR G 719 -4.26 -48.04 26.55
C THR G 719 -3.21 -46.94 26.43
N ILE G 720 -1.98 -47.34 26.08
CA ILE G 720 -0.90 -46.39 25.86
C ILE G 720 -0.98 -45.96 24.40
N SER G 721 -1.49 -44.76 24.16
CA SER G 721 -1.71 -44.25 22.81
C SER G 721 -0.64 -43.22 22.48
N VAL G 722 0.01 -43.40 21.33
CA VAL G 722 1.00 -42.47 20.81
C VAL G 722 0.36 -41.73 19.64
N THR G 723 0.20 -40.42 19.79
CA THR G 723 -0.41 -39.56 18.78
C THR G 723 0.63 -38.57 18.28
N THR G 724 0.51 -38.21 17.01
CA THR G 724 1.48 -37.35 16.34
C THR G 724 0.90 -35.95 16.19
N GLU G 725 1.70 -34.95 16.55
CA GLU G 725 1.34 -33.54 16.42
C GLU G 725 2.39 -32.85 15.59
N ILE G 726 1.96 -32.12 14.57
CA ILE G 726 2.83 -31.49 13.59
C ILE G 726 2.68 -29.98 13.73
N LEU G 727 3.80 -29.27 13.83
CA LEU G 727 3.83 -27.83 14.05
C LEU G 727 4.85 -27.19 13.12
N PRO G 728 4.49 -26.17 12.33
CA PRO G 728 5.52 -25.42 11.62
C PRO G 728 6.43 -24.69 12.60
N VAL G 729 7.70 -24.56 12.22
CA VAL G 729 8.71 -23.92 13.05
C VAL G 729 9.38 -22.77 12.29
N SER G 730 9.42 -22.86 10.96
CA SER G 730 10.10 -21.85 10.17
C SER G 730 9.57 -21.92 8.74
N MET G 731 10.10 -21.04 7.90
CA MET G 731 9.77 -21.01 6.48
C MET G 731 11.00 -20.59 5.70
N THR G 732 10.92 -20.62 4.37
CA THR G 732 12.03 -20.24 3.47
C THR G 732 12.51 -18.83 3.81
N LYS G 733 13.82 -18.62 3.94
CA LYS G 733 14.39 -17.28 4.24
C LYS G 733 14.56 -16.51 2.93
N THR G 734 13.47 -16.14 2.26
CA THR G 734 13.53 -15.46 0.94
C THR G 734 14.14 -14.08 1.09
N SER G 735 14.89 -13.58 0.10
CA SER G 735 15.45 -12.24 0.10
C SER G 735 15.43 -11.72 -1.32
N VAL G 736 14.97 -10.48 -1.48
CA VAL G 736 14.74 -9.88 -2.79
C VAL G 736 15.56 -8.62 -2.90
N ASP G 737 16.34 -8.52 -3.97
CA ASP G 737 17.02 -7.27 -4.32
C ASP G 737 15.98 -6.36 -4.97
N CYS G 738 15.62 -5.29 -4.26
CA CYS G 738 14.51 -4.45 -4.70
C CYS G 738 14.79 -3.79 -6.04
N THR G 739 16.00 -3.25 -6.21
CA THR G 739 16.33 -2.56 -7.46
C THR G 739 16.34 -3.54 -8.63
N MET G 740 16.91 -4.72 -8.44
CA MET G 740 16.95 -5.70 -9.51
C MET G 740 15.55 -6.15 -9.88
N TYR G 741 14.69 -6.39 -8.88
CA TYR G 741 13.34 -6.84 -9.16
C TYR G 741 12.55 -5.77 -9.91
N ILE G 742 12.55 -4.55 -9.39
CA ILE G 742 11.79 -3.49 -10.04
C ILE G 742 12.35 -3.22 -11.44
N CYS G 743 13.68 -3.16 -11.56
CA CYS G 743 14.29 -3.01 -12.88
C CYS G 743 15.75 -3.45 -12.81
N GLY G 744 16.04 -4.60 -13.41
CA GLY G 744 17.40 -5.10 -13.43
C GLY G 744 18.19 -4.52 -14.59
N ASP G 745 19.43 -4.14 -14.30
CA ASP G 745 20.40 -3.72 -15.30
C ASP G 745 20.01 -2.43 -16.02
N SER G 746 19.03 -1.71 -15.51
CA SER G 746 18.57 -0.46 -16.12
C SER G 746 19.01 0.72 -15.25
N THR G 747 20.04 1.44 -15.70
CA THR G 747 20.51 2.60 -14.94
C THR G 747 19.49 3.73 -14.97
N GLU G 748 18.74 3.86 -16.06
CA GLU G 748 17.73 4.91 -16.13
C GLU G 748 16.64 4.70 -15.08
N CYS G 749 16.07 3.49 -15.05
CA CYS G 749 15.08 3.20 -14.02
C CYS G 749 15.69 3.22 -12.63
N SER G 750 16.97 2.84 -12.51
CA SER G 750 17.62 2.94 -11.21
C SER G 750 17.66 4.38 -10.72
N ASN G 751 17.98 5.32 -11.63
CA ASN G 751 17.96 6.73 -11.25
C ASN G 751 16.56 7.20 -10.92
N LEU G 752 15.56 6.78 -11.71
CA LEU G 752 14.18 7.19 -11.42
C LEU G 752 13.70 6.62 -10.10
N LEU G 753 14.21 5.46 -9.70
CA LEU G 753 13.73 4.82 -8.48
C LEU G 753 14.24 5.52 -7.24
N LEU G 754 15.38 6.23 -7.34
CA LEU G 754 15.90 6.97 -6.20
C LEU G 754 14.94 8.07 -5.77
N GLN G 755 14.12 8.58 -6.69
CA GLN G 755 13.17 9.63 -6.36
C GLN G 755 12.15 9.17 -5.32
N TYR G 756 11.87 7.88 -5.24
CA TYR G 756 10.93 7.36 -4.25
C TYR G 756 11.56 7.20 -2.87
N GLY G 757 12.87 7.39 -2.73
CA GLY G 757 13.46 7.43 -1.41
C GLY G 757 13.94 6.07 -0.96
N SER G 758 13.59 5.71 0.27
CA SER G 758 14.14 4.54 0.95
C SER G 758 13.16 3.38 1.03
N PHE G 759 12.25 3.23 0.06
CA PHE G 759 11.35 2.09 0.08
C PHE G 759 12.12 0.78 -0.09
N CYS G 760 13.09 0.77 -1.00
CA CYS G 760 13.84 -0.47 -1.25
C CYS G 760 14.63 -0.89 -0.02
N THR G 761 15.27 0.07 0.65
CA THR G 761 16.00 -0.24 1.87
C THR G 761 15.06 -0.76 2.95
N GLN G 762 13.87 -0.16 3.06
CA GLN G 762 12.88 -0.63 4.03
C GLN G 762 12.48 -2.07 3.75
N LEU G 763 12.19 -2.39 2.49
CA LEU G 763 11.76 -3.74 2.17
C LEU G 763 12.88 -4.74 2.41
N ASN G 764 14.12 -4.38 2.05
CA ASN G 764 15.24 -5.26 2.32
C ASN G 764 15.43 -5.48 3.81
N ARG G 765 15.28 -4.42 4.61
CA ARG G 765 15.40 -4.55 6.05
C ARG G 765 14.33 -5.49 6.61
N ALA G 766 13.09 -5.35 6.13
CA ALA G 766 12.01 -6.20 6.62
C ALA G 766 12.27 -7.67 6.27
N LEU G 767 12.69 -7.91 5.03
CA LEU G 767 12.94 -9.29 4.62
C LEU G 767 14.12 -9.89 5.37
N THR G 768 15.17 -9.10 5.62
CA THR G 768 16.30 -9.60 6.41
C THR G 768 15.86 -9.91 7.84
N GLY G 769 15.00 -9.06 8.41
CA GLY G 769 14.48 -9.35 9.74
C GLY G 769 13.71 -10.66 9.77
N ILE G 770 12.87 -10.90 8.77
CA ILE G 770 12.14 -12.16 8.69
C ILE G 770 13.11 -13.33 8.58
N ALA G 771 14.15 -13.17 7.75
CA ALA G 771 15.12 -14.25 7.54
C ALA G 771 15.84 -14.60 8.85
N VAL G 772 16.27 -13.58 9.59
CA VAL G 772 16.92 -13.84 10.88
C VAL G 772 15.92 -14.47 11.86
N GLU G 773 14.66 -14.04 11.78
CA GLU G 773 13.64 -14.57 12.67
C GLU G 773 13.43 -16.07 12.46
N GLN G 774 13.53 -16.54 11.21
CA GLN G 774 13.40 -17.98 10.99
C GLN G 774 14.49 -18.77 11.70
N ASP G 775 15.75 -18.31 11.61
CA ASP G 775 16.82 -18.98 12.32
C ASP G 775 16.61 -18.91 13.82
N LYS G 776 16.12 -17.78 14.33
CA LYS G 776 15.83 -17.68 15.75
C LYS G 776 14.76 -18.69 16.15
N ASN G 777 13.74 -18.88 15.32
CA ASN G 777 12.70 -19.85 15.62
C ASN G 777 13.26 -21.26 15.69
N THR G 778 14.05 -21.65 14.69
CA THR G 778 14.62 -23.00 14.71
C THR G 778 15.54 -23.18 15.91
N GLN G 779 16.33 -22.16 16.23
CA GLN G 779 17.22 -22.24 17.38
C GLN G 779 16.44 -22.44 18.67
N GLU G 780 15.44 -21.59 18.92
CA GLU G 780 14.72 -21.69 20.18
C GLU G 780 13.89 -22.96 20.27
N VAL G 781 13.48 -23.54 19.15
CA VAL G 781 12.74 -24.79 19.21
C VAL G 781 13.68 -25.96 19.50
N PHE G 782 14.79 -26.05 18.77
CA PHE G 782 15.61 -27.26 18.80
C PHE G 782 16.84 -27.16 19.70
N ALA G 783 17.29 -25.96 20.05
CA ALA G 783 18.57 -25.81 20.74
C ALA G 783 18.39 -25.73 22.25
N GLN G 784 17.42 -26.47 22.78
CA GLN G 784 17.14 -26.46 24.21
C GLN G 784 18.04 -27.39 25.02
N VAL G 785 18.97 -28.09 24.39
CA VAL G 785 19.91 -28.97 25.07
C VAL G 785 21.31 -28.41 24.89
N LYS G 786 22.06 -28.32 25.99
CA LYS G 786 23.41 -27.77 25.96
C LYS G 786 24.47 -28.83 25.71
N GLN G 787 24.10 -30.11 25.62
CA GLN G 787 25.03 -31.18 25.32
C GLN G 787 24.35 -32.19 24.41
N ILE G 788 25.16 -32.88 23.62
CA ILE G 788 24.67 -33.88 22.67
C ILE G 788 24.76 -35.24 23.37
N TYR G 789 23.63 -35.76 23.79
CA TYR G 789 23.58 -37.04 24.49
C TYR G 789 23.52 -38.19 23.50
N LYS G 790 24.36 -39.20 23.72
CA LYS G 790 24.28 -40.45 22.97
C LYS G 790 23.50 -41.49 23.77
N THR G 791 22.86 -42.39 23.04
CA THR G 791 22.26 -43.56 23.65
C THR G 791 23.33 -44.64 23.84
N PRO G 792 23.16 -45.53 24.83
CA PRO G 792 24.18 -46.56 25.05
C PRO G 792 24.18 -47.57 23.92
N PRO G 793 25.31 -48.26 23.68
CA PRO G 793 25.29 -49.30 22.64
C PRO G 793 24.32 -50.43 22.96
N ILE G 794 24.14 -50.77 24.23
CA ILE G 794 23.22 -51.81 24.66
C ILE G 794 21.91 -51.12 24.99
N LYS G 795 20.90 -51.33 24.14
CA LYS G 795 19.61 -50.64 24.28
C LYS G 795 18.60 -51.53 25.03
N ASP G 796 18.85 -51.69 26.32
CA ASP G 796 17.98 -52.46 27.21
C ASP G 796 17.10 -51.50 28.00
N PHE G 797 16.00 -51.09 27.37
CA PHE G 797 15.04 -50.15 27.96
C PHE G 797 13.82 -50.85 28.51
N GLY G 798 13.98 -52.05 29.05
CA GLY G 798 12.87 -52.76 29.68
C GLY G 798 11.76 -53.13 28.73
N GLY G 799 12.10 -53.57 27.51
CA GLY G 799 11.13 -54.01 26.53
C GLY G 799 10.67 -52.94 25.57
N PHE G 800 10.86 -51.67 25.89
CA PHE G 800 10.51 -50.60 24.97
C PHE G 800 11.48 -50.58 23.80
N ASN G 801 10.97 -50.29 22.61
CA ASN G 801 11.73 -50.34 21.36
C ASN G 801 11.64 -48.97 20.71
N PHE G 802 12.74 -48.22 20.77
CA PHE G 802 12.84 -46.90 20.15
C PHE G 802 13.65 -46.92 18.86
N SER G 803 13.85 -48.09 18.25
CA SER G 803 14.69 -48.17 17.06
C SER G 803 14.12 -47.35 15.91
N GLN G 804 12.80 -47.20 15.84
CA GLN G 804 12.18 -46.47 14.74
C GLN G 804 12.31 -44.96 14.89
N ILE G 805 12.54 -44.47 16.10
CA ILE G 805 12.70 -43.03 16.33
C ILE G 805 14.15 -42.64 16.60
N LEU G 806 15.00 -43.58 17.01
CA LEU G 806 16.38 -43.26 17.26
C LEU G 806 17.15 -43.12 15.95
N PRO G 807 18.35 -42.53 15.98
CA PRO G 807 19.10 -42.34 14.73
C PRO G 807 19.43 -43.65 14.04
N ASP G 808 19.49 -43.60 12.70
CA ASP G 808 19.86 -44.74 11.89
C ASP G 808 21.32 -44.59 11.49
N PRO G 809 22.25 -45.40 12.03
CA PRO G 809 23.67 -45.17 11.72
C PRO G 809 24.05 -45.48 10.28
N SER G 810 23.21 -46.22 9.54
CA SER G 810 23.60 -46.68 8.20
C SER G 810 23.58 -45.58 7.15
N LYS G 811 22.81 -44.52 7.36
CA LYS G 811 22.57 -43.52 6.34
C LYS G 811 23.69 -42.48 6.32
N PRO G 812 23.81 -41.70 5.23
CA PRO G 812 24.72 -40.54 5.27
C PRO G 812 24.31 -39.52 6.32
N SER G 813 23.02 -39.20 6.38
CA SER G 813 22.44 -38.37 7.43
C SER G 813 21.75 -39.29 8.43
N LYS G 814 21.87 -38.98 9.71
CA LYS G 814 21.50 -39.91 10.75
C LYS G 814 20.06 -39.71 11.21
N ARG G 815 19.20 -39.31 10.28
CA ARG G 815 17.77 -39.24 10.58
C ARG G 815 17.23 -40.62 10.93
N SER G 816 16.21 -40.64 11.77
CA SER G 816 15.55 -41.89 12.13
C SER G 816 14.62 -42.34 11.01
N PHE G 817 14.00 -43.50 11.16
CA PHE G 817 13.09 -44.00 10.13
C PHE G 817 11.89 -43.08 9.97
N ILE G 818 11.27 -42.71 11.09
CA ILE G 818 10.11 -41.83 11.02
C ILE G 818 10.51 -40.47 10.47
N GLU G 819 11.72 -40.02 10.80
CA GLU G 819 12.22 -38.78 10.20
C GLU G 819 12.38 -38.92 8.69
N ASP G 820 12.82 -40.09 8.21
CA ASP G 820 12.87 -40.31 6.77
C ASP G 820 11.49 -40.22 6.15
N LEU G 821 10.49 -40.82 6.79
CA LEU G 821 9.13 -40.73 6.24
C LEU G 821 8.66 -39.28 6.21
N LEU G 822 8.92 -38.53 7.29
CA LEU G 822 8.48 -37.14 7.34
C LEU G 822 9.16 -36.30 6.25
N PHE G 823 10.46 -36.50 6.04
CA PHE G 823 11.15 -35.75 5.00
C PHE G 823 10.70 -36.15 3.60
N ASN G 824 10.39 -37.44 3.40
CA ASN G 824 9.96 -37.88 2.08
C ASN G 824 8.56 -37.39 1.74
N LYS G 825 7.66 -37.34 2.73
CA LYS G 825 6.27 -36.99 2.43
C LYS G 825 6.12 -35.56 1.93
N VAL G 826 6.84 -34.62 2.51
CA VAL G 826 6.72 -33.22 2.10
C VAL G 826 7.37 -33.04 0.73
N ASN G 856 15.56 -12.70 -11.41
CA ASN G 856 14.60 -11.63 -11.14
C ASN G 856 14.88 -10.92 -9.82
N GLY G 857 16.06 -11.13 -9.24
CA GLY G 857 16.40 -10.55 -7.96
C GLY G 857 15.93 -11.36 -6.76
N LEU G 858 15.18 -12.44 -6.97
CA LEU G 858 14.72 -13.27 -5.87
C LEU G 858 15.78 -14.30 -5.51
N THR G 859 16.03 -14.45 -4.21
CA THR G 859 17.03 -15.38 -3.70
C THR G 859 16.46 -16.10 -2.49
N VAL G 860 16.98 -17.30 -2.23
CA VAL G 860 16.58 -18.13 -1.10
C VAL G 860 17.84 -18.43 -0.30
N LEU G 861 17.92 -17.87 0.89
CA LEU G 861 19.08 -18.11 1.74
C LEU G 861 18.96 -19.48 2.40
N PRO G 862 20.08 -20.14 2.73
CA PRO G 862 19.98 -21.45 3.36
C PRO G 862 19.74 -21.30 4.86
N PRO G 863 19.10 -22.26 5.51
CA PRO G 863 18.97 -22.19 6.97
C PRO G 863 20.32 -22.28 7.65
N LEU G 864 20.42 -21.64 8.82
CA LEU G 864 21.65 -21.72 9.60
C LEU G 864 21.92 -23.14 10.05
N LEU G 865 20.92 -23.80 10.63
CA LEU G 865 21.03 -25.18 11.06
C LEU G 865 20.61 -26.09 9.92
N THR G 866 21.55 -26.85 9.38
CA THR G 866 21.21 -27.79 8.33
C THR G 866 20.36 -28.92 8.88
N ASP G 867 19.77 -29.69 7.97
CA ASP G 867 18.89 -30.78 8.39
C ASP G 867 19.63 -31.82 9.21
N GLU G 868 20.91 -32.06 8.91
CA GLU G 868 21.68 -32.99 9.71
C GLU G 868 21.86 -32.49 11.13
N MET G 869 22.07 -31.18 11.30
CA MET G 869 22.27 -30.64 12.63
C MET G 869 20.97 -30.63 13.44
N ILE G 870 19.85 -30.35 12.78
CA ILE G 870 18.57 -30.44 13.47
C ILE G 870 18.28 -31.89 13.86
N ALA G 871 18.61 -32.83 12.98
CA ALA G 871 18.45 -34.24 13.31
C ALA G 871 19.33 -34.62 14.49
N GLN G 872 20.55 -34.07 14.55
CA GLN G 872 21.41 -34.31 15.69
C GLN G 872 20.82 -33.75 16.98
N TYR G 873 20.23 -32.55 16.91
CA TYR G 873 19.58 -31.98 18.09
C TYR G 873 18.45 -32.86 18.57
N THR G 874 17.59 -33.32 17.65
CA THR G 874 16.50 -34.19 18.05
C THR G 874 17.00 -35.51 18.60
N SER G 875 18.08 -36.05 18.02
CA SER G 875 18.67 -37.27 18.57
C SER G 875 19.19 -37.06 19.98
N ALA G 876 19.83 -35.91 20.24
CA ALA G 876 20.29 -35.61 21.60
C ALA G 876 19.11 -35.51 22.56
N LEU G 877 18.03 -34.86 22.13
CA LEU G 877 16.85 -34.76 22.99
C LEU G 877 16.27 -36.15 23.28
N LEU G 878 16.19 -37.00 22.26
CA LEU G 878 15.67 -38.35 22.46
C LEU G 878 16.55 -39.14 23.41
N ALA G 879 17.86 -39.07 23.23
CA ALA G 879 18.77 -39.81 24.09
C ALA G 879 18.68 -39.34 25.52
N GLY G 880 18.64 -38.02 25.73
CA GLY G 880 18.51 -37.50 27.08
C GLY G 880 17.21 -37.91 27.73
N THR G 881 16.11 -37.81 26.99
CA THR G 881 14.80 -38.18 27.53
C THR G 881 14.75 -39.66 27.87
N ILE G 882 15.30 -40.51 27.01
CA ILE G 882 15.23 -41.95 27.23
C ILE G 882 16.09 -42.35 28.41
N THR G 883 17.33 -41.85 28.46
CA THR G 883 18.28 -42.32 29.46
C THR G 883 18.17 -41.61 30.79
N SER G 884 17.54 -40.43 30.85
CA SER G 884 17.54 -39.64 32.08
C SER G 884 16.20 -38.97 32.40
N GLY G 885 15.16 -39.21 31.62
CA GLY G 885 13.86 -38.62 31.95
C GLY G 885 13.89 -37.11 31.85
N TRP G 886 13.23 -36.46 32.80
CA TRP G 886 13.15 -35.01 32.82
C TRP G 886 14.38 -34.35 33.45
N THR G 887 15.32 -35.13 33.99
CA THR G 887 16.39 -34.56 34.77
C THR G 887 17.33 -33.72 33.92
N PHE G 888 17.61 -34.14 32.68
CA PHE G 888 18.55 -33.41 31.85
C PHE G 888 18.03 -32.04 31.44
N GLY G 889 16.74 -31.79 31.54
CA GLY G 889 16.20 -30.46 31.31
C GLY G 889 16.45 -29.53 32.47
N ALA G 890 16.36 -30.06 33.70
CA ALA G 890 16.58 -29.26 34.88
C ALA G 890 18.06 -28.99 35.12
N GLY G 891 18.92 -29.97 34.88
CA GLY G 891 20.33 -29.82 35.10
C GLY G 891 21.14 -30.88 34.36
N ALA G 892 22.15 -31.42 35.02
CA ALA G 892 22.92 -32.50 34.43
C ALA G 892 22.06 -33.75 34.31
N ALA G 893 22.27 -34.51 33.23
CA ALA G 893 21.48 -35.70 32.99
C ALA G 893 21.79 -36.76 34.03
N LEU G 894 20.76 -37.21 34.74
CA LEU G 894 20.87 -38.26 35.74
C LEU G 894 20.33 -39.55 35.15
N GLN G 895 21.19 -40.55 34.98
CA GLN G 895 20.75 -41.80 34.39
C GLN G 895 19.73 -42.49 35.28
N ILE G 896 18.86 -43.26 34.66
CA ILE G 896 17.83 -44.01 35.39
C ILE G 896 17.28 -45.07 34.44
N PRO G 897 17.06 -46.32 34.86
CA PRO G 897 16.50 -47.31 33.93
C PRO G 897 15.12 -46.90 33.46
N PHE G 898 14.82 -47.20 32.18
CA PHE G 898 13.62 -46.67 31.57
C PHE G 898 12.35 -47.23 32.21
N ALA G 899 12.39 -48.47 32.70
CA ALA G 899 11.22 -49.03 33.36
C ALA G 899 10.85 -48.21 34.58
N MET G 900 11.84 -47.88 35.41
CA MET G 900 11.57 -47.02 36.56
C MET G 900 11.12 -45.65 36.12
N GLN G 901 11.72 -45.09 35.07
CA GLN G 901 11.33 -43.77 34.60
C GLN G 901 9.86 -43.73 34.21
N MET G 902 9.41 -44.70 33.41
CA MET G 902 8.00 -44.79 33.08
C MET G 902 7.18 -45.04 34.33
N ALA G 903 7.76 -45.70 35.34
CA ALA G 903 7.02 -45.94 36.58
C ALA G 903 6.68 -44.64 37.29
N TYR G 904 7.66 -43.76 37.47
CA TYR G 904 7.33 -42.50 38.15
C TYR G 904 6.66 -41.53 37.20
N ARG G 905 6.68 -41.78 35.89
CA ARG G 905 5.82 -41.01 35.01
C ARG G 905 4.36 -41.42 35.17
N PHE G 906 4.11 -42.70 35.48
CA PHE G 906 2.76 -43.09 35.89
C PHE G 906 2.39 -42.42 37.21
N ASN G 907 3.35 -42.32 38.13
CA ASN G 907 3.05 -41.74 39.44
C ASN G 907 2.66 -40.26 39.30
N GLY G 908 3.14 -39.59 38.25
CA GLY G 908 2.73 -38.23 38.02
C GLY G 908 1.26 -38.07 37.70
N ILE G 909 0.68 -39.05 37.01
CA ILE G 909 -0.72 -38.99 36.59
C ILE G 909 -1.66 -39.65 37.61
N GLY G 910 -1.19 -39.90 38.83
CA GLY G 910 -2.06 -40.43 39.86
C GLY G 910 -2.24 -41.93 39.85
N VAL G 911 -1.47 -42.66 39.05
CA VAL G 911 -1.51 -44.12 39.02
C VAL G 911 -0.29 -44.63 39.77
N THR G 912 -0.51 -45.50 40.74
CA THR G 912 0.58 -45.99 41.57
C THR G 912 1.58 -46.76 40.72
N GLN G 913 2.86 -46.63 41.08
CA GLN G 913 3.93 -47.18 40.26
C GLN G 913 3.88 -48.71 40.20
N ASN G 914 3.22 -49.35 41.17
CA ASN G 914 3.11 -50.81 41.12
C ASN G 914 2.27 -51.27 39.94
N VAL G 915 1.40 -50.41 39.41
CA VAL G 915 0.61 -50.75 38.24
C VAL G 915 1.48 -51.04 37.03
N LEU G 916 2.65 -50.38 36.92
CA LEU G 916 3.53 -50.63 35.79
C LEU G 916 4.25 -51.96 35.94
N TYR G 917 5.01 -52.13 37.02
CA TYR G 917 5.87 -53.29 37.15
C TYR G 917 5.09 -54.59 37.11
N GLU G 918 3.88 -54.60 37.65
CA GLU G 918 3.05 -55.79 37.61
C GLU G 918 2.62 -56.15 36.19
N ASN G 919 2.57 -55.17 35.27
CA ASN G 919 2.24 -55.45 33.88
C ASN G 919 3.13 -54.66 32.93
N GLN G 920 4.45 -54.66 33.17
CA GLN G 920 5.36 -53.90 32.33
C GLN G 920 5.37 -54.40 30.89
N LYS G 921 5.28 -55.71 30.69
CA LYS G 921 5.36 -56.27 29.35
C LYS G 921 4.19 -55.80 28.49
N LEU G 922 2.99 -55.74 29.08
CA LEU G 922 1.83 -55.26 28.34
C LEU G 922 2.03 -53.82 27.90
N ILE G 923 2.56 -52.99 28.79
CA ILE G 923 2.79 -51.58 28.47
C ILE G 923 3.81 -51.45 27.35
N ALA G 924 4.88 -52.24 27.42
CA ALA G 924 5.91 -52.20 26.39
C ALA G 924 5.35 -52.62 25.04
N ASN G 925 4.55 -53.70 25.03
CA ASN G 925 3.95 -54.15 23.79
C ASN G 925 2.99 -53.12 23.22
N GLN G 926 2.20 -52.47 24.08
CA GLN G 926 1.28 -51.44 23.62
C GLN G 926 2.03 -50.27 23.01
N PHE G 927 3.13 -49.85 23.65
CA PHE G 927 3.90 -48.74 23.12
C PHE G 927 4.53 -49.10 21.77
N ASN G 928 5.06 -50.31 21.66
CA ASN G 928 5.66 -50.74 20.40
C ASN G 928 4.60 -50.81 19.30
N SER G 929 3.42 -51.31 19.62
CA SER G 929 2.35 -51.36 18.63
C SER G 929 1.93 -49.96 18.21
N ALA G 930 1.88 -49.02 19.16
CA ALA G 930 1.53 -47.65 18.80
C ALA G 930 2.57 -47.02 17.89
N ILE G 931 3.85 -47.28 18.16
CA ILE G 931 4.90 -46.75 17.30
C ILE G 931 4.80 -47.37 15.90
N GLY G 932 4.52 -48.67 15.83
CA GLY G 932 4.32 -49.30 14.53
C GLY G 932 3.13 -48.72 13.80
N LYS G 933 2.06 -48.39 14.52
CA LYS G 933 0.91 -47.75 13.90
C LYS G 933 1.26 -46.37 13.36
N ILE G 934 2.09 -45.62 14.08
CA ILE G 934 2.56 -44.33 13.58
C ILE G 934 3.34 -44.53 12.29
N GLN G 935 4.21 -45.54 12.28
CA GLN G 935 4.98 -45.85 11.07
C GLN G 935 4.05 -46.16 9.90
N ASP G 936 3.04 -46.99 10.14
CA ASP G 936 2.11 -47.36 9.07
C ASP G 936 1.33 -46.16 8.59
N SER G 937 0.89 -45.31 9.51
CA SER G 937 0.10 -44.13 9.15
C SER G 937 0.92 -43.18 8.28
N LEU G 938 2.18 -42.96 8.65
CA LEU G 938 3.01 -42.07 7.84
C LEU G 938 3.36 -42.70 6.51
N SER G 939 3.66 -44.00 6.49
CA SER G 939 4.02 -44.67 5.25
C SER G 939 2.85 -44.78 4.28
N SER G 940 1.62 -44.68 4.76
CA SER G 940 0.45 -44.80 3.90
C SER G 940 0.27 -43.53 3.07
N THR G 941 -0.86 -43.46 2.37
CA THR G 941 -1.17 -42.31 1.52
C THR G 941 -1.76 -41.15 2.31
N ALA G 942 -1.76 -41.20 3.64
CA ALA G 942 -2.37 -40.14 4.44
C ALA G 942 -1.61 -38.83 4.26
N SER G 943 -2.35 -37.72 4.31
CA SER G 943 -1.82 -36.37 4.18
C SER G 943 -1.64 -35.68 5.52
N ALA G 944 -1.20 -36.41 6.56
CA ALA G 944 -1.13 -35.85 7.90
C ALA G 944 -0.19 -34.66 7.99
N LEU G 945 0.77 -34.54 7.07
CA LEU G 945 1.74 -33.46 7.08
C LEU G 945 1.24 -32.21 6.34
N GLY G 946 -0.07 -32.04 6.22
CA GLY G 946 -0.59 -30.92 5.47
C GLY G 946 -0.25 -29.57 6.09
N LYS G 947 0.02 -29.54 7.39
CA LYS G 947 0.30 -28.27 8.04
C LYS G 947 1.61 -27.65 7.58
N LEU G 948 2.62 -28.47 7.27
CA LEU G 948 3.88 -27.99 6.74
C LEU G 948 3.82 -27.77 5.24
N GLN G 949 3.10 -28.65 4.54
CA GLN G 949 2.92 -28.48 3.11
C GLN G 949 2.16 -27.19 2.81
N ASP G 950 1.28 -26.76 3.72
CA ASP G 950 0.60 -25.49 3.54
C ASP G 950 1.58 -24.33 3.59
N VAL G 951 2.56 -24.38 4.50
CA VAL G 951 3.58 -23.35 4.56
C VAL G 951 4.38 -23.31 3.27
N VAL G 952 4.79 -24.50 2.80
CA VAL G 952 5.59 -24.57 1.58
C VAL G 952 4.78 -24.03 0.39
N ASN G 953 3.51 -24.43 0.30
CA ASN G 953 2.68 -23.99 -0.82
C ASN G 953 2.42 -22.49 -0.76
N GLN G 954 2.21 -21.95 0.44
CA GLN G 954 1.99 -20.51 0.56
C GLN G 954 3.22 -19.73 0.12
N ASN G 955 4.41 -20.17 0.55
CA ASN G 955 5.63 -19.50 0.11
C ASN G 955 5.79 -19.59 -1.41
N ALA G 956 5.55 -20.77 -1.97
CA ALA G 956 5.72 -20.96 -3.40
C ALA G 956 4.74 -20.08 -4.19
N GLN G 957 3.47 -20.03 -3.77
CA GLN G 957 2.50 -19.25 -4.51
C GLN G 957 2.74 -17.76 -4.32
N ALA G 958 3.22 -17.33 -3.15
CA ALA G 958 3.57 -15.93 -2.98
C ALA G 958 4.70 -15.54 -3.91
N LEU G 959 5.74 -16.37 -4.02
CA LEU G 959 6.83 -16.08 -4.94
C LEU G 959 6.36 -16.08 -6.38
N ASN G 960 5.49 -17.03 -6.73
CA ASN G 960 4.99 -17.09 -8.11
C ASN G 960 4.15 -15.85 -8.44
N THR G 961 3.33 -15.40 -7.51
CA THR G 961 2.56 -14.19 -7.73
C THR G 961 3.46 -12.98 -7.86
N LEU G 962 4.53 -12.93 -7.05
CA LEU G 962 5.48 -11.83 -7.18
C LEU G 962 6.15 -11.83 -8.55
N VAL G 963 6.52 -13.02 -9.04
CA VAL G 963 7.19 -13.10 -10.33
C VAL G 963 6.24 -12.72 -11.46
N LYS G 964 5.00 -13.22 -11.40
CA LYS G 964 4.06 -12.98 -12.50
C LYS G 964 3.68 -11.51 -12.60
N GLN G 965 3.82 -10.75 -11.51
CA GLN G 965 3.50 -9.33 -11.57
C GLN G 965 4.46 -8.56 -12.49
N LEU G 966 5.64 -9.11 -12.75
CA LEU G 966 6.56 -8.46 -13.68
C LEU G 966 6.03 -8.41 -15.10
N SER G 967 5.13 -9.33 -15.47
CA SER G 967 4.58 -9.36 -16.82
C SER G 967 3.40 -8.42 -17.01
N SER G 968 2.97 -7.71 -15.97
CA SER G 968 1.82 -6.83 -16.08
C SER G 968 2.24 -5.47 -16.62
N ASN G 969 1.36 -4.87 -17.43
CA ASN G 969 1.63 -3.57 -18.02
C ASN G 969 1.53 -2.43 -17.02
N PHE G 970 0.54 -2.47 -16.14
CA PHE G 970 0.23 -1.36 -15.24
C PHE G 970 -0.04 -0.07 -16.02
N GLY G 971 -0.65 -0.21 -17.19
CA GLY G 971 -0.95 0.92 -18.04
C GLY G 971 0.18 1.35 -18.95
N ALA G 972 1.35 0.75 -18.83
CA ALA G 972 2.46 1.10 -19.71
C ALA G 972 2.28 0.46 -21.08
N ILE G 973 3.05 0.96 -22.05
CA ILE G 973 2.97 0.42 -23.41
C ILE G 973 3.45 -1.02 -23.46
N SER G 974 4.35 -1.42 -22.58
CA SER G 974 4.87 -2.78 -22.56
C SER G 974 5.24 -3.15 -21.13
N SER G 975 5.24 -4.46 -20.86
CA SER G 975 5.55 -4.95 -19.52
C SER G 975 7.03 -5.22 -19.30
N VAL G 976 7.86 -5.13 -20.35
CA VAL G 976 9.30 -5.36 -20.25
C VAL G 976 10.01 -4.06 -20.56
N LEU G 977 11.01 -3.73 -19.73
CA LEU G 977 11.61 -2.40 -19.78
C LEU G 977 12.50 -2.21 -21.00
N ASN G 978 13.08 -3.30 -21.52
CA ASN G 978 13.99 -3.16 -22.64
C ASN G 978 13.27 -2.63 -23.87
N ASP G 979 12.03 -3.05 -24.10
CA ASP G 979 11.26 -2.52 -25.22
C ASP G 979 11.00 -1.03 -25.05
N ILE G 980 10.68 -0.60 -23.82
CA ILE G 980 10.42 0.81 -23.58
C ILE G 980 11.68 1.63 -23.81
N LEU G 981 12.82 1.14 -23.30
CA LEU G 981 14.05 1.88 -23.42
C LEU G 981 14.61 1.89 -24.83
N SER G 982 14.30 0.87 -25.64
CA SER G 982 14.72 0.85 -27.03
C SER G 982 13.77 1.59 -27.95
N ARG G 983 12.49 1.69 -27.59
CA ARG G 983 11.51 2.30 -28.47
C ARG G 983 11.43 3.80 -28.31
N LEU G 984 11.50 4.30 -27.07
CA LEU G 984 11.12 5.67 -26.75
C LEU G 984 12.33 6.48 -26.28
N ASP G 985 12.25 7.79 -26.50
CA ASP G 985 13.24 8.71 -26.02
C ASP G 985 13.10 8.87 -24.49
N PRO G 986 14.10 9.45 -23.83
CA PRO G 986 14.04 9.61 -22.37
C PRO G 986 12.80 10.32 -21.87
N PRO G 987 12.35 11.43 -22.49
CA PRO G 987 11.17 12.12 -21.91
C PRO G 987 9.90 11.28 -21.88
N GLU G 988 9.66 10.41 -22.85
CA GLU G 988 8.49 9.54 -22.84
C GLU G 988 8.77 8.22 -22.13
N ALA G 989 10.00 7.72 -22.26
CA ALA G 989 10.39 6.52 -21.55
C ALA G 989 10.25 6.71 -20.05
N GLU G 990 10.60 7.91 -19.55
CA GLU G 990 10.43 8.17 -18.13
C GLU G 990 8.97 8.14 -17.72
N VAL G 991 8.07 8.67 -18.56
CA VAL G 991 6.65 8.63 -18.24
C VAL G 991 6.15 7.19 -18.13
N GLN G 992 6.57 6.34 -19.07
CA GLN G 992 6.17 4.93 -18.98
C GLN G 992 6.80 4.26 -17.77
N ILE G 993 8.07 4.53 -17.53
CA ILE G 993 8.82 3.87 -16.47
C ILE G 993 8.27 4.24 -15.11
N ASP G 994 7.72 5.46 -14.98
CA ASP G 994 7.17 5.87 -13.70
C ASP G 994 6.01 4.98 -13.27
N ARG G 995 5.04 4.77 -14.16
CA ARG G 995 3.92 3.91 -13.80
C ARG G 995 4.36 2.45 -13.68
N LEU G 996 5.32 2.02 -14.49
CA LEU G 996 5.81 0.65 -14.35
C LEU G 996 6.47 0.44 -12.99
N ILE G 997 7.28 1.41 -12.55
CA ILE G 997 7.91 1.36 -11.23
C ILE G 997 6.84 1.36 -10.15
N THR G 998 5.82 2.20 -10.31
CA THR G 998 4.77 2.28 -9.30
C THR G 998 4.08 0.93 -9.14
N GLY G 999 3.74 0.28 -10.25
CA GLY G 999 3.10 -1.03 -10.16
C GLY G 999 4.01 -2.08 -9.53
N ARG G 1000 5.26 -2.15 -9.98
CA ARG G 1000 6.16 -3.18 -9.45
C ARG G 1000 6.46 -2.94 -7.97
N LEU G 1001 6.63 -1.68 -7.58
CA LEU G 1001 6.89 -1.35 -6.19
C LEU G 1001 5.69 -1.70 -5.32
N GLN G 1002 4.48 -1.42 -5.81
CA GLN G 1002 3.29 -1.79 -5.05
C GLN G 1002 3.20 -3.30 -4.89
N SER G 1003 3.50 -4.05 -5.95
CA SER G 1003 3.49 -5.51 -5.84
C SER G 1003 4.50 -5.99 -4.82
N LEU G 1004 5.71 -5.44 -4.83
CA LEU G 1004 6.73 -5.85 -3.88
C LEU G 1004 6.33 -5.48 -2.45
N GLN G 1005 5.72 -4.32 -2.26
CA GLN G 1005 5.26 -3.93 -0.92
C GLN G 1005 4.19 -4.88 -0.42
N THR G 1006 3.24 -5.26 -1.28
CA THR G 1006 2.22 -6.22 -0.86
C THR G 1006 2.85 -7.56 -0.50
N TYR G 1007 3.83 -8.00 -1.30
CA TYR G 1007 4.50 -9.26 -0.99
C TYR G 1007 5.19 -9.20 0.37
N VAL G 1008 5.88 -8.09 0.65
CA VAL G 1008 6.60 -7.99 1.91
C VAL G 1008 5.63 -7.92 3.08
N THR G 1009 4.50 -7.24 2.91
CA THR G 1009 3.51 -7.19 3.98
C THR G 1009 2.92 -8.57 4.27
N GLN G 1010 2.59 -9.31 3.20
CA GLN G 1010 2.09 -10.67 3.39
C GLN G 1010 3.14 -11.53 4.08
N GLN G 1011 4.41 -11.38 3.70
CA GLN G 1011 5.47 -12.15 4.33
C GLN G 1011 5.62 -11.79 5.80
N LEU G 1012 5.46 -10.51 6.14
CA LEU G 1012 5.56 -10.11 7.55
C LEU G 1012 4.43 -10.74 8.36
N ILE G 1013 3.21 -10.71 7.83
CA ILE G 1013 2.09 -11.31 8.57
C ILE G 1013 2.29 -12.82 8.70
N ARG G 1014 2.73 -13.47 7.62
CA ARG G 1014 2.95 -14.91 7.68
C ARG G 1014 4.10 -15.24 8.63
N ALA G 1015 5.11 -14.37 8.71
CA ALA G 1015 6.20 -14.58 9.65
C ALA G 1015 5.73 -14.45 11.07
N ALA G 1016 4.81 -13.51 11.34
CA ALA G 1016 4.22 -13.43 12.68
C ALA G 1016 3.47 -14.71 13.03
N GLU G 1017 2.70 -15.23 12.08
CA GLU G 1017 1.99 -16.49 12.31
C GLU G 1017 2.97 -17.63 12.58
N ILE G 1018 4.04 -17.72 11.77
CA ILE G 1018 5.01 -18.79 11.94
C ILE G 1018 5.75 -18.64 13.26
N ARG G 1019 6.00 -17.40 13.69
CA ARG G 1019 6.65 -17.19 14.98
C ARG G 1019 5.74 -17.64 16.12
N ALA G 1020 4.44 -17.38 16.00
CA ALA G 1020 3.52 -17.89 17.01
C ALA G 1020 3.54 -19.41 17.06
N SER G 1021 3.54 -20.05 15.88
CA SER G 1021 3.61 -21.51 15.84
C SER G 1021 4.93 -22.02 16.42
N ALA G 1022 6.03 -21.32 16.14
CA ALA G 1022 7.33 -21.76 16.64
C ALA G 1022 7.46 -21.57 18.14
N ASN G 1023 6.89 -20.50 18.67
CA ASN G 1023 6.86 -20.33 20.12
C ASN G 1023 6.04 -21.43 20.77
N LEU G 1024 4.90 -21.77 20.16
CA LEU G 1024 4.11 -22.90 20.68
C LEU G 1024 4.92 -24.19 20.62
N ALA G 1025 5.65 -24.41 19.53
CA ALA G 1025 6.45 -25.62 19.41
C ALA G 1025 7.56 -25.67 20.44
N ALA G 1026 8.21 -24.54 20.70
CA ALA G 1026 9.25 -24.50 21.72
C ALA G 1026 8.66 -24.77 23.10
N THR G 1027 7.49 -24.20 23.40
CA THR G 1027 6.85 -24.48 24.67
C THR G 1027 6.50 -25.95 24.80
N LYS G 1028 5.98 -26.55 23.71
CA LYS G 1028 5.66 -27.97 23.75
C LYS G 1028 6.91 -28.81 23.94
N MET G 1029 8.02 -28.46 23.30
CA MET G 1029 9.27 -29.16 23.53
C MET G 1029 9.65 -29.07 25.00
N SER G 1030 9.69 -27.87 25.55
CA SER G 1030 10.16 -27.67 26.91
C SER G 1030 9.29 -28.41 27.92
N GLU G 1031 7.97 -28.40 27.71
CA GLU G 1031 7.08 -28.96 28.73
C GLU G 1031 6.83 -30.45 28.53
N CYS G 1032 6.61 -30.90 27.29
CA CYS G 1032 6.30 -32.30 27.05
C CYS G 1032 7.56 -33.16 26.97
N VAL G 1033 8.59 -32.71 26.26
CA VAL G 1033 9.77 -33.54 26.05
C VAL G 1033 10.65 -33.50 27.29
N LEU G 1034 11.07 -32.31 27.69
CA LEU G 1034 11.97 -32.18 28.83
C LEU G 1034 11.27 -32.41 30.16
N GLY G 1035 9.94 -32.55 30.19
CA GLY G 1035 9.23 -32.78 31.43
C GLY G 1035 7.96 -33.58 31.22
N GLN G 1036 7.08 -33.56 32.22
CA GLN G 1036 5.76 -34.16 32.13
C GLN G 1036 4.74 -33.07 32.41
N SER G 1037 3.75 -32.94 31.54
CA SER G 1037 2.81 -31.83 31.57
C SER G 1037 1.51 -32.26 32.20
N LYS G 1038 1.07 -31.50 33.22
CA LYS G 1038 -0.25 -31.68 33.81
C LYS G 1038 -1.33 -30.93 33.04
N ARG G 1039 -0.96 -30.16 32.01
CA ARG G 1039 -1.93 -29.37 31.25
C ARG G 1039 -2.73 -30.30 30.36
N VAL G 1040 -4.06 -30.20 30.43
CA VAL G 1040 -4.91 -31.14 29.73
C VAL G 1040 -4.90 -30.84 28.24
N ASP G 1041 -4.68 -31.87 27.43
CA ASP G 1041 -4.68 -31.81 25.97
C ASP G 1041 -3.60 -30.89 25.41
N PHE G 1042 -2.62 -30.50 26.22
CA PHE G 1042 -1.48 -29.75 25.68
C PHE G 1042 -0.54 -30.68 24.94
N CYS G 1043 -0.07 -31.73 25.63
CA CYS G 1043 0.79 -32.74 25.02
C CYS G 1043 -0.04 -33.97 24.64
N GLY G 1044 -0.99 -33.81 23.72
CA GLY G 1044 -1.79 -34.91 23.26
C GLY G 1044 -2.95 -35.24 24.17
N LYS G 1045 -3.95 -35.95 23.63
CA LYS G 1045 -5.12 -36.31 24.42
C LYS G 1045 -4.78 -37.39 25.45
N GLY G 1046 -5.50 -37.37 26.56
CA GLY G 1046 -5.23 -38.27 27.66
C GLY G 1046 -4.22 -37.71 28.63
N TYR G 1047 -3.89 -38.51 29.63
CA TYR G 1047 -2.87 -38.10 30.60
C TYR G 1047 -1.49 -38.29 30.00
N HIS G 1048 -0.73 -37.20 29.94
CA HIS G 1048 0.57 -37.22 29.29
C HIS G 1048 1.57 -38.04 30.09
N LEU G 1049 2.34 -38.88 29.39
CA LEU G 1049 3.45 -39.61 29.98
C LEU G 1049 4.79 -39.02 29.54
N MET G 1050 5.01 -38.94 28.24
CA MET G 1050 6.25 -38.37 27.71
C MET G 1050 6.07 -38.18 26.21
N SER G 1051 6.99 -37.43 25.60
CA SER G 1051 6.92 -37.09 24.19
C SER G 1051 8.29 -37.25 23.55
N PHE G 1052 8.28 -37.44 22.23
CA PHE G 1052 9.47 -37.65 21.43
C PHE G 1052 9.49 -36.67 20.28
N PRO G 1053 10.47 -35.77 20.18
CA PRO G 1053 10.50 -34.86 19.03
C PRO G 1053 11.09 -35.54 17.80
N GLN G 1054 10.52 -35.22 16.64
CA GLN G 1054 10.99 -35.72 15.36
C GLN G 1054 11.08 -34.57 14.38
N SER G 1055 12.23 -34.46 13.72
CA SER G 1055 12.43 -33.38 12.76
C SER G 1055 11.59 -33.60 11.51
N ALA G 1056 11.07 -32.50 10.98
CA ALA G 1056 10.36 -32.50 9.71
C ALA G 1056 10.78 -31.26 8.94
N PRO G 1057 10.57 -31.23 7.63
CA PRO G 1057 10.96 -30.04 6.86
C PRO G 1057 10.19 -28.81 7.30
N HIS G 1058 10.92 -27.79 7.73
CA HIS G 1058 10.35 -26.52 8.18
C HIS G 1058 9.41 -26.71 9.36
N GLY G 1059 9.67 -27.69 10.22
CA GLY G 1059 8.78 -27.94 11.33
C GLY G 1059 9.33 -29.01 12.25
N VAL G 1060 8.49 -29.41 13.19
CA VAL G 1060 8.82 -30.43 14.18
C VAL G 1060 7.58 -31.27 14.43
N VAL G 1061 7.80 -32.55 14.74
CA VAL G 1061 6.73 -33.51 14.98
C VAL G 1061 6.95 -34.13 16.35
N PHE G 1062 5.92 -34.07 17.20
CA PHE G 1062 5.95 -34.64 18.53
C PHE G 1062 5.12 -35.92 18.54
N LEU G 1063 5.68 -36.98 19.14
CA LEU G 1063 4.96 -38.23 19.34
C LEU G 1063 4.55 -38.29 20.81
N HIS G 1064 3.35 -37.84 21.11
CA HIS G 1064 2.89 -37.73 22.49
C HIS G 1064 2.43 -39.09 23.00
N VAL G 1065 3.20 -39.68 23.89
CA VAL G 1065 2.80 -40.91 24.56
C VAL G 1065 1.90 -40.53 25.74
N THR G 1066 0.70 -41.09 25.77
CA THR G 1066 -0.31 -40.72 26.75
C THR G 1066 -0.99 -41.97 27.31
N TYR G 1067 -1.54 -41.82 28.51
CA TYR G 1067 -2.24 -42.90 29.20
C TYR G 1067 -3.74 -42.69 29.03
N VAL G 1068 -4.39 -43.61 28.35
CA VAL G 1068 -5.82 -43.56 28.06
C VAL G 1068 -6.49 -44.73 28.80
N PRO G 1069 -7.31 -44.49 29.82
CA PRO G 1069 -7.97 -45.63 30.48
C PRO G 1069 -9.04 -46.25 29.59
N ALA G 1070 -9.39 -47.49 29.90
CA ALA G 1070 -10.31 -48.26 29.07
C ALA G 1070 -11.03 -49.31 29.89
N GLN G 1071 -12.15 -49.78 29.34
CA GLN G 1071 -13.00 -50.85 29.90
C GLN G 1071 -13.27 -50.64 31.39
N GLU G 1072 -13.99 -49.56 31.68
CA GLU G 1072 -14.39 -49.26 33.04
C GLU G 1072 -15.52 -50.18 33.50
N LYS G 1073 -15.75 -50.16 34.81
CA LYS G 1073 -16.80 -50.95 35.45
C LYS G 1073 -17.62 -50.08 36.38
N ASN G 1074 -18.94 -50.26 36.34
CA ASN G 1074 -19.83 -49.58 37.28
C ASN G 1074 -19.55 -50.04 38.70
N PHE G 1075 -19.65 -49.10 39.65
CA PHE G 1075 -19.55 -49.44 41.07
C PHE G 1075 -20.41 -48.48 41.88
N THR G 1076 -20.90 -48.96 43.01
CA THR G 1076 -21.50 -48.10 44.01
C THR G 1076 -20.40 -47.47 44.86
N THR G 1077 -20.66 -46.26 45.34
CA THR G 1077 -19.64 -45.50 46.07
C THR G 1077 -20.33 -44.67 47.16
N ALA G 1078 -19.52 -44.26 48.14
CA ALA G 1078 -19.96 -43.41 49.23
C ALA G 1078 -18.88 -42.38 49.51
N PRO G 1079 -19.24 -41.17 49.97
CA PRO G 1079 -18.19 -40.22 50.35
C PRO G 1079 -17.27 -40.72 51.46
N ALA G 1080 -17.79 -41.43 52.45
CA ALA G 1080 -16.98 -41.82 53.59
C ALA G 1080 -17.63 -42.97 54.32
N ILE G 1081 -16.85 -43.58 55.22
CA ILE G 1081 -17.23 -44.78 55.96
C ILE G 1081 -17.39 -44.40 57.42
N CYS G 1082 -18.44 -44.93 58.06
CA CYS G 1082 -18.70 -44.68 59.47
C CYS G 1082 -18.24 -45.88 60.29
N HIS G 1083 -17.07 -45.74 60.92
CA HIS G 1083 -16.62 -46.65 61.96
C HIS G 1083 -17.25 -46.19 63.25
N ASP G 1084 -16.72 -46.59 64.42
CA ASP G 1084 -17.46 -46.46 65.67
C ASP G 1084 -17.61 -44.99 66.05
N GLY G 1085 -18.59 -44.33 65.43
CA GLY G 1085 -18.91 -42.95 65.76
C GLY G 1085 -18.05 -41.90 65.10
N LYS G 1086 -17.24 -42.27 64.11
CA LYS G 1086 -16.33 -41.36 63.44
C LYS G 1086 -16.31 -41.67 61.95
N ALA G 1087 -16.22 -40.62 61.14
CA ALA G 1087 -16.26 -40.75 59.69
C ALA G 1087 -14.85 -40.92 59.14
N HIS G 1088 -14.66 -41.93 58.31
CA HIS G 1088 -13.37 -42.22 57.69
C HIS G 1088 -13.43 -41.81 56.23
N PHE G 1089 -12.44 -41.02 55.81
CA PHE G 1089 -12.29 -40.56 54.44
C PHE G 1089 -11.07 -41.22 53.81
N PRO G 1090 -11.04 -41.38 52.49
CA PRO G 1090 -9.91 -42.11 51.88
C PRO G 1090 -8.66 -41.23 51.88
N ARG G 1091 -7.55 -41.83 52.31
CA ARG G 1091 -6.28 -41.10 52.30
C ARG G 1091 -5.91 -40.68 50.88
N GLU G 1092 -6.05 -41.60 49.94
CA GLU G 1092 -5.91 -41.29 48.53
C GLU G 1092 -6.61 -42.39 47.74
N GLY G 1093 -7.49 -41.98 46.84
CA GLY G 1093 -8.36 -42.89 46.14
C GLY G 1093 -9.83 -42.59 46.42
N VAL G 1094 -10.63 -43.65 46.38
CA VAL G 1094 -12.08 -43.52 46.48
C VAL G 1094 -12.66 -44.82 47.01
N PHE G 1095 -13.69 -44.69 47.84
CA PHE G 1095 -14.40 -45.86 48.36
C PHE G 1095 -15.27 -46.47 47.26
N VAL G 1096 -15.27 -47.80 47.20
CA VAL G 1096 -15.88 -48.54 46.11
C VAL G 1096 -16.50 -49.81 46.67
N SER G 1097 -17.66 -50.18 46.12
CA SER G 1097 -18.35 -51.41 46.49
C SER G 1097 -18.60 -52.27 45.27
N ASN G 1098 -18.36 -53.57 45.40
CA ASN G 1098 -18.72 -54.54 44.39
C ASN G 1098 -20.10 -55.15 44.63
N GLY G 1099 -20.98 -54.44 45.33
CA GLY G 1099 -22.29 -54.94 45.68
C GLY G 1099 -22.38 -55.58 47.05
N THR G 1100 -21.30 -56.19 47.53
CA THR G 1100 -21.28 -56.86 48.83
C THR G 1100 -20.33 -56.18 49.81
N HIS G 1101 -19.06 -56.03 49.46
CA HIS G 1101 -18.05 -55.44 50.33
C HIS G 1101 -17.76 -54.02 49.88
N TRP G 1102 -16.90 -53.35 50.64
CA TRP G 1102 -16.42 -52.01 50.34
C TRP G 1102 -14.90 -52.01 50.30
N PHE G 1103 -14.32 -51.29 49.34
CA PHE G 1103 -12.88 -51.24 49.15
C PHE G 1103 -12.44 -49.82 48.82
N VAL G 1104 -11.20 -49.52 49.15
CA VAL G 1104 -10.52 -48.32 48.69
C VAL G 1104 -9.73 -48.67 47.44
N THR G 1105 -9.75 -47.77 46.46
CA THR G 1105 -9.01 -47.97 45.22
C THR G 1105 -8.59 -46.63 44.67
N GLN G 1106 -7.43 -46.63 44.01
CA GLN G 1106 -6.97 -45.43 43.32
C GLN G 1106 -7.94 -45.09 42.20
N ARG G 1107 -8.12 -43.78 41.97
CA ARG G 1107 -9.19 -43.32 41.10
C ARG G 1107 -8.99 -43.72 39.64
N ASN G 1108 -7.75 -43.76 39.17
CA ASN G 1108 -7.46 -43.94 37.75
C ASN G 1108 -7.24 -45.39 37.35
N PHE G 1109 -7.34 -46.34 38.28
CA PHE G 1109 -7.13 -47.74 37.94
C PHE G 1109 -7.74 -48.61 39.03
N TYR G 1110 -8.48 -49.63 38.64
CA TYR G 1110 -9.22 -50.44 39.61
C TYR G 1110 -8.27 -51.41 40.31
N GLU G 1111 -7.95 -51.12 41.56
CA GLU G 1111 -7.08 -51.96 42.37
C GLU G 1111 -7.64 -51.97 43.79
N PRO G 1112 -8.58 -52.87 44.09
CA PRO G 1112 -9.18 -52.87 45.43
C PRO G 1112 -8.17 -53.14 46.54
N GLN G 1113 -8.40 -52.50 47.68
CA GLN G 1113 -7.65 -52.77 48.89
C GLN G 1113 -8.62 -52.80 50.06
N ILE G 1114 -8.29 -53.61 51.07
CA ILE G 1114 -9.10 -53.65 52.27
C ILE G 1114 -9.05 -52.29 52.94
N ILE G 1115 -10.20 -51.83 53.43
CA ILE G 1115 -10.27 -50.54 54.10
C ILE G 1115 -9.60 -50.67 55.46
N THR G 1116 -8.59 -49.84 55.71
CA THR G 1116 -7.82 -49.89 56.94
C THR G 1116 -7.57 -48.47 57.43
N THR G 1117 -7.07 -48.38 58.66
CA THR G 1117 -6.69 -47.08 59.20
C THR G 1117 -5.53 -46.45 58.45
N ASP G 1118 -4.71 -47.26 57.77
CA ASP G 1118 -3.55 -46.71 57.06
C ASP G 1118 -3.96 -45.94 55.82
N ASN G 1119 -4.88 -46.50 55.02
CA ASN G 1119 -5.30 -45.87 53.78
C ASN G 1119 -6.54 -45.00 53.92
N THR G 1120 -6.90 -44.63 55.15
CA THR G 1120 -7.99 -43.70 55.42
C THR G 1120 -7.59 -42.79 56.57
N PHE G 1121 -8.21 -41.62 56.62
CA PHE G 1121 -8.05 -40.69 57.72
C PHE G 1121 -9.42 -40.29 58.25
N VAL G 1122 -9.46 -39.94 59.52
CA VAL G 1122 -10.70 -39.74 60.26
C VAL G 1122 -10.86 -38.25 60.58
N SER G 1123 -12.08 -37.76 60.44
CA SER G 1123 -12.37 -36.35 60.71
C SER G 1123 -13.84 -36.21 61.08
N GLY G 1124 -14.11 -36.08 62.37
CA GLY G 1124 -15.45 -35.75 62.83
C GLY G 1124 -16.36 -36.98 62.93
N ASN G 1125 -17.57 -36.72 63.42
CA ASN G 1125 -18.57 -37.76 63.58
C ASN G 1125 -19.32 -37.99 62.26
N CYS G 1126 -20.11 -39.07 62.25
CA CYS G 1126 -20.70 -39.53 61.00
C CYS G 1126 -21.87 -38.67 60.54
N ASP G 1127 -22.63 -38.09 61.48
CA ASP G 1127 -23.90 -37.45 61.12
C ASP G 1127 -23.73 -36.18 60.29
N VAL G 1128 -22.56 -35.55 60.28
CA VAL G 1128 -22.42 -34.27 59.59
C VAL G 1128 -22.32 -34.43 58.08
N VAL G 1129 -21.94 -35.61 57.59
CA VAL G 1129 -21.72 -35.85 56.17
C VAL G 1129 -22.91 -36.59 55.59
N ILE G 1130 -23.34 -36.17 54.41
CA ILE G 1130 -24.40 -36.87 53.68
C ILE G 1130 -23.78 -37.90 52.75
N GLY G 1131 -24.44 -39.04 52.60
CA GLY G 1131 -23.93 -40.14 51.81
C GLY G 1131 -23.13 -41.17 52.59
N ILE G 1132 -22.98 -40.99 53.90
CA ILE G 1132 -22.27 -41.97 54.73
C ILE G 1132 -22.92 -43.34 54.64
N VAL G 1133 -22.08 -44.38 54.69
CA VAL G 1133 -22.49 -45.77 54.70
C VAL G 1133 -21.74 -46.49 55.80
N ASN G 1134 -22.45 -47.29 56.59
CA ASN G 1134 -21.82 -48.03 57.68
C ASN G 1134 -20.88 -49.09 57.12
N ASN G 1135 -19.71 -49.22 57.74
CA ASN G 1135 -18.82 -50.34 57.48
C ASN G 1135 -17.71 -50.35 58.52
N THR G 1136 -17.16 -51.54 58.75
CA THR G 1136 -16.01 -51.68 59.62
C THR G 1136 -14.73 -51.30 58.89
N VAL G 1137 -13.82 -50.65 59.61
CA VAL G 1137 -12.49 -50.32 59.14
C VAL G 1137 -11.49 -51.08 59.99
N TYR G 1138 -10.68 -51.93 59.37
CA TYR G 1138 -9.80 -52.81 60.11
C TYR G 1138 -8.58 -52.06 60.61
N ASP G 1139 -8.12 -52.43 61.80
CA ASP G 1139 -6.96 -51.80 62.42
C ASP G 1139 -5.75 -52.70 62.19
N PRO G 1140 -4.79 -52.32 61.33
CA PRO G 1140 -3.61 -53.17 61.15
C PRO G 1140 -2.66 -53.16 62.34
N LEU G 1141 -2.87 -52.27 63.32
CA LEU G 1141 -2.01 -52.22 64.49
C LEU G 1141 -2.34 -53.29 65.53
N GLN G 1142 -3.51 -53.92 65.44
CA GLN G 1142 -3.84 -54.99 66.38
C GLN G 1142 -4.78 -56.07 65.82
N PRO G 1143 -4.50 -56.68 64.67
CA PRO G 1143 -5.25 -57.89 64.30
C PRO G 1143 -4.76 -59.12 65.04
N GLU G 1144 -3.45 -59.24 65.24
CA GLU G 1144 -2.85 -60.31 66.03
C GLU G 1144 -1.83 -59.76 67.03
N LEU G 1145 -1.33 -58.54 66.78
CA LEU G 1145 -0.14 -58.06 67.46
C LEU G 1145 -0.45 -57.52 68.84
N ASP G 1146 -0.84 -58.41 69.75
CA ASP G 1146 -1.01 -58.09 71.16
C ASP G 1146 -0.01 -58.89 71.99
N SER G 1147 0.55 -58.24 73.00
CA SER G 1147 1.59 -58.84 73.84
C SER G 1147 1.46 -58.38 75.28
N GLN H 1 29.49 -24.78 -57.88
CA GLN H 1 28.54 -25.93 -57.79
C GLN H 1 28.69 -26.63 -56.44
N VAL H 2 27.73 -27.49 -56.11
CA VAL H 2 27.67 -28.06 -54.76
C VAL H 2 28.84 -29.02 -54.56
N GLN H 3 29.59 -28.81 -53.48
CA GLN H 3 30.73 -29.66 -53.18
C GLN H 3 30.95 -29.69 -51.67
N LEU H 4 31.27 -30.88 -51.17
CA LEU H 4 31.59 -31.11 -49.77
C LEU H 4 33.01 -31.63 -49.68
N VAL H 5 33.79 -31.08 -48.75
CA VAL H 5 35.22 -31.36 -48.62
C VAL H 5 35.47 -31.77 -47.17
N GLU H 6 35.90 -33.02 -46.96
CA GLU H 6 36.26 -33.48 -45.62
C GLU H 6 37.74 -33.24 -45.36
N SER H 7 38.09 -33.23 -44.07
CA SER H 7 39.48 -33.05 -43.66
C SER H 7 39.63 -33.55 -42.23
N GLY H 8 40.88 -33.82 -41.86
CA GLY H 8 41.21 -34.24 -40.51
C GLY H 8 41.44 -35.74 -40.34
N GLY H 9 41.28 -36.53 -41.40
CA GLY H 9 41.51 -37.97 -41.28
C GLY H 9 43.00 -38.29 -41.24
N GLY H 10 43.32 -39.36 -40.54
CA GLY H 10 44.71 -39.76 -40.41
C GLY H 10 44.86 -40.94 -39.49
N VAL H 11 46.13 -41.27 -39.20
CA VAL H 11 46.44 -42.42 -38.38
C VAL H 11 46.11 -42.11 -36.93
N VAL H 12 45.66 -43.12 -36.20
CA VAL H 12 45.37 -42.98 -34.78
C VAL H 12 45.52 -44.35 -34.15
N GLN H 13 46.01 -44.37 -32.94
CA GLN H 13 46.04 -45.63 -32.22
C GLN H 13 44.63 -46.00 -31.75
N PRO H 14 44.39 -47.27 -31.44
CA PRO H 14 43.15 -47.60 -30.74
C PRO H 14 43.06 -46.84 -29.43
N GLY H 15 41.86 -46.37 -29.11
CA GLY H 15 41.56 -45.86 -27.80
C GLY H 15 41.76 -44.37 -27.58
N ARG H 16 42.39 -43.63 -28.51
CA ARG H 16 42.53 -42.19 -28.32
C ARG H 16 41.28 -41.54 -28.94
N SER H 17 41.33 -40.22 -29.20
CA SER H 17 40.22 -39.47 -29.77
C SER H 17 40.69 -38.72 -31.01
N LEU H 18 39.72 -38.30 -31.82
CA LEU H 18 40.00 -37.62 -33.09
C LEU H 18 38.78 -36.82 -33.49
N ARG H 19 38.98 -35.89 -34.44
CA ARG H 19 37.94 -34.95 -34.87
C ARG H 19 38.11 -34.63 -36.35
N LEU H 20 37.17 -35.08 -37.19
CA LEU H 20 37.10 -34.62 -38.57
C LEU H 20 36.38 -33.28 -38.69
N SER H 21 36.59 -32.64 -39.85
CA SER H 21 35.87 -31.44 -40.24
C SER H 21 35.42 -31.59 -41.68
N CYS H 22 34.28 -30.98 -42.00
CA CYS H 22 33.71 -30.99 -43.34
C CYS H 22 33.46 -29.55 -43.75
N GLU H 23 33.82 -29.21 -44.98
CA GLU H 23 33.61 -27.88 -45.55
C GLU H 23 32.57 -28.01 -46.67
N ALA H 24 31.56 -27.15 -46.61
CA ALA H 24 30.46 -27.15 -47.57
C ALA H 24 30.34 -25.80 -48.25
N SER H 25 30.04 -25.82 -49.54
CA SER H 25 29.90 -24.60 -50.31
C SER H 25 29.02 -24.87 -51.52
N GLY H 26 28.55 -23.78 -52.14
CA GLY H 26 27.71 -23.88 -53.32
C GLY H 26 26.23 -24.03 -53.05
N PHE H 27 25.80 -24.04 -51.79
CA PHE H 27 24.39 -24.17 -51.45
C PHE H 27 24.15 -23.57 -50.07
N THR H 28 22.88 -23.38 -49.74
CA THR H 28 22.50 -22.85 -48.44
C THR H 28 22.73 -23.89 -47.36
N PHE H 29 23.87 -23.79 -46.67
CA PHE H 29 24.27 -24.83 -45.72
C PHE H 29 23.29 -24.93 -44.55
N ASN H 30 22.84 -23.79 -44.04
CA ASN H 30 22.12 -23.79 -42.77
C ASN H 30 20.70 -24.34 -42.87
N THR H 31 20.21 -24.64 -44.07
CA THR H 31 18.85 -25.17 -44.25
C THR H 31 18.81 -26.64 -44.63
N TYR H 32 19.96 -27.31 -44.79
CA TYR H 32 20.02 -28.70 -45.20
C TYR H 32 20.45 -29.58 -44.03
N ASP H 33 19.80 -30.72 -43.86
CA ASP H 33 20.23 -31.69 -42.89
C ASP H 33 21.50 -32.37 -43.39
N MET H 34 22.36 -32.80 -42.46
CA MET H 34 23.69 -33.30 -42.79
C MET H 34 23.92 -34.68 -42.18
N HIS H 35 24.56 -35.54 -42.97
CA HIS H 35 24.82 -36.93 -42.64
C HIS H 35 26.32 -37.18 -42.55
N TRP H 36 26.68 -38.21 -41.80
CA TRP H 36 28.02 -38.81 -41.86
C TRP H 36 27.89 -40.29 -42.21
N ALA H 37 28.79 -40.77 -43.06
CA ALA H 37 28.83 -42.17 -43.45
C ALA H 37 30.29 -42.59 -43.60
N ARG H 38 30.53 -43.89 -43.46
CA ARG H 38 31.86 -44.46 -43.55
C ARG H 38 31.80 -45.75 -44.37
N GLN H 39 32.96 -46.10 -44.94
CA GLN H 39 33.09 -47.31 -45.75
C GLN H 39 34.37 -48.01 -45.34
N ALA H 40 34.23 -49.16 -44.70
CA ALA H 40 35.40 -49.98 -44.38
C ALA H 40 36.07 -50.43 -45.68
N PRO H 41 37.38 -50.68 -45.66
CA PRO H 41 38.08 -50.88 -46.93
C PRO H 41 37.69 -52.21 -47.58
N GLY H 42 37.22 -52.12 -48.82
CA GLY H 42 36.75 -53.29 -49.54
C GLY H 42 35.37 -53.76 -49.15
N LYS H 43 34.64 -53.01 -48.33
CA LYS H 43 33.33 -53.39 -47.83
C LYS H 43 32.30 -52.33 -48.20
N GLY H 44 31.04 -52.63 -47.91
CA GLY H 44 29.95 -51.74 -48.26
C GLY H 44 29.88 -50.53 -47.34
N LEU H 45 28.94 -49.64 -47.67
CA LEU H 45 28.76 -48.41 -46.93
C LEU H 45 28.10 -48.67 -45.59
N GLU H 46 28.30 -47.74 -44.65
CA GLU H 46 27.67 -47.78 -43.34
C GLU H 46 27.30 -46.37 -42.92
N TRP H 47 26.04 -46.16 -42.57
CA TRP H 47 25.59 -44.85 -42.09
C TRP H 47 26.06 -44.64 -40.66
N VAL H 48 26.64 -43.47 -40.40
CA VAL H 48 27.26 -43.19 -39.11
C VAL H 48 26.33 -42.35 -38.23
N ALA H 49 26.01 -41.15 -38.69
CA ALA H 49 25.22 -40.22 -37.89
C ALA H 49 24.60 -39.15 -38.77
N VAL H 50 23.64 -38.43 -38.20
CA VAL H 50 22.95 -37.34 -38.89
C VAL H 50 22.62 -36.25 -37.87
N ILE H 51 22.65 -35.01 -38.34
CA ILE H 51 22.32 -33.84 -37.54
C ILE H 51 21.41 -32.94 -38.34
N TRP H 52 20.40 -32.36 -37.68
CA TRP H 52 19.45 -31.52 -38.39
C TRP H 52 20.10 -30.21 -38.81
N TYR H 53 19.35 -29.42 -39.57
CA TYR H 53 19.86 -28.16 -40.12
C TYR H 53 20.30 -27.20 -39.02
N ASP H 54 19.59 -27.19 -37.89
CA ASP H 54 19.90 -26.30 -36.78
C ASP H 54 20.62 -27.00 -35.63
N GLY H 55 20.86 -28.30 -35.73
CA GLY H 55 21.50 -29.01 -34.64
C GLY H 55 20.60 -29.27 -33.46
N SER H 56 19.28 -29.21 -33.66
CA SER H 56 18.30 -29.48 -32.57
C SER H 56 18.26 -30.97 -32.28
N ASN H 57 18.02 -31.81 -33.30
CA ASN H 57 17.89 -33.29 -33.13
C ASN H 57 19.09 -34.01 -33.74
N LYS H 58 19.83 -34.80 -32.94
CA LYS H 58 20.95 -35.65 -33.42
C LYS H 58 20.76 -37.15 -33.31
N PHE H 59 21.18 -37.95 -34.30
CA PHE H 59 21.01 -39.40 -34.30
C PHE H 59 22.29 -40.09 -34.74
N TYR H 60 22.50 -41.28 -34.20
CA TYR H 60 23.72 -42.05 -34.41
C TYR H 60 23.37 -43.51 -34.68
N ALA H 61 24.28 -44.20 -35.35
CA ALA H 61 24.12 -45.64 -35.55
C ALA H 61 24.42 -46.40 -34.27
N ASP H 62 23.87 -47.60 -34.17
CA ASP H 62 24.08 -48.42 -32.98
C ASP H 62 25.55 -48.84 -32.84
N SER H 63 26.28 -48.96 -33.95
CA SER H 63 27.70 -49.26 -33.87
C SER H 63 28.50 -48.12 -33.27
N VAL H 64 27.92 -46.92 -33.20
CA VAL H 64 28.61 -45.72 -32.71
C VAL H 64 27.79 -44.98 -31.67
N LYS H 65 26.69 -45.56 -31.21
CA LYS H 65 25.83 -44.86 -30.27
C LYS H 65 26.55 -44.68 -28.94
N GLY H 66 26.64 -43.44 -28.49
CA GLY H 66 27.29 -43.10 -27.24
C GLY H 66 28.78 -42.81 -27.41
N ARG H 67 29.43 -43.45 -28.36
CA ARG H 67 30.86 -43.25 -28.54
C ARG H 67 31.15 -41.95 -29.27
N PHE H 68 30.56 -41.77 -30.45
CA PHE H 68 30.92 -40.65 -31.30
C PHE H 68 29.88 -39.54 -31.08
N THR H 69 30.21 -38.32 -31.49
CA THR H 69 29.25 -37.22 -31.43
C THR H 69 29.39 -36.33 -32.65
N ILE H 70 28.26 -35.78 -33.08
CA ILE H 70 28.13 -34.99 -34.31
C ILE H 70 27.74 -33.56 -33.94
N SER H 71 28.35 -32.59 -34.60
CA SER H 71 28.07 -31.19 -34.36
C SER H 71 28.35 -30.39 -35.63
N ARG H 72 27.84 -29.18 -35.67
CA ARG H 72 27.96 -28.32 -36.84
C ARG H 72 28.03 -26.86 -36.40
N ASP H 73 28.48 -26.02 -37.32
CA ASP H 73 28.55 -24.56 -37.12
C ASP H 73 28.09 -23.92 -38.41
N ASN H 74 26.81 -23.53 -38.46
CA ASN H 74 26.23 -22.97 -39.67
C ASN H 74 26.86 -21.64 -40.06
N SER H 75 27.45 -20.90 -39.11
CA SER H 75 28.13 -19.67 -39.45
C SER H 75 29.38 -19.91 -40.28
N LYS H 76 30.13 -20.96 -39.94
CA LYS H 76 31.33 -21.32 -40.68
C LYS H 76 31.05 -22.17 -41.92
N ASN H 77 29.81 -22.59 -42.12
CA ASN H 77 29.46 -23.55 -43.18
C ASN H 77 30.31 -24.82 -43.05
N THR H 78 30.38 -25.33 -41.83
CA THR H 78 31.18 -26.51 -41.52
C THR H 78 30.37 -27.50 -40.68
N LEU H 79 30.71 -28.77 -40.86
CA LEU H 79 30.14 -29.87 -40.08
C LEU H 79 31.28 -30.62 -39.43
N TYR H 80 31.03 -31.15 -38.23
CA TYR H 80 32.04 -31.83 -37.44
C TYR H 80 31.53 -33.16 -36.93
N LEU H 81 32.46 -34.09 -36.78
CA LEU H 81 32.23 -35.38 -36.14
C LEU H 81 33.36 -35.60 -35.15
N GLN H 82 33.09 -35.33 -33.87
CA GLN H 82 34.08 -35.63 -32.81
C GLN H 82 34.09 -37.15 -32.75
N MET H 83 35.26 -37.74 -32.53
CA MET H 83 35.41 -39.21 -32.42
C MET H 83 35.85 -39.42 -30.97
N ASN H 84 35.76 -40.62 -30.42
CA ASN H 84 36.11 -40.93 -29.01
C ASN H 84 36.17 -42.44 -28.88
N SER H 85 37.18 -42.99 -28.19
CA SER H 85 37.32 -44.43 -27.99
C SER H 85 37.31 -45.19 -29.31
N LEU H 86 38.31 -44.91 -30.14
CA LEU H 86 38.38 -45.55 -31.46
C LEU H 86 38.88 -46.98 -31.34
N ARG H 87 38.26 -47.88 -32.11
CA ARG H 87 38.68 -49.26 -32.24
C ARG H 87 39.10 -49.54 -33.67
N ALA H 88 39.66 -50.74 -33.89
CA ALA H 88 40.19 -51.10 -35.20
C ALA H 88 39.11 -51.10 -36.26
N GLU H 89 37.91 -51.59 -35.92
CA GLU H 89 36.82 -51.64 -36.89
C GLU H 89 36.39 -50.26 -37.39
N ASP H 90 36.69 -49.19 -36.67
CA ASP H 90 36.36 -47.85 -37.13
C ASP H 90 37.20 -47.40 -38.32
N THR H 91 38.26 -48.15 -38.68
CA THR H 91 39.07 -47.84 -39.83
C THR H 91 38.22 -47.84 -41.10
N ALA H 92 38.08 -46.67 -41.73
CA ALA H 92 37.20 -46.54 -42.89
C ALA H 92 37.40 -45.17 -43.51
N VAL H 93 36.94 -45.03 -44.74
CA VAL H 93 36.89 -43.74 -45.41
C VAL H 93 35.57 -43.07 -45.06
N TYR H 94 35.64 -41.94 -44.37
CA TYR H 94 34.48 -41.26 -43.83
C TYR H 94 34.02 -40.18 -44.80
N TYR H 95 32.73 -40.21 -45.15
CA TYR H 95 32.14 -39.31 -46.13
C TYR H 95 31.21 -38.33 -45.45
N CYS H 96 31.24 -37.08 -45.93
CA CYS H 96 30.36 -36.02 -45.50
C CYS H 96 29.30 -35.84 -46.58
N ALA H 97 28.03 -36.00 -46.20
CA ALA H 97 26.93 -36.10 -47.17
C ALA H 97 25.79 -35.16 -46.79
N ARG H 98 25.22 -34.51 -47.79
CA ARG H 98 24.09 -33.61 -47.59
C ARG H 98 22.79 -34.36 -47.75
N ASP H 99 21.80 -34.01 -46.93
CA ASP H 99 20.49 -34.60 -47.05
C ASP H 99 19.77 -34.04 -48.27
N ARG H 100 18.90 -34.86 -48.88
CA ARG H 100 18.24 -34.47 -50.12
C ARG H 100 17.32 -33.27 -49.93
N THR H 101 16.48 -33.29 -48.90
CA THR H 101 15.40 -32.32 -48.75
C THR H 101 15.74 -31.31 -47.67
N PRO H 102 15.83 -30.00 -47.96
CA PRO H 102 16.06 -29.03 -46.89
C PRO H 102 14.79 -28.69 -46.13
N VAL H 103 14.96 -27.93 -45.05
CA VAL H 103 13.82 -27.43 -44.30
C VAL H 103 13.12 -26.35 -45.12
N TYR H 104 11.81 -26.25 -44.93
CA TYR H 104 11.03 -25.24 -45.64
C TYR H 104 11.45 -23.84 -45.22
N ASP H 105 11.35 -22.90 -46.14
CA ASP H 105 11.64 -21.51 -45.84
C ASP H 105 10.47 -20.91 -45.09
N ILE H 106 10.71 -20.46 -43.85
CA ILE H 106 9.63 -19.96 -43.01
C ILE H 106 9.05 -18.66 -43.54
N LEU H 107 9.85 -17.84 -44.22
CA LEU H 107 9.36 -16.57 -44.73
C LEU H 107 8.29 -16.72 -45.81
N THR H 108 8.17 -17.88 -46.43
CA THR H 108 7.11 -18.10 -47.41
C THR H 108 5.74 -18.19 -46.75
N GLY H 109 5.67 -18.36 -45.43
CA GLY H 109 4.39 -18.53 -44.77
C GLY H 109 3.77 -19.89 -44.94
N TYR H 110 4.52 -20.87 -45.43
CA TYR H 110 4.03 -22.22 -45.71
C TYR H 110 4.97 -23.20 -45.04
N TYR H 111 4.43 -24.07 -44.20
CA TYR H 111 5.23 -24.90 -43.30
C TYR H 111 5.05 -26.38 -43.56
N TRP H 112 5.10 -26.78 -44.83
CA TRP H 112 4.99 -28.18 -45.23
C TRP H 112 5.98 -28.40 -46.37
N PRO H 113 6.61 -29.59 -46.46
CA PRO H 113 6.59 -30.80 -45.61
C PRO H 113 7.24 -30.57 -44.25
N PRO H 114 6.97 -31.44 -43.28
CA PRO H 114 7.60 -31.27 -41.98
C PRO H 114 9.09 -31.54 -42.09
N PRO H 115 9.89 -30.99 -41.18
CA PRO H 115 11.33 -31.28 -41.23
C PRO H 115 11.60 -32.75 -40.96
N ARG H 116 12.03 -33.46 -42.00
CA ARG H 116 12.26 -34.90 -41.92
C ARG H 116 13.59 -35.20 -42.60
N VAL H 117 14.27 -36.23 -42.11
CA VAL H 117 15.50 -36.71 -42.74
C VAL H 117 15.15 -37.83 -43.70
N ASP H 118 15.45 -37.63 -44.99
CA ASP H 118 15.12 -38.59 -46.04
C ASP H 118 16.30 -39.35 -46.62
N GLY H 119 17.44 -38.71 -46.85
CA GLY H 119 18.57 -39.43 -47.40
C GLY H 119 19.62 -38.56 -48.05
N MET H 120 20.79 -39.15 -48.31
CA MET H 120 21.92 -38.42 -48.87
C MET H 120 21.74 -38.21 -50.37
N ASP H 121 22.17 -37.04 -50.85
CA ASP H 121 22.10 -36.69 -52.27
C ASP H 121 23.45 -36.34 -52.90
N VAL H 122 24.33 -35.66 -52.18
CA VAL H 122 25.69 -35.40 -52.64
C VAL H 122 26.65 -35.83 -51.55
N TRP H 123 27.77 -36.44 -51.97
CA TRP H 123 28.77 -36.96 -51.06
C TRP H 123 30.07 -36.20 -51.27
N GLY H 124 30.83 -36.07 -50.19
CA GLY H 124 32.10 -35.36 -50.25
C GLY H 124 33.20 -36.23 -50.83
N GLN H 125 34.42 -35.69 -50.88
CA GLN H 125 35.54 -36.41 -51.46
C GLN H 125 35.94 -37.64 -50.65
N GLY H 126 35.56 -37.70 -49.38
CA GLY H 126 35.94 -38.81 -48.52
C GLY H 126 37.34 -38.64 -47.96
N THR H 127 37.50 -38.94 -46.67
CA THR H 127 38.79 -38.86 -45.99
C THR H 127 38.98 -40.14 -45.19
N THR H 128 40.23 -40.58 -45.09
CA THR H 128 40.56 -41.89 -44.54
C THR H 128 40.96 -41.77 -43.08
N VAL H 129 40.42 -42.68 -42.26
CA VAL H 129 40.81 -42.83 -40.86
C VAL H 129 41.25 -44.28 -40.68
N THR H 130 42.42 -44.47 -40.06
CA THR H 130 43.00 -45.77 -39.82
C THR H 130 43.29 -45.92 -38.34
N VAL H 131 42.69 -46.94 -37.72
CA VAL H 131 42.85 -47.21 -36.30
C VAL H 131 43.71 -48.46 -36.13
N SER H 132 45.02 -48.26 -36.01
CA SER H 132 45.96 -49.36 -35.84
C SER H 132 47.23 -48.80 -35.22
N SER H 133 48.05 -49.69 -34.67
CA SER H 133 49.28 -49.29 -34.02
C SER H 133 50.22 -48.57 -34.97
N ASP I 1 15.24 -54.18 -36.11
CA ASP I 1 15.95 -53.42 -37.17
C ASP I 1 15.57 -53.96 -38.56
N ASN I 2 15.57 -53.06 -39.55
CA ASN I 2 15.22 -53.42 -40.92
C ASN I 2 16.49 -53.86 -41.65
N VAL I 3 16.79 -55.16 -41.51
CA VAL I 3 17.94 -55.72 -42.20
C VAL I 3 17.69 -55.67 -43.71
N MET I 4 18.76 -55.43 -44.47
CA MET I 4 18.68 -55.13 -45.89
C MET I 4 19.59 -56.06 -46.66
N THR I 5 19.13 -56.48 -47.85
CA THR I 5 19.85 -57.44 -48.66
C THR I 5 19.67 -57.10 -50.14
N GLN I 6 20.58 -57.63 -50.96
CA GLN I 6 20.53 -57.46 -52.41
C GLN I 6 20.90 -58.79 -53.07
N THR I 7 20.49 -58.92 -54.34
CA THR I 7 20.94 -59.99 -55.21
C THR I 7 21.01 -59.45 -56.63
N PRO I 8 21.94 -59.96 -57.46
CA PRO I 8 23.04 -60.89 -57.19
C PRO I 8 24.18 -60.22 -56.43
N PHE I 9 25.12 -61.00 -55.91
CA PHE I 9 26.30 -60.40 -55.30
C PHE I 9 27.15 -59.70 -56.36
N SER I 10 27.16 -60.24 -57.57
CA SER I 10 27.80 -59.59 -58.71
C SER I 10 27.21 -60.17 -59.98
N LEU I 11 27.34 -59.43 -61.08
CA LEU I 11 26.81 -59.83 -62.37
C LEU I 11 27.82 -59.48 -63.47
N SER I 12 28.04 -60.42 -64.38
CA SER I 12 28.93 -60.22 -65.52
C SER I 12 28.10 -59.76 -66.71
N VAL I 13 28.52 -58.66 -67.33
CA VAL I 13 27.74 -57.95 -68.33
C VAL I 13 28.69 -57.57 -69.47
N THR I 14 28.10 -57.26 -70.63
CA THR I 14 28.79 -56.66 -71.76
C THR I 14 28.16 -55.30 -72.09
N PRO I 15 28.91 -54.33 -72.62
CA PRO I 15 28.28 -53.08 -73.06
C PRO I 15 27.14 -53.30 -74.03
N GLY I 16 26.07 -52.53 -73.86
CA GLY I 16 24.89 -52.63 -74.69
C GLY I 16 23.88 -53.66 -74.24
N GLN I 17 24.23 -54.52 -73.28
CA GLN I 17 23.32 -55.54 -72.79
C GLN I 17 22.39 -54.94 -71.73
N PRO I 18 21.12 -55.34 -71.67
CA PRO I 18 20.29 -54.93 -70.53
C PRO I 18 20.69 -55.68 -69.26
N ALA I 19 20.29 -55.13 -68.12
CA ALA I 19 20.60 -55.72 -66.83
C ALA I 19 19.58 -55.25 -65.81
N SER I 20 19.71 -55.78 -64.60
CA SER I 20 18.86 -55.38 -63.49
C SER I 20 19.51 -55.79 -62.18
N ILE I 21 19.11 -55.12 -61.11
CA ILE I 21 19.61 -55.38 -59.76
C ILE I 21 18.41 -55.50 -58.83
N SER I 22 18.42 -56.56 -58.02
CA SER I 22 17.34 -56.83 -57.08
C SER I 22 17.75 -56.43 -55.67
N CYS I 23 16.87 -55.69 -55.00
CA CYS I 23 17.03 -55.32 -53.61
C CYS I 23 15.80 -55.72 -52.81
N LYS I 24 16.03 -56.33 -51.65
CA LYS I 24 14.99 -56.91 -50.81
C LYS I 24 15.13 -56.27 -49.43
N SER I 25 14.00 -56.05 -48.76
CA SER I 25 13.98 -55.54 -47.39
C SER I 25 13.21 -56.49 -46.48
N SER I 26 13.50 -56.37 -45.18
CA SER I 26 12.86 -57.22 -44.18
C SER I 26 11.52 -56.68 -43.72
N GLN I 27 11.33 -55.36 -43.73
CA GLN I 27 10.06 -54.73 -43.38
C GLN I 27 9.64 -53.79 -44.51
N SER I 28 8.33 -53.60 -44.63
CA SER I 28 7.79 -52.78 -45.71
C SER I 28 8.28 -51.35 -45.59
N LEU I 29 8.74 -50.79 -46.72
CA LEU I 29 9.27 -49.44 -46.77
C LEU I 29 8.22 -48.40 -47.17
N LEU I 30 6.97 -48.80 -47.36
CA LEU I 30 5.90 -47.84 -47.63
C LEU I 30 5.46 -47.22 -46.30
N HIS I 31 5.74 -45.94 -46.14
CA HIS I 31 5.43 -45.24 -44.90
C HIS I 31 3.97 -44.80 -44.90
N SER I 32 3.48 -44.44 -43.70
CA SER I 32 2.09 -44.01 -43.57
C SER I 32 1.79 -42.75 -44.36
N ASP I 33 2.81 -41.94 -44.67
CA ASP I 33 2.59 -40.75 -45.49
C ASP I 33 2.27 -41.07 -46.94
N GLY I 34 2.42 -42.34 -47.37
CA GLY I 34 2.10 -42.75 -48.71
C GLY I 34 3.29 -42.90 -49.64
N LYS I 35 4.42 -42.30 -49.31
CA LYS I 35 5.63 -42.47 -50.10
C LYS I 35 6.40 -43.71 -49.64
N THR I 36 7.04 -44.38 -50.58
CA THR I 36 7.90 -45.52 -50.31
C THR I 36 9.34 -45.01 -50.26
N TYR I 37 10.04 -45.36 -49.19
CA TYR I 37 11.35 -44.78 -48.88
C TYR I 37 12.47 -45.80 -49.14
N LEU I 38 13.04 -45.69 -50.33
CA LEU I 38 14.26 -46.43 -50.68
C LEU I 38 15.11 -45.58 -51.62
N TYR I 39 16.42 -45.71 -51.51
CA TYR I 39 17.38 -44.98 -52.32
C TYR I 39 18.29 -45.96 -53.06
N TRP I 40 18.86 -45.50 -54.17
CA TRP I 40 19.89 -46.22 -54.92
C TRP I 40 21.11 -45.33 -55.11
N TYR I 41 22.29 -45.89 -54.82
CA TYR I 41 23.56 -45.20 -55.01
C TYR I 41 24.51 -46.09 -55.80
N LEU I 42 25.31 -45.46 -56.64
CA LEU I 42 26.39 -46.11 -57.37
C LEU I 42 27.72 -45.54 -56.92
N GLN I 43 28.58 -46.39 -56.39
CA GLN I 43 29.95 -46.02 -56.03
C GLN I 43 30.86 -46.43 -57.19
N LYS I 44 31.20 -45.46 -58.05
CA LYS I 44 32.14 -45.74 -59.11
C LYS I 44 33.52 -46.05 -58.51
N PRO I 45 34.37 -46.80 -59.21
CA PRO I 45 35.68 -47.13 -58.65
C PRO I 45 36.51 -45.86 -58.41
N GLY I 46 37.06 -45.75 -57.21
CA GLY I 46 37.88 -44.62 -56.86
C GLY I 46 37.13 -43.32 -56.67
N GLN I 47 35.83 -43.37 -56.38
CA GLN I 47 35.01 -42.18 -56.20
C GLN I 47 33.97 -42.44 -55.11
N SER I 48 33.45 -41.35 -54.57
CA SER I 48 32.42 -41.44 -53.54
C SER I 48 31.08 -41.84 -54.17
N PRO I 49 30.13 -42.33 -53.37
CA PRO I 49 28.83 -42.70 -53.93
C PRO I 49 28.10 -41.51 -54.54
N GLN I 50 27.27 -41.80 -55.54
CA GLN I 50 26.44 -40.82 -56.21
C GLN I 50 24.99 -41.28 -56.16
N LEU I 51 24.10 -40.37 -55.76
CA LEU I 51 22.68 -40.70 -55.73
C LEU I 51 22.13 -40.78 -57.15
N LEU I 52 21.46 -41.90 -57.47
CA LEU I 52 20.88 -42.16 -58.81
C LEU I 52 19.36 -42.05 -58.74
N ILE I 53 18.72 -42.75 -57.80
CA ILE I 53 17.22 -42.76 -57.67
C ILE I 53 16.82 -42.31 -56.25
N TYR I 54 15.97 -41.30 -56.11
CA TYR I 54 15.42 -40.90 -54.78
C TYR I 54 14.03 -41.55 -54.78
N GLU I 55 13.70 -42.36 -53.78
CA GLU I 55 12.47 -43.20 -53.78
C GLU I 55 12.87 -44.30 -54.78
N VAL I 56 11.99 -45.20 -55.20
CA VAL I 56 12.34 -46.19 -56.26
C VAL I 56 11.78 -45.70 -57.60
N SER I 57 11.00 -44.62 -57.61
CA SER I 57 10.31 -44.13 -58.83
C SER I 57 11.02 -42.98 -59.54
N ASN I 58 11.65 -42.04 -58.82
CA ASN I 58 12.22 -40.81 -59.45
C ASN I 58 13.75 -40.84 -59.50
N ARG I 59 14.35 -40.70 -60.69
CA ARG I 59 15.83 -40.60 -60.83
C ARG I 59 16.23 -39.19 -60.38
N PHE I 60 17.46 -39.00 -59.91
CA PHE I 60 17.98 -37.69 -59.41
C PHE I 60 18.29 -36.79 -60.62
N SER I 61 18.54 -35.49 -60.41
CA SER I 61 18.84 -34.54 -61.46
C SER I 61 20.18 -34.87 -62.11
N GLY I 62 20.22 -34.85 -63.44
CA GLY I 62 21.42 -35.15 -64.19
C GLY I 62 21.70 -36.62 -64.39
N VAL I 63 20.90 -37.50 -63.81
CA VAL I 63 21.11 -38.94 -63.97
C VAL I 63 20.76 -39.33 -65.41
N PRO I 64 21.47 -40.27 -66.04
CA PRO I 64 21.04 -40.71 -67.38
C PRO I 64 19.67 -41.34 -67.35
N GLU I 65 18.92 -41.17 -68.45
CA GLU I 65 17.55 -41.65 -68.50
C GLU I 65 17.46 -43.17 -68.55
N ARG I 66 18.55 -43.85 -68.95
CA ARG I 66 18.53 -45.31 -68.98
C ARG I 66 18.29 -45.90 -67.60
N PHE I 67 18.71 -45.20 -66.54
CA PHE I 67 18.47 -45.67 -65.19
C PHE I 67 17.00 -45.50 -64.82
N SER I 68 16.47 -46.48 -64.07
CA SER I 68 15.10 -46.42 -63.59
C SER I 68 14.92 -47.49 -62.53
N GLY I 69 13.80 -47.42 -61.82
CA GLY I 69 13.51 -48.38 -60.78
C GLY I 69 12.01 -48.56 -60.59
N SER I 70 11.65 -49.65 -59.93
CA SER I 70 10.26 -49.96 -59.66
C SER I 70 10.20 -50.94 -58.51
N GLY I 71 9.02 -51.07 -57.92
CA GLY I 71 8.82 -51.99 -56.81
C GLY I 71 7.68 -51.54 -55.92
N SER I 72 7.37 -52.41 -54.96
CA SER I 72 6.31 -52.16 -53.99
C SER I 72 6.56 -53.03 -52.77
N GLY I 73 5.94 -52.63 -51.65
CA GLY I 73 6.08 -53.36 -50.41
C GLY I 73 7.52 -53.52 -49.97
N THR I 74 8.01 -54.76 -49.98
CA THR I 74 9.43 -55.05 -49.80
C THR I 74 10.11 -55.48 -51.10
N ASP I 75 9.39 -55.51 -52.21
CA ASP I 75 9.93 -55.92 -53.51
C ASP I 75 10.41 -54.69 -54.24
N PHE I 76 11.71 -54.61 -54.50
CA PHE I 76 12.31 -53.47 -55.17
C PHE I 76 13.37 -53.96 -56.16
N THR I 77 13.69 -53.11 -57.13
CA THR I 77 14.72 -53.43 -58.10
C THR I 77 15.11 -52.17 -58.86
N LEU I 78 16.29 -52.21 -59.47
CA LEU I 78 16.80 -51.15 -60.33
C LEU I 78 16.86 -51.67 -61.76
N LYS I 79 16.35 -50.86 -62.69
CA LYS I 79 16.31 -51.20 -64.10
C LYS I 79 17.27 -50.29 -64.87
N ILE I 80 18.08 -50.89 -65.74
CA ILE I 80 18.95 -50.17 -66.66
C ILE I 80 18.50 -50.60 -68.06
N SER I 81 18.22 -49.62 -68.93
CA SER I 81 17.76 -49.95 -70.28
C SER I 81 18.85 -50.67 -71.06
N ARG I 82 20.05 -50.10 -71.10
CA ARG I 82 21.20 -50.75 -71.70
C ARG I 82 22.46 -50.22 -71.02
N VAL I 83 23.37 -51.13 -70.68
CA VAL I 83 24.52 -50.78 -69.87
C VAL I 83 25.56 -50.07 -70.73
N GLU I 84 26.26 -49.12 -70.13
CA GLU I 84 27.43 -48.48 -70.72
C GLU I 84 28.69 -48.90 -69.98
N ALA I 85 29.84 -48.66 -70.61
CA ALA I 85 31.12 -49.02 -70.01
C ALA I 85 31.37 -48.26 -68.72
N GLU I 86 30.81 -47.05 -68.59
CA GLU I 86 31.01 -46.27 -67.37
C GLU I 86 30.11 -46.69 -66.23
N ASP I 87 29.15 -47.59 -66.46
CA ASP I 87 28.28 -48.08 -65.38
C ASP I 87 28.97 -49.06 -64.44
N VAL I 88 30.22 -49.45 -64.72
CA VAL I 88 30.92 -50.36 -63.82
C VAL I 88 31.09 -49.67 -62.47
N GLY I 89 30.89 -50.44 -61.41
CA GLY I 89 30.93 -49.94 -60.06
C GLY I 89 30.12 -50.83 -59.15
N VAL I 90 29.82 -50.32 -57.95
CA VAL I 90 29.06 -51.04 -56.94
C VAL I 90 27.77 -50.28 -56.69
N TYR I 91 26.65 -51.00 -56.70
CA TYR I 91 25.32 -50.44 -56.50
C TYR I 91 24.80 -50.83 -55.13
N TYR I 92 24.39 -49.83 -54.34
CA TYR I 92 23.82 -50.04 -53.01
C TYR I 92 22.40 -49.52 -52.98
N CYS I 93 21.50 -50.29 -52.38
CA CYS I 93 20.16 -49.83 -52.06
C CYS I 93 20.06 -49.52 -50.57
N MET I 94 19.29 -48.48 -50.25
CA MET I 94 19.26 -47.93 -48.90
C MET I 94 17.83 -47.62 -48.52
N GLN I 95 17.35 -48.26 -47.46
CA GLN I 95 16.04 -47.94 -46.89
C GLN I 95 16.15 -46.64 -46.11
N SER I 96 15.08 -45.84 -46.13
CA SER I 96 15.03 -44.59 -45.40
C SER I 96 13.67 -44.35 -44.76
N ILE I 97 12.99 -45.42 -44.35
CA ILE I 97 11.75 -45.27 -43.60
C ILE I 97 12.02 -45.13 -42.10
N GLN I 98 13.14 -45.64 -41.61
CA GLN I 98 13.39 -45.73 -40.18
C GLN I 98 14.86 -45.51 -39.87
N LEU I 99 15.14 -44.58 -38.95
CA LEU I 99 16.47 -44.42 -38.38
C LEU I 99 16.74 -45.55 -37.38
N PRO I 100 18.00 -46.03 -37.28
CA PRO I 100 19.21 -45.73 -38.05
C PRO I 100 19.13 -46.25 -39.49
N PHE I 101 19.70 -45.50 -40.43
CA PHE I 101 19.69 -45.94 -41.82
C PHE I 101 20.63 -47.12 -42.01
N THR I 102 20.38 -47.90 -43.06
CA THR I 102 21.23 -49.03 -43.40
C THR I 102 21.17 -49.26 -44.90
N PHE I 103 22.28 -49.77 -45.42
CA PHE I 103 22.42 -50.11 -46.83
C PHE I 103 22.34 -51.63 -47.01
N GLY I 104 22.20 -52.04 -48.27
CA GLY I 104 22.44 -53.42 -48.61
C GLY I 104 23.92 -53.72 -48.66
N GLN I 105 24.24 -55.00 -48.83
CA GLN I 105 25.65 -55.39 -48.87
C GLN I 105 26.35 -54.92 -50.14
N GLY I 106 25.61 -54.46 -51.16
CA GLY I 106 26.21 -53.91 -52.35
C GLY I 106 26.43 -54.94 -53.44
N THR I 107 26.06 -54.58 -54.67
CA THR I 107 26.21 -55.45 -55.83
C THR I 107 27.19 -54.82 -56.80
N LYS I 108 28.24 -55.55 -57.13
CA LYS I 108 29.23 -55.08 -58.10
C LYS I 108 28.78 -55.39 -59.52
N LEU I 109 28.83 -54.39 -60.38
CA LEU I 109 28.61 -54.54 -61.81
C LEU I 109 29.97 -54.57 -62.47
N GLU I 110 30.28 -55.64 -63.18
CA GLU I 110 31.58 -55.83 -63.81
C GLU I 110 31.38 -56.35 -65.23
N ILE I 111 32.33 -56.04 -66.10
CA ILE I 111 32.29 -56.43 -67.50
C ILE I 111 33.55 -57.20 -67.85
N LYS I 112 33.43 -58.08 -68.84
CA LYS I 112 34.53 -58.95 -69.27
C LYS I 112 35.66 -58.12 -69.88
C1 NAG J . 36.23 -2.91 23.34
C2 NAG J . 35.22 -3.34 24.41
C3 NAG J . 35.95 -3.81 25.66
C4 NAG J . 36.95 -4.91 25.30
C5 NAG J . 37.89 -4.42 24.21
C6 NAG J . 38.84 -5.49 23.72
C7 NAG J . 33.03 -2.20 24.38
C8 NAG J . 32.26 -0.99 24.82
N2 NAG J . 34.32 -2.24 24.73
O3 NAG J . 35.00 -4.32 26.60
O4 NAG J . 37.72 -5.25 26.45
O5 NAG J . 37.13 -3.99 23.07
O6 NAG J . 38.18 -6.41 22.87
O7 NAG J . 32.50 -3.11 23.73
C1 NAG K . 31.89 -23.73 -9.26
C2 NAG K . 31.22 -25.09 -9.10
C3 NAG K . 32.15 -26.21 -9.59
C4 NAG K . 32.60 -25.93 -11.01
C5 NAG K . 33.25 -24.55 -11.09
C6 NAG K . 33.64 -24.15 -12.49
C7 NAG K . 29.65 -24.97 -7.21
C8 NAG K . 29.43 -25.30 -5.76
N2 NAG K . 30.84 -25.33 -7.72
O3 NAG K . 31.46 -27.46 -9.53
O4 NAG K . 33.55 -26.91 -11.42
O5 NAG K . 32.32 -23.56 -10.61
O6 NAG K . 34.50 -25.11 -13.08
O7 NAG K . 28.80 -24.41 -7.89
C1 NAG L . 41.43 -30.08 7.34
C2 NAG L . 42.92 -30.32 7.20
C3 NAG L . 43.28 -30.57 5.73
C4 NAG L . 42.43 -31.69 5.16
C5 NAG L . 40.95 -31.41 5.40
C6 NAG L . 40.05 -32.54 4.97
C7 NAG L . 44.07 -29.09 9.00
C8 NAG L . 44.84 -27.86 9.35
N2 NAG L . 43.68 -29.19 7.72
O3 NAG L . 44.66 -30.90 5.63
O4 NAG L . 42.67 -31.84 3.77
O5 NAG L . 40.71 -31.19 6.80
O6 NAG L . 38.70 -32.31 5.34
O7 NAG L . 43.80 -29.96 9.82
C1 NAG M . 20.67 -55.95 33.08
C2 NAG M . 19.83 -57.13 33.55
C3 NAG M . 20.71 -58.35 33.83
C4 NAG M . 21.57 -58.66 32.61
C5 NAG M . 22.34 -57.42 32.17
C6 NAG M . 23.12 -57.63 30.90
C7 NAG M . 17.81 -56.29 34.67
C8 NAG M . 17.16 -55.99 35.99
N2 NAG M . 19.06 -56.78 34.72
O3 NAG M . 19.89 -59.46 34.14
O4 NAG M . 22.50 -59.69 32.93
O5 NAG M . 21.43 -56.34 31.92
O6 NAG M . 23.83 -56.46 30.51
O7 NAG M . 17.23 -56.10 33.61
C1 NAG N . 33.68 24.17 20.10
C2 NAG N . 34.96 23.44 20.48
C3 NAG N . 35.26 23.64 21.96
C4 NAG N . 35.28 25.12 22.29
C5 NAG N . 34.00 25.81 21.81
C6 NAG N . 34.04 27.30 21.99
C7 NAG N . 34.00 21.17 20.62
C8 NAG N . 34.11 19.76 20.14
N2 NAG N . 34.91 22.03 20.13
O3 NAG N . 36.51 23.05 22.27
O4 NAG N . 35.42 25.30 23.70
O5 NAG N . 33.81 25.56 20.41
O6 NAG N . 34.99 27.91 21.11
O7 NAG N . 33.13 21.53 21.41
C1 NAG O . 38.10 22.73 -23.29
C2 NAG O . 37.21 22.35 -24.47
C3 NAG O . 37.71 21.07 -25.14
C4 NAG O . 39.18 21.21 -25.51
C5 NAG O . 39.99 21.62 -24.29
C6 NAG O . 41.45 21.88 -24.61
C7 NAG O . 34.95 23.22 -24.06
C8 NAG O . 33.56 22.88 -23.59
N2 NAG O . 35.82 22.21 -24.06
O3 NAG O . 36.93 20.81 -26.30
O4 NAG O . 39.67 19.97 -26.01
O5 NAG O . 39.47 22.83 -23.73
O6 NAG O . 42.28 21.64 -23.48
O7 NAG O . 35.26 24.35 -24.39
C1 NAG P . 51.56 43.14 -5.09
C2 NAG P . 52.43 44.38 -4.97
C3 NAG P . 51.57 45.63 -5.03
C4 NAG P . 50.72 45.63 -6.29
C5 NAG P . 49.91 44.33 -6.38
C6 NAG P . 49.15 44.20 -7.68
C7 NAG P . 54.52 44.04 -3.71
C8 NAG P . 55.16 44.06 -2.36
N2 NAG P . 53.22 44.35 -3.75
O3 NAG P . 52.40 46.78 -5.01
O4 NAG P . 49.82 46.74 -6.28
O5 NAG P . 50.79 43.20 -6.31
O6 NAG P . 48.52 42.93 -7.79
O7 NAG P . 55.14 43.75 -4.72
C1 NAG Q . 26.79 -48.60 53.32
C2 NAG Q . 28.23 -48.99 53.65
C3 NAG Q . 28.27 -49.76 54.95
C4 NAG Q . 27.58 -48.98 56.06
C5 NAG Q . 26.18 -48.59 55.63
C6 NAG Q . 25.48 -47.70 56.63
C7 NAG Q . 29.60 -49.23 51.62
C8 NAG Q . 30.13 -50.19 50.59
N2 NAG Q . 28.82 -49.76 52.57
O3 NAG Q . 29.63 -50.03 55.30
O4 NAG Q . 27.52 -49.76 57.24
O5 NAG Q . 26.23 -47.85 54.40
O6 NAG Q . 25.72 -46.32 56.35
O7 NAG Q . 29.87 -48.04 51.58
C1 NAG R . 15.10 -64.46 46.89
C2 NAG R . 15.92 -65.27 45.88
C3 NAG R . 15.13 -66.48 45.42
C4 NAG R . 14.68 -67.31 46.62
C5 NAG R . 13.91 -66.42 47.60
C6 NAG R . 13.55 -67.14 48.88
C7 NAG R . 17.46 -63.78 44.66
C8 NAG R . 17.68 -62.99 43.41
N2 NAG R . 16.30 -64.44 44.75
O3 NAG R . 15.95 -67.27 44.58
O4 NAG R . 13.84 -68.37 46.18
O5 NAG R . 14.72 -65.30 47.98
O6 NAG R . 14.62 -67.13 49.81
O7 NAG R . 18.30 -63.82 45.56
C1 NAG S . 27.33 -28.32 48.72
C2 NAG S . 28.35 -28.76 49.76
C3 NAG S . 28.87 -27.56 50.55
C4 NAG S . 29.42 -26.52 49.59
C5 NAG S . 28.37 -26.15 48.55
C6 NAG S . 28.86 -25.19 47.50
C7 NAG S . 27.87 -31.06 50.52
C8 NAG S . 27.18 -31.90 51.56
N2 NAG S . 27.75 -29.74 50.68
O3 NAG S . 29.89 -27.99 51.44
O4 NAG S . 29.81 -25.35 50.30
O5 NAG S . 27.93 -27.33 47.87
O6 NAG S . 27.82 -24.77 46.65
O7 NAG S . 28.48 -31.55 49.58
C1 NAG T . 22.54 -6.89 52.15
C2 NAG T . 23.37 -6.68 53.40
C3 NAG T . 23.97 -5.28 53.42
C4 NAG T . 24.74 -5.01 52.13
C5 NAG T . 23.85 -5.28 50.93
C6 NAG T . 24.58 -5.16 49.62
C7 NAG T . 22.44 -8.09 55.19
C8 NAG T . 21.58 -8.14 56.42
N2 NAG T . 22.57 -6.91 54.60
O3 NAG T . 24.84 -5.14 54.54
O4 NAG T . 25.19 -3.66 52.09
O5 NAG T . 23.34 -6.62 50.99
O6 NAG T . 23.68 -5.19 48.51
O7 NAG T . 23.00 -9.09 54.76
C1 NAG U . 50.11 3.23 -6.16
C2 NAG U . 51.62 3.29 -6.46
C3 NAG U . 52.30 2.01 -6.02
C4 NAG U . 51.97 1.70 -4.56
C5 NAG U . 50.46 1.66 -4.37
C6 NAG U . 50.05 1.44 -2.94
C7 NAG U . 51.83 4.72 -8.46
C8 NAG U . 52.09 4.75 -9.93
N2 NAG U . 51.85 3.51 -7.88
O3 NAG U . 53.70 2.15 -6.17
O4 NAG U . 52.53 0.44 -4.18
O5 NAG U . 49.90 2.91 -4.77
O6 NAG U . 49.88 2.67 -2.25
O7 NAG U . 51.58 5.73 -7.82
C1 NAG V . 40.57 40.39 -27.49
C2 NAG V . 41.16 40.58 -28.89
C3 NAG V . 40.06 40.51 -29.94
C4 NAG V . 39.27 39.21 -29.79
C5 NAG V . 38.76 39.06 -28.35
C6 NAG V . 38.08 37.74 -28.10
C7 NAG V . 43.17 41.98 -28.72
C8 NAG V . 43.73 43.37 -28.86
N2 NAG V . 41.87 41.85 -28.98
O3 NAG V . 40.64 40.57 -31.24
O4 NAG V . 38.17 39.20 -30.68
O5 NAG V . 39.87 39.15 -27.44
O6 NAG V . 39.02 36.68 -28.03
O7 NAG V . 43.87 41.03 -28.37
C1 NAG W . 24.90 -12.71 -44.81
C2 NAG W . 25.85 -11.61 -44.36
C3 NAG W . 27.13 -11.66 -45.19
C4 NAG W . 27.75 -13.05 -45.16
C5 NAG W . 26.71 -14.08 -45.58
C6 NAG W . 27.21 -15.50 -45.44
C7 NAG W . 24.59 -9.72 -43.45
C8 NAG W . 24.00 -8.37 -43.73
N2 NAG W . 25.23 -10.31 -44.46
O3 NAG W . 28.07 -10.70 -44.68
O4 NAG W . 28.85 -13.11 -46.05
O5 NAG W . 25.55 -13.98 -44.74
O6 NAG W . 27.52 -15.82 -44.09
O7 NAG W . 24.48 -10.25 -42.35
C1 NAG X . 12.19 10.91 -53.41
C2 NAG X . 13.13 10.05 -52.57
C3 NAG X . 14.19 10.91 -51.91
C4 NAG X . 14.92 11.76 -52.94
C5 NAG X . 13.91 12.56 -53.77
C6 NAG X . 14.55 13.33 -54.90
C7 NAG X . 12.74 8.09 -51.13
C8 NAG X . 11.85 7.48 -50.10
N2 NAG X . 12.38 9.31 -51.57
O3 NAG X . 15.12 10.07 -51.22
O4 NAG X . 15.81 12.66 -52.30
O5 NAG X . 12.96 11.66 -54.37
O6 NAG X . 15.67 14.08 -54.46
O7 NAG X . 13.74 7.52 -51.55
C1 NAG Y . 28.99 -43.28 37.07
C2 NAG Y . 30.12 -42.28 37.29
C3 NAG Y . 30.69 -41.81 35.95
C4 NAG Y . 31.10 -43.00 35.10
C5 NAG Y . 29.93 -43.98 34.96
C6 NAG Y . 30.29 -45.24 34.23
C7 NAG Y . 28.72 -40.30 37.74
C8 NAG Y . 28.44 -39.20 38.72
N2 NAG Y . 29.69 -41.15 38.11
O3 NAG Y . 31.82 -40.98 36.19
O4 NAG Y . 31.51 -42.57 33.81
O5 NAG Y . 29.47 -44.37 36.26
O6 NAG Y . 30.91 -46.18 35.09
O7 NAG Y . 28.11 -40.42 36.69
C1 NAG Z . -3.69 20.97 46.93
C2 NAG Z . -4.18 22.05 47.90
C3 NAG Z . -3.51 23.38 47.60
C4 NAG Z . -2.00 23.22 47.58
C5 NAG Z . -1.59 22.10 46.63
C6 NAG Z . -0.12 21.80 46.65
C7 NAG Z . -6.47 21.47 48.60
C8 NAG Z . -7.93 21.74 48.40
N2 NAG Z . -5.62 22.18 47.84
O3 NAG Z . -3.89 24.34 48.58
O4 NAG Z . -1.39 24.43 47.15
O5 NAG Z . -2.26 20.89 47.00
O6 NAG Z . 0.27 21.21 47.87
O7 NAG Z . -6.06 20.64 49.41
C1 NAG AA . 12.68 -13.53 65.61
C2 NAG AA . 13.92 -14.28 66.12
C3 NAG AA . 14.21 -13.89 67.57
C4 NAG AA . 14.31 -12.38 67.71
C5 NAG AA . 13.06 -11.72 67.15
C6 NAG AA . 13.13 -10.21 67.14
C7 NAG AA . 14.06 -16.41 64.91
C8 NAG AA . 13.81 -17.89 64.96
N2 NAG AA . 13.74 -15.71 66.01
O3 NAG AA . 15.43 -14.50 67.99
O4 NAG AA . 14.46 -12.03 69.08
O5 NAG AA . 12.87 -12.12 65.79
O6 NAG AA . 13.95 -9.73 66.09
O7 NAG AA . 14.53 -15.87 63.91
C1 NAG BA . -2.12 -9.88 63.10
C2 NAG BA . -3.47 -9.26 62.75
C3 NAG BA . -3.28 -7.86 62.16
C4 NAG BA . -2.42 -7.00 63.10
C5 NAG BA . -1.12 -7.72 63.42
C6 NAG BA . -0.27 -6.99 64.44
C7 NAG BA . -5.43 -10.59 62.06
C8 NAG BA . -6.02 -11.43 60.98
N2 NAG BA . -4.21 -10.10 61.81
O3 NAG BA . -4.54 -7.25 61.96
O4 NAG BA . -2.14 -5.75 62.49
O5 NAG BA . -1.40 -9.02 63.97
O6 NAG BA . -0.68 -7.29 65.76
O7 NAG BA . -6.02 -10.37 63.12
C1 NAG CA . -44.09 9.63 9.51
C2 NAG CA . -44.57 10.33 10.77
C3 NAG CA . -45.62 9.48 11.48
C4 NAG CA . -46.74 9.14 10.52
C5 NAG CA . -46.18 8.49 9.26
C6 NAG CA . -47.23 8.23 8.21
C7 NAG CA . -42.63 9.72 12.19
C8 NAG CA . -41.56 10.25 13.09
N2 NAG CA . -43.45 10.64 11.66
O3 NAG CA . -46.13 10.20 12.60
O4 NAG CA . -47.65 8.23 11.15
O5 NAG CA . -45.21 9.35 8.65
O6 NAG CA . -46.65 7.89 6.96
O7 NAG CA . -42.77 8.53 11.97
C1 NAG DA . -22.43 44.18 -6.17
C2 NAG DA . -21.08 44.27 -6.89
C3 NAG DA . -20.03 44.85 -5.95
C4 NAG DA . -20.50 46.19 -5.40
C5 NAG DA . -21.87 46.03 -4.75
C6 NAG DA . -22.45 47.33 -4.26
C7 NAG DA . -20.94 42.51 -8.60
C8 NAG DA . -20.42 41.15 -8.93
N2 NAG DA . -20.66 42.96 -7.37
O3 NAG DA . -18.81 45.03 -6.67
O4 NAG DA . -19.58 46.67 -4.44
O5 NAG DA . -22.80 45.47 -5.69
O6 NAG DA . -23.59 47.12 -3.42
O7 NAG DA . -21.59 43.17 -9.41
C1 NAG EA . 19.81 49.55 2.92
C2 NAG EA . 19.04 49.80 4.21
C3 NAG EA . 18.81 51.29 4.41
C4 NAG EA . 20.14 52.04 4.34
C5 NAG EA . 20.87 51.69 3.05
C6 NAG EA . 22.25 52.30 2.97
C7 NAG EA . 16.78 49.24 3.37
C8 NAG EA . 15.57 48.39 3.57
N2 NAG EA . 17.78 49.07 4.24
O3 NAG EA . 18.21 51.50 5.69
O4 NAG EA . 19.90 53.44 4.38
O5 NAG EA . 21.03 50.27 2.94
O6 NAG EA . 22.22 53.71 3.12
O7 NAG EA . 16.86 50.05 2.45
C1 NAG FA . -5.78 -23.75 73.03
C2 NAG FA . -6.48 -23.06 74.19
C3 NAG FA . -6.59 -24.00 75.38
C4 NAG FA . -7.25 -25.31 74.97
C5 NAG FA . -6.52 -25.91 73.78
C6 NAG FA . -7.20 -27.14 73.23
C7 NAG FA . -6.08 -20.63 74.05
C8 NAG FA . -5.26 -19.49 74.56
N2 NAG FA . -5.79 -21.84 74.57
O3 NAG FA . -7.35 -23.38 76.41
O4 NAG FA . -7.23 -26.23 76.06
O5 NAG FA . -6.47 -24.96 72.71
O6 NAG FA . -8.29 -26.81 72.38
O7 NAG FA . -6.95 -20.49 73.20
C1 NAG GA . 14.03 -26.40 75.24
C2 NAG GA . 15.00 -27.57 75.40
C3 NAG GA . 16.40 -27.05 75.72
C4 NAG GA . 16.84 -26.00 74.71
C5 NAG GA . 15.78 -24.91 74.57
C6 NAG GA . 16.09 -23.92 73.48
C7 NAG GA . 14.95 -29.77 76.49
C8 NAG GA . 14.38 -30.57 77.61
N2 NAG GA . 14.54 -28.49 76.42
O3 NAG GA . 17.32 -28.13 75.73
O4 NAG GA . 18.06 -25.41 75.11
O5 NAG GA . 14.51 -25.51 74.24
O6 NAG GA . 14.92 -23.20 73.09
O7 NAG GA . 15.75 -30.24 75.69
C1 NAG HA . -18.07 -19.06 56.93
C2 NAG HA . -18.75 -19.16 58.28
C3 NAG HA . -20.25 -19.37 58.11
C4 NAG HA . -20.83 -18.27 57.22
C5 NAG HA . -20.07 -18.20 55.90
C6 NAG HA . -20.50 -17.05 55.03
C7 NAG HA . -17.32 -20.05 60.08
C8 NAG HA . -16.84 -21.29 60.77
N2 NAG HA . -18.19 -20.24 59.07
O3 NAG HA . -20.89 -19.35 59.37
O4 NAG HA . -22.21 -18.53 56.96
O5 NAG HA . -18.67 -18.00 56.17
O6 NAG HA . -19.75 -17.00 53.82
O7 NAG HA . -16.93 -18.93 60.39
C1 NAG IA . -32.40 -23.42 40.66
C2 NAG IA . -33.54 -24.21 41.28
C3 NAG IA . -34.87 -23.78 40.65
C4 NAG IA . -35.05 -22.27 40.75
C5 NAG IA . -33.83 -21.57 40.16
C6 NAG IA . -33.88 -20.06 40.36
C7 NAG IA . -33.48 -26.52 42.12
C8 NAG IA . -33.23 -27.95 41.76
N2 NAG IA . -33.35 -25.64 41.12
O3 NAG IA . -35.94 -24.44 41.32
O4 NAG IA . -36.21 -21.86 40.05
O5 NAG IA . -32.64 -22.02 40.81
O6 NAG IA . -33.67 -19.71 41.72
O7 NAG IA . -33.78 -26.18 43.25
C1 NAG JA . 5.15 27.31 30.11
C2 NAG JA . 6.32 26.66 30.85
C3 NAG JA . 6.87 27.61 31.91
C4 NAG JA . 7.24 28.95 31.29
C5 NAG JA . 6.04 29.53 30.56
C6 NAG JA . 6.38 30.79 29.81
C7 NAG JA . 6.12 24.21 30.86
C8 NAG JA . 5.66 23.01 31.63
N2 NAG JA . 5.93 25.40 31.45
O3 NAG JA . 8.01 27.02 32.52
O4 NAG JA . 7.66 29.85 32.30
O5 NAG JA . 5.56 28.59 29.59
O6 NAG JA . 7.17 30.52 28.67
O7 NAG JA . 6.64 24.11 29.74
C1 NAG KA . -33.12 51.33 -20.62
C2 NAG KA . -32.38 52.44 -19.87
C3 NAG KA . -32.17 53.65 -20.78
C4 NAG KA . -31.47 53.23 -22.06
C5 NAG KA . -32.24 52.09 -22.73
C6 NAG KA . -31.53 51.54 -23.94
C7 NAG KA . -32.90 52.24 -17.47
C8 NAG KA . -33.73 52.77 -16.35
N2 NAG KA . -33.09 52.83 -18.66
O3 NAG KA . -31.39 54.62 -20.09
O4 NAG KA . -31.38 54.32 -22.95
O5 NAG KA . -32.40 51.00 -21.81
O6 NAG KA . -30.35 50.83 -23.58
O7 NAG KA . -32.09 51.33 -17.32
C1 NAG LA . 14.24 48.41 -24.55
C2 NAG LA . 14.12 48.57 -23.03
C3 NAG LA . 12.69 48.93 -22.65
C4 NAG LA . 12.23 50.17 -23.43
C5 NAG LA . 12.43 49.93 -24.92
C6 NAG LA . 12.10 51.15 -25.76
C7 NAG LA . 13.98 46.17 -22.46
C8 NAG LA . 14.58 45.07 -21.63
N2 NAG LA . 14.55 47.37 -22.32
O3 NAG LA . 12.63 49.21 -21.25
O4 NAG LA . 10.86 50.42 -23.17
O5 NAG LA . 13.80 49.60 -25.20
O6 NAG LA . 10.86 51.73 -25.37
O7 NAG LA . 13.03 45.97 -23.20
C1 NAG MA . -28.23 6.81 31.41
C2 NAG MA . -29.11 5.70 30.81
C3 NAG MA . -29.99 5.09 31.89
C4 NAG MA . -29.14 4.63 33.07
C5 NAG MA . -28.27 5.77 33.57
C6 NAG MA . -27.31 5.34 34.66
C7 NAG MA . -29.59 6.10 28.43
C8 NAG MA . -30.56 6.69 27.45
N2 NAG MA . -29.92 6.22 29.72
O3 NAG MA . -30.71 3.99 31.35
O4 NAG MA . -29.99 4.19 34.13
O5 NAG MA . -27.47 6.28 32.49
O6 NAG MA . -26.29 4.50 34.16
O7 NAG MA . -28.55 5.55 28.07
C1 NAG NA . -52.63 41.31 -5.80
C2 NAG NA . -53.96 41.89 -6.25
C3 NAG NA . -54.29 41.41 -7.66
C4 NAG NA . -53.16 41.72 -8.60
C5 NAG NA . -51.83 41.16 -8.06
C6 NAG NA . -50.65 41.57 -8.90
C7 NAG NA . -55.63 42.44 -4.54
C8 NAG NA . -56.71 41.90 -3.64
N2 NAG NA . -55.02 41.55 -5.32
O3 NAG NA . -55.49 42.04 -8.10
O4 NAG NA . -53.41 41.16 -9.88
O5 NAG NA . -51.60 41.67 -6.73
O6 NAG NA . -50.35 42.95 -8.75
O7 NAG NA . -55.34 43.63 -4.54
C1 NAG OA . -25.07 40.68 20.74
C2 NAG OA . -24.40 40.64 22.11
C3 NAG OA . -24.43 42.02 22.75
C4 NAG OA . -23.82 43.06 21.81
C5 NAG OA . -24.52 43.01 20.47
C6 NAG OA . -23.91 43.93 19.43
C7 NAG OA . -24.39 38.70 23.61
C8 NAG OA . -25.23 37.79 24.46
N2 NAG OA . -25.04 39.67 22.97
O3 NAG OA . -23.70 42.00 23.97
O4 NAG OA . -23.96 44.36 22.37
O5 NAG OA . -24.44 41.68 19.93
O6 NAG OA . -22.54 43.63 19.21
O7 NAG OA . -23.17 38.54 23.52
C1 NAG PA . -7.23 -42.14 -6.64
C2 NAG PA . -6.75 -42.49 -5.23
C3 NAG PA . -6.46 -43.99 -5.11
C4 NAG PA . -7.65 -44.81 -5.58
C5 NAG PA . -8.06 -44.37 -6.98
C6 NAG PA . -9.31 -45.07 -7.48
C7 NAG PA . -5.61 -40.69 -4.01
C8 NAG PA . -4.29 -40.01 -3.76
N2 NAG PA . -5.58 -41.72 -4.86
O3 NAG PA . -6.15 -44.31 -3.76
O4 NAG PA . -7.31 -46.18 -5.59
O5 NAG PA . -8.34 -42.97 -7.00
O6 NAG PA . -9.94 -44.32 -8.51
O7 NAG PA . -6.64 -40.31 -3.47
C1 NAG QA . -36.57 -16.62 -1.82
C2 NAG QA . -37.99 -17.13 -1.98
C3 NAG QA . -38.84 -16.69 -0.79
C4 NAG QA . -38.18 -17.13 0.51
C5 NAG QA . -36.74 -16.64 0.56
C6 NAG QA . -35.99 -17.16 1.77
C7 NAG QA . -38.77 -15.40 -3.58
C8 NAG QA . -39.40 -15.17 -4.90
N2 NAG QA . -38.59 -16.69 -3.23
O3 NAG QA . -40.14 -17.27 -0.89
O4 NAG QA . -38.89 -16.58 1.62
O5 NAG QA . -36.02 -17.10 -0.59
O6 NAG QA . -35.87 -18.58 1.74
O7 NAG QA . -38.44 -14.48 -2.84
C1 NAG RA . -36.86 -36.34 4.67
C2 NAG RA . -37.78 -37.39 4.07
C3 NAG RA . -38.99 -36.74 3.40
C4 NAG RA . -39.69 -35.82 4.38
C5 NAG RA . -38.70 -34.82 4.97
C6 NAG RA . -39.31 -33.95 6.04
C7 NAG RA . -36.44 -39.37 3.45
C8 NAG RA . -35.75 -40.09 2.34
N2 NAG RA . -37.06 -38.23 3.11
O3 NAG RA . -39.88 -37.75 2.95
O4 NAG RA . -40.73 -35.11 3.70
O5 NAG RA . -37.61 -35.53 5.58
O6 NAG RA . -38.33 -33.17 6.70
O7 NAG RA . -36.43 -39.79 4.60
C1 NAG SA . -29.24 -40.48 46.46
C2 NAG SA . -28.97 -40.34 47.95
C3 NAG SA . -29.95 -41.19 48.75
C4 NAG SA . -31.38 -40.85 48.36
C5 NAG SA . -31.55 -40.97 46.85
C6 NAG SA . -32.91 -40.53 46.37
C7 NAG SA . -26.58 -39.83 48.32
C8 NAG SA . -25.24 -40.41 48.65
N2 NAG SA . -27.60 -40.71 48.26
O3 NAG SA . -29.76 -40.95 50.14
O4 NAG SA . -32.28 -41.75 48.99
O5 NAG SA . -30.59 -40.13 46.19
O6 NAG SA . -33.00 -40.57 44.95
O7 NAG SA . -26.76 -38.63 48.11
C1 NAG TA . -23.69 -48.56 34.33
C2 NAG TA . -23.28 -48.89 32.90
C3 NAG TA . -24.15 -48.13 31.91
C4 NAG TA . -25.62 -48.38 32.18
C5 NAG TA . -25.95 -48.07 33.63
C6 NAG TA . -27.37 -48.42 34.02
C7 NAG TA . -20.93 -49.53 32.59
C8 NAG TA . -19.53 -49.03 32.35
N2 NAG TA . -21.88 -48.59 32.68
O3 NAG TA . -23.82 -48.53 30.58
O4 NAG TA . -26.42 -47.57 31.33
O5 NAG TA . -25.09 -48.82 34.50
O6 NAG TA . -27.47 -49.76 34.49
O7 NAG TA . -21.17 -50.73 32.69
C1 NAG UA . 9.90 -36.47 -26.39
C2 NAG UA . 8.93 -37.65 -26.31
C3 NAG UA . 9.69 -38.95 -26.06
C4 NAG UA . 10.76 -39.13 -27.14
C5 NAG UA . 11.65 -37.89 -27.20
C6 NAG UA . 12.66 -37.95 -28.32
C7 NAG UA . 8.19 -37.28 -23.98
C8 NAG UA . 7.00 -37.07 -23.09
N2 NAG UA . 7.92 -37.44 -25.28
O3 NAG UA . 8.78 -40.04 -26.10
O4 NAG UA . 11.56 -40.26 -26.83
O5 NAG UA . 10.85 -36.72 -27.42
O6 NAG UA . 13.28 -36.68 -28.53
O7 NAG UA . 9.33 -37.28 -23.54
C1 NAG VA . -44.80 13.54 -24.39
C2 NAG VA . -44.08 12.94 -25.59
C3 NAG VA . -45.08 12.59 -26.69
C4 NAG VA . -46.19 11.69 -26.14
C5 NAG VA . -46.83 12.35 -24.91
C6 NAG VA . -47.86 11.47 -24.24
C7 NAG VA . -41.80 13.85 -25.69
C8 NAG VA . -40.90 14.86 -26.32
N2 NAG VA . -43.08 13.85 -26.11
O3 NAG VA . -44.42 11.92 -27.75
O4 NAG VA . -47.20 11.49 -27.13
O5 NAG VA . -45.82 12.63 -23.93
O6 NAG VA . -48.20 11.96 -22.96
O7 NAG VA . -41.40 13.06 -24.83
C1 NAG WA . -16.99 -58.72 46.46
C2 NAG WA . -17.70 -60.01 46.06
C3 NAG WA . -17.53 -61.06 47.16
C4 NAG WA . -16.06 -61.26 47.49
C5 NAG WA . -15.42 -59.92 47.83
C6 NAG WA . -13.93 -60.01 48.06
C7 NAG WA . -19.60 -59.61 44.56
C8 NAG WA . -21.08 -59.38 44.48
N2 NAG WA . -19.10 -59.78 45.80
O3 NAG WA . -18.10 -62.29 46.72
O4 NAG WA . -15.93 -62.14 48.59
O5 NAG WA . -15.61 -58.99 46.75
O6 NAG WA . -13.22 -60.08 46.83
O7 NAG WA . -18.89 -59.64 43.56
C1 NAG XA . -26.05 -47.52 60.22
C2 NAG XA . -25.74 -47.09 61.65
C3 NAG XA . -26.94 -46.36 62.24
C4 NAG XA . -27.38 -45.23 61.33
C5 NAG XA . -27.60 -45.74 59.92
C6 NAG XA . -27.91 -44.64 58.92
C7 NAG XA . -24.68 -48.13 63.60
C8 NAG XA . -24.39 -49.41 64.33
N2 NAG XA . -25.38 -48.23 62.47
O3 NAG XA . -26.59 -45.85 63.53
O4 NAG XA . -28.60 -44.66 61.82
O5 NAG XA . -26.41 -46.39 59.44
O6 NAG XA . -26.73 -44.00 58.47
O7 NAG XA . -24.29 -47.04 64.03
C1 NAG YA . -6.01 -55.20 29.19
C2 NAG YA . -6.36 -56.65 29.53
C3 NAG YA . -5.39 -57.60 28.85
C4 NAG YA . -5.36 -57.33 27.35
C5 NAG YA . -5.05 -55.86 27.10
C6 NAG YA . -5.11 -55.49 25.64
C7 NAG YA . -7.46 -56.83 31.73
C8 NAG YA . -7.25 -57.07 33.20
N2 NAG YA . -6.35 -56.86 30.97
O3 NAG YA . -5.80 -58.95 29.10
O4 NAG YA . -4.36 -58.14 26.74
O5 NAG YA . -6.00 -55.03 27.77
O6 NAG YA . -5.16 -54.08 25.47
O7 NAG YA . -8.57 -56.63 31.25
C1 NAG ZA . 12.53 -53.19 17.37
C2 NAG ZA . 13.15 -54.58 17.49
C3 NAG ZA . 13.76 -55.01 16.17
C4 NAG ZA . 12.73 -54.89 15.04
C5 NAG ZA . 12.15 -53.49 15.02
C6 NAG ZA . 11.05 -53.32 13.99
C7 NAG ZA . 13.89 -54.99 19.80
C8 NAG ZA . 15.05 -54.97 20.74
N2 NAG ZA . 14.15 -54.61 18.54
O3 NAG ZA . 14.21 -56.36 16.27
O4 NAG ZA . 13.34 -55.18 13.79
O5 NAG ZA . 11.59 -53.18 16.29
O6 NAG ZA . 10.27 -52.16 14.26
O7 NAG ZA . 12.77 -55.35 20.16
C1 NAG AB . -26.77 -31.28 -31.63
C2 NAG AB . -27.37 -31.29 -30.23
C3 NAG AB . -28.46 -32.36 -30.16
C4 NAG AB . -29.49 -32.16 -31.26
C5 NAG AB . -28.79 -32.07 -32.63
C6 NAG AB . -29.74 -31.71 -33.75
C7 NAG AB . -25.76 -30.54 -28.55
C8 NAG AB . -24.73 -30.96 -27.54
N2 NAG AB . -26.36 -31.52 -29.22
O3 NAG AB . -29.10 -32.31 -28.88
O4 NAG AB . -30.40 -33.24 -31.28
O5 NAG AB . -27.79 -31.04 -32.59
O6 NAG AB . -29.93 -30.30 -33.85
O7 NAG AB . -26.01 -29.36 -28.75
C1 NAG BB . -9.08 -5.85 -63.44
C2 NAG BB . -10.40 -5.83 -64.20
C3 NAG BB . -10.64 -4.45 -64.81
C4 NAG BB . -10.55 -3.38 -63.75
C5 NAG BB . -9.23 -3.48 -62.99
C6 NAG BB . -9.13 -2.54 -61.82
C7 NAG BB . -10.81 -8.12 -64.99
C8 NAG BB . -10.76 -9.05 -66.16
N2 NAG BB . -10.42 -6.87 -65.23
O3 NAG BB . -11.92 -4.43 -65.43
O4 NAG BB . -10.65 -2.09 -64.34
O5 NAG BB . -9.09 -4.81 -62.45
O6 NAG BB . -9.98 -2.94 -60.76
O7 NAG BB . -11.19 -8.49 -63.88
C1 NAG CB . -16.73 -8.12 -46.03
C2 NAG CB . -17.12 -6.67 -45.77
C3 NAG CB . -18.56 -6.59 -45.28
C4 NAG CB . -19.49 -7.29 -46.26
C5 NAG CB . -19.01 -8.72 -46.51
C6 NAG CB . -19.81 -9.43 -47.58
C7 NAG CB . -15.09 -5.42 -45.15
C8 NAG CB . -14.29 -4.85 -44.02
N2 NAG CB . -16.22 -6.05 -44.81
O3 NAG CB . -18.94 -5.22 -45.15
O4 NAG CB . -20.82 -7.33 -45.74
O5 NAG CB . -17.65 -8.70 -46.96
O6 NAG CB . -19.69 -10.84 -47.46
O7 NAG CB . -14.73 -5.34 -46.31
C1 NAG DB . -27.58 30.26 -38.35
C2 NAG DB . -28.14 28.94 -37.82
C3 NAG DB . -27.79 27.79 -38.76
C4 NAG DB . -28.23 28.12 -40.18
C5 NAG DB . -27.68 29.47 -40.61
C6 NAG DB . -28.19 29.92 -41.97
C7 NAG DB . -28.32 27.93 -35.59
C8 NAG DB . -27.66 27.76 -34.25
N2 NAG DB . -27.64 28.66 -36.48
O3 NAG DB . -28.42 26.60 -38.32
O4 NAG DB . -27.78 27.11 -41.08
O5 NAG DB . -28.07 30.49 -39.67
O6 NAG DB . -27.86 28.97 -42.98
O7 NAG DB . -29.40 27.43 -35.84
#